data_1R8U
#
_entry.id   1R8U
#
loop_
_entity.id
_entity.type
_entity.pdbx_description
1 polymer 'Cbp/p300-interacting transactivator 2'
2 polymer 'CREB-binding protein'
3 non-polymer 'ZINC ION'
#
loop_
_entity_poly.entity_id
_entity_poly.type
_entity_poly.pdbx_seq_one_letter_code
_entity_poly.pdbx_strand_id
1 'polypeptide(L)' TDFIDEEVLMSLVIEMGLDRIKELPELWLGQNEFDFMTDFVCKQQPSRVS A
2 'polypeptide(L)'
;ATGPTADPEKRKLIQQQLVLLLHAHKCQRREQANGEVRACSLPHCRTMKNVLNHMTHCQAGKACQVAHCASSRQIISHWK
NCTRHDCPVCLPLKNASDKR
;
B
#
loop_
_chem_comp.id
_chem_comp.type
_chem_comp.name
_chem_comp.formula
ZN non-polymer 'ZINC ION' 'Zn 2'
#
# COMPACT_ATOMS: atom_id res chain seq x y z
N THR A 1 -1.43 -3.08 23.67
CA THR A 1 -1.28 -2.77 22.22
C THR A 1 -2.15 -3.71 21.39
N ASP A 2 -2.97 -3.15 20.49
CA ASP A 2 -3.91 -3.89 19.62
C ASP A 2 -3.89 -3.44 18.14
N PHE A 3 -2.97 -2.56 17.74
CA PHE A 3 -2.82 -2.03 16.38
C PHE A 3 -1.35 -1.66 16.07
N ILE A 4 -1.09 -1.35 14.79
CA ILE A 4 0.18 -0.92 14.22
C ILE A 4 0.67 0.40 14.88
N ASP A 5 1.97 0.65 14.79
CA ASP A 5 2.69 1.79 15.37
C ASP A 5 3.55 2.48 14.29
N GLU A 6 3.75 3.80 14.34
CA GLU A 6 4.57 4.50 13.33
C GLU A 6 6.02 3.96 13.27
N GLU A 7 6.61 3.54 14.39
CA GLU A 7 7.95 2.94 14.41
C GLU A 7 7.96 1.51 13.83
N VAL A 8 6.81 0.82 13.82
CA VAL A 8 6.64 -0.46 13.13
C VAL A 8 6.64 -0.23 11.61
N LEU A 9 6.03 0.85 11.12
CA LEU A 9 6.15 1.21 9.68
C LEU A 9 7.59 1.62 9.37
N MET A 10 8.28 2.38 10.24
CA MET A 10 9.71 2.71 10.04
C MET A 10 10.56 1.43 9.96
N SER A 11 10.22 0.40 10.75
CA SER A 11 10.91 -0.88 10.70
C SER A 11 10.69 -1.58 9.35
N LEU A 12 9.48 -1.53 8.78
CA LEU A 12 9.18 -2.08 7.45
C LEU A 12 9.82 -1.24 6.32
N VAL A 13 9.93 0.09 6.50
CA VAL A 13 10.65 1.00 5.57
C VAL A 13 12.10 0.55 5.46
N ILE A 14 12.73 0.23 6.60
CA ILE A 14 14.11 -0.25 6.70
C ILE A 14 14.22 -1.69 6.14
N GLU A 15 13.24 -2.55 6.40
CA GLU A 15 13.17 -3.94 5.89
C GLU A 15 13.13 -3.97 4.35
N MET A 16 12.28 -3.13 3.75
CA MET A 16 12.11 -2.96 2.30
C MET A 16 13.18 -2.08 1.62
N GLY A 17 13.79 -1.14 2.36
CA GLY A 17 14.77 -0.17 1.86
C GLY A 17 14.14 1.08 1.23
N LEU A 18 12.93 1.47 1.67
CA LEU A 18 12.18 2.62 1.11
C LEU A 18 12.80 3.99 1.39
N ASP A 19 13.80 4.08 2.28
CA ASP A 19 14.54 5.31 2.54
C ASP A 19 15.33 5.80 1.30
N ARG A 20 15.50 4.93 0.29
CA ARG A 20 16.19 5.19 -1.00
C ARG A 20 15.27 5.71 -2.12
N ILE A 21 13.98 5.93 -1.85
CA ILE A 21 13.00 6.50 -2.80
C ILE A 21 13.44 7.91 -3.26
N LYS A 22 12.94 8.36 -4.41
CA LYS A 22 13.20 9.69 -5.00
C LYS A 22 11.95 10.27 -5.68
N GLU A 23 11.20 9.43 -6.39
CA GLU A 23 9.93 9.72 -7.06
C GLU A 23 9.02 8.49 -6.95
N LEU A 24 7.71 8.71 -6.71
CA LEU A 24 6.73 7.63 -6.58
C LEU A 24 6.19 7.18 -7.96
N PRO A 25 6.32 5.90 -8.35
CA PRO A 25 5.80 5.41 -9.63
C PRO A 25 4.26 5.29 -9.65
N GLU A 26 3.70 5.03 -10.83
CA GLU A 26 2.25 4.88 -11.03
C GLU A 26 1.78 3.42 -11.02
N LEU A 27 0.51 3.24 -10.65
CA LEU A 27 -0.25 1.99 -10.67
C LEU A 27 -1.73 2.30 -10.98
N TRP A 28 -2.47 1.32 -11.51
CA TRP A 28 -3.89 1.48 -11.88
C TRP A 28 -4.78 0.34 -11.36
N LEU A 29 -4.81 0.15 -10.03
CA LEU A 29 -5.65 -0.85 -9.35
C LEU A 29 -7.16 -0.58 -9.53
N GLY A 30 -7.53 0.65 -9.92
CA GLY A 30 -8.91 1.05 -10.21
C GLY A 30 -9.31 0.78 -11.67
N GLN A 31 -8.51 0.01 -12.41
CA GLN A 31 -8.74 -0.34 -13.81
C GLN A 31 -8.26 -1.76 -14.13
N ASN A 32 -8.68 -2.29 -15.28
CA ASN A 32 -8.29 -3.62 -15.76
C ASN A 32 -6.77 -3.77 -15.99
N GLU A 33 -6.05 -2.65 -16.15
CA GLU A 33 -4.61 -2.56 -16.38
C GLU A 33 -3.74 -3.27 -15.32
N PHE A 34 -4.18 -3.30 -14.06
CA PHE A 34 -3.50 -4.01 -12.97
C PHE A 34 -4.50 -4.50 -11.91
N ASP A 35 -5.17 -5.60 -12.21
CA ASP A 35 -6.06 -6.28 -11.26
C ASP A 35 -5.20 -7.13 -10.30
N PHE A 36 -4.57 -6.41 -9.36
CA PHE A 36 -3.61 -6.83 -8.32
C PHE A 36 -3.83 -8.16 -7.59
N MET A 37 -5.05 -8.73 -7.62
CA MET A 37 -5.39 -10.00 -6.96
C MET A 37 -6.16 -10.97 -7.89
N THR A 38 -6.20 -10.71 -9.20
CA THR A 38 -6.82 -11.62 -10.21
C THR A 38 -6.02 -12.94 -10.39
N ASP A 39 -6.43 -13.75 -11.36
CA ASP A 39 -5.80 -15.03 -11.74
C ASP A 39 -5.24 -14.96 -13.18
N PHE A 40 -4.39 -15.93 -13.57
CA PHE A 40 -3.72 -16.05 -14.88
C PHE A 40 -4.66 -16.41 -16.05
N VAL A 41 -5.87 -15.85 -16.09
CA VAL A 41 -6.91 -16.08 -17.11
C VAL A 41 -6.52 -15.70 -18.54
N CYS A 42 -5.50 -14.85 -18.71
CA CYS A 42 -5.01 -14.36 -20.01
C CYS A 42 -4.32 -15.42 -20.90
N LYS A 43 -3.99 -16.61 -20.38
CA LYS A 43 -3.34 -17.69 -21.15
C LYS A 43 -4.20 -18.13 -22.36
N GLN A 44 -3.66 -17.94 -23.56
CA GLN A 44 -4.30 -18.24 -24.85
C GLN A 44 -3.25 -18.37 -25.98
N GLN A 45 -3.65 -18.86 -27.16
CA GLN A 45 -2.82 -18.99 -28.36
C GLN A 45 -3.52 -18.33 -29.58
N PRO A 46 -2.80 -17.53 -30.40
CA PRO A 46 -3.34 -16.83 -31.57
C PRO A 46 -4.06 -17.70 -32.61
N SER A 47 -4.96 -17.08 -33.38
CA SER A 47 -5.71 -17.71 -34.49
C SER A 47 -4.81 -18.33 -35.59
N ARG A 48 -3.54 -17.89 -35.68
CA ARG A 48 -2.53 -18.42 -36.62
C ARG A 48 -2.14 -19.88 -36.35
N VAL A 49 -2.39 -20.38 -35.14
CA VAL A 49 -2.08 -21.77 -34.72
C VAL A 49 -3.13 -22.77 -35.29
N SER A 50 -4.37 -22.32 -35.49
CA SER A 50 -5.50 -23.11 -36.02
C SER A 50 -5.26 -23.68 -37.43
N ALA B 1 5.33 -15.71 -17.68
CA ALA B 1 6.80 -15.92 -17.64
C ALA B 1 7.31 -16.00 -16.19
N THR B 2 7.68 -14.89 -15.57
CA THR B 2 8.20 -14.82 -14.17
C THR B 2 7.13 -15.10 -13.11
N GLY B 3 5.85 -14.91 -13.43
CA GLY B 3 4.69 -15.13 -12.55
C GLY B 3 3.36 -14.89 -13.28
N PRO B 4 2.22 -15.11 -12.60
CA PRO B 4 0.89 -14.91 -13.15
C PRO B 4 0.58 -13.41 -13.35
N THR B 5 -0.51 -13.14 -14.08
CA THR B 5 -1.01 -11.79 -14.45
C THR B 5 -1.09 -10.79 -13.28
N ALA B 6 -1.42 -11.25 -12.08
CA ALA B 6 -1.56 -10.43 -10.88
C ALA B 6 -0.27 -10.23 -10.05
N ASP B 7 0.88 -10.82 -10.44
CA ASP B 7 2.13 -10.77 -9.67
C ASP B 7 3.39 -10.20 -10.40
N PRO B 8 3.34 -8.98 -10.97
CA PRO B 8 4.47 -8.31 -11.65
C PRO B 8 5.11 -7.27 -10.71
N GLU B 9 5.97 -6.39 -11.26
CA GLU B 9 6.61 -5.28 -10.52
C GLU B 9 5.58 -4.32 -9.89
N LYS B 10 4.36 -4.24 -10.45
CA LYS B 10 3.27 -3.45 -9.85
C LYS B 10 2.91 -3.97 -8.45
N ARG B 11 2.99 -5.28 -8.17
CA ARG B 11 2.75 -5.81 -6.81
C ARG B 11 3.92 -5.48 -5.87
N LYS B 12 5.16 -5.49 -6.36
CA LYS B 12 6.33 -5.00 -5.58
C LYS B 12 6.11 -3.53 -5.18
N LEU B 13 5.54 -2.73 -6.09
CA LEU B 13 5.11 -1.36 -5.82
C LEU B 13 3.95 -1.28 -4.81
N ILE B 14 2.94 -2.17 -4.79
CA ILE B 14 1.91 -2.10 -3.74
C ILE B 14 2.50 -2.35 -2.36
N GLN B 15 3.49 -3.24 -2.23
CA GLN B 15 4.19 -3.49 -0.95
C GLN B 15 4.92 -2.23 -0.47
N GLN B 16 5.54 -1.47 -1.39
CA GLN B 16 6.20 -0.19 -1.10
C GLN B 16 5.17 0.90 -0.74
N GLN B 17 4.10 1.04 -1.52
CA GLN B 17 3.05 2.03 -1.30
C GLN B 17 2.30 1.78 0.02
N LEU B 18 2.00 0.51 0.36
CA LEU B 18 1.34 0.08 1.60
C LEU B 18 2.03 0.69 2.82
N VAL B 19 3.35 0.51 2.91
CA VAL B 19 4.19 1.01 4.00
C VAL B 19 4.14 2.55 4.10
N LEU B 20 4.23 3.26 2.96
CA LEU B 20 4.12 4.73 2.92
C LEU B 20 2.70 5.22 3.29
N LEU B 21 1.66 4.53 2.82
CA LEU B 21 0.23 4.78 3.08
C LEU B 21 -0.08 4.66 4.59
N LEU B 22 0.36 3.57 5.21
CA LEU B 22 0.22 3.34 6.65
C LEU B 22 1.04 4.36 7.47
N HIS B 23 2.26 4.71 7.03
CA HIS B 23 3.05 5.76 7.69
C HIS B 23 2.31 7.10 7.58
N ALA B 24 1.82 7.49 6.39
CA ALA B 24 1.08 8.73 6.17
C ALA B 24 -0.14 8.86 7.10
N HIS B 25 -0.92 7.79 7.25
CA HIS B 25 -2.07 7.74 8.16
C HIS B 25 -1.69 8.11 9.60
N LYS B 26 -0.55 7.61 10.10
CA LYS B 26 0.00 7.95 11.43
C LYS B 26 0.56 9.38 11.45
N CYS B 27 1.44 9.70 10.50
CA CYS B 27 2.16 10.96 10.34
C CYS B 27 1.24 12.21 10.29
N GLN B 28 0.04 12.09 9.72
CA GLN B 28 -0.96 13.16 9.69
C GLN B 28 -1.41 13.62 11.09
N ARG B 29 -1.28 12.80 12.14
CA ARG B 29 -1.64 13.19 13.52
C ARG B 29 -0.55 14.03 14.19
N ARG B 30 0.72 13.85 13.84
CA ARG B 30 1.88 14.55 14.43
C ARG B 30 1.80 16.07 14.24
N GLU B 31 1.35 16.50 13.06
CA GLU B 31 1.17 17.92 12.74
C GLU B 31 -0.05 18.52 13.43
N GLN B 32 -1.17 17.78 13.52
CA GLN B 32 -2.40 18.21 14.21
C GLN B 32 -2.23 18.29 15.74
N ALA B 33 -1.33 17.49 16.32
CA ALA B 33 -1.03 17.43 17.76
C ALA B 33 -0.46 18.72 18.37
N ASN B 34 0.07 19.65 17.55
CA ASN B 34 0.68 20.91 18.00
C ASN B 34 0.47 22.10 17.04
N GLY B 35 0.33 21.85 15.74
CA GLY B 35 0.05 22.87 14.70
C GLY B 35 1.23 23.27 13.80
N GLU B 36 2.48 22.98 14.19
CA GLU B 36 3.69 23.37 13.42
C GLU B 36 4.77 22.27 13.29
N VAL B 37 4.48 21.03 13.69
CA VAL B 37 5.42 19.88 13.57
C VAL B 37 5.41 19.35 12.12
N ARG B 38 6.03 20.13 11.22
CA ARG B 38 6.15 19.80 9.77
C ARG B 38 7.25 18.77 9.49
N ALA B 39 8.20 18.59 10.41
CA ALA B 39 9.33 17.67 10.29
C ALA B 39 8.91 16.20 10.27
N CYS B 40 9.67 15.37 9.54
CA CYS B 40 9.47 13.93 9.39
C CYS B 40 10.79 13.22 9.04
N SER B 41 10.94 11.98 9.53
CA SER B 41 12.09 11.09 9.29
C SER B 41 12.04 10.40 7.92
N LEU B 42 10.93 10.52 7.19
CA LEU B 42 10.69 9.97 5.85
C LEU B 42 9.91 10.98 4.99
N PRO B 43 10.54 12.08 4.53
CA PRO B 43 9.88 13.13 3.71
C PRO B 43 9.02 12.62 2.56
N HIS B 44 9.37 11.47 1.96
CA HIS B 44 8.63 10.84 0.86
C HIS B 44 7.18 10.46 1.21
N CYS B 45 6.82 10.32 2.50
CA CYS B 45 5.44 10.04 2.90
C CYS B 45 4.47 11.19 2.55
N ARG B 46 4.98 12.42 2.34
CA ARG B 46 4.20 13.60 1.94
C ARG B 46 3.32 13.33 0.70
N THR B 47 3.81 12.55 -0.25
CA THR B 47 3.05 12.15 -1.45
C THR B 47 1.80 11.38 -1.04
N MET B 48 1.94 10.38 -0.17
CA MET B 48 0.79 9.64 0.39
C MET B 48 -0.09 10.54 1.26
N LYS B 49 0.46 11.35 2.18
CA LYS B 49 -0.32 12.29 3.03
C LYS B 49 -1.23 13.21 2.21
N ASN B 50 -0.74 13.71 1.08
CA ASN B 50 -1.53 14.54 0.14
C ASN B 50 -2.62 13.71 -0.56
N VAL B 51 -2.26 12.51 -1.06
CA VAL B 51 -3.15 11.56 -1.74
C VAL B 51 -4.24 11.01 -0.82
N LEU B 52 -3.98 10.78 0.47
CA LEU B 52 -4.97 10.25 1.42
C LEU B 52 -6.16 11.21 1.55
N ASN B 53 -5.88 12.50 1.70
CA ASN B 53 -6.87 13.56 1.78
C ASN B 53 -7.75 13.66 0.52
N HIS B 54 -7.21 13.26 -0.64
CA HIS B 54 -7.94 13.19 -1.90
C HIS B 54 -8.79 11.90 -1.99
N MET B 55 -8.18 10.72 -1.88
CA MET B 55 -8.88 9.43 -2.04
C MET B 55 -9.97 9.15 -1.00
N THR B 56 -9.89 9.73 0.20
CA THR B 56 -10.93 9.59 1.25
C THR B 56 -12.25 10.31 0.89
N HIS B 57 -12.26 11.15 -0.15
CA HIS B 57 -13.45 11.89 -0.62
C HIS B 57 -13.73 11.73 -2.13
N CYS B 58 -12.75 11.28 -2.93
CA CYS B 58 -12.88 11.05 -4.37
C CYS B 58 -13.92 9.96 -4.71
N GLN B 59 -14.50 10.07 -5.90
CA GLN B 59 -15.52 9.17 -6.45
C GLN B 59 -15.34 8.88 -7.96
N ALA B 60 -14.25 9.36 -8.57
CA ALA B 60 -13.96 9.20 -10.01
C ALA B 60 -13.15 7.93 -10.37
N GLY B 61 -12.76 7.12 -9.38
CA GLY B 61 -11.94 5.88 -9.43
C GLY B 61 -11.55 5.29 -10.80
N LYS B 62 -12.50 4.83 -11.61
CA LYS B 62 -12.27 4.23 -12.95
C LYS B 62 -11.59 5.16 -13.97
N ALA B 63 -11.67 6.47 -13.76
CA ALA B 63 -11.13 7.50 -14.66
C ALA B 63 -10.38 8.64 -13.92
N CYS B 64 -10.23 8.57 -12.59
CA CYS B 64 -9.52 9.55 -11.78
C CYS B 64 -8.04 9.65 -12.26
N GLN B 65 -7.67 10.80 -12.81
CA GLN B 65 -6.32 11.05 -13.36
C GLN B 65 -5.20 10.97 -12.33
N VAL B 66 -5.54 11.06 -11.03
CA VAL B 66 -4.60 10.86 -9.91
C VAL B 66 -4.43 9.35 -9.73
N ALA B 67 -3.47 8.75 -10.45
CA ALA B 67 -3.21 7.31 -10.40
C ALA B 67 -3.00 6.80 -8.96
N HIS B 68 -2.28 7.56 -8.14
CA HIS B 68 -2.01 7.25 -6.73
C HIS B 68 -3.29 7.17 -5.87
N CYS B 69 -4.35 7.92 -6.19
CA CYS B 69 -5.63 7.91 -5.47
C CYS B 69 -6.34 6.56 -5.69
N ALA B 70 -6.64 6.20 -6.95
CA ALA B 70 -7.26 4.92 -7.27
C ALA B 70 -6.41 3.73 -6.82
N SER B 71 -5.08 3.87 -6.85
CA SER B 71 -4.12 2.87 -6.38
C SER B 71 -4.22 2.68 -4.85
N SER B 72 -3.95 3.72 -4.06
CA SER B 72 -3.99 3.68 -2.59
C SER B 72 -5.37 3.28 -2.05
N ARG B 73 -6.46 3.75 -2.69
CA ARG B 73 -7.84 3.44 -2.30
C ARG B 73 -8.16 1.94 -2.31
N GLN B 74 -7.54 1.18 -3.21
CA GLN B 74 -7.75 -0.27 -3.32
C GLN B 74 -6.94 -1.08 -2.29
N ILE B 75 -5.76 -0.60 -1.86
CA ILE B 75 -4.87 -1.31 -0.91
C ILE B 75 -5.58 -1.67 0.41
N ILE B 76 -6.20 -0.70 1.10
CA ILE B 76 -6.84 -0.99 2.41
C ILE B 76 -8.08 -1.88 2.27
N SER B 77 -8.86 -1.75 1.19
CA SER B 77 -10.03 -2.62 0.93
C SER B 77 -9.61 -4.08 0.81
N HIS B 78 -8.46 -4.33 0.16
CA HIS B 78 -7.87 -5.67 0.07
C HIS B 78 -7.38 -6.12 1.46
N TRP B 79 -6.47 -5.37 2.07
CA TRP B 79 -5.81 -5.71 3.33
C TRP B 79 -6.81 -6.05 4.45
N LYS B 80 -7.78 -5.17 4.71
CA LYS B 80 -8.79 -5.34 5.77
C LYS B 80 -9.52 -6.69 5.72
N ASN B 81 -9.98 -7.11 4.54
CA ASN B 81 -10.69 -8.39 4.38
C ASN B 81 -9.75 -9.62 4.35
N CYS B 82 -8.53 -9.47 3.83
CA CYS B 82 -7.53 -10.52 3.68
C CYS B 82 -6.86 -10.96 5.01
N THR B 83 -6.94 -10.15 6.08
CA THR B 83 -6.33 -10.41 7.42
C THR B 83 -6.51 -11.82 8.00
N ARG B 84 -7.54 -12.58 7.58
CA ARG B 84 -7.81 -13.96 8.02
C ARG B 84 -6.71 -14.97 7.60
N HIS B 85 -5.89 -14.65 6.60
CA HIS B 85 -4.85 -15.54 6.04
C HIS B 85 -3.54 -14.80 5.68
N ASP B 86 -2.51 -15.55 5.30
CA ASP B 86 -1.21 -15.02 4.82
C ASP B 86 -1.34 -14.49 3.38
N CYS B 87 -0.60 -13.42 3.06
CA CYS B 87 -0.63 -12.71 1.78
C CYS B 87 0.61 -11.81 1.60
N PRO B 88 1.13 -11.60 0.37
CA PRO B 88 2.25 -10.67 0.09
C PRO B 88 2.14 -9.26 0.70
N VAL B 89 0.93 -8.79 1.00
CA VAL B 89 0.65 -7.48 1.62
C VAL B 89 0.50 -7.62 3.15
N CYS B 90 -0.38 -8.50 3.59
CA CYS B 90 -0.77 -8.68 4.98
C CYS B 90 0.31 -9.36 5.86
N LEU B 91 1.02 -10.36 5.32
CA LEU B 91 2.06 -11.12 6.03
C LEU B 91 3.23 -10.26 6.55
N PRO B 92 3.95 -9.47 5.73
CA PRO B 92 5.06 -8.65 6.23
C PRO B 92 4.59 -7.60 7.23
N LEU B 93 3.42 -6.98 6.98
CA LEU B 93 2.83 -5.97 7.88
C LEU B 93 2.53 -6.56 9.27
N LYS B 94 1.97 -7.78 9.32
CA LYS B 94 1.71 -8.52 10.57
C LYS B 94 3.01 -8.88 11.30
N ASN B 95 4.04 -9.30 10.57
CA ASN B 95 5.36 -9.63 11.13
C ASN B 95 6.10 -8.41 11.69
N ALA B 96 6.00 -7.24 11.03
CA ALA B 96 6.65 -6.01 11.46
C ALA B 96 6.21 -5.54 12.87
N SER B 97 4.95 -5.78 13.25
CA SER B 97 4.37 -5.40 14.56
C SER B 97 5.15 -5.88 15.78
N ASP B 98 5.96 -6.94 15.63
CA ASP B 98 6.83 -7.48 16.68
C ASP B 98 7.93 -6.49 17.15
N LYS B 99 8.24 -5.44 16.36
CA LYS B 99 9.32 -4.49 16.65
C LYS B 99 9.07 -3.54 17.84
N ARG B 100 7.82 -3.26 18.23
CA ARG B 100 7.48 -2.43 19.41
C ARG B 100 6.10 -2.73 20.00
ZN ZN C . 5.96 10.96 7.75
ZN ZN D . -9.20 10.64 -7.02
ZN ZN E . -3.80 -9.75 1.61
N THR A 1 -0.38 -0.51 23.59
CA THR A 1 -0.38 -0.67 22.11
C THR A 1 -1.51 -1.62 21.69
N ASP A 2 -2.49 -1.11 20.93
CA ASP A 2 -3.67 -1.88 20.48
C ASP A 2 -3.65 -2.20 18.96
N PHE A 3 -2.83 -1.50 18.18
CA PHE A 3 -2.67 -1.69 16.73
C PHE A 3 -1.25 -1.25 16.26
N ILE A 4 -1.06 -1.15 14.94
CA ILE A 4 0.18 -0.73 14.27
C ILE A 4 0.71 0.61 14.85
N ASP A 5 2.02 0.83 14.77
CA ASP A 5 2.71 2.01 15.31
C ASP A 5 3.52 2.76 14.24
N GLU A 6 3.61 4.08 14.35
CA GLU A 6 4.38 4.96 13.46
C GLU A 6 5.85 4.52 13.31
N GLU A 7 6.49 4.03 14.38
CA GLU A 7 7.87 3.52 14.33
C GLU A 7 7.94 2.13 13.67
N VAL A 8 6.84 1.37 13.66
CA VAL A 8 6.73 0.08 12.95
C VAL A 8 6.71 0.34 11.44
N LEU A 9 6.00 1.37 10.96
CA LEU A 9 6.06 1.75 9.53
C LEU A 9 7.47 2.27 9.17
N MET A 10 8.10 3.10 10.02
CA MET A 10 9.48 3.56 9.78
C MET A 10 10.47 2.39 9.76
N SER A 11 10.23 1.33 10.55
CA SER A 11 11.04 0.10 10.50
C SER A 11 10.82 -0.64 9.18
N LEU A 12 9.59 -0.70 8.67
CA LEU A 12 9.28 -1.31 7.37
C LEU A 12 9.86 -0.50 6.20
N VAL A 13 9.92 0.84 6.31
CA VAL A 13 10.58 1.73 5.33
C VAL A 13 12.04 1.30 5.19
N ILE A 14 12.72 1.08 6.31
CA ILE A 14 14.12 0.65 6.38
C ILE A 14 14.26 -0.82 5.89
N GLU A 15 13.33 -1.70 6.25
CA GLU A 15 13.31 -3.12 5.83
C GLU A 15 13.19 -3.25 4.30
N MET A 16 12.30 -2.48 3.68
CA MET A 16 12.05 -2.42 2.24
C MET A 16 13.05 -1.57 1.45
N GLY A 17 13.71 -0.60 2.12
CA GLY A 17 14.65 0.35 1.50
C GLY A 17 13.94 1.52 0.80
N LEU A 18 12.77 1.95 1.31
CA LEU A 18 11.96 3.04 0.72
C LEU A 18 12.62 4.43 0.79
N ASP A 19 13.67 4.58 1.61
CA ASP A 19 14.48 5.79 1.69
C ASP A 19 15.20 6.14 0.36
N ARG A 20 15.31 5.16 -0.54
CA ARG A 20 15.95 5.24 -1.87
C ARG A 20 15.00 5.67 -3.00
N ILE A 21 13.69 5.79 -2.76
CA ILE A 21 12.71 6.26 -3.77
C ILE A 21 13.06 7.72 -4.14
N LYS A 22 13.09 8.03 -5.45
CA LYS A 22 13.41 9.38 -5.97
C LYS A 22 12.13 10.14 -6.36
N GLU A 23 11.21 9.44 -7.00
CA GLU A 23 9.87 9.88 -7.39
C GLU A 23 8.94 8.67 -7.40
N LEU A 24 7.87 8.72 -6.60
CA LEU A 24 6.88 7.65 -6.44
C LEU A 24 6.30 7.18 -7.80
N PRO A 25 6.42 5.88 -8.18
CA PRO A 25 5.90 5.37 -9.44
C PRO A 25 4.38 5.21 -9.47
N GLU A 26 3.81 4.93 -10.64
CA GLU A 26 2.38 4.71 -10.86
C GLU A 26 1.97 3.23 -10.81
N LEU A 27 0.68 3.01 -10.49
CA LEU A 27 -0.03 1.74 -10.54
C LEU A 27 -1.49 2.05 -10.93
N TRP A 28 -2.17 1.10 -11.58
CA TRP A 28 -3.56 1.28 -12.05
C TRP A 28 -4.49 0.15 -11.61
N LEU A 29 -4.66 0.02 -10.29
CA LEU A 29 -5.58 -0.94 -9.65
C LEU A 29 -7.07 -0.60 -9.93
N GLY A 30 -7.34 0.57 -10.51
CA GLY A 30 -8.67 1.03 -10.94
C GLY A 30 -8.98 0.64 -12.39
N GLN A 31 -8.16 -0.21 -13.01
CA GLN A 31 -8.27 -0.72 -14.38
C GLN A 31 -7.93 -2.23 -14.43
N ASN A 32 -8.36 -2.90 -15.50
CA ASN A 32 -8.09 -4.33 -15.73
C ASN A 32 -6.58 -4.64 -15.92
N GLU A 33 -5.78 -3.62 -16.25
CA GLU A 33 -4.32 -3.70 -16.47
C GLU A 33 -3.53 -4.29 -15.30
N PHE A 34 -3.99 -4.10 -14.06
CA PHE A 34 -3.36 -4.64 -12.86
C PHE A 34 -4.37 -4.95 -11.76
N ASP A 35 -5.03 -6.11 -11.90
CA ASP A 35 -5.96 -6.67 -10.92
C ASP A 35 -5.15 -7.41 -9.83
N PHE A 36 -4.34 -6.62 -9.12
CA PHE A 36 -3.35 -6.92 -8.09
C PHE A 36 -3.44 -8.25 -7.33
N MET A 37 -4.62 -8.61 -6.81
CA MET A 37 -4.84 -9.81 -6.01
C MET A 37 -5.82 -10.83 -6.64
N THR A 38 -6.12 -10.69 -7.94
CA THR A 38 -7.01 -11.64 -8.67
C THR A 38 -6.49 -13.10 -8.60
N ASP A 39 -7.42 -14.06 -8.69
CA ASP A 39 -7.14 -15.51 -8.63
C ASP A 39 -8.10 -16.34 -9.52
N PHE A 40 -8.72 -15.72 -10.53
CA PHE A 40 -9.65 -16.40 -11.44
C PHE A 40 -8.97 -17.51 -12.28
N VAL A 41 -9.74 -18.51 -12.70
CA VAL A 41 -9.28 -19.66 -13.51
C VAL A 41 -10.19 -20.00 -14.69
N CYS A 42 -11.32 -19.31 -14.85
CA CYS A 42 -12.30 -19.50 -15.93
C CYS A 42 -13.12 -18.21 -16.18
N LYS A 43 -13.60 -18.02 -17.41
CA LYS A 43 -14.46 -16.89 -17.81
C LYS A 43 -15.85 -16.95 -17.17
N GLN A 44 -16.39 -18.15 -16.97
CA GLN A 44 -17.70 -18.40 -16.36
C GLN A 44 -17.63 -18.41 -14.82
N GLN A 45 -18.68 -17.88 -14.18
CA GLN A 45 -18.89 -17.83 -12.73
C GLN A 45 -20.37 -18.11 -12.39
N PRO A 46 -20.68 -18.55 -11.15
CA PRO A 46 -22.05 -18.84 -10.70
C PRO A 46 -23.06 -17.70 -10.87
N SER A 47 -24.34 -18.08 -10.97
CA SER A 47 -25.53 -17.22 -11.10
C SER A 47 -26.77 -18.01 -10.65
N ARG A 48 -27.98 -17.46 -10.79
CA ARG A 48 -29.26 -18.11 -10.43
C ARG A 48 -29.57 -19.45 -11.14
N VAL A 49 -28.72 -19.89 -12.07
CA VAL A 49 -28.83 -21.17 -12.79
C VAL A 49 -28.60 -22.41 -11.89
N SER A 50 -28.04 -22.22 -10.68
CA SER A 50 -27.74 -23.26 -9.68
C SER A 50 -28.13 -22.82 -8.26
N ALA B 1 -1.46 -14.97 -5.66
CA ALA B 1 -0.12 -15.06 -6.27
C ALA B 1 0.00 -14.15 -7.50
N THR B 2 1.23 -13.81 -7.93
CA THR B 2 1.50 -12.98 -9.12
C THR B 2 1.11 -13.69 -10.43
N GLY B 3 0.98 -12.93 -11.52
CA GLY B 3 0.56 -13.45 -12.83
C GLY B 3 0.54 -12.38 -13.93
N PRO B 4 0.01 -12.70 -15.13
CA PRO B 4 -0.09 -11.76 -16.27
C PRO B 4 -0.92 -10.50 -15.94
N THR B 5 -1.94 -10.64 -15.09
CA THR B 5 -2.84 -9.57 -14.62
C THR B 5 -2.42 -9.03 -13.25
N ALA B 6 -1.32 -9.56 -12.68
CA ALA B 6 -0.80 -9.26 -11.35
C ALA B 6 0.75 -9.29 -11.36
N ASP B 7 1.36 -8.45 -12.19
CA ASP B 7 2.82 -8.37 -12.42
C ASP B 7 3.66 -8.19 -11.14
N PRO B 8 4.73 -9.00 -10.91
CA PRO B 8 5.63 -8.89 -9.75
C PRO B 8 6.19 -7.49 -9.42
N GLU B 9 6.50 -6.64 -10.41
CA GLU B 9 7.01 -5.28 -10.15
C GLU B 9 5.89 -4.37 -9.61
N LYS B 10 4.68 -4.49 -10.16
CA LYS B 10 3.49 -3.77 -9.66
C LYS B 10 3.15 -4.29 -8.25
N ARG B 11 3.29 -5.61 -7.99
CA ARG B 11 3.10 -6.21 -6.66
C ARG B 11 4.15 -5.67 -5.66
N LYS B 12 5.42 -5.58 -6.06
CA LYS B 12 6.48 -4.96 -5.24
C LYS B 12 6.11 -3.50 -4.89
N LEU B 13 5.56 -2.77 -5.86
CA LEU B 13 5.06 -1.41 -5.66
C LEU B 13 3.84 -1.34 -4.70
N ILE B 14 2.90 -2.29 -4.68
CA ILE B 14 1.80 -2.23 -3.67
C ILE B 14 2.34 -2.40 -2.25
N GLN B 15 3.37 -3.25 -2.06
CA GLN B 15 4.02 -3.46 -0.76
C GLN B 15 4.73 -2.17 -0.31
N GLN B 16 5.35 -1.44 -1.23
CA GLN B 16 5.97 -0.13 -0.99
C GLN B 16 4.89 0.93 -0.66
N GLN B 17 3.81 0.98 -1.44
CA GLN B 17 2.71 1.92 -1.24
C GLN B 17 2.03 1.71 0.11
N LEU B 18 1.77 0.46 0.51
CA LEU B 18 1.18 0.07 1.80
C LEU B 18 1.87 0.77 2.97
N VAL B 19 3.20 0.63 3.06
CA VAL B 19 4.03 1.20 4.12
C VAL B 19 3.89 2.73 4.20
N LEU B 20 3.98 3.42 3.05
CA LEU B 20 3.85 4.86 2.95
C LEU B 20 2.43 5.36 3.29
N LEU B 21 1.41 4.64 2.82
CA LEU B 21 -0.02 4.89 3.04
C LEU B 21 -0.36 4.80 4.54
N LEU B 22 0.06 3.71 5.20
CA LEU B 22 -0.12 3.54 6.65
C LEU B 22 0.67 4.60 7.44
N HIS B 23 1.89 4.94 7.00
CA HIS B 23 2.67 6.00 7.66
C HIS B 23 1.97 7.36 7.53
N ALA B 24 1.48 7.74 6.35
CA ALA B 24 0.76 8.99 6.13
C ALA B 24 -0.47 9.13 7.05
N HIS B 25 -1.23 8.05 7.24
CA HIS B 25 -2.40 8.01 8.13
C HIS B 25 -2.00 8.32 9.59
N LYS B 26 -0.86 7.80 10.06
CA LYS B 26 -0.29 8.08 11.39
C LYS B 26 0.25 9.52 11.46
N CYS B 27 1.14 9.87 10.54
CA CYS B 27 1.85 11.14 10.46
C CYS B 27 0.93 12.37 10.39
N GLN B 28 -0.23 12.27 9.73
CA GLN B 28 -1.21 13.37 9.71
C GLN B 28 -1.71 13.73 11.13
N ARG B 29 -1.76 12.75 12.04
CA ARG B 29 -2.10 12.95 13.46
C ARG B 29 -0.87 13.46 14.22
N ARG B 30 0.33 12.90 13.97
CA ARG B 30 1.60 13.31 14.61
C ARG B 30 1.91 14.79 14.39
N GLU B 31 1.72 15.33 13.19
CA GLU B 31 2.01 16.75 12.91
C GLU B 31 1.09 17.73 13.68
N GLN B 32 -0.14 17.32 14.03
CA GLN B 32 -1.07 18.11 14.83
C GLN B 32 -0.71 18.02 16.33
N ALA B 33 -0.29 16.84 16.77
CA ALA B 33 0.17 16.52 18.13
C ALA B 33 1.63 16.95 18.41
N ASN B 34 2.34 17.50 17.42
CA ASN B 34 3.76 17.87 17.43
C ASN B 34 4.28 18.66 18.65
N GLY B 35 3.41 19.30 19.44
CA GLY B 35 3.79 19.93 20.71
C GLY B 35 4.41 18.93 21.71
N GLU B 36 4.11 17.64 21.56
CA GLU B 36 4.62 16.52 22.38
C GLU B 36 4.87 15.22 21.58
N VAL B 37 4.92 15.28 20.23
CA VAL B 37 5.10 14.13 19.33
C VAL B 37 6.15 14.38 18.24
N ARG B 38 7.03 13.40 18.00
CA ARG B 38 8.09 13.42 16.98
C ARG B 38 7.54 13.29 15.54
N ALA B 39 8.35 13.67 14.55
CA ALA B 39 8.00 13.67 13.12
C ALA B 39 8.93 12.76 12.28
N CYS B 40 9.15 13.09 11.01
CA CYS B 40 9.97 12.35 10.04
C CYS B 40 10.56 13.30 8.96
N SER B 41 11.32 12.73 8.02
CA SER B 41 11.99 13.47 6.92
C SER B 41 11.95 12.77 5.55
N LEU B 42 11.31 11.60 5.43
CA LEU B 42 11.18 10.84 4.18
C LEU B 42 10.36 11.64 3.14
N PRO B 43 10.93 12.00 1.96
CA PRO B 43 10.26 12.84 0.95
C PRO B 43 8.82 12.47 0.54
N HIS B 44 8.55 11.17 0.32
CA HIS B 44 7.24 10.68 -0.14
C HIS B 44 6.15 10.52 0.94
N CYS B 45 6.46 10.76 2.21
CA CYS B 45 5.44 10.81 3.27
C CYS B 45 4.38 11.88 2.90
N ARG B 46 4.86 13.04 2.43
CA ARG B 46 4.06 14.16 1.92
C ARG B 46 3.16 13.74 0.75
N THR B 47 3.70 12.96 -0.19
CA THR B 47 2.99 12.44 -1.37
C THR B 47 1.78 11.61 -0.95
N MET B 48 1.96 10.60 -0.10
CA MET B 48 0.83 9.81 0.41
C MET B 48 -0.12 10.67 1.24
N LYS B 49 0.37 11.53 2.15
CA LYS B 49 -0.47 12.41 2.98
C LYS B 49 -1.40 13.31 2.14
N ASN B 50 -0.90 13.86 1.04
CA ASN B 50 -1.71 14.65 0.09
C ASN B 50 -2.75 13.76 -0.63
N VAL B 51 -2.32 12.58 -1.09
CA VAL B 51 -3.18 11.59 -1.76
C VAL B 51 -4.28 11.04 -0.83
N LEU B 52 -4.02 10.90 0.48
CA LEU B 52 -5.01 10.40 1.44
C LEU B 52 -6.25 11.30 1.50
N ASN B 53 -6.02 12.62 1.55
CA ASN B 53 -7.09 13.63 1.56
C ASN B 53 -7.95 13.57 0.28
N HIS B 54 -7.37 13.11 -0.84
CA HIS B 54 -8.07 12.91 -2.10
C HIS B 54 -8.84 11.56 -2.11
N MET B 55 -8.17 10.41 -1.93
CA MET B 55 -8.77 9.06 -1.95
C MET B 55 -9.86 8.81 -0.89
N THR B 56 -9.87 9.56 0.22
CA THR B 56 -10.93 9.47 1.26
C THR B 56 -12.25 10.15 0.84
N HIS B 57 -12.27 10.91 -0.26
CA HIS B 57 -13.46 11.62 -0.77
C HIS B 57 -13.75 11.39 -2.26
N CYS B 58 -12.75 10.99 -3.05
CA CYS B 58 -12.86 10.71 -4.49
C CYS B 58 -13.84 9.55 -4.79
N GLN B 59 -14.47 9.63 -5.98
CA GLN B 59 -15.43 8.66 -6.51
C GLN B 59 -15.28 8.45 -8.04
N ALA B 60 -14.26 9.05 -8.67
CA ALA B 60 -14.03 8.95 -10.12
C ALA B 60 -13.38 7.61 -10.55
N GLY B 61 -12.74 6.87 -9.63
CA GLY B 61 -12.07 5.56 -9.79
C GLY B 61 -11.53 5.21 -11.19
N LYS B 62 -12.36 4.56 -12.02
CA LYS B 62 -12.06 4.14 -13.40
C LYS B 62 -11.56 5.28 -14.31
N ALA B 63 -11.96 6.52 -14.03
CA ALA B 63 -11.62 7.74 -14.76
C ALA B 63 -10.77 8.74 -13.95
N CYS B 64 -10.40 8.42 -12.71
CA CYS B 64 -9.56 9.27 -11.86
C CYS B 64 -8.12 9.30 -12.40
N GLN B 65 -7.69 10.45 -12.91
CA GLN B 65 -6.35 10.66 -13.48
C GLN B 65 -5.21 10.57 -12.43
N VAL B 66 -5.54 10.66 -11.15
CA VAL B 66 -4.59 10.54 -10.03
C VAL B 66 -4.33 9.04 -9.80
N ALA B 67 -3.31 8.49 -10.46
CA ALA B 67 -2.95 7.08 -10.36
C ALA B 67 -2.73 6.63 -8.89
N HIS B 68 -2.10 7.48 -8.08
CA HIS B 68 -1.85 7.23 -6.65
C HIS B 68 -3.13 7.08 -5.82
N CYS B 69 -4.23 7.74 -6.21
CA CYS B 69 -5.53 7.68 -5.54
C CYS B 69 -6.16 6.29 -5.78
N ALA B 70 -6.43 5.93 -7.05
CA ALA B 70 -7.04 4.65 -7.39
C ALA B 70 -6.21 3.44 -6.91
N SER B 71 -4.89 3.57 -6.85
CA SER B 71 -4.02 2.51 -6.33
C SER B 71 -4.10 2.40 -4.81
N SER B 72 -3.82 3.48 -4.06
CA SER B 72 -3.89 3.49 -2.59
C SER B 72 -5.28 3.08 -2.07
N ARG B 73 -6.35 3.50 -2.75
CA ARG B 73 -7.75 3.19 -2.43
C ARG B 73 -8.06 1.70 -2.44
N GLN B 74 -7.40 0.91 -3.29
CA GLN B 74 -7.57 -0.55 -3.34
C GLN B 74 -6.77 -1.30 -2.25
N ILE B 75 -5.61 -0.77 -1.81
CA ILE B 75 -4.73 -1.45 -0.84
C ILE B 75 -5.41 -1.72 0.52
N ILE B 76 -5.94 -0.69 1.19
CA ILE B 76 -6.63 -0.90 2.48
C ILE B 76 -7.92 -1.71 2.31
N SER B 77 -8.63 -1.57 1.18
CA SER B 77 -9.84 -2.37 0.90
C SER B 77 -9.50 -3.87 0.88
N HIS B 78 -8.36 -4.25 0.28
CA HIS B 78 -7.86 -5.62 0.33
C HIS B 78 -7.51 -6.01 1.78
N TRP B 79 -6.64 -5.25 2.44
CA TRP B 79 -6.16 -5.52 3.80
C TRP B 79 -7.29 -5.72 4.83
N LYS B 80 -8.33 -4.88 4.77
CA LYS B 80 -9.52 -4.95 5.63
C LYS B 80 -10.33 -6.24 5.41
N ASN B 81 -10.42 -6.71 4.15
CA ASN B 81 -11.12 -7.94 3.76
C ASN B 81 -10.30 -9.23 4.00
N CYS B 82 -8.96 -9.15 4.01
CA CYS B 82 -8.04 -10.27 4.20
C CYS B 82 -8.08 -10.87 5.63
N THR B 83 -7.22 -11.86 5.91
CA THR B 83 -7.15 -12.61 7.18
C THR B 83 -5.74 -12.73 7.75
N ARG B 84 -5.63 -13.33 8.96
CA ARG B 84 -4.36 -13.52 9.70
C ARG B 84 -3.31 -14.40 9.01
N HIS B 85 -3.71 -15.21 8.02
CA HIS B 85 -2.83 -16.11 7.27
C HIS B 85 -1.83 -15.35 6.35
N ASP B 86 -0.84 -16.08 5.81
CA ASP B 86 0.18 -15.52 4.91
C ASP B 86 -0.42 -14.88 3.64
N CYS B 87 0.02 -13.66 3.34
CA CYS B 87 -0.39 -12.81 2.23
C CYS B 87 0.72 -11.78 1.94
N PRO B 88 1.12 -11.50 0.68
CA PRO B 88 2.17 -10.54 0.35
C PRO B 88 2.03 -9.14 0.96
N VAL B 89 0.81 -8.71 1.30
CA VAL B 89 0.52 -7.39 1.91
C VAL B 89 0.47 -7.49 3.44
N CYS B 90 -0.35 -8.39 3.96
CA CYS B 90 -0.59 -8.53 5.39
C CYS B 90 0.58 -9.15 6.19
N LEU B 91 1.32 -10.09 5.61
CA LEU B 91 2.45 -10.76 6.26
C LEU B 91 3.58 -9.80 6.70
N PRO B 92 4.20 -8.98 5.81
CA PRO B 92 5.26 -8.07 6.24
C PRO B 92 4.78 -7.04 7.25
N LEU B 93 3.56 -6.50 7.06
CA LEU B 93 2.95 -5.53 7.98
C LEU B 93 2.78 -6.11 9.40
N LYS B 94 2.30 -7.37 9.51
CA LYS B 94 2.16 -8.09 10.78
C LYS B 94 3.52 -8.40 11.41
N ASN B 95 4.48 -8.87 10.62
CA ASN B 95 5.84 -9.21 11.08
C ASN B 95 6.59 -7.99 11.65
N ALA B 96 6.42 -6.80 11.03
CA ALA B 96 7.06 -5.56 11.46
C ALA B 96 6.67 -5.10 12.88
N SER B 97 5.48 -5.48 13.37
CA SER B 97 4.97 -5.15 14.71
C SER B 97 5.83 -5.69 15.87
N ASP B 98 6.80 -6.57 15.60
CA ASP B 98 7.76 -7.13 16.56
C ASP B 98 8.69 -6.07 17.20
N LYS B 99 8.63 -4.81 16.74
CA LYS B 99 9.39 -3.64 17.21
C LYS B 99 9.11 -3.23 18.68
N ARG B 100 8.09 -3.82 19.31
CA ARG B 100 7.62 -3.61 20.70
C ARG B 100 8.71 -3.37 21.76
ZN ZN C . 5.62 11.12 8.08
ZN ZN D . -9.17 10.21 -7.11
ZN ZN E . -3.91 -9.77 2.49
N THR A 1 0.34 -2.09 21.99
CA THR A 1 -0.60 -1.09 21.40
C THR A 1 -1.82 -1.79 20.81
N ASP A 2 -2.97 -1.09 20.74
CA ASP A 2 -4.22 -1.62 20.18
C ASP A 2 -4.13 -1.93 18.67
N PHE A 3 -3.28 -1.21 17.95
CA PHE A 3 -3.00 -1.37 16.52
C PHE A 3 -1.55 -0.94 16.17
N ILE A 4 -1.24 -0.85 14.87
CA ILE A 4 0.06 -0.45 14.29
C ILE A 4 0.59 0.88 14.88
N ASP A 5 1.91 1.06 14.84
CA ASP A 5 2.63 2.21 15.39
C ASP A 5 3.50 2.94 14.37
N GLU A 6 3.67 4.24 14.53
CA GLU A 6 4.52 5.11 13.68
C GLU A 6 5.96 4.58 13.56
N GLU A 7 6.56 4.02 14.62
CA GLU A 7 7.90 3.41 14.55
C GLU A 7 7.90 2.11 13.75
N VAL A 8 6.79 1.37 13.74
CA VAL A 8 6.62 0.12 12.97
C VAL A 8 6.65 0.43 11.46
N LEU A 9 5.97 1.49 10.99
CA LEU A 9 6.04 1.86 9.57
C LEU A 9 7.45 2.38 9.22
N MET A 10 8.09 3.19 10.08
CA MET A 10 9.47 3.67 9.83
C MET A 10 10.45 2.49 9.76
N SER A 11 10.24 1.45 10.56
CA SER A 11 11.05 0.21 10.51
C SER A 11 10.81 -0.52 9.18
N LEU A 12 9.56 -0.55 8.68
CA LEU A 12 9.24 -1.17 7.39
C LEU A 12 9.79 -0.35 6.20
N VAL A 13 9.81 0.98 6.29
CA VAL A 13 10.43 1.89 5.31
C VAL A 13 11.90 1.49 5.13
N ILE A 14 12.59 1.25 6.25
CA ILE A 14 14.00 0.82 6.30
C ILE A 14 14.16 -0.63 5.82
N GLU A 15 13.26 -1.55 6.22
CA GLU A 15 13.25 -2.96 5.81
C GLU A 15 13.13 -3.12 4.28
N MET A 16 12.22 -2.34 3.66
CA MET A 16 11.97 -2.30 2.22
C MET A 16 12.99 -1.44 1.44
N GLY A 17 13.71 -0.52 2.12
CA GLY A 17 14.66 0.40 1.50
C GLY A 17 13.99 1.52 0.71
N LEU A 18 12.80 1.97 1.14
CA LEU A 18 12.01 3.00 0.45
C LEU A 18 12.71 4.37 0.38
N ASP A 19 13.73 4.61 1.20
CA ASP A 19 14.56 5.83 1.15
C ASP A 19 15.26 6.01 -0.21
N ARG A 20 15.36 4.94 -1.01
CA ARG A 20 15.95 4.93 -2.37
C ARG A 20 14.99 5.44 -3.46
N ILE A 21 13.69 5.59 -3.20
CA ILE A 21 12.71 6.13 -4.17
C ILE A 21 13.09 7.60 -4.47
N LYS A 22 13.11 7.98 -5.75
CA LYS A 22 13.43 9.35 -6.23
C LYS A 22 12.19 10.07 -6.76
N GLU A 23 11.28 9.32 -7.37
CA GLU A 23 9.95 9.72 -7.85
C GLU A 23 9.04 8.50 -7.80
N LEU A 24 7.92 8.61 -7.09
CA LEU A 24 6.93 7.55 -6.88
C LEU A 24 6.34 7.02 -8.22
N PRO A 25 6.43 5.71 -8.53
CA PRO A 25 5.87 5.13 -9.76
C PRO A 25 4.34 5.02 -9.73
N GLU A 26 3.75 4.66 -10.88
CA GLU A 26 2.30 4.49 -11.06
C GLU A 26 1.83 3.02 -10.96
N LEU A 27 0.56 2.86 -10.62
CA LEU A 27 -0.20 1.61 -10.58
C LEU A 27 -1.66 1.94 -10.95
N TRP A 28 -2.43 0.94 -11.41
CA TRP A 28 -3.84 1.10 -11.80
C TRP A 28 -4.72 -0.05 -11.29
N LEU A 29 -4.82 -0.16 -9.96
CA LEU A 29 -5.66 -1.18 -9.29
C LEU A 29 -7.16 -1.02 -9.66
N GLY A 30 -7.57 0.18 -10.08
CA GLY A 30 -8.93 0.50 -10.52
C GLY A 30 -9.21 0.11 -11.98
N GLN A 31 -8.36 -0.69 -12.62
CA GLN A 31 -8.50 -1.15 -14.01
C GLN A 31 -8.10 -2.64 -14.16
N ASN A 32 -8.56 -3.26 -15.24
CA ASN A 32 -8.27 -4.68 -15.57
C ASN A 32 -6.76 -4.98 -15.70
N GLU A 33 -5.95 -3.95 -15.98
CA GLU A 33 -4.50 -4.01 -16.16
C GLU A 33 -3.74 -4.55 -14.92
N PHE A 34 -4.28 -4.37 -13.72
CA PHE A 34 -3.67 -4.84 -12.47
C PHE A 34 -4.69 -5.17 -11.38
N ASP A 35 -5.37 -6.30 -11.54
CA ASP A 35 -6.33 -6.83 -10.56
C ASP A 35 -5.57 -7.66 -9.49
N PHE A 36 -4.73 -6.91 -8.75
CA PHE A 36 -3.75 -7.28 -7.73
C PHE A 36 -3.96 -8.56 -6.90
N MET A 37 -5.18 -8.85 -6.46
CA MET A 37 -5.53 -10.07 -5.68
C MET A 37 -6.81 -10.75 -6.20
N THR A 38 -7.08 -10.64 -7.52
CA THR A 38 -8.25 -11.28 -8.18
C THR A 38 -8.35 -12.81 -7.96
N ASP A 39 -9.55 -13.36 -8.16
CA ASP A 39 -9.92 -14.78 -8.00
C ASP A 39 -9.37 -15.74 -9.09
N PHE A 40 -8.43 -15.28 -9.94
CA PHE A 40 -7.82 -16.08 -11.01
C PHE A 40 -6.80 -17.11 -10.48
N VAL A 41 -7.31 -18.17 -9.85
CA VAL A 41 -6.54 -19.28 -9.25
C VAL A 41 -7.04 -20.67 -9.70
N CYS A 42 -8.21 -20.74 -10.35
CA CYS A 42 -8.81 -21.96 -10.88
C CYS A 42 -8.07 -22.53 -12.11
N LYS A 43 -8.31 -23.80 -12.43
CA LYS A 43 -7.73 -24.51 -13.59
C LYS A 43 -8.15 -23.84 -14.91
N GLN A 44 -7.21 -23.68 -15.84
CA GLN A 44 -7.43 -23.05 -17.16
C GLN A 44 -8.44 -23.82 -18.05
N GLN A 45 -8.56 -25.14 -17.85
CA GLN A 45 -9.46 -26.04 -18.58
C GLN A 45 -10.24 -26.95 -17.60
N PRO A 46 -11.40 -26.47 -17.10
CA PRO A 46 -12.27 -27.21 -16.16
C PRO A 46 -12.73 -28.59 -16.65
N SER A 47 -13.35 -29.37 -15.76
CA SER A 47 -13.90 -30.72 -16.02
C SER A 47 -14.83 -30.82 -17.24
N ARG A 48 -15.51 -29.72 -17.63
CA ARG A 48 -16.38 -29.66 -18.81
C ARG A 48 -15.63 -29.73 -20.15
N VAL A 49 -14.32 -29.44 -20.15
CA VAL A 49 -13.46 -29.48 -21.34
C VAL A 49 -12.96 -30.90 -21.64
N SER A 50 -12.79 -31.74 -20.61
CA SER A 50 -12.35 -33.14 -20.67
C SER A 50 -13.21 -34.04 -21.57
N ALA B 1 4.33 -18.30 -21.15
CA ALA B 1 3.02 -17.69 -20.80
C ALA B 1 3.19 -16.23 -20.36
N THR B 2 2.17 -15.39 -20.60
CA THR B 2 2.17 -13.95 -20.23
C THR B 2 2.07 -13.69 -18.72
N GLY B 3 1.56 -14.65 -17.93
CA GLY B 3 1.42 -14.55 -16.47
C GLY B 3 0.01 -14.16 -16.01
N PRO B 4 -0.25 -14.17 -14.68
CA PRO B 4 -1.54 -13.81 -14.09
C PRO B 4 -1.83 -12.30 -14.17
N THR B 5 -3.05 -11.92 -13.80
CA THR B 5 -3.59 -10.54 -13.76
C THR B 5 -2.90 -9.61 -12.73
N ALA B 6 -1.86 -10.08 -12.03
CA ALA B 6 -1.11 -9.36 -11.01
C ALA B 6 0.42 -9.47 -11.23
N ASP B 7 0.99 -8.50 -11.95
CA ASP B 7 2.43 -8.44 -12.27
C ASP B 7 3.34 -8.33 -11.01
N PRO B 8 4.46 -9.08 -10.91
CA PRO B 8 5.38 -9.05 -9.78
C PRO B 8 5.89 -7.66 -9.34
N GLU B 9 6.23 -6.76 -10.29
CA GLU B 9 6.72 -5.41 -9.93
C GLU B 9 5.57 -4.53 -9.40
N LYS B 10 4.35 -4.69 -9.92
CA LYS B 10 3.17 -4.00 -9.38
C LYS B 10 2.85 -4.53 -7.97
N ARG B 11 2.96 -5.85 -7.74
CA ARG B 11 2.81 -6.49 -6.41
C ARG B 11 3.89 -6.04 -5.39
N LYS B 12 5.06 -5.61 -5.86
CA LYS B 12 6.14 -5.02 -5.05
C LYS B 12 5.83 -3.55 -4.76
N LEU B 13 5.34 -2.80 -5.75
CA LEU B 13 4.92 -1.40 -5.59
C LEU B 13 3.73 -1.24 -4.63
N ILE B 14 2.76 -2.16 -4.56
CA ILE B 14 1.67 -2.07 -3.56
C ILE B 14 2.22 -2.20 -2.13
N GLN B 15 3.31 -2.95 -1.91
CA GLN B 15 3.96 -3.07 -0.60
C GLN B 15 4.65 -1.74 -0.23
N GLN B 16 5.27 -1.06 -1.21
CA GLN B 16 5.84 0.28 -1.03
C GLN B 16 4.71 1.29 -0.71
N GLN B 17 3.60 1.25 -1.43
CA GLN B 17 2.44 2.13 -1.17
C GLN B 17 1.82 1.85 0.19
N LEU B 18 1.65 0.58 0.58
CA LEU B 18 1.11 0.15 1.88
C LEU B 18 1.83 0.86 3.03
N VAL B 19 3.17 0.74 3.06
CA VAL B 19 4.04 1.34 4.07
C VAL B 19 3.89 2.87 4.12
N LEU B 20 3.94 3.54 2.95
CA LEU B 20 3.78 4.99 2.85
C LEU B 20 2.37 5.47 3.24
N LEU B 21 1.33 4.74 2.87
CA LEU B 21 -0.09 5.01 3.16
C LEU B 21 -0.36 4.93 4.67
N LEU B 22 0.04 3.83 5.30
CA LEU B 22 -0.07 3.65 6.75
C LEU B 22 0.77 4.70 7.50
N HIS B 23 1.97 5.02 7.01
CA HIS B 23 2.80 6.06 7.61
C HIS B 23 2.12 7.44 7.47
N ALA B 24 1.65 7.82 6.29
CA ALA B 24 0.97 9.10 6.07
C ALA B 24 -0.24 9.29 6.99
N HIS B 25 -1.05 8.25 7.19
CA HIS B 25 -2.18 8.27 8.11
C HIS B 25 -1.74 8.59 9.56
N LYS B 26 -0.63 7.99 10.01
CA LYS B 26 -0.01 8.29 11.32
C LYS B 26 0.59 9.69 11.36
N CYS B 27 1.38 10.06 10.36
CA CYS B 27 2.09 11.33 10.22
C CYS B 27 1.15 12.55 10.26
N GLN B 28 0.00 12.49 9.56
CA GLN B 28 -1.02 13.54 9.62
C GLN B 28 -1.58 13.74 11.04
N ARG B 29 -1.65 12.65 11.82
CA ARG B 29 -2.11 12.65 13.21
C ARG B 29 -1.02 13.15 14.16
N ARG B 30 0.26 12.77 13.93
CA ARG B 30 1.43 13.25 14.71
C ARG B 30 1.54 14.77 14.70
N GLU B 31 1.46 15.40 13.52
CA GLU B 31 1.57 16.87 13.43
C GLU B 31 0.43 17.58 14.19
N GLN B 32 -0.81 17.09 14.09
CA GLN B 32 -1.97 17.65 14.80
C GLN B 32 -1.93 17.43 16.32
N ALA B 33 -1.27 16.36 16.79
CA ALA B 33 -1.16 16.00 18.21
C ALA B 33 -0.34 16.98 19.08
N ASN B 34 0.53 17.80 18.48
CA ASN B 34 1.39 18.74 19.20
C ASN B 34 1.61 20.09 18.49
N GLY B 35 1.58 20.13 17.15
CA GLY B 35 1.70 21.37 16.36
C GLY B 35 2.34 21.19 14.98
N GLU B 36 3.53 20.59 14.91
CA GLU B 36 4.30 20.44 13.66
C GLU B 36 5.24 19.21 13.60
N VAL B 37 5.01 18.18 14.43
CA VAL B 37 5.81 16.93 14.47
C VAL B 37 5.76 16.20 13.12
N ARG B 38 6.89 16.20 12.38
CA ARG B 38 7.05 15.64 11.03
C ARG B 38 8.37 14.84 10.89
N ALA B 39 8.72 14.09 11.93
CA ALA B 39 9.93 13.26 11.99
C ALA B 39 9.84 12.06 11.00
N CYS B 40 10.52 12.16 9.86
CA CYS B 40 10.53 11.19 8.76
C CYS B 40 11.95 10.90 8.24
N SER B 41 12.07 9.94 7.31
CA SER B 41 13.34 9.50 6.70
C SER B 41 13.35 9.51 5.16
N LEU B 42 12.26 9.89 4.50
CA LEU B 42 12.13 9.99 3.04
C LEU B 42 11.09 11.06 2.61
N PRO B 43 11.27 11.74 1.47
CA PRO B 43 10.37 12.81 1.02
C PRO B 43 9.00 12.32 0.55
N HIS B 44 8.90 11.10 0.01
CA HIS B 44 7.64 10.52 -0.51
C HIS B 44 6.53 10.32 0.52
N CYS B 45 6.82 10.47 1.83
CA CYS B 45 5.81 10.51 2.88
C CYS B 45 4.79 11.63 2.55
N ARG B 46 5.28 12.81 2.14
CA ARG B 46 4.49 13.97 1.71
C ARG B 46 3.56 13.63 0.53
N THR B 47 4.02 12.81 -0.41
CA THR B 47 3.25 12.36 -1.58
C THR B 47 2.00 11.60 -1.11
N MET B 48 2.15 10.63 -0.20
CA MET B 48 1.01 9.92 0.35
C MET B 48 0.13 10.84 1.22
N LYS B 49 0.67 11.69 2.09
CA LYS B 49 -0.12 12.66 2.89
C LYS B 49 -1.03 13.54 2.02
N ASN B 50 -0.55 13.97 0.85
CA ASN B 50 -1.33 14.73 -0.13
C ASN B 50 -2.40 13.84 -0.82
N VAL B 51 -2.01 12.64 -1.26
CA VAL B 51 -2.90 11.65 -1.89
C VAL B 51 -4.03 11.18 -0.94
N LEU B 52 -3.77 11.08 0.37
CA LEU B 52 -4.79 10.69 1.35
C LEU B 52 -5.94 11.68 1.37
N ASN B 53 -5.62 12.98 1.44
CA ASN B 53 -6.60 14.07 1.43
C ASN B 53 -7.46 14.09 0.15
N HIS B 54 -6.94 13.57 -0.96
CA HIS B 54 -7.67 13.42 -2.22
C HIS B 54 -8.56 12.16 -2.20
N MET B 55 -7.98 10.97 -1.96
CA MET B 55 -8.71 9.69 -2.01
C MET B 55 -9.83 9.52 -0.99
N THR B 56 -9.80 10.23 0.16
CA THR B 56 -10.88 10.19 1.16
C THR B 56 -12.17 10.92 0.72
N HIS B 57 -12.11 11.69 -0.37
CA HIS B 57 -13.25 12.45 -0.92
C HIS B 57 -13.53 12.19 -2.41
N CYS B 58 -12.55 11.67 -3.17
CA CYS B 58 -12.68 11.33 -4.58
C CYS B 58 -13.74 10.23 -4.85
N GLN B 59 -14.35 10.27 -6.03
CA GLN B 59 -15.39 9.32 -6.49
C GLN B 59 -15.26 8.95 -7.98
N ALA B 60 -14.21 9.40 -8.69
CA ALA B 60 -14.00 9.11 -10.11
C ALA B 60 -13.49 7.67 -10.40
N GLY B 61 -13.04 6.94 -9.37
CA GLY B 61 -12.56 5.55 -9.40
C GLY B 61 -11.78 5.14 -10.65
N LYS B 62 -12.38 4.33 -11.52
CA LYS B 62 -11.80 3.81 -12.77
C LYS B 62 -11.28 4.89 -13.75
N ALA B 63 -11.80 6.12 -13.63
CA ALA B 63 -11.47 7.27 -14.48
C ALA B 63 -10.66 8.37 -13.77
N CYS B 64 -10.33 8.21 -12.48
CA CYS B 64 -9.50 9.17 -11.74
C CYS B 64 -8.08 9.20 -12.32
N GLN B 65 -7.67 10.34 -12.89
CA GLN B 65 -6.34 10.54 -13.50
C GLN B 65 -5.18 10.45 -12.49
N VAL B 66 -5.48 10.58 -11.19
CA VAL B 66 -4.51 10.43 -10.10
C VAL B 66 -4.33 8.93 -9.86
N ALA B 67 -3.37 8.32 -10.55
CA ALA B 67 -3.08 6.88 -10.44
C ALA B 67 -2.87 6.42 -8.98
N HIS B 68 -2.22 7.25 -8.16
CA HIS B 68 -1.97 6.99 -6.74
C HIS B 68 -3.24 6.97 -5.87
N CYS B 69 -4.29 7.73 -6.25
CA CYS B 69 -5.57 7.80 -5.53
C CYS B 69 -6.32 6.46 -5.60
N ALA B 70 -6.69 6.02 -6.80
CA ALA B 70 -7.39 4.74 -6.98
C ALA B 70 -6.58 3.55 -6.45
N SER B 71 -5.25 3.62 -6.53
CA SER B 71 -4.35 2.58 -6.02
C SER B 71 -4.32 2.54 -4.49
N SER B 72 -4.00 3.66 -3.82
CA SER B 72 -4.01 3.75 -2.35
C SER B 72 -5.37 3.40 -1.77
N ARG B 73 -6.46 3.85 -2.42
CA ARG B 73 -7.85 3.58 -2.04
C ARG B 73 -8.20 2.10 -2.03
N GLN B 74 -7.52 1.26 -2.81
CA GLN B 74 -7.72 -0.20 -2.86
C GLN B 74 -6.80 -1.03 -1.97
N ILE B 75 -5.64 -0.52 -1.54
CA ILE B 75 -4.71 -1.29 -0.68
C ILE B 75 -5.39 -1.78 0.61
N ILE B 76 -6.11 -0.90 1.31
CA ILE B 76 -6.85 -1.28 2.52
C ILE B 76 -8.07 -2.17 2.21
N SER B 77 -8.67 -2.07 1.01
CA SER B 77 -9.78 -2.94 0.60
C SER B 77 -9.35 -4.41 0.63
N HIS B 78 -8.14 -4.69 0.15
CA HIS B 78 -7.54 -6.04 0.23
C HIS B 78 -7.24 -6.40 1.70
N TRP B 79 -6.45 -5.58 2.40
CA TRP B 79 -6.00 -5.84 3.77
C TRP B 79 -7.12 -6.13 4.78
N LYS B 80 -8.24 -5.40 4.69
CA LYS B 80 -9.42 -5.58 5.54
C LYS B 80 -10.15 -6.92 5.27
N ASN B 81 -10.22 -7.35 4.01
CA ASN B 81 -10.86 -8.60 3.59
C ASN B 81 -9.99 -9.87 3.78
N CYS B 82 -8.66 -9.76 3.63
CA CYS B 82 -7.71 -10.87 3.70
C CYS B 82 -7.66 -11.60 5.06
N THR B 83 -7.20 -12.86 5.02
CA THR B 83 -7.06 -13.77 6.18
C THR B 83 -5.78 -14.63 6.15
N ARG B 84 -5.01 -14.62 5.06
CA ARG B 84 -3.80 -15.44 4.88
C ARG B 84 -2.58 -14.84 5.59
N HIS B 85 -1.95 -15.63 6.46
CA HIS B 85 -0.76 -15.22 7.23
C HIS B 85 0.46 -14.89 6.35
N ASP B 86 0.66 -15.65 5.27
CA ASP B 86 1.79 -15.52 4.32
C ASP B 86 1.54 -14.58 3.13
N CYS B 87 0.47 -13.79 3.16
CA CYS B 87 0.08 -12.84 2.10
C CYS B 87 1.15 -11.76 1.82
N PRO B 88 1.50 -11.44 0.56
CA PRO B 88 2.47 -10.39 0.20
C PRO B 88 2.24 -9.02 0.87
N VAL B 89 1.01 -8.70 1.30
CA VAL B 89 0.67 -7.42 1.97
C VAL B 89 0.60 -7.59 3.49
N CYS B 90 -0.13 -8.60 3.97
CA CYS B 90 -0.35 -8.80 5.39
C CYS B 90 0.89 -9.31 6.15
N LEU B 91 1.67 -10.24 5.56
CA LEU B 91 2.87 -10.83 6.16
C LEU B 91 3.91 -9.80 6.64
N PRO B 92 4.43 -8.87 5.79
CA PRO B 92 5.43 -7.90 6.23
C PRO B 92 4.91 -6.94 7.30
N LEU B 93 3.68 -6.45 7.16
CA LEU B 93 3.04 -5.54 8.12
C LEU B 93 2.87 -6.20 9.50
N LYS B 94 2.43 -7.46 9.53
CA LYS B 94 2.29 -8.27 10.75
C LYS B 94 3.65 -8.55 11.41
N ASN B 95 4.68 -8.89 10.63
CA ASN B 95 6.03 -9.15 11.16
C ASN B 95 6.70 -7.88 11.70
N ALA B 96 6.54 -6.74 11.02
CA ALA B 96 7.09 -5.45 11.46
C ALA B 96 6.51 -4.95 12.79
N SER B 97 5.26 -5.32 13.09
CA SER B 97 4.54 -4.95 14.34
C SER B 97 5.20 -5.46 15.63
N ASP B 98 6.15 -6.39 15.53
CA ASP B 98 6.89 -6.97 16.66
C ASP B 98 7.87 -5.98 17.35
N LYS B 99 8.03 -4.77 16.80
CA LYS B 99 9.02 -3.76 17.21
C LYS B 99 9.02 -3.37 18.69
N ARG B 100 7.87 -3.41 19.38
CA ARG B 100 7.73 -3.13 20.82
C ARG B 100 6.73 -4.07 21.49
ZN ZN C . 5.83 11.14 7.77
ZN ZN D . -9.02 10.54 -7.13
ZN ZN E . -3.55 -10.11 2.40
N THR A 1 -1.82 -4.16 22.91
CA THR A 1 -1.85 -3.65 21.52
C THR A 1 -3.27 -3.65 20.96
N ASP A 2 -3.72 -2.51 20.40
CA ASP A 2 -5.04 -2.35 19.79
C ASP A 2 -4.96 -1.99 18.28
N PHE A 3 -3.85 -1.36 17.86
CA PHE A 3 -3.53 -0.99 16.48
C PHE A 3 -2.01 -0.86 16.27
N ILE A 4 -1.60 -0.73 15.02
CA ILE A 4 -0.22 -0.52 14.54
C ILE A 4 0.37 0.78 15.12
N ASP A 5 1.69 0.87 15.21
CA ASP A 5 2.43 2.03 15.71
C ASP A 5 3.27 2.71 14.62
N GLU A 6 3.53 4.00 14.79
CA GLU A 6 4.40 4.78 13.90
C GLU A 6 5.81 4.15 13.80
N GLU A 7 6.34 3.64 14.91
CA GLU A 7 7.62 2.91 14.95
C GLU A 7 7.58 1.57 14.19
N VAL A 8 6.40 0.95 14.09
CA VAL A 8 6.18 -0.30 13.33
C VAL A 8 6.27 0.00 11.83
N LEU A 9 5.64 1.07 11.34
CA LEU A 9 5.80 1.46 9.93
C LEU A 9 7.23 1.91 9.64
N MET A 10 7.87 2.68 10.54
CA MET A 10 9.27 3.10 10.35
C MET A 10 10.21 1.89 10.27
N SER A 11 9.94 0.82 11.03
CA SER A 11 10.70 -0.43 10.94
C SER A 11 10.46 -1.12 9.59
N LEU A 12 9.22 -1.13 9.08
CA LEU A 12 8.90 -1.70 7.76
C LEU A 12 9.49 -0.88 6.60
N VAL A 13 9.56 0.45 6.74
CA VAL A 13 10.23 1.37 5.79
C VAL A 13 11.68 0.96 5.63
N ILE A 14 12.36 0.71 6.74
CA ILE A 14 13.76 0.26 6.80
C ILE A 14 13.89 -1.18 6.27
N GLU A 15 12.95 -2.07 6.60
CA GLU A 15 12.91 -3.47 6.13
C GLU A 15 12.79 -3.55 4.58
N MET A 16 11.91 -2.73 3.99
CA MET A 16 11.66 -2.66 2.55
C MET A 16 12.70 -1.81 1.79
N GLY A 17 13.36 -0.85 2.45
CA GLY A 17 14.35 0.06 1.86
C GLY A 17 13.76 1.34 1.26
N LEU A 18 12.60 1.81 1.75
CA LEU A 18 11.90 3.01 1.26
C LEU A 18 12.66 4.32 1.50
N ASP A 19 13.72 4.30 2.32
CA ASP A 19 14.62 5.45 2.50
C ASP A 19 15.42 5.77 1.20
N ARG A 20 15.38 4.85 0.21
CA ARG A 20 16.05 4.96 -1.10
C ARG A 20 15.14 5.44 -2.25
N ILE A 21 13.87 5.77 -1.96
CA ILE A 21 12.91 6.32 -2.96
C ILE A 21 13.45 7.67 -3.50
N LYS A 22 12.95 8.10 -4.67
CA LYS A 22 13.27 9.38 -5.33
C LYS A 22 11.99 10.08 -5.81
N GLU A 23 11.10 9.32 -6.45
CA GLU A 23 9.77 9.71 -6.92
C GLU A 23 8.84 8.48 -6.82
N LEU A 24 7.57 8.68 -6.44
CA LEU A 24 6.60 7.59 -6.31
C LEU A 24 6.11 7.10 -7.68
N PRO A 25 6.25 5.80 -8.03
CA PRO A 25 5.79 5.25 -9.31
C PRO A 25 4.25 5.12 -9.39
N GLU A 26 3.73 4.81 -10.58
CA GLU A 26 2.29 4.65 -10.84
C GLU A 26 1.85 3.17 -10.95
N LEU A 27 0.58 2.96 -10.66
CA LEU A 27 -0.16 1.69 -10.73
C LEU A 27 -1.64 1.99 -11.08
N TRP A 28 -2.37 1.01 -11.62
CA TRP A 28 -3.79 1.14 -12.01
C TRP A 28 -4.62 -0.06 -11.54
N LEU A 29 -4.67 -0.26 -10.22
CA LEU A 29 -5.42 -1.34 -9.55
C LEU A 29 -6.92 -1.37 -9.91
N GLY A 30 -7.50 -0.21 -10.25
CA GLY A 30 -8.91 -0.08 -10.63
C GLY A 30 -9.22 -0.55 -12.07
N GLN A 31 -8.21 -0.91 -12.86
CA GLN A 31 -8.34 -1.36 -14.25
C GLN A 31 -7.88 -2.81 -14.44
N ASN A 32 -8.40 -3.46 -15.49
CA ASN A 32 -8.07 -4.85 -15.86
C ASN A 32 -6.57 -5.09 -16.10
N GLU A 33 -5.83 -4.03 -16.43
CA GLU A 33 -4.38 -4.05 -16.68
C GLU A 33 -3.55 -4.49 -15.46
N PHE A 34 -4.07 -4.37 -14.24
CA PHE A 34 -3.39 -4.79 -13.01
C PHE A 34 -4.31 -5.41 -11.96
N ASP A 35 -4.63 -6.68 -12.17
CA ASP A 35 -5.33 -7.57 -11.23
C ASP A 35 -4.36 -8.07 -10.15
N PHE A 36 -3.89 -7.11 -9.35
CA PHE A 36 -2.91 -7.11 -8.25
C PHE A 36 -2.82 -8.33 -7.32
N MET A 37 -3.86 -9.14 -7.20
CA MET A 37 -3.90 -10.34 -6.34
C MET A 37 -4.25 -11.63 -7.10
N THR A 38 -4.24 -11.60 -8.43
CA THR A 38 -4.44 -12.79 -9.29
C THR A 38 -3.37 -13.88 -9.10
N ASP A 39 -3.58 -15.07 -9.68
CA ASP A 39 -2.65 -16.21 -9.68
C ASP A 39 -2.71 -16.96 -11.02
N PHE A 40 -1.60 -16.94 -11.78
CA PHE A 40 -1.50 -17.64 -13.07
C PHE A 40 -1.32 -19.15 -12.87
N VAL A 41 -2.27 -19.95 -13.40
CA VAL A 41 -2.30 -21.43 -13.30
C VAL A 41 -2.69 -22.12 -14.61
N CYS A 42 -2.72 -21.40 -15.74
CA CYS A 42 -3.10 -21.91 -17.05
C CYS A 42 -2.18 -23.04 -17.56
N LYS A 43 -0.88 -22.96 -17.25
CA LYS A 43 0.18 -23.94 -17.60
C LYS A 43 1.32 -23.94 -16.58
N GLN A 44 2.29 -24.83 -16.78
CA GLN A 44 3.48 -25.00 -15.92
C GLN A 44 4.76 -25.18 -16.76
N GLN A 45 5.92 -25.01 -16.13
CA GLN A 45 7.25 -25.17 -16.74
C GLN A 45 8.27 -25.66 -15.68
N PRO A 46 9.07 -26.70 -15.95
CA PRO A 46 10.09 -27.19 -15.01
C PRO A 46 11.27 -26.21 -14.86
N SER A 47 12.09 -26.44 -13.83
CA SER A 47 13.26 -25.63 -13.47
C SER A 47 14.56 -26.43 -13.26
N ARG A 48 14.46 -27.68 -12.78
CA ARG A 48 15.61 -28.59 -12.54
C ARG A 48 16.32 -29.07 -13.82
N VAL A 49 15.68 -28.90 -14.99
CA VAL A 49 16.18 -29.31 -16.31
C VAL A 49 17.41 -28.53 -16.82
N SER A 50 17.77 -27.40 -16.19
CA SER A 50 18.90 -26.52 -16.55
C SER A 50 19.71 -26.08 -15.34
N ALA B 1 8.39 -16.01 -17.58
CA ALA B 1 7.60 -15.05 -18.39
C ALA B 1 7.69 -13.63 -17.80
N THR B 2 7.73 -12.61 -18.65
CA THR B 2 7.82 -11.18 -18.26
C THR B 2 6.55 -10.63 -17.60
N GLY B 3 5.37 -11.19 -17.91
CA GLY B 3 4.08 -10.74 -17.38
C GLY B 3 2.90 -11.57 -17.93
N PRO B 4 2.68 -12.81 -17.45
CA PRO B 4 1.63 -13.70 -17.95
C PRO B 4 0.20 -13.22 -17.63
N THR B 5 0.01 -12.40 -16.60
CA THR B 5 -1.29 -11.81 -16.19
C THR B 5 -1.10 -10.49 -15.45
N ALA B 6 -0.14 -10.46 -14.52
CA ALA B 6 0.28 -9.31 -13.71
C ALA B 6 1.81 -9.12 -13.79
N ASP B 7 2.38 -8.13 -13.09
CA ASP B 7 3.81 -7.80 -13.13
C ASP B 7 4.42 -7.69 -11.71
N PRO B 8 5.52 -8.43 -11.39
CA PRO B 8 6.20 -8.40 -10.10
C PRO B 8 6.56 -7.01 -9.57
N GLU B 9 6.91 -6.03 -10.42
CA GLU B 9 7.22 -4.66 -9.96
C GLU B 9 5.98 -3.99 -9.41
N LYS B 10 4.83 -4.14 -10.08
CA LYS B 10 3.54 -3.60 -9.61
C LYS B 10 3.14 -4.29 -8.29
N ARG B 11 3.31 -5.62 -8.18
CA ARG B 11 3.03 -6.40 -6.95
C ARG B 11 3.97 -6.05 -5.79
N LYS B 12 5.19 -5.60 -6.09
CA LYS B 12 6.16 -5.10 -5.10
C LYS B 12 5.80 -3.68 -4.69
N LEU B 13 5.39 -2.84 -5.65
CA LEU B 13 4.94 -1.47 -5.43
C LEU B 13 3.68 -1.38 -4.56
N ILE B 14 2.73 -2.33 -4.61
CA ILE B 14 1.59 -2.30 -3.67
C ILE B 14 2.05 -2.50 -2.22
N GLN B 15 3.11 -3.31 -1.99
CA GLN B 15 3.70 -3.53 -0.67
C GLN B 15 4.46 -2.27 -0.19
N GLN B 16 5.17 -1.59 -1.11
CA GLN B 16 5.83 -0.31 -0.84
C GLN B 16 4.78 0.78 -0.51
N GLN B 17 3.72 0.89 -1.32
CA GLN B 17 2.63 1.84 -1.13
C GLN B 17 1.87 1.57 0.17
N LEU B 18 1.63 0.31 0.55
CA LEU B 18 0.99 -0.09 1.81
C LEU B 18 1.71 0.56 3.00
N VAL B 19 3.03 0.40 3.07
CA VAL B 19 3.88 0.97 4.14
C VAL B 19 3.77 2.50 4.17
N LEU B 20 3.90 3.16 3.01
CA LEU B 20 3.79 4.62 2.89
C LEU B 20 2.39 5.15 3.28
N LEU B 21 1.33 4.45 2.88
CA LEU B 21 -0.08 4.74 3.15
C LEU B 21 -0.39 4.66 4.65
N LEU B 22 0.00 3.55 5.30
CA LEU B 22 -0.15 3.37 6.75
C LEU B 22 0.72 4.39 7.52
N HIS B 23 1.93 4.69 7.03
CA HIS B 23 2.77 5.71 7.64
C HIS B 23 2.14 7.10 7.51
N ALA B 24 1.63 7.47 6.34
CA ALA B 24 0.97 8.76 6.10
C ALA B 24 -0.21 8.98 7.05
N HIS B 25 -0.99 7.93 7.35
CA HIS B 25 -2.10 8.00 8.31
C HIS B 25 -1.61 8.39 9.73
N LYS B 26 -0.42 7.93 10.14
CA LYS B 26 0.23 8.30 11.41
C LYS B 26 0.85 9.70 11.33
N CYS B 27 1.63 9.97 10.28
CA CYS B 27 2.36 11.20 10.02
C CYS B 27 1.44 12.43 9.88
N GLN B 28 0.23 12.26 9.33
CA GLN B 28 -0.78 13.32 9.22
C GLN B 28 -1.31 13.77 10.61
N ARG B 29 -1.23 12.89 11.62
CA ARG B 29 -1.60 13.19 13.02
C ARG B 29 -0.48 13.91 13.76
N ARG B 30 0.80 13.68 13.40
CA ARG B 30 1.98 14.35 14.00
C ARG B 30 1.93 15.86 13.84
N GLU B 31 1.72 16.35 12.61
CA GLU B 31 1.68 17.79 12.31
C GLU B 31 0.62 18.54 13.14
N GLN B 32 -0.54 17.91 13.40
CA GLN B 32 -1.62 18.47 14.22
C GLN B 32 -1.29 18.52 15.73
N ALA B 33 -0.27 17.78 16.19
CA ALA B 33 0.17 17.73 17.58
C ALA B 33 0.87 19.01 18.07
N ASN B 34 1.37 19.85 17.15
CA ASN B 34 2.08 21.10 17.48
C ASN B 34 1.87 22.25 16.46
N GLY B 35 1.70 21.93 15.16
CA GLY B 35 1.45 22.92 14.10
C GLY B 35 2.03 22.56 12.72
N GLU B 36 3.16 21.86 12.66
CA GLU B 36 3.82 21.47 11.39
C GLU B 36 4.60 20.14 11.44
N VAL B 37 5.32 19.86 12.54
CA VAL B 37 6.13 18.64 12.81
C VAL B 37 6.76 18.01 11.55
N ARG B 38 7.54 18.79 10.80
CA ARG B 38 8.24 18.40 9.56
C ARG B 38 9.50 17.54 9.79
N ALA B 39 9.77 17.13 11.04
CA ALA B 39 10.92 16.32 11.47
C ALA B 39 10.95 14.86 10.93
N CYS B 40 9.92 14.41 10.20
CA CYS B 40 9.81 13.06 9.62
C CYS B 40 11.07 12.67 8.80
N SER B 41 11.62 11.49 9.08
CA SER B 41 12.81 10.91 8.43
C SER B 41 12.53 10.30 7.04
N LEU B 42 11.29 10.38 6.55
CA LEU B 42 10.84 9.84 5.25
C LEU B 42 10.03 10.88 4.46
N PRO B 43 10.67 11.92 3.87
CA PRO B 43 9.99 12.96 3.09
C PRO B 43 9.01 12.45 2.02
N HIS B 44 9.26 11.26 1.47
CA HIS B 44 8.43 10.61 0.45
C HIS B 44 7.00 10.28 0.91
N CYS B 45 6.74 10.12 2.22
CA CYS B 45 5.39 9.86 2.72
C CYS B 45 4.43 11.03 2.48
N ARG B 46 4.95 12.26 2.29
CA ARG B 46 4.18 13.47 1.98
C ARG B 46 3.30 13.30 0.74
N THR B 47 3.76 12.50 -0.24
CA THR B 47 2.97 12.14 -1.44
C THR B 47 1.70 11.39 -1.01
N MET B 48 1.84 10.36 -0.17
CA MET B 48 0.68 9.64 0.37
C MET B 48 -0.17 10.56 1.26
N LYS B 49 0.41 11.39 2.16
CA LYS B 49 -0.35 12.34 3.01
C LYS B 49 -1.26 13.25 2.19
N ASN B 50 -0.79 13.76 1.06
CA ASN B 50 -1.58 14.57 0.12
C ASN B 50 -2.68 13.73 -0.56
N VAL B 51 -2.34 12.52 -1.01
CA VAL B 51 -3.26 11.57 -1.65
C VAL B 51 -4.35 11.06 -0.69
N LEU B 52 -4.06 10.91 0.61
CA LEU B 52 -5.05 10.45 1.60
C LEU B 52 -6.24 11.40 1.66
N ASN B 53 -5.95 12.71 1.77
CA ASN B 53 -6.95 13.77 1.81
C ASN B 53 -7.85 13.79 0.55
N HIS B 54 -7.33 13.33 -0.59
CA HIS B 54 -8.08 13.20 -1.84
C HIS B 54 -8.93 11.91 -1.84
N MET B 55 -8.29 10.73 -1.67
CA MET B 55 -8.99 9.44 -1.77
C MET B 55 -10.07 9.17 -0.72
N THR B 56 -10.00 9.76 0.48
CA THR B 56 -11.05 9.60 1.52
C THR B 56 -12.39 10.24 1.14
N HIS B 57 -12.42 11.10 0.11
CA HIS B 57 -13.62 11.77 -0.41
C HIS B 57 -13.90 11.46 -1.89
N CYS B 58 -12.87 11.11 -2.68
CA CYS B 58 -12.99 10.73 -4.08
C CYS B 58 -13.75 9.39 -4.25
N GLN B 59 -14.40 9.24 -5.40
CA GLN B 59 -15.17 8.05 -5.80
C GLN B 59 -15.08 7.75 -7.31
N ALA B 60 -14.20 8.44 -8.05
CA ALA B 60 -14.02 8.25 -9.50
C ALA B 60 -13.17 7.00 -9.86
N GLY B 61 -12.49 6.40 -8.89
CA GLY B 61 -11.65 5.19 -8.95
C GLY B 61 -11.06 4.82 -10.31
N LYS B 62 -11.73 3.93 -11.06
CA LYS B 62 -11.31 3.43 -12.38
C LYS B 62 -11.02 4.52 -13.44
N ALA B 63 -11.64 5.69 -13.29
CA ALA B 63 -11.52 6.84 -14.17
C ALA B 63 -10.82 8.06 -13.51
N CYS B 64 -10.46 7.98 -12.23
CA CYS B 64 -9.73 9.04 -11.53
C CYS B 64 -8.31 9.17 -12.11
N GLN B 65 -7.98 10.33 -12.68
CA GLN B 65 -6.66 10.60 -13.28
C GLN B 65 -5.50 10.54 -12.27
N VAL B 66 -5.80 10.66 -10.98
CA VAL B 66 -4.84 10.52 -9.87
C VAL B 66 -4.61 9.02 -9.63
N ALA B 67 -3.65 8.42 -10.32
CA ALA B 67 -3.34 6.99 -10.23
C ALA B 67 -3.08 6.53 -8.78
N HIS B 68 -2.40 7.35 -7.98
CA HIS B 68 -2.11 7.08 -6.56
C HIS B 68 -3.37 6.97 -5.69
N CYS B 69 -4.41 7.77 -5.99
CA CYS B 69 -5.70 7.76 -5.28
C CYS B 69 -6.40 6.41 -5.51
N ALA B 70 -6.65 6.04 -6.76
CA ALA B 70 -7.28 4.77 -7.10
C ALA B 70 -6.51 3.56 -6.55
N SER B 71 -5.19 3.63 -6.51
CA SER B 71 -4.33 2.58 -5.95
C SER B 71 -4.48 2.49 -4.43
N SER B 72 -4.16 3.57 -3.69
CA SER B 72 -4.24 3.62 -2.22
C SER B 72 -5.64 3.29 -1.69
N ARG B 73 -6.69 3.77 -2.37
CA ARG B 73 -8.10 3.49 -2.05
C ARG B 73 -8.40 1.98 -2.05
N GLN B 74 -7.73 1.21 -2.91
CA GLN B 74 -7.87 -0.24 -3.03
C GLN B 74 -6.93 -1.05 -2.10
N ILE B 75 -5.73 -0.56 -1.76
CA ILE B 75 -4.77 -1.28 -0.90
C ILE B 75 -5.39 -1.72 0.45
N ILE B 76 -6.02 -0.80 1.20
CA ILE B 76 -6.66 -1.18 2.48
C ILE B 76 -7.90 -2.06 2.26
N SER B 77 -8.62 -1.91 1.15
CA SER B 77 -9.77 -2.77 0.81
C SER B 77 -9.35 -4.23 0.69
N HIS B 78 -8.15 -4.50 0.14
CA HIS B 78 -7.61 -5.86 0.13
C HIS B 78 -7.32 -6.31 1.58
N TRP B 79 -6.47 -5.56 2.30
CA TRP B 79 -6.01 -5.90 3.65
C TRP B 79 -7.14 -6.20 4.65
N LYS B 80 -8.19 -5.35 4.66
CA LYS B 80 -9.37 -5.50 5.54
C LYS B 80 -10.22 -6.73 5.20
N ASN B 81 -10.33 -7.06 3.90
CA ASN B 81 -11.12 -8.19 3.39
C ASN B 81 -10.40 -9.56 3.48
N CYS B 82 -9.07 -9.60 3.25
CA CYS B 82 -8.23 -10.79 3.28
C CYS B 82 -8.30 -11.56 4.63
N THR B 83 -8.15 -12.88 4.56
CA THR B 83 -8.22 -13.82 5.70
C THR B 83 -6.98 -14.71 5.88
N ARG B 84 -6.00 -14.60 4.97
CA ARG B 84 -4.72 -15.33 4.99
C ARG B 84 -3.78 -14.84 6.11
N HIS B 85 -2.73 -15.63 6.34
CA HIS B 85 -1.63 -15.35 7.29
C HIS B 85 -0.24 -15.49 6.61
N ASP B 86 -0.22 -15.61 5.28
CA ASP B 86 0.95 -15.78 4.41
C ASP B 86 0.90 -14.92 3.12
N CYS B 87 -0.09 -14.01 3.05
CA CYS B 87 -0.35 -13.10 1.93
C CYS B 87 0.74 -12.02 1.81
N PRO B 88 1.24 -11.68 0.60
CA PRO B 88 2.27 -10.65 0.38
C PRO B 88 2.03 -9.28 1.03
N VAL B 89 0.78 -8.91 1.33
CA VAL B 89 0.42 -7.63 1.96
C VAL B 89 0.25 -7.80 3.48
N CYS B 90 -0.53 -8.79 3.90
CA CYS B 90 -0.85 -9.04 5.31
C CYS B 90 0.34 -9.56 6.13
N LEU B 91 1.13 -10.50 5.57
CA LEU B 91 2.28 -11.13 6.23
C LEU B 91 3.34 -10.14 6.76
N PRO B 92 3.95 -9.24 5.96
CA PRO B 92 4.97 -8.34 6.46
C PRO B 92 4.41 -7.34 7.48
N LEU B 93 3.22 -6.78 7.24
CA LEU B 93 2.56 -5.83 8.15
C LEU B 93 2.29 -6.46 9.53
N LYS B 94 1.86 -7.74 9.56
CA LYS B 94 1.64 -8.50 10.80
C LYS B 94 2.95 -8.76 11.56
N ASN B 95 4.03 -9.11 10.85
CA ASN B 95 5.34 -9.37 11.44
C ASN B 95 6.03 -8.10 11.98
N ALA B 96 5.85 -6.96 11.33
CA ALA B 96 6.45 -5.68 11.72
C ALA B 96 6.06 -5.19 13.14
N SER B 97 4.90 -5.61 13.65
CA SER B 97 4.35 -5.22 14.97
C SER B 97 5.19 -5.64 16.19
N ASP B 98 6.32 -6.35 15.98
CA ASP B 98 7.29 -6.84 16.97
C ASP B 98 8.02 -5.77 17.82
N LYS B 99 7.57 -4.50 17.78
CA LYS B 99 8.05 -3.34 18.54
C LYS B 99 7.63 -3.41 20.03
N ARG B 100 7.92 -4.52 20.70
CA ARG B 100 7.57 -4.83 22.10
C ARG B 100 8.74 -5.47 22.86
ZN ZN C . 6.13 10.70 7.60
ZN ZN D . -9.34 10.40 -6.84
ZN ZN E . -3.96 -10.34 2.02
N THR A 1 0.76 -0.86 23.67
CA THR A 1 0.55 -0.99 22.20
C THR A 1 -0.68 -1.84 21.91
N ASP A 2 -1.53 -1.41 20.97
CA ASP A 2 -2.77 -2.12 20.58
C ASP A 2 -2.87 -2.43 19.06
N PHE A 3 -2.07 -1.78 18.22
CA PHE A 3 -2.00 -1.97 16.76
C PHE A 3 -0.60 -1.62 16.22
N ILE A 4 -0.47 -1.49 14.89
CA ILE A 4 0.74 -1.11 14.16
C ILE A 4 1.36 0.18 14.74
N ASP A 5 2.67 0.34 14.62
CA ASP A 5 3.44 1.45 15.17
C ASP A 5 4.24 2.20 14.09
N GLU A 6 4.36 3.52 14.20
CA GLU A 6 5.13 4.38 13.31
C GLU A 6 6.61 3.97 13.19
N GLU A 7 7.22 3.46 14.26
CA GLU A 7 8.60 2.94 14.24
C GLU A 7 8.66 1.57 13.53
N VAL A 8 7.56 0.80 13.55
CA VAL A 8 7.42 -0.46 12.80
C VAL A 8 7.32 -0.16 11.30
N LEU A 9 6.59 0.89 10.88
CA LEU A 9 6.57 1.30 9.47
C LEU A 9 7.96 1.79 9.04
N MET A 10 8.68 2.55 9.88
CA MET A 10 10.07 2.95 9.60
C MET A 10 11.01 1.73 9.49
N SER A 11 10.76 0.66 10.24
CA SER A 11 11.51 -0.59 10.12
C SER A 11 11.21 -1.27 8.78
N LEU A 12 9.94 -1.24 8.32
CA LEU A 12 9.55 -1.78 7.01
C LEU A 12 10.10 -0.93 5.85
N VAL A 13 10.22 0.39 6.02
CA VAL A 13 10.87 1.31 5.04
C VAL A 13 12.30 0.83 4.80
N ILE A 14 13.01 0.51 5.88
CA ILE A 14 14.40 0.01 5.86
C ILE A 14 14.46 -1.42 5.29
N GLU A 15 13.50 -2.28 5.64
CA GLU A 15 13.40 -3.66 5.13
C GLU A 15 13.21 -3.67 3.59
N MET A 16 12.33 -2.82 3.08
CA MET A 16 12.02 -2.66 1.65
C MET A 16 13.05 -1.81 0.87
N GLY A 17 13.73 -0.88 1.53
CA GLY A 17 14.70 0.04 0.94
C GLY A 17 14.08 1.30 0.33
N LEU A 18 12.96 1.80 0.87
CA LEU A 18 12.25 2.99 0.35
C LEU A 18 13.07 4.29 0.42
N ASP A 19 14.19 4.30 1.15
CA ASP A 19 15.14 5.43 1.17
C ASP A 19 15.81 5.63 -0.22
N ARG A 20 15.75 4.62 -1.10
CA ARG A 20 16.27 4.66 -2.49
C ARG A 20 15.27 5.28 -3.49
N ILE A 21 14.01 5.54 -3.11
CA ILE A 21 12.99 6.18 -3.98
C ILE A 21 13.48 7.59 -4.40
N LYS A 22 13.00 8.06 -5.55
CA LYS A 22 13.26 9.41 -6.11
C LYS A 22 11.97 10.04 -6.63
N GLU A 23 11.13 9.25 -7.30
CA GLU A 23 9.80 9.61 -7.83
C GLU A 23 8.87 8.40 -7.64
N LEU A 24 7.65 8.64 -7.16
CA LEU A 24 6.66 7.59 -6.91
C LEU A 24 6.05 7.07 -8.25
N PRO A 25 6.15 5.77 -8.58
CA PRO A 25 5.60 5.23 -9.83
C PRO A 25 4.06 5.09 -9.79
N GLU A 26 3.46 4.83 -10.96
CA GLU A 26 2.01 4.63 -11.10
C GLU A 26 1.60 3.15 -10.97
N LEU A 27 0.35 2.97 -10.53
CA LEU A 27 -0.39 1.71 -10.43
C LEU A 27 -1.87 2.03 -10.71
N TRP A 28 -2.61 1.08 -11.29
CA TRP A 28 -4.02 1.26 -11.67
C TRP A 28 -4.93 0.12 -11.15
N LEU A 29 -4.94 -0.06 -9.83
CA LEU A 29 -5.73 -1.07 -9.11
C LEU A 29 -7.25 -0.91 -9.29
N GLY A 30 -7.71 0.26 -9.74
CA GLY A 30 -9.12 0.55 -10.03
C GLY A 30 -9.56 0.16 -11.45
N GLN A 31 -8.63 -0.37 -12.27
CA GLN A 31 -8.87 -0.78 -13.67
C GLN A 31 -8.47 -2.24 -13.91
N ASN A 32 -8.98 -2.81 -15.01
CA ASN A 32 -8.68 -4.20 -15.44
C ASN A 32 -7.17 -4.43 -15.71
N GLU A 33 -6.42 -3.36 -16.00
CA GLU A 33 -4.98 -3.37 -16.26
C GLU A 33 -4.13 -3.98 -15.14
N PHE A 34 -4.57 -3.87 -13.87
CA PHE A 34 -3.86 -4.45 -12.72
C PHE A 34 -4.78 -4.89 -11.59
N ASP A 35 -5.40 -6.05 -11.77
CA ASP A 35 -6.20 -6.72 -10.74
C ASP A 35 -5.25 -7.44 -9.76
N PHE A 36 -4.59 -6.62 -8.94
CA PHE A 36 -3.53 -6.87 -7.94
C PHE A 36 -3.55 -8.16 -7.11
N MET A 37 -4.71 -8.80 -6.94
CA MET A 37 -4.86 -10.04 -6.16
C MET A 37 -5.59 -11.17 -6.92
N THR A 38 -5.88 -10.98 -8.22
CA THR A 38 -6.52 -12.03 -9.04
C THR A 38 -5.62 -13.26 -9.23
N ASP A 39 -6.24 -14.43 -9.42
CA ASP A 39 -5.57 -15.72 -9.66
C ASP A 39 -6.52 -16.68 -10.42
N PHE A 40 -6.01 -17.83 -10.89
CA PHE A 40 -6.74 -18.85 -11.64
C PHE A 40 -6.66 -20.23 -10.96
N VAL A 41 -7.27 -20.29 -9.77
CA VAL A 41 -7.34 -21.49 -8.90
C VAL A 41 -8.60 -22.34 -9.13
N CYS A 42 -9.41 -21.99 -10.14
CA CYS A 42 -10.64 -22.66 -10.53
C CYS A 42 -10.38 -24.02 -11.23
N LYS A 43 -10.35 -25.10 -10.46
CA LYS A 43 -10.10 -26.49 -10.90
C LYS A 43 -10.96 -27.55 -10.19
N GLN A 44 -11.85 -27.12 -9.31
CA GLN A 44 -12.76 -27.94 -8.49
C GLN A 44 -13.89 -28.56 -9.35
N GLN A 45 -14.58 -29.57 -8.81
CA GLN A 45 -15.68 -30.28 -9.47
C GLN A 45 -16.75 -30.71 -8.44
N PRO A 46 -18.05 -30.40 -8.64
CA PRO A 46 -19.13 -30.78 -7.73
C PRO A 46 -19.21 -32.26 -7.39
N SER A 47 -19.70 -32.55 -6.20
CA SER A 47 -19.94 -33.88 -5.62
C SER A 47 -21.11 -33.82 -4.62
N ARG A 48 -21.41 -34.95 -3.96
CA ARG A 48 -22.49 -35.14 -2.96
C ARG A 48 -22.33 -34.32 -1.66
N VAL A 49 -21.36 -33.39 -1.60
CA VAL A 49 -21.03 -32.55 -0.42
C VAL A 49 -20.78 -31.07 -0.75
N SER A 50 -20.76 -30.68 -2.03
CA SER A 50 -20.52 -29.31 -2.51
C SER A 50 -21.60 -28.31 -2.10
N ALA B 1 -1.15 -22.60 -19.99
CA ALA B 1 -2.28 -22.83 -19.06
C ALA B 1 -2.52 -21.60 -18.17
N THR B 2 -1.80 -21.48 -17.05
CA THR B 2 -1.89 -20.32 -16.12
C THR B 2 -1.34 -19.03 -16.73
N GLY B 3 -1.74 -17.88 -16.16
CA GLY B 3 -1.32 -16.54 -16.62
C GLY B 3 -2.12 -15.40 -15.95
N PRO B 4 -2.02 -15.21 -14.63
CA PRO B 4 -2.77 -14.18 -13.91
C PRO B 4 -2.33 -12.75 -14.26
N THR B 5 -3.27 -11.82 -14.10
CA THR B 5 -3.14 -10.37 -14.36
C THR B 5 -2.41 -9.63 -13.21
N ALA B 6 -2.21 -10.27 -12.07
CA ALA B 6 -1.49 -9.74 -10.90
C ALA B 6 0.05 -9.68 -11.14
N ASP B 7 0.50 -8.74 -11.98
CA ASP B 7 1.91 -8.51 -12.35
C ASP B 7 2.86 -8.40 -11.13
N PRO B 8 4.05 -9.04 -11.15
CA PRO B 8 4.99 -9.06 -10.04
C PRO B 8 5.68 -7.73 -9.73
N GLU B 9 5.99 -6.89 -10.73
CA GLU B 9 6.60 -5.57 -10.50
C GLU B 9 5.55 -4.62 -9.92
N LYS B 10 4.31 -4.67 -10.42
CA LYS B 10 3.20 -3.90 -9.84
C LYS B 10 2.92 -4.38 -8.40
N ARG B 11 3.01 -5.68 -8.10
CA ARG B 11 2.89 -6.20 -6.71
C ARG B 11 4.05 -5.75 -5.81
N LYS B 12 5.29 -5.72 -6.31
CA LYS B 12 6.44 -5.15 -5.58
C LYS B 12 6.16 -3.68 -5.23
N LEU B 13 5.53 -2.95 -6.16
CA LEU B 13 5.05 -1.59 -5.92
C LEU B 13 3.88 -1.52 -4.91
N ILE B 14 2.87 -2.41 -4.89
CA ILE B 14 1.82 -2.33 -3.84
C ILE B 14 2.40 -2.44 -2.43
N GLN B 15 3.42 -3.28 -2.25
CA GLN B 15 4.14 -3.42 -0.97
C GLN B 15 4.85 -2.11 -0.60
N GLN B 16 5.41 -1.39 -1.58
CA GLN B 16 6.02 -0.07 -1.39
C GLN B 16 4.97 1.01 -1.09
N GLN B 17 3.80 0.97 -1.76
CA GLN B 17 2.70 1.92 -1.52
C GLN B 17 2.15 1.74 -0.10
N LEU B 18 1.88 0.49 0.30
CA LEU B 18 1.39 0.07 1.61
C LEU B 18 2.18 0.69 2.76
N VAL B 19 3.51 0.52 2.77
CA VAL B 19 4.41 1.04 3.81
C VAL B 19 4.32 2.57 3.94
N LEU B 20 4.38 3.30 2.82
CA LEU B 20 4.26 4.76 2.83
C LEU B 20 2.86 5.24 3.27
N LEU B 21 1.81 4.57 2.81
CA LEU B 21 0.40 4.83 3.11
C LEU B 21 0.12 4.67 4.62
N LEU B 22 0.55 3.56 5.21
CA LEU B 22 0.43 3.31 6.65
C LEU B 22 1.28 4.29 7.47
N HIS B 23 2.47 4.67 6.98
CA HIS B 23 3.28 5.70 7.64
C HIS B 23 2.56 7.06 7.59
N ALA B 24 2.06 7.48 6.42
CA ALA B 24 1.32 8.73 6.28
C ALA B 24 0.05 8.75 7.16
N HIS B 25 -0.62 7.63 7.37
CA HIS B 25 -1.78 7.53 8.28
C HIS B 25 -1.40 7.89 9.72
N LYS B 26 -0.20 7.48 10.19
CA LYS B 26 0.36 7.83 11.51
C LYS B 26 0.85 9.29 11.53
N CYS B 27 1.65 9.67 10.54
CA CYS B 27 2.26 10.98 10.37
C CYS B 27 1.22 12.12 10.27
N GLN B 28 0.14 11.91 9.51
CA GLN B 28 -0.97 12.88 9.37
C GLN B 28 -1.81 12.99 10.65
N ARG B 29 -2.00 11.90 11.39
CA ARG B 29 -2.68 11.90 12.69
C ARG B 29 -1.90 12.75 13.71
N ARG B 30 -0.57 12.65 13.70
CA ARG B 30 0.34 13.48 14.52
C ARG B 30 0.35 14.93 14.03
N GLU B 31 0.40 15.16 12.71
CA GLU B 31 0.38 16.49 12.08
C GLU B 31 -0.78 17.35 12.62
N GLN B 32 -2.00 16.82 12.52
CA GLN B 32 -3.24 17.45 13.00
C GLN B 32 -3.26 17.77 14.51
N ALA B 33 -2.37 17.18 15.32
CA ALA B 33 -2.29 17.42 16.75
C ALA B 33 -1.65 18.78 17.13
N ASN B 34 -0.86 19.39 16.24
CA ASN B 34 -0.18 20.68 16.50
C ASN B 34 0.01 21.59 15.27
N GLY B 35 -0.08 21.06 14.04
CA GLY B 35 0.07 21.81 12.78
C GLY B 35 1.50 22.29 12.44
N GLU B 36 2.52 21.81 13.15
CA GLU B 36 3.94 22.18 12.97
C GLU B 36 4.93 21.01 13.17
N VAL B 37 4.43 19.77 13.17
CA VAL B 37 5.22 18.53 13.39
C VAL B 37 6.25 18.31 12.28
N ARG B 38 7.50 18.07 12.69
CA ARG B 38 8.68 17.83 11.82
C ARG B 38 9.50 16.58 12.23
N ALA B 39 8.86 15.68 13.00
CA ALA B 39 9.45 14.43 13.48
C ALA B 39 9.73 13.38 12.38
N CYS B 40 9.16 13.55 11.18
CA CYS B 40 9.35 12.67 10.02
C CYS B 40 10.82 12.65 9.53
N SER B 41 11.21 11.61 8.79
CA SER B 41 12.59 11.40 8.30
C SER B 41 12.71 10.85 6.88
N LEU B 42 11.61 10.81 6.10
CA LEU B 42 11.57 10.33 4.72
C LEU B 42 10.67 11.26 3.87
N PRO B 43 11.18 11.89 2.77
CA PRO B 43 10.42 12.88 2.01
C PRO B 43 9.20 12.33 1.23
N HIS B 44 9.26 11.09 0.74
CA HIS B 44 8.16 10.46 -0.03
C HIS B 44 6.86 10.28 0.78
N CYS B 45 6.93 10.40 2.11
CA CYS B 45 5.79 10.41 3.02
C CYS B 45 4.81 11.54 2.65
N ARG B 46 5.35 12.72 2.30
CA ARG B 46 4.60 13.91 1.85
C ARG B 46 3.67 13.59 0.67
N THR B 47 4.14 12.77 -0.27
CA THR B 47 3.35 12.33 -1.44
C THR B 47 2.11 11.58 -0.98
N MET B 48 2.25 10.60 -0.07
CA MET B 48 1.11 9.87 0.50
C MET B 48 0.22 10.80 1.33
N LYS B 49 0.75 11.61 2.25
CA LYS B 49 -0.04 12.58 3.06
C LYS B 49 -0.93 13.50 2.20
N ASN B 50 -0.42 13.96 1.06
CA ASN B 50 -1.17 14.77 0.09
C ASN B 50 -2.27 13.97 -0.65
N VAL B 51 -2.04 12.68 -0.86
CA VAL B 51 -2.98 11.73 -1.51
C VAL B 51 -4.06 11.23 -0.55
N LEU B 52 -3.76 11.06 0.74
CA LEU B 52 -4.72 10.54 1.74
C LEU B 52 -5.98 11.39 1.86
N ASN B 53 -5.80 12.71 1.97
CA ASN B 53 -6.91 13.66 2.08
C ASN B 53 -7.75 13.75 0.79
N HIS B 54 -7.13 13.45 -0.34
CA HIS B 54 -7.80 13.36 -1.63
C HIS B 54 -8.62 12.05 -1.71
N MET B 55 -8.02 10.88 -1.48
CA MET B 55 -8.72 9.58 -1.63
C MET B 55 -9.85 9.35 -0.61
N THR B 56 -9.80 10.02 0.55
CA THR B 56 -10.88 9.95 1.56
C THR B 56 -12.13 10.77 1.19
N HIS B 57 -12.07 11.61 0.13
CA HIS B 57 -13.18 12.47 -0.32
C HIS B 57 -13.49 12.38 -1.84
N CYS B 58 -12.55 11.92 -2.66
CA CYS B 58 -12.69 11.75 -4.11
C CYS B 58 -13.85 10.81 -4.50
N GLN B 59 -14.50 11.08 -5.64
CA GLN B 59 -15.63 10.31 -6.17
C GLN B 59 -15.45 9.87 -7.64
N ALA B 60 -14.31 10.18 -8.28
CA ALA B 60 -14.04 9.78 -9.67
C ALA B 60 -13.60 8.31 -9.83
N GLY B 61 -13.20 7.64 -8.73
CA GLY B 61 -12.80 6.23 -8.67
C GLY B 61 -11.97 5.72 -9.85
N LYS B 62 -12.54 4.81 -10.66
CA LYS B 62 -11.92 4.21 -11.86
C LYS B 62 -11.45 5.23 -12.91
N ALA B 63 -12.03 6.42 -12.93
CA ALA B 63 -11.71 7.52 -13.86
C ALA B 63 -10.85 8.64 -13.22
N CYS B 64 -10.50 8.54 -11.93
CA CYS B 64 -9.65 9.51 -11.24
C CYS B 64 -8.23 9.49 -11.84
N GLN B 65 -7.81 10.61 -12.43
CA GLN B 65 -6.48 10.78 -13.05
C GLN B 65 -5.32 10.69 -12.04
N VAL B 66 -5.61 10.83 -10.75
CA VAL B 66 -4.63 10.68 -9.66
C VAL B 66 -4.46 9.18 -9.39
N ALA B 67 -3.52 8.55 -10.10
CA ALA B 67 -3.25 7.11 -10.00
C ALA B 67 -3.02 6.66 -8.54
N HIS B 68 -2.29 7.48 -7.77
CA HIS B 68 -1.98 7.23 -6.36
C HIS B 68 -3.24 7.18 -5.46
N CYS B 69 -4.30 7.94 -5.78
CA CYS B 69 -5.57 7.95 -5.06
C CYS B 69 -6.29 6.60 -5.23
N ALA B 70 -6.57 6.21 -6.47
CA ALA B 70 -7.21 4.92 -6.76
C ALA B 70 -6.37 3.73 -6.26
N SER B 71 -5.03 3.85 -6.33
CA SER B 71 -4.10 2.84 -5.83
C SER B 71 -4.20 2.70 -4.31
N SER B 72 -3.89 3.75 -3.53
CA SER B 72 -3.96 3.76 -2.06
C SER B 72 -5.33 3.32 -1.52
N ARG B 73 -6.41 3.76 -2.17
CA ARG B 73 -7.80 3.41 -1.85
C ARG B 73 -8.09 1.91 -1.98
N GLN B 74 -7.42 1.22 -2.91
CA GLN B 74 -7.52 -0.24 -3.08
C GLN B 74 -6.63 -1.00 -2.07
N ILE B 75 -5.46 -0.47 -1.67
CA ILE B 75 -4.55 -1.13 -0.72
C ILE B 75 -5.25 -1.41 0.63
N ILE B 76 -5.83 -0.40 1.29
CA ILE B 76 -6.53 -0.64 2.57
C ILE B 76 -7.81 -1.48 2.38
N SER B 77 -8.50 -1.35 1.23
CA SER B 77 -9.68 -2.17 0.93
C SER B 77 -9.34 -3.66 0.92
N HIS B 78 -8.15 -4.03 0.42
CA HIS B 78 -7.65 -5.40 0.49
C HIS B 78 -7.28 -5.77 1.94
N TRP B 79 -6.38 -5.00 2.56
CA TRP B 79 -5.85 -5.26 3.91
C TRP B 79 -6.93 -5.46 4.98
N LYS B 80 -7.99 -4.64 4.95
CA LYS B 80 -9.12 -4.71 5.88
C LYS B 80 -9.92 -6.01 5.77
N ASN B 81 -10.19 -6.50 4.56
CA ASN B 81 -10.95 -7.74 4.33
C ASN B 81 -10.13 -9.05 4.41
N CYS B 82 -8.81 -9.01 4.13
CA CYS B 82 -7.92 -10.18 4.13
C CYS B 82 -7.83 -10.89 5.51
N THR B 83 -7.72 -12.22 5.47
CA THR B 83 -7.60 -13.13 6.64
C THR B 83 -6.58 -14.25 6.42
N ARG B 84 -5.79 -14.19 5.34
CA ARG B 84 -4.76 -15.17 4.96
C ARG B 84 -3.54 -15.16 5.90
N HIS B 85 -2.67 -16.16 5.75
CA HIS B 85 -1.45 -16.35 6.55
C HIS B 85 -0.13 -16.29 5.74
N ASP B 86 -0.22 -16.09 4.42
CA ASP B 86 0.91 -16.02 3.47
C ASP B 86 0.76 -14.87 2.44
N CYS B 87 -0.14 -13.93 2.71
CA CYS B 87 -0.47 -12.78 1.87
C CYS B 87 0.73 -11.85 1.59
N PRO B 88 1.03 -11.49 0.33
CA PRO B 88 2.10 -10.54 -0.02
C PRO B 88 2.00 -9.17 0.66
N VAL B 89 0.83 -8.77 1.16
CA VAL B 89 0.57 -7.48 1.81
C VAL B 89 0.50 -7.63 3.34
N CYS B 90 -0.34 -8.54 3.85
CA CYS B 90 -0.55 -8.71 5.27
C CYS B 90 0.61 -9.41 6.01
N LEU B 91 1.31 -10.37 5.38
CA LEU B 91 2.45 -11.08 5.98
C LEU B 91 3.60 -10.14 6.40
N PRO B 92 4.20 -9.33 5.50
CA PRO B 92 5.30 -8.43 5.89
C PRO B 92 4.87 -7.40 6.94
N LEU B 93 3.67 -6.84 6.81
CA LEU B 93 3.12 -5.87 7.77
C LEU B 93 2.97 -6.47 9.18
N LYS B 94 2.48 -7.71 9.28
CA LYS B 94 2.35 -8.45 10.56
C LYS B 94 3.71 -8.82 11.14
N ASN B 95 4.65 -9.29 10.31
CA ASN B 95 6.00 -9.66 10.74
C ASN B 95 6.79 -8.46 11.27
N ALA B 96 6.67 -7.28 10.65
CA ALA B 96 7.35 -6.05 11.05
C ALA B 96 7.04 -5.61 12.49
N SER B 97 5.86 -5.93 13.02
CA SER B 97 5.43 -5.58 14.39
C SER B 97 6.36 -6.09 15.48
N ASP B 98 7.18 -7.12 15.19
CA ASP B 98 8.20 -7.66 16.11
C ASP B 98 9.26 -6.60 16.53
N LYS B 99 9.45 -5.56 15.72
CA LYS B 99 10.42 -4.47 15.96
C LYS B 99 10.01 -3.49 17.08
N ARG B 100 8.76 -3.53 17.55
CA ARG B 100 8.25 -2.67 18.65
C ARG B 100 8.99 -2.91 19.98
ZN ZN C . 5.93 10.91 7.78
ZN ZN D . -9.09 10.70 -6.62
ZN ZN E . -3.86 -9.61 2.61
N THR A 1 -1.00 -2.44 23.76
CA THR A 1 -0.90 -2.25 22.29
C THR A 1 -1.47 -3.44 21.55
N ASP A 2 -2.37 -3.21 20.60
CA ASP A 2 -3.05 -4.25 19.79
C ASP A 2 -3.16 -3.89 18.29
N PHE A 3 -2.36 -2.93 17.83
CA PHE A 3 -2.30 -2.44 16.45
C PHE A 3 -0.89 -1.92 16.09
N ILE A 4 -0.69 -1.64 14.79
CA ILE A 4 0.52 -1.06 14.18
C ILE A 4 0.86 0.31 14.80
N ASP A 5 2.13 0.71 14.75
CA ASP A 5 2.60 2.01 15.26
C ASP A 5 3.57 2.69 14.29
N GLU A 6 3.81 3.99 14.46
CA GLU A 6 4.68 4.77 13.56
C GLU A 6 6.08 4.16 13.38
N GLU A 7 6.67 3.61 14.45
CA GLU A 7 7.99 2.96 14.38
C GLU A 7 7.94 1.63 13.60
N VAL A 8 6.81 0.93 13.60
CA VAL A 8 6.60 -0.29 12.81
C VAL A 8 6.63 0.04 11.32
N LEU A 9 5.98 1.14 10.91
CA LEU A 9 6.05 1.58 9.51
C LEU A 9 7.46 2.07 9.16
N MET A 10 8.13 2.83 10.04
CA MET A 10 9.52 3.28 9.79
C MET A 10 10.46 2.06 9.62
N SER A 11 10.28 0.99 10.39
CA SER A 11 11.05 -0.24 10.22
C SER A 11 10.78 -0.88 8.85
N LEU A 12 9.53 -0.88 8.36
CA LEU A 12 9.18 -1.39 7.03
C LEU A 12 9.70 -0.48 5.89
N VAL A 13 9.73 0.84 6.09
CA VAL A 13 10.32 1.82 5.16
C VAL A 13 11.80 1.47 4.95
N ILE A 14 12.51 1.18 6.04
CA ILE A 14 13.93 0.77 6.04
C ILE A 14 14.10 -0.63 5.44
N GLU A 15 13.20 -1.58 5.74
CA GLU A 15 13.20 -2.94 5.19
C GLU A 15 13.07 -2.93 3.65
N MET A 16 12.13 -2.14 3.13
CA MET A 16 11.88 -1.94 1.69
C MET A 16 12.90 -1.01 1.02
N GLY A 17 13.61 -0.18 1.78
CA GLY A 17 14.58 0.81 1.28
C GLY A 17 13.92 2.04 0.61
N LEU A 18 12.72 2.44 1.08
CA LEU A 18 11.95 3.54 0.49
C LEU A 18 12.61 4.93 0.64
N ASP A 19 13.65 5.05 1.46
CA ASP A 19 14.47 6.26 1.57
C ASP A 19 15.26 6.55 0.28
N ARG A 20 15.40 5.55 -0.61
CA ARG A 20 16.12 5.60 -1.90
C ARG A 20 15.23 6.01 -3.09
N ILE A 21 13.93 6.24 -2.88
CA ILE A 21 12.96 6.69 -3.90
C ILE A 21 13.36 8.10 -4.42
N LYS A 22 12.82 8.50 -5.59
CA LYS A 22 13.03 9.81 -6.22
C LYS A 22 11.69 10.42 -6.67
N GLU A 23 10.83 9.61 -7.28
CA GLU A 23 9.47 9.93 -7.72
C GLU A 23 8.61 8.66 -7.57
N LEU A 24 7.37 8.80 -7.07
CA LEU A 24 6.46 7.68 -6.85
C LEU A 24 5.87 7.18 -8.20
N PRO A 25 5.98 5.88 -8.56
CA PRO A 25 5.47 5.34 -9.82
C PRO A 25 3.94 5.18 -9.83
N GLU A 26 3.38 4.88 -11.01
CA GLU A 26 1.94 4.65 -11.22
C GLU A 26 1.52 3.19 -11.01
N LEU A 27 0.26 3.03 -10.59
CA LEU A 27 -0.46 1.77 -10.44
C LEU A 27 -1.94 2.03 -10.77
N TRP A 28 -2.65 1.06 -11.37
CA TRP A 28 -4.04 1.22 -11.81
C TRP A 28 -4.96 0.08 -11.33
N LEU A 29 -5.03 -0.10 -10.01
CA LEU A 29 -5.88 -1.09 -9.32
C LEU A 29 -7.38 -0.81 -9.51
N GLY A 30 -7.73 0.41 -9.95
CA GLY A 30 -9.11 0.84 -10.26
C GLY A 30 -9.50 0.56 -11.71
N GLN A 31 -8.69 -0.19 -12.46
CA GLN A 31 -8.87 -0.57 -13.86
C GLN A 31 -8.49 -2.05 -14.09
N ASN A 32 -8.90 -2.60 -15.24
CA ASN A 32 -8.56 -3.97 -15.65
C ASN A 32 -7.03 -4.15 -15.89
N GLU A 33 -6.29 -3.06 -16.09
CA GLU A 33 -4.85 -3.02 -16.35
C GLU A 33 -3.98 -3.72 -15.30
N PHE A 34 -4.40 -3.70 -14.03
CA PHE A 34 -3.69 -4.38 -12.94
C PHE A 34 -4.64 -4.92 -11.86
N ASP A 35 -5.22 -6.09 -12.14
CA ASP A 35 -6.05 -6.85 -11.21
C ASP A 35 -5.14 -7.58 -10.20
N PHE A 36 -4.54 -6.78 -9.31
CA PHE A 36 -3.53 -7.10 -8.29
C PHE A 36 -3.68 -8.40 -7.50
N MET A 37 -4.89 -8.94 -7.37
CA MET A 37 -5.18 -10.16 -6.61
C MET A 37 -5.85 -11.27 -7.44
N THR A 38 -5.88 -11.14 -8.78
CA THR A 38 -6.33 -12.23 -9.67
C THR A 38 -5.42 -13.46 -9.53
N ASP A 39 -5.97 -14.67 -9.67
CA ASP A 39 -5.24 -15.94 -9.52
C ASP A 39 -5.93 -17.09 -10.27
N PHE A 40 -5.22 -18.21 -10.48
CA PHE A 40 -5.79 -19.40 -11.11
C PHE A 40 -6.78 -20.08 -10.13
N VAL A 41 -7.99 -20.36 -10.63
CA VAL A 41 -9.13 -20.90 -9.84
C VAL A 41 -9.87 -22.03 -10.57
N CYS A 42 -9.14 -22.82 -11.37
CA CYS A 42 -9.64 -23.97 -12.12
C CYS A 42 -10.34 -25.01 -11.23
N LYS A 43 -11.33 -25.74 -11.79
CA LYS A 43 -12.16 -26.72 -11.06
C LYS A 43 -12.41 -28.01 -11.86
N GLN A 44 -13.01 -29.00 -11.20
CA GLN A 44 -13.38 -30.32 -11.73
C GLN A 44 -14.84 -30.65 -11.37
N GLN A 45 -15.38 -31.74 -11.91
CA GLN A 45 -16.77 -32.19 -11.68
C GLN A 45 -16.82 -33.50 -10.87
N PRO A 46 -17.75 -33.65 -9.91
CA PRO A 46 -17.89 -34.85 -9.08
C PRO A 46 -18.52 -36.03 -9.84
N SER A 47 -18.35 -37.23 -9.28
CA SER A 47 -18.88 -38.50 -9.84
C SER A 47 -19.60 -39.41 -8.80
N ARG A 48 -19.37 -39.18 -7.49
CA ARG A 48 -19.99 -39.92 -6.38
C ARG A 48 -21.45 -39.51 -6.07
N VAL A 49 -21.99 -38.53 -6.81
CA VAL A 49 -23.35 -37.97 -6.64
C VAL A 49 -24.47 -39.04 -6.66
N SER A 50 -24.26 -40.13 -7.41
CA SER A 50 -25.20 -41.27 -7.55
C SER A 50 -24.50 -42.63 -7.43
N ALA B 1 6.03 -23.41 -12.32
CA ALA B 1 5.77 -22.04 -12.80
C ALA B 1 6.49 -20.99 -11.92
N THR B 2 6.86 -19.85 -12.51
CA THR B 2 7.57 -18.74 -11.83
C THR B 2 6.71 -17.97 -10.81
N GLY B 3 5.38 -18.00 -10.97
CA GLY B 3 4.42 -17.31 -10.08
C GLY B 3 2.96 -17.40 -10.57
N PRO B 4 2.00 -16.87 -9.78
CA PRO B 4 0.58 -16.86 -10.13
C PRO B 4 0.25 -15.93 -11.31
N THR B 5 -1.02 -15.89 -11.70
CA THR B 5 -1.59 -15.14 -12.85
C THR B 5 -1.13 -13.68 -13.01
N ALA B 6 -0.85 -12.97 -11.91
CA ALA B 6 -0.37 -11.59 -11.92
C ALA B 6 0.59 -11.32 -10.74
N ASP B 7 1.90 -11.47 -10.96
CA ASP B 7 2.93 -11.26 -9.93
C ASP B 7 4.17 -10.49 -10.45
N PRO B 8 4.02 -9.27 -10.98
CA PRO B 8 5.10 -8.45 -11.54
C PRO B 8 5.58 -7.37 -10.56
N GLU B 9 6.38 -6.41 -11.03
CA GLU B 9 6.88 -5.26 -10.25
C GLU B 9 5.75 -4.41 -9.67
N LYS B 10 4.52 -4.48 -10.23
CA LYS B 10 3.35 -3.80 -9.67
C LYS B 10 3.04 -4.32 -8.25
N ARG B 11 3.27 -5.62 -7.93
CA ARG B 11 3.11 -6.15 -6.56
C ARG B 11 4.24 -5.72 -5.61
N LYS B 12 5.45 -5.49 -6.14
CA LYS B 12 6.56 -4.89 -5.38
C LYS B 12 6.18 -3.43 -5.04
N LEU B 13 5.52 -2.75 -5.96
CA LEU B 13 4.98 -1.40 -5.78
C LEU B 13 3.76 -1.36 -4.84
N ILE B 14 2.82 -2.32 -4.79
CA ILE B 14 1.72 -2.24 -3.79
C ILE B 14 2.27 -2.32 -2.37
N GLN B 15 3.33 -3.09 -2.14
CA GLN B 15 4.03 -3.18 -0.84
C GLN B 15 4.63 -1.81 -0.46
N GLN B 16 5.14 -1.07 -1.44
CA GLN B 16 5.65 0.29 -1.24
C GLN B 16 4.48 1.26 -0.97
N GLN B 17 3.39 1.19 -1.72
CA GLN B 17 2.21 2.05 -1.52
C GLN B 17 1.63 1.82 -0.11
N LEU B 18 1.46 0.56 0.28
CA LEU B 18 0.98 0.09 1.58
C LEU B 18 1.74 0.76 2.72
N VAL B 19 3.07 0.61 2.77
CA VAL B 19 3.94 1.19 3.81
C VAL B 19 3.81 2.71 3.89
N LEU B 20 3.85 3.41 2.76
CA LEU B 20 3.72 4.88 2.72
C LEU B 20 2.31 5.34 3.17
N LEU B 21 1.26 4.64 2.73
CA LEU B 21 -0.14 4.88 3.05
C LEU B 21 -0.40 4.70 4.56
N LEU B 22 0.07 3.58 5.13
CA LEU B 22 -0.02 3.29 6.56
C LEU B 22 0.70 4.37 7.36
N HIS B 23 1.93 4.74 6.95
CA HIS B 23 2.69 5.79 7.61
C HIS B 23 1.90 7.12 7.57
N ALA B 24 1.48 7.56 6.38
CA ALA B 24 0.73 8.80 6.20
C ALA B 24 -0.53 8.85 7.08
N HIS B 25 -1.30 7.76 7.15
CA HIS B 25 -2.51 7.69 7.98
C HIS B 25 -2.21 7.80 9.49
N LYS B 26 -1.05 7.30 9.94
CA LYS B 26 -0.59 7.36 11.34
C LYS B 26 -0.06 8.77 11.67
N CYS B 27 0.77 9.30 10.78
CA CYS B 27 1.44 10.62 10.75
C CYS B 27 0.48 11.83 10.82
N GLN B 28 -0.81 11.68 10.50
CA GLN B 28 -1.82 12.75 10.64
C GLN B 28 -1.89 13.34 12.07
N ARG B 29 -1.41 12.60 13.08
CA ARG B 29 -1.38 13.01 14.50
C ARG B 29 -0.21 13.95 14.84
N ARG B 30 0.92 13.88 14.11
CA ARG B 30 2.11 14.72 14.40
C ARG B 30 1.97 16.15 13.88
N GLU B 31 1.37 16.36 12.71
CA GLU B 31 1.18 17.71 12.16
C GLU B 31 0.34 18.61 13.07
N GLN B 32 -0.66 18.02 13.73
CA GLN B 32 -1.54 18.69 14.70
C GLN B 32 -0.84 19.10 16.00
N ALA B 33 0.38 18.58 16.27
CA ALA B 33 1.16 18.90 17.47
C ALA B 33 1.69 20.36 17.50
N ASN B 34 1.73 21.04 16.34
CA ASN B 34 2.16 22.43 16.20
C ASN B 34 1.45 23.20 15.06
N GLY B 35 1.05 22.53 13.98
CA GLY B 35 0.32 23.11 12.85
C GLY B 35 0.69 22.51 11.48
N GLU B 36 1.99 22.22 11.25
CA GLU B 36 2.50 21.71 9.96
C GLU B 36 3.75 20.79 10.09
N VAL B 37 3.95 20.13 11.23
CA VAL B 37 5.13 19.27 11.51
C VAL B 37 5.46 18.26 10.39
N ARG B 38 6.75 18.23 9.99
CA ARG B 38 7.36 17.35 8.96
C ARG B 38 8.62 16.66 9.51
N ALA B 39 8.57 16.23 10.77
CA ALA B 39 9.66 15.60 11.51
C ALA B 39 10.16 14.24 10.95
N CYS B 40 9.44 13.62 10.02
CA CYS B 40 9.76 12.34 9.39
C CYS B 40 11.16 12.29 8.76
N SER B 41 11.84 11.15 8.90
CA SER B 41 13.14 10.83 8.27
C SER B 41 12.97 10.33 6.81
N LEU B 42 11.77 10.51 6.25
CA LEU B 42 11.32 10.06 4.93
C LEU B 42 10.65 11.22 4.17
N PRO B 43 11.30 11.83 3.16
CA PRO B 43 10.73 12.95 2.40
C PRO B 43 9.53 12.54 1.52
N HIS B 44 9.38 11.26 1.21
CA HIS B 44 8.31 10.68 0.39
C HIS B 44 6.95 10.59 1.13
N CYS B 45 6.94 10.76 2.46
CA CYS B 45 5.75 10.76 3.31
C CYS B 45 4.68 11.76 2.81
N ARG B 46 5.13 12.99 2.46
CA ARG B 46 4.33 14.10 1.94
C ARG B 46 3.40 13.70 0.79
N THR B 47 3.86 12.84 -0.11
CA THR B 47 3.09 12.35 -1.26
C THR B 47 1.83 11.62 -0.80
N MET B 48 1.95 10.62 0.09
CA MET B 48 0.77 9.93 0.61
C MET B 48 -0.08 10.85 1.49
N LYS B 49 0.48 11.69 2.36
CA LYS B 49 -0.29 12.67 3.16
C LYS B 49 -1.23 13.52 2.29
N ASN B 50 -0.75 13.96 1.12
CA ASN B 50 -1.55 14.71 0.14
C ASN B 50 -2.62 13.81 -0.53
N VAL B 51 -2.23 12.61 -0.96
CA VAL B 51 -3.12 11.62 -1.60
C VAL B 51 -4.24 11.16 -0.66
N LEU B 52 -4.00 11.02 0.64
CA LEU B 52 -5.02 10.60 1.62
C LEU B 52 -6.20 11.58 1.66
N ASN B 53 -5.89 12.88 1.71
CA ASN B 53 -6.89 13.94 1.71
C ASN B 53 -7.76 13.92 0.43
N HIS B 54 -7.20 13.43 -0.68
CA HIS B 54 -7.90 13.26 -1.96
C HIS B 54 -8.76 11.98 -1.99
N MET B 55 -8.15 10.79 -1.79
CA MET B 55 -8.83 9.48 -1.84
C MET B 55 -9.97 9.30 -0.82
N THR B 56 -9.96 10.03 0.30
CA THR B 56 -11.03 9.99 1.32
C THR B 56 -12.30 10.74 0.90
N HIS B 57 -12.26 11.53 -0.18
CA HIS B 57 -13.40 12.30 -0.69
C HIS B 57 -13.71 12.04 -2.19
N CYS B 58 -12.71 11.60 -2.97
CA CYS B 58 -12.84 11.26 -4.39
C CYS B 58 -13.77 10.05 -4.61
N GLN B 59 -14.35 9.97 -5.81
CA GLN B 59 -15.25 8.89 -6.27
C GLN B 59 -15.08 8.61 -7.78
N ALA B 60 -14.03 9.15 -8.42
CA ALA B 60 -13.76 9.02 -9.86
C ALA B 60 -12.91 7.81 -10.27
N GLY B 61 -12.41 6.99 -9.32
CA GLY B 61 -11.53 5.81 -9.45
C GLY B 61 -11.20 5.25 -10.85
N LYS B 62 -12.20 4.82 -11.62
CA LYS B 62 -12.07 4.27 -12.99
C LYS B 62 -11.43 5.22 -14.00
N ALA B 63 -11.60 6.53 -13.80
CA ALA B 63 -11.10 7.60 -14.66
C ALA B 63 -10.28 8.69 -13.91
N CYS B 64 -10.16 8.60 -12.57
CA CYS B 64 -9.39 9.53 -11.74
C CYS B 64 -7.92 9.54 -12.20
N GLN B 65 -7.45 10.66 -12.76
CA GLN B 65 -6.10 10.81 -13.29
C GLN B 65 -4.98 10.66 -12.24
N VAL B 66 -5.34 10.78 -10.96
CA VAL B 66 -4.42 10.57 -9.83
C VAL B 66 -4.29 9.06 -9.59
N ALA B 67 -3.32 8.41 -10.25
CA ALA B 67 -3.08 6.98 -10.14
C ALA B 67 -2.90 6.52 -8.67
N HIS B 68 -2.23 7.34 -7.85
CA HIS B 68 -1.99 7.10 -6.43
C HIS B 68 -3.29 7.04 -5.60
N CYS B 69 -4.32 7.83 -5.97
CA CYS B 69 -5.64 7.85 -5.32
C CYS B 69 -6.33 6.50 -5.55
N ALA B 70 -6.52 6.09 -6.81
CA ALA B 70 -7.14 4.80 -7.13
C ALA B 70 -6.35 3.61 -6.54
N SER B 71 -5.02 3.70 -6.49
CA SER B 71 -4.16 2.68 -5.89
C SER B 71 -4.38 2.59 -4.38
N SER B 72 -4.13 3.66 -3.62
CA SER B 72 -4.31 3.70 -2.16
C SER B 72 -5.72 3.31 -1.72
N ARG B 73 -6.75 3.76 -2.47
CA ARG B 73 -8.17 3.42 -2.25
C ARG B 73 -8.45 1.92 -2.34
N GLN B 74 -7.66 1.18 -3.14
CA GLN B 74 -7.76 -0.28 -3.31
C GLN B 74 -6.87 -1.08 -2.33
N ILE B 75 -5.71 -0.58 -1.89
CA ILE B 75 -4.80 -1.32 -0.97
C ILE B 75 -5.51 -1.79 0.31
N ILE B 76 -6.20 -0.87 1.02
CA ILE B 76 -6.92 -1.26 2.25
C ILE B 76 -8.11 -2.20 1.98
N SER B 77 -8.74 -2.10 0.82
CA SER B 77 -9.85 -3.00 0.42
C SER B 77 -9.36 -4.44 0.36
N HIS B 78 -8.14 -4.68 -0.13
CA HIS B 78 -7.54 -6.02 -0.09
C HIS B 78 -7.24 -6.41 1.37
N TRP B 79 -6.47 -5.59 2.09
CA TRP B 79 -5.99 -5.87 3.45
C TRP B 79 -7.12 -6.21 4.44
N LYS B 80 -8.24 -5.48 4.39
CA LYS B 80 -9.43 -5.71 5.24
C LYS B 80 -10.17 -7.01 4.89
N ASN B 81 -10.19 -7.38 3.61
CA ASN B 81 -10.84 -8.58 3.07
C ASN B 81 -10.00 -9.88 3.26
N CYS B 82 -8.67 -9.76 3.27
CA CYS B 82 -7.70 -10.86 3.41
C CYS B 82 -7.77 -11.59 4.78
N THR B 83 -6.91 -12.61 4.94
CA THR B 83 -6.84 -13.50 6.12
C THR B 83 -5.40 -13.67 6.66
N ARG B 84 -5.21 -14.53 7.66
CA ARG B 84 -3.93 -14.84 8.35
C ARG B 84 -2.85 -15.50 7.47
N HIS B 85 -3.12 -15.78 6.20
CA HIS B 85 -2.20 -16.41 5.24
C HIS B 85 -0.92 -15.59 4.98
N ASP B 86 0.07 -16.24 4.36
CA ASP B 86 1.38 -15.72 3.93
C ASP B 86 1.32 -14.76 2.72
N CYS B 87 0.29 -13.91 2.69
CA CYS B 87 -0.02 -12.92 1.65
C CYS B 87 1.09 -11.86 1.45
N PRO B 88 1.48 -11.50 0.22
CA PRO B 88 2.47 -10.46 -0.08
C PRO B 88 2.27 -9.10 0.60
N VAL B 89 1.06 -8.77 1.06
CA VAL B 89 0.73 -7.51 1.75
C VAL B 89 0.67 -7.69 3.26
N CYS B 90 -0.10 -8.68 3.73
CA CYS B 90 -0.32 -8.91 5.15
C CYS B 90 0.89 -9.52 5.89
N LEU B 91 1.62 -10.44 5.26
CA LEU B 91 2.80 -11.10 5.85
C LEU B 91 3.91 -10.12 6.31
N PRO B 92 4.45 -9.22 5.46
CA PRO B 92 5.51 -8.31 5.90
C PRO B 92 5.03 -7.34 6.98
N LEU B 93 3.79 -6.83 6.90
CA LEU B 93 3.20 -5.93 7.89
C LEU B 93 3.07 -6.62 9.27
N LYS B 94 2.65 -7.90 9.28
CA LYS B 94 2.56 -8.73 10.50
C LYS B 94 3.92 -8.98 11.13
N ASN B 95 4.96 -9.22 10.31
CA ASN B 95 6.33 -9.43 10.79
C ASN B 95 6.98 -8.14 11.31
N ALA B 96 6.76 -7.00 10.63
CA ALA B 96 7.29 -5.68 11.02
C ALA B 96 6.75 -5.23 12.39
N SER B 97 5.56 -5.68 12.78
CA SER B 97 4.89 -5.39 14.06
C SER B 97 5.69 -5.84 15.30
N ASP B 98 6.74 -6.64 15.12
CA ASP B 98 7.67 -7.13 16.16
C ASP B 98 8.26 -5.99 17.03
N LYS B 99 8.29 -4.75 16.53
CA LYS B 99 8.78 -3.55 17.24
C LYS B 99 7.90 -3.12 18.44
N ARG B 100 6.72 -3.71 18.64
CA ARG B 100 5.78 -3.43 19.75
C ARG B 100 5.55 -4.68 20.62
ZN ZN C . 5.15 11.12 8.15
ZN ZN D . -9.13 10.58 -6.98
ZN ZN E . -3.52 -10.02 2.11
N THR A 1 -2.09 -0.88 23.97
CA THR A 1 -2.28 -0.77 22.50
C THR A 1 -1.46 -1.82 21.77
N ASP A 2 -2.09 -2.62 20.91
CA ASP A 2 -1.47 -3.71 20.13
C ASP A 2 -1.37 -3.44 18.62
N PHE A 3 -1.97 -2.35 18.13
CA PHE A 3 -1.95 -1.93 16.73
C PHE A 3 -0.56 -1.41 16.28
N ILE A 4 -0.40 -1.27 14.97
CA ILE A 4 0.75 -0.73 14.25
C ILE A 4 1.09 0.69 14.74
N ASP A 5 2.37 1.04 14.76
CA ASP A 5 2.86 2.38 15.13
C ASP A 5 3.79 2.97 14.06
N GLU A 6 3.90 4.30 13.99
CA GLU A 6 4.74 5.01 13.02
C GLU A 6 6.19 4.51 12.96
N GLU A 7 6.77 4.10 14.10
CA GLU A 7 8.12 3.52 14.17
C GLU A 7 8.20 2.16 13.47
N VAL A 8 7.11 1.39 13.46
CA VAL A 8 7.00 0.10 12.76
C VAL A 8 6.98 0.33 11.25
N LEU A 9 6.27 1.37 10.74
CA LEU A 9 6.33 1.71 9.31
C LEU A 9 7.71 2.23 8.92
N MET A 10 8.35 3.07 9.74
CA MET A 10 9.73 3.55 9.47
C MET A 10 10.73 2.38 9.47
N SER A 11 10.50 1.35 10.29
CA SER A 11 11.32 0.13 10.27
C SER A 11 11.11 -0.63 8.96
N LEU A 12 9.87 -0.72 8.44
CA LEU A 12 9.57 -1.35 7.16
C LEU A 12 10.12 -0.55 5.96
N VAL A 13 10.16 0.79 6.05
CA VAL A 13 10.80 1.68 5.06
C VAL A 13 12.26 1.28 4.91
N ILE A 14 12.96 1.10 6.04
CA ILE A 14 14.36 0.69 6.11
C ILE A 14 14.53 -0.77 5.63
N GLU A 15 13.63 -1.68 6.01
CA GLU A 15 13.63 -3.09 5.59
C GLU A 15 13.51 -3.23 4.06
N MET A 16 12.62 -2.45 3.44
CA MET A 16 12.39 -2.39 1.99
C MET A 16 13.42 -1.55 1.23
N GLY A 17 14.19 -0.69 1.93
CA GLY A 17 15.20 0.19 1.35
C GLY A 17 14.58 1.40 0.61
N LEU A 18 13.43 1.91 1.09
CA LEU A 18 12.71 3.02 0.45
C LEU A 18 13.38 4.39 0.62
N ASP A 19 14.52 4.48 1.31
CA ASP A 19 15.35 5.69 1.38
C ASP A 19 15.85 6.10 -0.04
N ARG A 20 15.78 5.16 -0.99
CA ARG A 20 16.18 5.25 -2.40
C ARG A 20 15.11 5.81 -3.35
N ILE A 21 13.83 5.92 -2.95
CA ILE A 21 12.78 6.44 -3.84
C ILE A 21 13.09 7.90 -4.24
N LYS A 22 13.05 8.19 -5.55
CA LYS A 22 13.31 9.52 -6.13
C LYS A 22 12.01 10.18 -6.61
N GLU A 23 11.11 9.37 -7.16
CA GLU A 23 9.76 9.72 -7.60
C GLU A 23 8.87 8.47 -7.48
N LEU A 24 7.76 8.58 -6.74
CA LEU A 24 6.78 7.50 -6.53
C LEU A 24 6.21 7.01 -7.89
N PRO A 25 6.36 5.72 -8.27
CA PRO A 25 5.86 5.20 -9.54
C PRO A 25 4.32 5.05 -9.58
N GLU A 26 3.77 4.82 -10.77
CA GLU A 26 2.34 4.62 -10.99
C GLU A 26 1.91 3.14 -10.93
N LEU A 27 0.64 2.94 -10.55
CA LEU A 27 -0.10 1.69 -10.54
C LEU A 27 -1.57 2.05 -10.86
N TRP A 28 -2.31 1.15 -11.52
CA TRP A 28 -3.70 1.38 -11.94
C TRP A 28 -4.59 0.18 -11.55
N LEU A 29 -4.72 -0.07 -10.25
CA LEU A 29 -5.51 -1.17 -9.68
C LEU A 29 -7.01 -1.12 -10.06
N GLY A 30 -7.53 0.07 -10.38
CA GLY A 30 -8.91 0.26 -10.84
C GLY A 30 -9.14 -0.22 -12.28
N GLN A 31 -8.08 -0.32 -13.09
CA GLN A 31 -8.11 -0.77 -14.49
C GLN A 31 -7.76 -2.26 -14.63
N ASN A 32 -8.12 -2.85 -15.77
CA ASN A 32 -7.85 -4.25 -16.10
C ASN A 32 -6.33 -4.56 -16.20
N GLU A 33 -5.50 -3.54 -16.45
CA GLU A 33 -4.04 -3.61 -16.62
C GLU A 33 -3.26 -4.18 -15.43
N PHE A 34 -3.78 -4.05 -14.20
CA PHE A 34 -3.15 -4.58 -12.99
C PHE A 34 -4.21 -4.95 -11.93
N ASP A 35 -4.87 -6.07 -12.14
CA ASP A 35 -5.87 -6.62 -11.21
C ASP A 35 -5.15 -7.44 -10.10
N PHE A 36 -4.38 -6.69 -9.31
CA PHE A 36 -3.43 -7.02 -8.24
C PHE A 36 -3.55 -8.35 -7.47
N MET A 37 -4.76 -8.85 -7.21
CA MET A 37 -5.00 -10.08 -6.46
C MET A 37 -6.03 -11.02 -7.11
N THR A 38 -6.49 -10.75 -8.35
CA THR A 38 -7.52 -11.60 -9.00
C THR A 38 -7.08 -13.04 -9.31
N ASP A 39 -5.81 -13.25 -9.68
CA ASP A 39 -5.29 -14.58 -10.07
C ASP A 39 -3.84 -14.90 -9.68
N PHE A 40 -3.08 -13.97 -9.10
CA PHE A 40 -1.67 -14.20 -8.70
C PHE A 40 -1.53 -15.01 -7.38
N VAL A 41 -2.38 -16.02 -7.19
CA VAL A 41 -2.34 -16.94 -6.03
C VAL A 41 -1.16 -17.92 -6.10
N CYS A 42 -0.58 -18.08 -7.30
CA CYS A 42 0.60 -18.91 -7.60
C CYS A 42 1.90 -18.24 -7.10
N LYS A 43 1.99 -18.04 -5.77
CA LYS A 43 3.10 -17.37 -5.05
C LYS A 43 4.48 -17.81 -5.53
N GLN A 44 5.35 -16.84 -5.85
CA GLN A 44 6.74 -17.10 -6.25
C GLN A 44 7.53 -17.82 -5.15
N GLN A 45 8.45 -18.71 -5.52
CA GLN A 45 9.26 -19.50 -4.57
C GLN A 45 10.13 -18.63 -3.63
N PRO A 46 10.27 -18.99 -2.34
CA PRO A 46 11.07 -18.26 -1.36
C PRO A 46 12.58 -18.44 -1.56
N SER A 47 13.38 -17.66 -0.82
CA SER A 47 14.85 -17.66 -0.88
C SER A 47 15.55 -17.56 0.48
N ARG A 48 15.05 -16.72 1.40
CA ARG A 48 15.63 -16.47 2.75
C ARG A 48 14.60 -16.48 3.90
N VAL A 49 13.36 -16.88 3.63
CA VAL A 49 12.24 -16.93 4.61
C VAL A 49 11.72 -18.36 4.88
N SER A 50 12.34 -19.37 4.26
CA SER A 50 12.03 -20.80 4.39
C SER A 50 12.09 -21.33 5.83
N ALA B 1 -1.17 -8.87 -26.20
CA ALA B 1 -1.09 -8.02 -24.98
C ALA B 1 0.37 -7.83 -24.55
N THR B 2 0.68 -6.69 -23.91
CA THR B 2 2.04 -6.35 -23.42
C THR B 2 2.50 -7.19 -22.21
N GLY B 3 1.56 -7.81 -21.46
CA GLY B 3 1.86 -8.64 -20.29
C GLY B 3 0.60 -9.25 -19.64
N PRO B 4 0.78 -10.09 -18.60
CA PRO B 4 -0.29 -10.76 -17.87
C PRO B 4 -1.17 -9.81 -17.03
N THR B 5 -2.28 -10.34 -16.53
CA THR B 5 -3.32 -9.68 -15.70
C THR B 5 -2.77 -8.98 -14.44
N ALA B 6 -1.68 -9.51 -13.87
CA ALA B 6 -0.97 -8.97 -12.72
C ALA B 6 0.54 -9.27 -12.86
N ASP B 7 1.41 -8.46 -12.25
CA ASP B 7 2.88 -8.55 -12.41
C ASP B 7 3.64 -8.35 -11.07
N PRO B 8 4.77 -9.05 -10.85
CA PRO B 8 5.53 -9.00 -9.60
C PRO B 8 6.14 -7.64 -9.23
N GLU B 9 6.54 -6.79 -10.18
CA GLU B 9 7.06 -5.44 -9.86
C GLU B 9 5.94 -4.55 -9.34
N LYS B 10 4.74 -4.67 -9.92
CA LYS B 10 3.56 -3.92 -9.47
C LYS B 10 3.11 -4.47 -8.09
N ARG B 11 3.19 -5.79 -7.86
CA ARG B 11 2.97 -6.40 -6.53
C ARG B 11 4.01 -5.97 -5.49
N LYS B 12 5.23 -5.62 -5.90
CA LYS B 12 6.29 -5.08 -5.03
C LYS B 12 6.01 -3.59 -4.73
N LEU B 13 5.55 -2.83 -5.73
CA LEU B 13 5.14 -1.45 -5.57
C LEU B 13 3.90 -1.28 -4.67
N ILE B 14 2.92 -2.20 -4.65
CA ILE B 14 1.81 -2.09 -3.68
C ILE B 14 2.33 -2.23 -2.24
N GLN B 15 3.38 -3.03 -1.98
CA GLN B 15 4.01 -3.16 -0.67
C GLN B 15 4.74 -1.86 -0.29
N GLN B 16 5.41 -1.21 -1.26
CA GLN B 16 6.07 0.08 -1.06
C GLN B 16 5.01 1.15 -0.69
N GLN B 17 3.93 1.23 -1.47
CA GLN B 17 2.83 2.17 -1.23
C GLN B 17 2.11 1.86 0.10
N LEU B 18 1.88 0.59 0.44
CA LEU B 18 1.26 0.15 1.70
C LEU B 18 1.97 0.77 2.91
N VAL B 19 3.29 0.67 2.97
CA VAL B 19 4.11 1.25 4.05
C VAL B 19 3.93 2.77 4.14
N LEU B 20 4.00 3.46 3.00
CA LEU B 20 3.81 4.91 2.91
C LEU B 20 2.38 5.35 3.30
N LEU B 21 1.37 4.59 2.89
CA LEU B 21 -0.06 4.78 3.14
C LEU B 21 -0.38 4.64 4.63
N LEU B 22 0.04 3.55 5.26
CA LEU B 22 -0.10 3.33 6.70
C LEU B 22 0.68 4.40 7.50
N HIS B 23 1.87 4.79 7.03
CA HIS B 23 2.64 5.85 7.65
C HIS B 23 1.91 7.21 7.53
N ALA B 24 1.40 7.58 6.35
CA ALA B 24 0.65 8.81 6.13
C ALA B 24 -0.61 8.90 7.01
N HIS B 25 -1.28 7.78 7.28
CA HIS B 25 -2.43 7.70 8.18
C HIS B 25 -2.06 8.03 9.63
N LYS B 26 -0.82 7.69 10.04
CA LYS B 26 -0.22 8.00 11.35
C LYS B 26 0.35 9.43 11.42
N CYS B 27 1.21 9.79 10.47
CA CYS B 27 1.96 11.05 10.38
C CYS B 27 1.10 12.32 10.42
N GLN B 28 -0.12 12.29 9.88
CA GLN B 28 -1.07 13.41 9.95
C GLN B 28 -1.49 13.72 11.41
N ARG B 29 -1.36 12.76 12.33
CA ARG B 29 -1.68 12.91 13.76
C ARG B 29 -0.51 13.60 14.48
N ARG B 30 0.73 13.31 14.08
CA ARG B 30 1.96 13.92 14.65
C ARG B 30 1.97 15.44 14.46
N GLU B 31 1.67 15.92 13.25
CA GLU B 31 1.64 17.36 12.98
C GLU B 31 0.55 18.09 13.79
N GLN B 32 -0.62 17.48 13.99
CA GLN B 32 -1.71 18.05 14.80
C GLN B 32 -1.39 18.06 16.31
N ALA B 33 -0.50 17.18 16.79
CA ALA B 33 -0.11 17.07 18.19
C ALA B 33 0.76 18.23 18.71
N ASN B 34 1.42 18.99 17.83
CA ASN B 34 2.30 20.11 18.22
C ASN B 34 2.26 21.32 17.26
N GLY B 35 1.99 21.12 15.96
CA GLY B 35 1.83 22.19 14.97
C GLY B 35 2.38 21.91 13.56
N GLU B 36 3.58 21.32 13.44
CA GLU B 36 4.26 21.13 12.14
C GLU B 36 5.17 19.89 12.02
N VAL B 37 5.01 18.87 12.87
CA VAL B 37 5.82 17.63 12.87
C VAL B 37 5.65 16.82 11.58
N ARG B 38 6.52 17.06 10.59
CA ARG B 38 6.55 16.44 9.26
C ARG B 38 7.93 15.85 8.91
N ALA B 39 8.80 15.67 9.91
CA ALA B 39 10.13 15.10 9.76
C ALA B 39 10.04 13.56 9.64
N CYS B 40 10.55 13.02 8.52
CA CYS B 40 10.56 11.61 8.16
C CYS B 40 11.87 11.20 7.47
N SER B 41 12.14 9.89 7.41
CA SER B 41 13.35 9.33 6.76
C SER B 41 13.35 9.42 5.22
N LEU B 42 12.19 9.71 4.60
CA LEU B 42 12.02 9.86 3.15
C LEU B 42 10.92 10.89 2.81
N PRO B 43 11.02 11.63 1.69
CA PRO B 43 10.05 12.68 1.32
C PRO B 43 8.70 12.14 0.83
N HIS B 44 8.65 10.93 0.24
CA HIS B 44 7.42 10.34 -0.31
C HIS B 44 6.31 10.04 0.71
N CYS B 45 6.58 10.15 2.01
CA CYS B 45 5.54 10.10 3.05
C CYS B 45 4.50 11.22 2.75
N ARG B 46 5.00 12.43 2.45
CA ARG B 46 4.22 13.62 2.10
C ARG B 46 3.37 13.41 0.84
N THR B 47 3.85 12.62 -0.12
CA THR B 47 3.10 12.22 -1.32
C THR B 47 1.83 11.46 -0.93
N MET B 48 1.96 10.44 -0.06
CA MET B 48 0.78 9.72 0.45
C MET B 48 -0.10 10.63 1.33
N LYS B 49 0.44 11.47 2.23
CA LYS B 49 -0.37 12.40 3.04
C LYS B 49 -1.27 13.31 2.19
N ASN B 50 -0.76 13.79 1.05
CA ASN B 50 -1.54 14.57 0.08
C ASN B 50 -2.62 13.71 -0.59
N VAL B 51 -2.24 12.51 -1.05
CA VAL B 51 -3.15 11.54 -1.72
C VAL B 51 -4.25 11.02 -0.79
N LEU B 52 -3.98 10.81 0.51
CA LEU B 52 -4.97 10.32 1.47
C LEU B 52 -6.18 11.26 1.57
N ASN B 53 -5.92 12.56 1.65
CA ASN B 53 -6.95 13.59 1.70
C ASN B 53 -7.81 13.63 0.43
N HIS B 54 -7.26 13.20 -0.71
CA HIS B 54 -7.98 13.06 -1.98
C HIS B 54 -8.79 11.75 -2.03
N MET B 55 -8.15 10.57 -1.87
CA MET B 55 -8.82 9.25 -1.95
C MET B 55 -9.93 9.01 -0.92
N THR B 56 -9.88 9.67 0.25
CA THR B 56 -10.93 9.59 1.28
C THR B 56 -12.24 10.29 0.90
N HIS B 57 -12.24 11.09 -0.18
CA HIS B 57 -13.42 11.83 -0.67
C HIS B 57 -13.72 11.63 -2.17
N CYS B 58 -12.73 11.24 -2.98
CA CYS B 58 -12.88 10.97 -4.42
C CYS B 58 -13.82 9.78 -4.70
N GLN B 59 -14.48 9.79 -5.86
CA GLN B 59 -15.42 8.77 -6.32
C GLN B 59 -15.32 8.46 -7.84
N ALA B 60 -14.32 8.99 -8.54
CA ALA B 60 -14.13 8.77 -9.99
C ALA B 60 -13.55 7.38 -10.33
N GLY B 61 -13.02 6.63 -9.36
CA GLY B 61 -12.46 5.28 -9.56
C GLY B 61 -11.44 5.22 -10.70
N LYS B 62 -11.61 4.27 -11.65
CA LYS B 62 -10.73 4.12 -12.81
C LYS B 62 -10.69 5.34 -13.77
N ALA B 63 -11.61 6.29 -13.64
CA ALA B 63 -11.62 7.53 -14.43
C ALA B 63 -10.79 8.66 -13.77
N CYS B 64 -10.38 8.51 -12.50
CA CYS B 64 -9.56 9.47 -11.78
C CYS B 64 -8.13 9.50 -12.37
N GLN B 65 -7.69 10.65 -12.89
CA GLN B 65 -6.35 10.82 -13.47
C GLN B 65 -5.21 10.69 -12.45
N VAL B 66 -5.52 10.80 -11.15
CA VAL B 66 -4.57 10.62 -10.05
C VAL B 66 -4.38 9.12 -9.82
N ALA B 67 -3.38 8.52 -10.48
CA ALA B 67 -3.09 7.08 -10.39
C ALA B 67 -2.96 6.60 -8.92
N HIS B 68 -2.26 7.38 -8.09
CA HIS B 68 -2.05 7.10 -6.67
C HIS B 68 -3.36 7.05 -5.85
N CYS B 69 -4.40 7.81 -6.23
CA CYS B 69 -5.71 7.81 -5.58
C CYS B 69 -6.42 6.47 -5.80
N ALA B 70 -6.67 6.09 -7.06
CA ALA B 70 -7.30 4.82 -7.39
C ALA B 70 -6.48 3.61 -6.88
N SER B 71 -5.15 3.73 -6.92
CA SER B 71 -4.23 2.72 -6.41
C SER B 71 -4.36 2.54 -4.89
N SER B 72 -4.10 3.59 -4.10
CA SER B 72 -4.22 3.56 -2.63
C SER B 72 -5.61 3.17 -2.16
N ARG B 73 -6.67 3.61 -2.86
CA ARG B 73 -8.07 3.27 -2.56
C ARG B 73 -8.35 1.76 -2.63
N GLN B 74 -7.65 1.01 -3.48
CA GLN B 74 -7.78 -0.45 -3.56
C GLN B 74 -6.95 -1.18 -2.48
N ILE B 75 -5.79 -0.65 -2.05
CA ILE B 75 -4.92 -1.29 -1.05
C ILE B 75 -5.65 -1.53 0.28
N ILE B 76 -6.30 -0.51 0.88
CA ILE B 76 -7.01 -0.72 2.16
C ILE B 76 -8.21 -1.66 2.01
N SER B 77 -8.88 -1.70 0.85
CA SER B 77 -9.98 -2.65 0.60
C SER B 77 -9.46 -4.10 0.67
N HIS B 78 -8.25 -4.36 0.14
CA HIS B 78 -7.62 -5.67 0.28
C HIS B 78 -7.26 -5.94 1.75
N TRP B 79 -6.47 -5.05 2.36
CA TRP B 79 -5.95 -5.19 3.73
C TRP B 79 -7.03 -5.41 4.80
N LYS B 80 -8.14 -4.67 4.75
CA LYS B 80 -9.26 -4.80 5.69
C LYS B 80 -10.02 -6.13 5.54
N ASN B 81 -10.13 -6.63 4.31
CA ASN B 81 -10.85 -7.87 3.95
C ASN B 81 -10.02 -9.15 4.22
N CYS B 82 -8.74 -9.16 3.81
CA CYS B 82 -7.81 -10.29 3.93
C CYS B 82 -7.48 -10.68 5.39
N THR B 83 -7.08 -11.94 5.57
CA THR B 83 -6.69 -12.57 6.86
C THR B 83 -5.49 -13.51 6.75
N ARG B 84 -5.10 -13.93 5.53
CA ARG B 84 -3.97 -14.83 5.28
C ARG B 84 -2.65 -14.24 5.77
N HIS B 85 -2.05 -14.88 6.77
CA HIS B 85 -0.77 -14.46 7.36
C HIS B 85 0.42 -14.58 6.38
N ASP B 86 0.28 -15.33 5.28
CA ASP B 86 1.30 -15.55 4.24
C ASP B 86 1.12 -14.66 2.98
N CYS B 87 0.14 -13.75 3.00
CA CYS B 87 -0.22 -12.85 1.90
C CYS B 87 0.88 -11.81 1.59
N PRO B 88 1.22 -11.53 0.32
CA PRO B 88 2.23 -10.52 -0.06
C PRO B 88 2.09 -9.13 0.61
N VAL B 89 0.88 -8.75 1.04
CA VAL B 89 0.62 -7.47 1.71
C VAL B 89 0.62 -7.61 3.24
N CYS B 90 -0.13 -8.58 3.77
CA CYS B 90 -0.30 -8.79 5.20
C CYS B 90 0.94 -9.38 5.91
N LEU B 91 1.67 -10.28 5.26
CA LEU B 91 2.88 -10.94 5.80
C LEU B 91 3.98 -9.95 6.25
N PRO B 92 4.53 -9.05 5.40
CA PRO B 92 5.58 -8.14 5.83
C PRO B 92 5.10 -7.16 6.89
N LEU B 93 3.86 -6.64 6.77
CA LEU B 93 3.27 -5.71 7.72
C LEU B 93 3.16 -6.31 9.13
N LYS B 94 2.67 -7.56 9.27
CA LYS B 94 2.58 -8.25 10.56
C LYS B 94 3.97 -8.60 11.13
N ASN B 95 4.92 -8.98 10.27
CA ASN B 95 6.30 -9.26 10.70
C ASN B 95 6.98 -8.00 11.27
N ALA B 96 6.78 -6.83 10.65
CA ALA B 96 7.35 -5.56 11.09
C ALA B 96 6.86 -5.09 12.47
N SER B 97 5.65 -5.48 12.91
CA SER B 97 5.09 -5.12 14.22
C SER B 97 5.99 -5.53 15.41
N ASP B 98 6.87 -6.52 15.24
CA ASP B 98 7.83 -6.95 16.25
C ASP B 98 8.87 -5.86 16.62
N LYS B 99 9.08 -4.87 15.74
CA LYS B 99 10.02 -3.74 15.92
C LYS B 99 9.57 -2.69 16.95
N ARG B 100 8.30 -2.73 17.37
CA ARG B 100 7.67 -1.80 18.33
C ARG B 100 8.35 -1.83 19.71
ZN ZN C . 5.65 10.90 7.84
ZN ZN D . -9.24 10.58 -7.09
ZN ZN E . -3.73 -9.94 2.28
N THR A 1 -0.48 -2.06 22.67
CA THR A 1 -1.37 -3.01 21.92
C THR A 1 -0.63 -3.60 20.72
N ASP A 2 -1.23 -4.58 20.04
CA ASP A 2 -0.64 -5.26 18.85
C ASP A 2 -0.56 -4.35 17.60
N PHE A 3 -1.26 -3.20 17.57
CA PHE A 3 -1.26 -2.29 16.43
C PHE A 3 0.12 -1.72 16.10
N ILE A 4 0.25 -1.34 14.83
CA ILE A 4 1.43 -0.78 14.16
C ILE A 4 1.88 0.57 14.78
N ASP A 5 3.18 0.83 14.72
CA ASP A 5 3.84 2.06 15.16
C ASP A 5 4.44 2.82 13.97
N GLU A 6 4.52 4.13 14.05
CA GLU A 6 5.18 5.00 13.07
C GLU A 6 6.65 4.56 12.84
N GLU A 7 7.31 4.09 13.90
CA GLU A 7 8.67 3.54 13.88
C GLU A 7 8.72 2.15 13.21
N VAL A 8 7.62 1.40 13.23
CA VAL A 8 7.48 0.11 12.53
C VAL A 8 7.35 0.37 11.03
N LEU A 9 6.58 1.39 10.60
CA LEU A 9 6.55 1.76 9.17
C LEU A 9 7.94 2.26 8.73
N MET A 10 8.64 3.07 9.54
CA MET A 10 10.01 3.49 9.21
C MET A 10 10.97 2.29 9.12
N SER A 11 10.80 1.27 9.97
CA SER A 11 11.58 0.03 9.86
C SER A 11 11.27 -0.69 8.54
N LEU A 12 10.01 -0.70 8.10
CA LEU A 12 9.60 -1.29 6.81
C LEU A 12 10.08 -0.45 5.62
N VAL A 13 10.14 0.88 5.73
CA VAL A 13 10.71 1.80 4.71
C VAL A 13 12.16 1.40 4.47
N ILE A 14 12.91 1.13 5.54
CA ILE A 14 14.31 0.70 5.51
C ILE A 14 14.44 -0.75 5.00
N GLU A 15 13.55 -1.65 5.42
CA GLU A 15 13.51 -3.07 4.98
C GLU A 15 13.28 -3.18 3.45
N MET A 16 12.32 -2.42 2.93
CA MET A 16 11.96 -2.34 1.50
C MET A 16 12.92 -1.47 0.67
N GLY A 17 13.63 -0.53 1.32
CA GLY A 17 14.53 0.42 0.65
C GLY A 17 13.77 1.57 -0.05
N LEU A 18 12.63 2.01 0.50
CA LEU A 18 11.80 3.08 -0.09
C LEU A 18 12.52 4.45 -0.14
N ASP A 19 13.58 4.63 0.64
CA ASP A 19 14.44 5.81 0.62
C ASP A 19 15.12 6.02 -0.76
N ARG A 20 15.21 4.96 -1.56
CA ARG A 20 15.80 4.94 -2.92
C ARG A 20 14.82 5.37 -4.02
N ILE A 21 13.51 5.51 -3.73
CA ILE A 21 12.50 6.00 -4.70
C ILE A 21 12.85 7.45 -5.07
N LYS A 22 12.95 7.76 -6.37
CA LYS A 22 13.25 9.11 -6.89
C LYS A 22 11.97 9.87 -7.21
N GLU A 23 11.01 9.18 -7.83
CA GLU A 23 9.67 9.64 -8.19
C GLU A 23 8.73 8.42 -8.15
N LEU A 24 7.73 8.48 -7.28
CA LEU A 24 6.72 7.43 -7.06
C LEU A 24 6.06 6.95 -8.37
N PRO A 25 6.11 5.63 -8.70
CA PRO A 25 5.53 5.09 -9.94
C PRO A 25 3.99 4.99 -9.91
N GLU A 26 3.39 4.72 -11.08
CA GLU A 26 1.95 4.53 -11.24
C GLU A 26 1.50 3.09 -10.96
N LEU A 27 0.24 2.96 -10.51
CA LEU A 27 -0.49 1.72 -10.26
C LEU A 27 -1.98 1.96 -10.60
N TRP A 28 -2.66 0.94 -11.13
CA TRP A 28 -4.06 1.04 -11.57
C TRP A 28 -4.93 -0.13 -11.09
N LEU A 29 -4.98 -0.31 -9.76
CA LEU A 29 -5.80 -1.34 -9.08
C LEU A 29 -7.30 -1.20 -9.35
N GLY A 30 -7.75 -0.05 -9.86
CA GLY A 30 -9.14 0.22 -10.23
C GLY A 30 -9.50 -0.19 -11.66
N GLN A 31 -8.53 -0.69 -12.44
CA GLN A 31 -8.67 -1.12 -13.84
C GLN A 31 -8.29 -2.60 -14.05
N ASN A 32 -8.73 -3.16 -15.19
CA ASN A 32 -8.41 -4.54 -15.59
C ASN A 32 -6.89 -4.79 -15.73
N GLU A 33 -6.12 -3.73 -16.00
CA GLU A 33 -4.67 -3.74 -16.20
C GLU A 33 -3.85 -4.30 -15.02
N PHE A 34 -4.36 -4.20 -13.78
CA PHE A 34 -3.68 -4.72 -12.59
C PHE A 34 -4.65 -5.23 -11.52
N ASP A 35 -5.15 -6.45 -11.74
CA ASP A 35 -6.00 -7.18 -10.78
C ASP A 35 -5.09 -7.82 -9.69
N PHE A 36 -4.47 -6.94 -8.90
CA PHE A 36 -3.45 -7.17 -7.86
C PHE A 36 -3.54 -8.44 -6.98
N MET A 37 -4.73 -9.00 -6.77
CA MET A 37 -4.97 -10.19 -5.94
C MET A 37 -5.81 -11.28 -6.62
N THR A 38 -6.02 -11.18 -7.95
CA THR A 38 -6.79 -12.08 -8.86
C THR A 38 -7.46 -13.30 -8.19
N ASP A 39 -6.67 -14.35 -7.93
CA ASP A 39 -7.07 -15.62 -7.26
C ASP A 39 -5.80 -16.41 -6.92
N PHE A 40 -5.81 -17.15 -5.80
CA PHE A 40 -4.69 -18.00 -5.38
C PHE A 40 -5.16 -19.11 -4.44
N VAL A 41 -4.92 -20.36 -4.81
CA VAL A 41 -5.34 -21.58 -4.08
C VAL A 41 -4.23 -22.64 -4.13
N CYS A 42 -3.27 -22.52 -3.22
CA CYS A 42 -2.10 -23.41 -3.10
C CYS A 42 -2.42 -24.90 -2.77
N LYS A 43 -3.68 -25.22 -2.43
CA LYS A 43 -4.19 -26.56 -2.10
C LYS A 43 -3.91 -27.57 -3.24
N GLN A 44 -2.94 -28.47 -3.02
CA GLN A 44 -2.51 -29.46 -4.02
C GLN A 44 -3.58 -30.52 -4.34
N GLN A 45 -4.32 -30.96 -3.32
CA GLN A 45 -5.43 -31.92 -3.39
C GLN A 45 -6.49 -31.58 -2.33
N PRO A 46 -7.80 -31.78 -2.60
CA PRO A 46 -8.88 -31.50 -1.64
C PRO A 46 -8.73 -32.32 -0.35
N SER A 47 -9.18 -31.77 0.78
CA SER A 47 -9.12 -32.39 2.12
C SER A 47 -9.82 -33.76 2.22
N ARG A 48 -10.76 -34.05 1.32
CA ARG A 48 -11.51 -35.32 1.21
C ARG A 48 -10.80 -36.37 0.32
N VAL A 49 -9.67 -36.00 -0.29
CA VAL A 49 -8.88 -36.84 -1.23
C VAL A 49 -7.43 -37.02 -0.79
N SER A 50 -6.83 -36.01 -0.15
CA SER A 50 -5.45 -36.01 0.38
C SER A 50 -5.13 -37.16 1.34
N ALA B 1 6.57 -18.69 -6.61
CA ALA B 1 6.12 -17.34 -7.01
C ALA B 1 6.06 -16.38 -5.82
N THR B 2 6.24 -15.08 -6.06
CA THR B 2 6.22 -14.01 -5.03
C THR B 2 4.82 -13.55 -4.62
N GLY B 3 3.78 -14.04 -5.29
CA GLY B 3 2.37 -13.67 -5.07
C GLY B 3 1.43 -14.24 -6.15
N PRO B 4 0.15 -13.83 -6.16
CA PRO B 4 -0.86 -14.23 -7.14
C PRO B 4 -0.54 -13.84 -8.59
N THR B 5 -1.43 -14.25 -9.50
CA THR B 5 -1.40 -14.08 -10.98
C THR B 5 -0.92 -12.72 -11.50
N ALA B 6 -1.15 -11.64 -10.75
CA ALA B 6 -0.73 -10.28 -11.11
C ALA B 6 0.81 -10.11 -11.24
N ASP B 7 1.24 -9.05 -11.92
CA ASP B 7 2.66 -8.75 -12.19
C ASP B 7 3.54 -8.54 -10.93
N PRO B 8 4.71 -9.22 -10.81
CA PRO B 8 5.63 -9.09 -9.67
C PRO B 8 6.09 -7.67 -9.30
N GLU B 9 6.38 -6.79 -10.27
CA GLU B 9 6.83 -5.42 -9.98
C GLU B 9 5.69 -4.59 -9.41
N LYS B 10 4.50 -4.71 -10.00
CA LYS B 10 3.32 -3.99 -9.52
C LYS B 10 2.91 -4.52 -8.13
N ARG B 11 3.06 -5.83 -7.86
CA ARG B 11 2.86 -6.44 -6.52
C ARG B 11 3.94 -6.01 -5.50
N LYS B 12 5.14 -5.63 -5.94
CA LYS B 12 6.19 -5.06 -5.08
C LYS B 12 5.85 -3.59 -4.79
N LEU B 13 5.35 -2.86 -5.78
CA LEU B 13 4.88 -1.48 -5.63
C LEU B 13 3.67 -1.34 -4.69
N ILE B 14 2.73 -2.29 -4.62
CA ILE B 14 1.63 -2.19 -3.62
C ILE B 14 2.17 -2.30 -2.18
N GLN B 15 3.26 -3.04 -1.95
CA GLN B 15 3.92 -3.12 -0.64
C GLN B 15 4.59 -1.78 -0.30
N GLN B 16 5.17 -1.09 -1.29
CA GLN B 16 5.70 0.27 -1.16
C GLN B 16 4.55 1.24 -0.80
N GLN B 17 3.44 1.18 -1.54
CA GLN B 17 2.27 2.02 -1.33
C GLN B 17 1.66 1.79 0.06
N LEU B 18 1.49 0.53 0.47
CA LEU B 18 0.99 0.12 1.78
C LEU B 18 1.77 0.79 2.91
N VAL B 19 3.11 0.66 2.90
CA VAL B 19 4.01 1.25 3.90
C VAL B 19 3.88 2.77 3.96
N LEU B 20 3.91 3.46 2.83
CA LEU B 20 3.77 4.92 2.77
C LEU B 20 2.37 5.40 3.18
N LEU B 21 1.31 4.69 2.80
CA LEU B 21 -0.09 4.96 3.15
C LEU B 21 -0.29 4.86 4.66
N LEU B 22 0.16 3.76 5.27
CA LEU B 22 0.12 3.55 6.73
C LEU B 22 0.94 4.61 7.46
N HIS B 23 2.12 4.98 6.95
CA HIS B 23 2.92 6.04 7.55
C HIS B 23 2.21 7.39 7.44
N ALA B 24 1.68 7.77 6.27
CA ALA B 24 0.96 9.03 6.08
C ALA B 24 -0.27 9.16 7.01
N HIS B 25 -0.91 8.05 7.37
CA HIS B 25 -2.02 8.03 8.32
C HIS B 25 -1.53 8.38 9.73
N LYS B 26 -0.40 7.78 10.17
CA LYS B 26 0.28 8.07 11.45
C LYS B 26 0.78 9.53 11.50
N CYS B 27 1.56 9.93 10.49
CA CYS B 27 2.21 11.23 10.35
C CYS B 27 1.24 12.43 10.47
N GLN B 28 0.08 12.36 9.80
CA GLN B 28 -0.95 13.41 9.90
C GLN B 28 -1.51 13.54 11.32
N ARG B 29 -1.68 12.41 12.04
CA ARG B 29 -2.16 12.40 13.43
C ARG B 29 -1.08 12.93 14.38
N ARG B 30 0.20 12.60 14.15
CA ARG B 30 1.33 13.11 14.95
C ARG B 30 1.44 14.63 14.84
N GLU B 31 1.47 15.21 13.64
CA GLU B 31 1.61 16.67 13.49
C GLU B 31 0.45 17.44 14.17
N GLN B 32 -0.78 16.92 14.09
CA GLN B 32 -1.96 17.52 14.73
C GLN B 32 -2.00 17.35 16.27
N ALA B 33 -1.21 16.42 16.85
CA ALA B 33 -1.15 16.18 18.29
C ALA B 33 -0.51 17.33 19.10
N ASN B 34 0.28 18.20 18.45
CA ASN B 34 0.94 19.35 19.10
C ASN B 34 1.17 20.56 18.17
N GLY B 35 1.38 20.34 16.85
CA GLY B 35 1.56 21.39 15.84
C GLY B 35 2.66 21.11 14.79
N GLU B 36 3.71 20.37 15.16
CA GLU B 36 4.87 20.11 14.27
C GLU B 36 5.59 18.76 14.46
N VAL B 37 5.05 17.82 15.25
CA VAL B 37 5.66 16.50 15.49
C VAL B 37 5.69 15.64 14.22
N ARG B 38 6.84 15.01 13.94
CA ARG B 38 7.14 14.14 12.77
C ARG B 38 7.94 12.90 13.20
N ALA B 39 8.36 12.07 12.24
CA ALA B 39 9.19 10.87 12.47
C ALA B 39 9.99 10.42 11.23
N CYS B 40 9.46 10.70 10.03
CA CYS B 40 10.00 10.40 8.71
C CYS B 40 11.18 11.27 8.25
N SER B 41 11.72 10.92 7.07
CA SER B 41 12.83 11.61 6.40
C SER B 41 12.71 11.61 4.86
N LEU B 42 12.22 10.53 4.24
CA LEU B 42 12.05 10.46 2.78
C LEU B 42 10.93 11.40 2.27
N PRO B 43 11.09 12.01 1.07
CA PRO B 43 10.12 12.99 0.56
C PRO B 43 8.74 12.41 0.20
N HIS B 44 8.67 11.15 -0.24
CA HIS B 44 7.40 10.51 -0.65
C HIS B 44 6.36 10.31 0.46
N CYS B 45 6.72 10.52 1.73
CA CYS B 45 5.75 10.57 2.83
C CYS B 45 4.70 11.67 2.53
N ARG B 46 5.20 12.86 2.12
CA ARG B 46 4.40 14.04 1.71
C ARG B 46 3.47 13.70 0.55
N THR B 47 3.93 12.91 -0.42
CA THR B 47 3.14 12.45 -1.57
C THR B 47 1.91 11.68 -1.09
N MET B 48 2.07 10.70 -0.20
CA MET B 48 0.92 9.98 0.38
C MET B 48 0.05 10.89 1.24
N LYS B 49 0.61 11.72 2.14
CA LYS B 49 -0.18 12.68 2.96
C LYS B 49 -1.11 13.55 2.11
N ASN B 50 -0.65 14.01 0.95
CA ASN B 50 -1.45 14.78 -0.01
C ASN B 50 -2.49 13.90 -0.71
N VAL B 51 -2.09 12.73 -1.21
CA VAL B 51 -2.97 11.75 -1.89
C VAL B 51 -4.08 11.21 -0.98
N LEU B 52 -3.83 11.04 0.32
CA LEU B 52 -4.83 10.55 1.27
C LEU B 52 -6.04 11.50 1.34
N ASN B 53 -5.76 12.80 1.44
CA ASN B 53 -6.79 13.86 1.47
C ASN B 53 -7.60 13.94 0.16
N HIS B 54 -7.02 13.49 -0.96
CA HIS B 54 -7.72 13.39 -2.24
C HIS B 54 -8.58 12.11 -2.30
N MET B 55 -7.99 10.93 -2.09
CA MET B 55 -8.71 9.64 -2.23
C MET B 55 -9.86 9.42 -1.26
N THR B 56 -9.88 10.06 -0.08
CA THR B 56 -11.00 9.96 0.88
C THR B 56 -12.26 10.73 0.44
N HIS B 57 -12.16 11.57 -0.60
CA HIS B 57 -13.28 12.36 -1.15
C HIS B 57 -13.51 12.14 -2.66
N CYS B 58 -12.53 11.58 -3.39
CA CYS B 58 -12.61 11.29 -4.81
C CYS B 58 -13.73 10.27 -5.13
N GLN B 59 -14.31 10.40 -6.33
CA GLN B 59 -15.39 9.55 -6.86
C GLN B 59 -15.17 9.15 -8.34
N ALA B 60 -13.96 9.39 -8.89
CA ALA B 60 -13.60 9.10 -10.28
C ALA B 60 -12.70 7.86 -10.45
N GLY B 61 -12.27 7.20 -9.36
CA GLY B 61 -11.36 6.04 -9.26
C GLY B 61 -10.99 5.24 -10.53
N LYS B 62 -11.97 4.70 -11.26
CA LYS B 62 -11.78 3.92 -12.51
C LYS B 62 -11.05 4.69 -13.62
N ALA B 63 -11.18 6.01 -13.64
CA ALA B 63 -10.60 6.92 -14.63
C ALA B 63 -9.87 8.14 -14.02
N CYS B 64 -9.80 8.25 -12.68
CA CYS B 64 -9.09 9.30 -11.96
C CYS B 64 -7.62 9.34 -12.40
N GLN B 65 -7.19 10.46 -13.02
CA GLN B 65 -5.83 10.61 -13.54
C GLN B 65 -4.73 10.53 -12.47
N VAL B 66 -5.11 10.71 -11.20
CA VAL B 66 -4.22 10.54 -10.04
C VAL B 66 -4.13 9.04 -9.75
N ALA B 67 -3.20 8.35 -10.42
CA ALA B 67 -3.00 6.90 -10.27
C ALA B 67 -2.79 6.48 -8.81
N HIS B 68 -2.08 7.31 -8.03
CA HIS B 68 -1.81 7.09 -6.61
C HIS B 68 -3.10 7.06 -5.74
N CYS B 69 -4.11 7.85 -6.11
CA CYS B 69 -5.43 7.89 -5.46
C CYS B 69 -6.15 6.56 -5.70
N ALA B 70 -6.35 6.17 -6.97
CA ALA B 70 -6.99 4.90 -7.32
C ALA B 70 -6.25 3.69 -6.72
N SER B 71 -4.92 3.77 -6.61
CA SER B 71 -4.09 2.73 -5.99
C SER B 71 -4.34 2.65 -4.48
N SER B 72 -4.04 3.71 -3.72
CA SER B 72 -4.24 3.78 -2.26
C SER B 72 -5.67 3.46 -1.83
N ARG B 73 -6.67 3.93 -2.60
CA ARG B 73 -8.11 3.66 -2.39
C ARG B 73 -8.45 2.16 -2.43
N GLN B 74 -7.68 1.36 -3.19
CA GLN B 74 -7.84 -0.10 -3.30
C GLN B 74 -7.02 -0.90 -2.26
N ILE B 75 -5.82 -0.45 -1.83
CA ILE B 75 -4.96 -1.18 -0.87
C ILE B 75 -5.69 -1.59 0.41
N ILE B 76 -6.38 -0.67 1.08
CA ILE B 76 -7.08 -0.99 2.34
C ILE B 76 -8.23 -1.98 2.15
N SER B 77 -8.88 -2.01 0.98
CA SER B 77 -9.95 -2.97 0.67
C SER B 77 -9.44 -4.41 0.75
N HIS B 78 -8.19 -4.66 0.32
CA HIS B 78 -7.55 -5.97 0.47
C HIS B 78 -7.23 -6.21 1.96
N TRP B 79 -6.45 -5.31 2.56
CA TRP B 79 -5.95 -5.43 3.94
C TRP B 79 -7.03 -5.70 4.99
N LYS B 80 -8.21 -5.05 4.85
CA LYS B 80 -9.35 -5.22 5.76
C LYS B 80 -10.02 -6.60 5.64
N ASN B 81 -10.25 -7.10 4.41
CA ASN B 81 -10.92 -8.39 4.19
C ASN B 81 -10.02 -9.64 4.33
N CYS B 82 -8.71 -9.53 4.06
CA CYS B 82 -7.76 -10.65 4.10
C CYS B 82 -7.59 -11.27 5.51
N THR B 83 -7.21 -12.55 5.54
CA THR B 83 -6.99 -13.36 6.75
C THR B 83 -5.75 -14.27 6.69
N ARG B 84 -5.11 -14.41 5.52
CA ARG B 84 -3.91 -15.25 5.31
C ARG B 84 -2.67 -14.60 5.95
N HIS B 85 -2.12 -15.22 6.99
CA HIS B 85 -0.94 -14.73 7.72
C HIS B 85 0.33 -14.60 6.85
N ASP B 86 0.42 -15.36 5.76
CA ASP B 86 1.55 -15.41 4.82
C ASP B 86 1.33 -14.61 3.51
N CYS B 87 0.28 -13.78 3.46
CA CYS B 87 -0.08 -12.94 2.32
C CYS B 87 1.01 -11.88 1.96
N PRO B 88 1.33 -11.64 0.68
CA PRO B 88 2.31 -10.62 0.25
C PRO B 88 2.15 -9.21 0.84
N VAL B 89 0.96 -8.83 1.33
CA VAL B 89 0.68 -7.53 1.97
C VAL B 89 0.68 -7.64 3.49
N CYS B 90 -0.05 -8.62 4.04
CA CYS B 90 -0.21 -8.79 5.48
C CYS B 90 1.07 -9.31 6.19
N LEU B 91 1.78 -10.26 5.58
CA LEU B 91 3.01 -10.87 6.14
C LEU B 91 4.11 -9.86 6.50
N PRO B 92 4.61 -8.98 5.59
CA PRO B 92 5.66 -8.03 5.93
C PRO B 92 5.22 -7.03 6.99
N LEU B 93 3.97 -6.53 6.91
CA LEU B 93 3.42 -5.59 7.89
C LEU B 93 3.33 -6.21 9.29
N LYS B 94 2.87 -7.46 9.39
CA LYS B 94 2.79 -8.23 10.65
C LYS B 94 4.19 -8.51 11.22
N ASN B 95 5.14 -8.91 10.37
CA ASN B 95 6.52 -9.20 10.77
C ASN B 95 7.26 -7.95 11.28
N ALA B 96 7.05 -6.79 10.65
CA ALA B 96 7.70 -5.54 11.04
C ALA B 96 7.36 -5.11 12.49
N SER B 97 6.18 -5.49 12.99
CA SER B 97 5.72 -5.21 14.37
C SER B 97 6.56 -5.89 15.47
N ASP B 98 7.49 -6.79 15.11
CA ASP B 98 8.43 -7.46 16.04
C ASP B 98 9.36 -6.48 16.80
N LYS B 99 9.35 -5.20 16.43
CA LYS B 99 10.08 -4.06 17.00
C LYS B 99 9.90 -3.90 18.52
N ARG B 100 8.80 -4.43 19.08
CA ARG B 100 8.44 -4.45 20.51
C ARG B 100 7.84 -5.81 20.91
ZN ZN C . 5.80 11.18 7.73
ZN ZN D . -8.90 10.62 -7.29
ZN ZN E . -3.58 -10.09 2.62
N THR A 1 1.41 -5.55 20.56
CA THR A 1 0.66 -4.27 20.46
C THR A 1 -0.70 -4.50 19.81
N ASP A 2 -1.75 -3.83 20.29
CA ASP A 2 -3.13 -3.96 19.77
C ASP A 2 -3.30 -3.54 18.30
N PHE A 3 -2.43 -2.66 17.80
CA PHE A 3 -2.41 -2.15 16.42
C PHE A 3 -0.97 -1.84 15.96
N ILE A 4 -0.80 -1.52 14.68
CA ILE A 4 0.46 -1.13 14.03
C ILE A 4 1.04 0.15 14.68
N ASP A 5 2.36 0.32 14.59
CA ASP A 5 3.11 1.43 15.20
C ASP A 5 3.89 2.23 14.16
N GLU A 6 4.01 3.54 14.37
CA GLU A 6 4.77 4.46 13.51
C GLU A 6 6.24 4.03 13.32
N GLU A 7 6.90 3.50 14.36
CA GLU A 7 8.27 2.97 14.22
C GLU A 7 8.30 1.62 13.47
N VAL A 8 7.19 0.87 13.47
CA VAL A 8 7.05 -0.37 12.67
C VAL A 8 7.01 -0.01 11.20
N LEU A 9 6.28 1.03 10.80
CA LEU A 9 6.29 1.50 9.40
C LEU A 9 7.67 2.05 9.02
N MET A 10 8.34 2.82 9.88
CA MET A 10 9.70 3.31 9.60
C MET A 10 10.68 2.13 9.44
N SER A 11 10.50 1.05 10.21
CA SER A 11 11.31 -0.17 10.06
C SER A 11 11.01 -0.85 8.72
N LEU A 12 9.76 -0.87 8.26
CA LEU A 12 9.37 -1.43 6.97
C LEU A 12 9.86 -0.57 5.79
N VAL A 13 9.91 0.76 5.94
CA VAL A 13 10.48 1.70 4.96
C VAL A 13 11.94 1.33 4.72
N ILE A 14 12.68 1.04 5.81
CA ILE A 14 14.08 0.61 5.78
C ILE A 14 14.20 -0.83 5.21
N GLU A 15 13.33 -1.76 5.63
CA GLU A 15 13.29 -3.16 5.16
C GLU A 15 13.12 -3.25 3.63
N MET A 16 12.18 -2.46 3.09
CA MET A 16 11.88 -2.36 1.65
C MET A 16 12.85 -1.43 0.89
N GLY A 17 13.66 -0.64 1.61
CA GLY A 17 14.62 0.32 1.04
C GLY A 17 13.97 1.53 0.36
N LEU A 18 12.78 1.95 0.82
CA LEU A 18 12.02 3.08 0.25
C LEU A 18 12.71 4.44 0.39
N ASP A 19 13.71 4.54 1.26
CA ASP A 19 14.55 5.74 1.42
C ASP A 19 15.36 6.09 0.15
N ARG A 20 15.48 5.13 -0.80
CA ARG A 20 16.18 5.25 -2.09
C ARG A 20 15.26 5.51 -3.29
N ILE A 21 13.94 5.69 -3.07
CA ILE A 21 12.98 6.10 -4.11
C ILE A 21 13.37 7.52 -4.62
N LYS A 22 12.90 7.90 -5.82
CA LYS A 22 13.15 9.23 -6.43
C LYS A 22 11.84 9.90 -6.87
N GLU A 23 10.96 9.12 -7.50
CA GLU A 23 9.62 9.51 -7.94
C GLU A 23 8.70 8.30 -7.77
N LEU A 24 7.52 8.48 -7.18
CA LEU A 24 6.57 7.41 -6.92
C LEU A 24 5.92 6.88 -8.23
N PRO A 25 6.04 5.59 -8.58
CA PRO A 25 5.46 5.03 -9.80
C PRO A 25 3.94 4.85 -9.69
N GLU A 26 3.29 4.56 -10.82
CA GLU A 26 1.84 4.38 -10.94
C GLU A 26 1.43 2.90 -11.01
N LEU A 27 0.19 2.65 -10.60
CA LEU A 27 -0.53 1.37 -10.62
C LEU A 27 -2.02 1.66 -10.90
N TRP A 28 -2.79 0.66 -11.33
CA TRP A 28 -4.22 0.83 -11.66
C TRP A 28 -5.12 -0.24 -11.04
N LEU A 29 -5.07 -0.36 -9.69
CA LEU A 29 -5.97 -1.26 -8.94
C LEU A 29 -7.45 -0.88 -9.12
N GLY A 30 -7.74 0.36 -9.51
CA GLY A 30 -9.08 0.87 -9.79
C GLY A 30 -9.61 0.46 -11.17
N GLN A 31 -8.93 -0.45 -11.88
CA GLN A 31 -9.30 -0.97 -13.20
C GLN A 31 -8.94 -2.46 -13.33
N ASN A 32 -9.55 -3.15 -14.30
CA ASN A 32 -9.31 -4.57 -14.58
C ASN A 32 -7.85 -4.87 -15.03
N GLU A 33 -7.15 -3.84 -15.51
CA GLU A 33 -5.77 -3.89 -16.01
C GLU A 33 -4.69 -4.34 -15.00
N PHE A 34 -4.97 -4.31 -13.69
CA PHE A 34 -4.03 -4.72 -12.66
C PHE A 34 -4.68 -5.54 -11.53
N ASP A 35 -4.74 -6.83 -11.77
CA ASP A 35 -5.18 -7.90 -10.86
C ASP A 35 -4.14 -8.13 -9.73
N PHE A 36 -3.96 -7.12 -8.88
CA PHE A 36 -2.98 -7.06 -7.77
C PHE A 36 -2.84 -8.32 -6.88
N MET A 37 -3.86 -9.17 -6.81
CA MET A 37 -3.87 -10.44 -6.03
C MET A 37 -4.21 -11.67 -6.89
N THR A 38 -4.03 -11.56 -8.22
CA THR A 38 -4.24 -12.55 -9.30
C THR A 38 -5.04 -13.82 -8.90
N ASP A 39 -6.36 -13.68 -8.93
CA ASP A 39 -7.33 -14.70 -8.57
C ASP A 39 -8.65 -14.51 -9.33
N PHE A 40 -8.67 -14.93 -10.60
CA PHE A 40 -9.83 -14.84 -11.49
C PHE A 40 -9.98 -16.09 -12.36
N VAL A 41 -11.23 -16.48 -12.64
CA VAL A 41 -11.63 -17.67 -13.42
C VAL A 41 -12.80 -17.41 -14.39
N CYS A 42 -13.17 -16.13 -14.58
CA CYS A 42 -14.28 -15.69 -15.41
C CYS A 42 -14.17 -16.16 -16.89
N LYS A 43 -15.31 -16.57 -17.47
CA LYS A 43 -15.46 -17.03 -18.86
C LYS A 43 -16.73 -16.48 -19.54
N GLN A 44 -17.79 -16.25 -18.78
CA GLN A 44 -19.09 -15.69 -19.19
C GLN A 44 -19.64 -14.77 -18.08
N GLN A 45 -20.60 -13.90 -18.43
CA GLN A 45 -21.25 -12.97 -17.49
C GLN A 45 -22.69 -12.69 -17.95
N PRO A 46 -23.73 -13.04 -17.14
CA PRO A 46 -25.15 -12.82 -17.46
C PRO A 46 -25.48 -11.47 -18.10
N SER A 47 -24.95 -10.40 -17.49
CA SER A 47 -25.11 -8.99 -17.88
C SER A 47 -24.85 -8.68 -19.36
N ARG A 48 -24.10 -9.52 -20.10
CA ARG A 48 -23.85 -9.32 -21.55
C ARG A 48 -25.04 -9.71 -22.44
N VAL A 49 -26.08 -10.32 -21.87
CA VAL A 49 -27.31 -10.76 -22.55
C VAL A 49 -28.59 -10.33 -21.79
N SER A 50 -28.60 -10.49 -20.47
CA SER A 50 -29.71 -10.13 -19.56
C SER A 50 -30.04 -8.64 -19.56
N ALA B 1 -1.58 -15.76 -20.74
CA ALA B 1 -1.20 -15.08 -22.00
C ALA B 1 -2.14 -13.91 -22.31
N THR B 2 -3.29 -14.15 -22.95
CA THR B 2 -4.31 -13.14 -23.34
C THR B 2 -5.16 -12.66 -22.16
N GLY B 3 -4.53 -12.04 -21.16
CA GLY B 3 -5.17 -11.50 -19.95
C GLY B 3 -4.31 -10.45 -19.22
N PRO B 4 -4.86 -9.77 -18.19
CA PRO B 4 -4.16 -8.73 -17.43
C PRO B 4 -3.02 -9.25 -16.54
N THR B 5 -3.06 -10.54 -16.17
CA THR B 5 -2.13 -11.32 -15.33
C THR B 5 -0.93 -10.54 -14.77
N ALA B 6 -1.15 -9.90 -13.62
CA ALA B 6 -0.25 -8.99 -12.93
C ALA B 6 1.25 -9.38 -12.89
N ASP B 7 2.10 -8.40 -13.20
CA ASP B 7 3.56 -8.49 -13.18
C ASP B 7 4.12 -8.34 -11.74
N PRO B 8 5.19 -9.06 -11.37
CA PRO B 8 5.76 -9.02 -10.01
C PRO B 8 6.25 -7.63 -9.56
N GLU B 9 6.70 -6.75 -10.45
CA GLU B 9 7.12 -5.38 -10.07
C GLU B 9 5.90 -4.55 -9.63
N LYS B 10 4.74 -4.71 -10.28
CA LYS B 10 3.49 -4.07 -9.83
C LYS B 10 3.09 -4.60 -8.45
N ARG B 11 3.25 -5.92 -8.22
CA ARG B 11 2.98 -6.57 -6.91
C ARG B 11 3.99 -6.18 -5.81
N LYS B 12 5.19 -5.75 -6.18
CA LYS B 12 6.22 -5.19 -5.28
C LYS B 12 5.89 -3.73 -4.97
N LEU B 13 5.42 -2.97 -5.96
CA LEU B 13 4.96 -1.60 -5.81
C LEU B 13 3.74 -1.49 -4.87
N ILE B 14 2.78 -2.43 -4.83
CA ILE B 14 1.68 -2.34 -3.84
C ILE B 14 2.20 -2.45 -2.40
N GLN B 15 3.26 -3.23 -2.16
CA GLN B 15 3.90 -3.36 -0.84
C GLN B 15 4.61 -2.05 -0.47
N GLN B 16 5.25 -1.38 -1.43
CA GLN B 16 5.83 -0.05 -1.25
C GLN B 16 4.73 0.99 -0.95
N GLN B 17 3.63 0.97 -1.73
CA GLN B 17 2.51 1.89 -1.58
C GLN B 17 1.87 1.74 -0.19
N LEU B 18 1.61 0.49 0.23
CA LEU B 18 1.09 0.09 1.55
C LEU B 18 1.90 0.71 2.69
N VAL B 19 3.22 0.51 2.69
CA VAL B 19 4.13 1.02 3.73
C VAL B 19 4.08 2.55 3.84
N LEU B 20 4.16 3.26 2.71
CA LEU B 20 4.06 4.73 2.68
C LEU B 20 2.67 5.23 3.12
N LEU B 21 1.60 4.56 2.69
CA LEU B 21 0.19 4.83 3.01
C LEU B 21 -0.06 4.70 4.53
N LEU B 22 0.36 3.59 5.14
CA LEU B 22 0.26 3.36 6.58
C LEU B 22 1.10 4.37 7.37
N HIS B 23 2.30 4.74 6.86
CA HIS B 23 3.11 5.78 7.49
C HIS B 23 2.39 7.14 7.42
N ALA B 24 1.90 7.55 6.24
CA ALA B 24 1.16 8.79 6.04
C ALA B 24 -0.06 8.88 6.96
N HIS B 25 -0.77 7.78 7.20
CA HIS B 25 -1.91 7.71 8.13
C HIS B 25 -1.48 8.07 9.57
N LYS B 26 -0.34 7.54 10.05
CA LYS B 26 0.23 7.86 11.38
C LYS B 26 0.71 9.32 11.42
N CYS B 27 1.51 9.72 10.45
CA CYS B 27 2.12 11.04 10.31
C CYS B 27 1.07 12.17 10.24
N GLN B 28 -0.04 11.96 9.50
CA GLN B 28 -1.16 12.91 9.38
C GLN B 28 -1.85 13.17 10.73
N ARG B 29 -1.94 12.16 11.60
CA ARG B 29 -2.54 12.31 12.95
C ARG B 29 -1.60 13.07 13.89
N ARG B 30 -0.29 12.79 13.83
CA ARG B 30 0.73 13.45 14.65
C ARG B 30 0.81 14.96 14.40
N GLU B 31 0.83 15.41 13.15
CA GLU B 31 0.89 16.85 12.85
C GLU B 31 -0.29 17.65 13.40
N GLN B 32 -1.51 17.11 13.34
CA GLN B 32 -2.72 17.77 13.85
C GLN B 32 -2.86 17.71 15.38
N ALA B 33 -2.10 16.84 16.07
CA ALA B 33 -2.11 16.72 17.53
C ALA B 33 -1.50 17.94 18.25
N ASN B 34 -0.67 18.74 17.57
CA ASN B 34 -0.02 19.94 18.12
C ASN B 34 0.11 21.11 17.12
N GLY B 35 -0.06 20.88 15.82
CA GLY B 35 -0.01 21.90 14.75
C GLY B 35 1.37 22.11 14.10
N GLU B 36 2.42 21.39 14.53
CA GLU B 36 3.79 21.57 14.02
C GLU B 36 4.64 20.28 13.89
N VAL B 37 4.08 19.08 14.13
CA VAL B 37 4.81 17.79 14.05
C VAL B 37 4.98 17.33 12.59
N ARG B 38 5.74 18.12 11.80
CA ARG B 38 6.04 17.90 10.37
C ARG B 38 7.55 17.72 10.10
N ALA B 39 8.33 17.39 11.14
CA ALA B 39 9.78 17.13 11.08
C ALA B 39 10.17 15.80 10.38
N CYS B 40 9.19 15.08 9.82
CA CYS B 40 9.34 13.79 9.11
C CYS B 40 10.49 13.81 8.08
N SER B 41 11.48 12.93 8.28
CA SER B 41 12.70 12.82 7.46
C SER B 41 12.53 12.07 6.12
N LEU B 42 11.46 11.30 5.96
CA LEU B 42 11.14 10.55 4.74
C LEU B 42 10.43 11.49 3.73
N PRO B 43 11.04 11.88 2.59
CA PRO B 43 10.38 12.79 1.64
C PRO B 43 9.16 12.17 0.95
N HIS B 44 9.18 10.85 0.73
CA HIS B 44 8.09 10.10 0.07
C HIS B 44 6.79 10.04 0.89
N CYS B 45 6.85 10.31 2.20
CA CYS B 45 5.69 10.41 3.08
C CYS B 45 4.74 11.52 2.58
N ARG B 46 5.31 12.67 2.19
CA ARG B 46 4.58 13.85 1.68
C ARG B 46 3.65 13.49 0.51
N THR B 47 4.10 12.63 -0.41
CA THR B 47 3.30 12.16 -1.56
C THR B 47 2.07 11.40 -1.07
N MET B 48 2.23 10.37 -0.24
CA MET B 48 1.09 9.63 0.30
C MET B 48 0.20 10.51 1.18
N LYS B 49 0.74 11.36 2.06
CA LYS B 49 -0.03 12.28 2.90
C LYS B 49 -0.95 13.20 2.09
N ASN B 50 -0.45 13.75 0.97
CA ASN B 50 -1.25 14.56 0.04
C ASN B 50 -2.35 13.70 -0.62
N VAL B 51 -2.00 12.49 -1.07
CA VAL B 51 -2.92 11.51 -1.66
C VAL B 51 -4.00 11.06 -0.68
N LEU B 52 -3.70 10.93 0.62
CA LEU B 52 -4.68 10.53 1.64
C LEU B 52 -5.82 11.55 1.75
N ASN B 53 -5.46 12.84 1.83
CA ASN B 53 -6.43 13.94 1.89
C ASN B 53 -7.35 13.97 0.65
N HIS B 54 -6.87 13.47 -0.49
CA HIS B 54 -7.64 13.33 -1.73
C HIS B 54 -8.53 12.07 -1.69
N MET B 55 -7.96 10.87 -1.56
CA MET B 55 -8.70 9.59 -1.59
C MET B 55 -9.75 9.42 -0.48
N THR B 56 -9.58 10.03 0.70
CA THR B 56 -10.56 9.97 1.80
C THR B 56 -11.86 10.71 1.51
N HIS B 57 -11.91 11.54 0.45
CA HIS B 57 -13.10 12.29 0.00
C HIS B 57 -13.47 11.99 -1.46
N CYS B 58 -12.52 11.54 -2.29
CA CYS B 58 -12.73 11.17 -3.68
C CYS B 58 -13.64 9.94 -3.83
N GLN B 59 -14.36 9.88 -4.94
CA GLN B 59 -15.29 8.80 -5.31
C GLN B 59 -15.24 8.48 -6.83
N ALA B 60 -14.32 9.10 -7.58
CA ALA B 60 -14.18 8.90 -9.03
C ALA B 60 -13.43 7.62 -9.43
N GLY B 61 -12.84 6.89 -8.46
CA GLY B 61 -12.05 5.64 -8.56
C GLY B 61 -11.79 5.02 -9.94
N LYS B 62 -12.81 4.47 -10.60
CA LYS B 62 -12.72 3.82 -11.93
C LYS B 62 -12.20 4.74 -13.06
N ALA B 63 -12.35 6.05 -12.90
CA ALA B 63 -11.96 7.08 -13.85
C ALA B 63 -11.10 8.22 -13.23
N CYS B 64 -10.81 8.17 -11.92
CA CYS B 64 -9.95 9.14 -11.23
C CYS B 64 -8.53 9.10 -11.85
N GLN B 65 -8.13 10.18 -12.52
CA GLN B 65 -6.83 10.29 -13.20
C GLN B 65 -5.63 10.23 -12.25
N VAL B 66 -5.85 10.44 -10.95
CA VAL B 66 -4.83 10.33 -9.90
C VAL B 66 -4.62 8.84 -9.58
N ALA B 67 -3.69 8.20 -10.29
CA ALA B 67 -3.39 6.77 -10.13
C ALA B 67 -3.10 6.36 -8.67
N HIS B 68 -2.39 7.22 -7.92
CA HIS B 68 -2.07 6.98 -6.50
C HIS B 68 -3.34 6.94 -5.60
N CYS B 69 -4.34 7.78 -5.90
CA CYS B 69 -5.63 7.81 -5.19
C CYS B 69 -6.36 6.49 -5.43
N ALA B 70 -6.63 6.15 -6.70
CA ALA B 70 -7.31 4.90 -7.04
C ALA B 70 -6.55 3.65 -6.53
N SER B 71 -5.22 3.72 -6.43
CA SER B 71 -4.40 2.64 -5.87
C SER B 71 -4.57 2.53 -4.36
N SER B 72 -4.24 3.57 -3.60
CA SER B 72 -4.36 3.59 -2.13
C SER B 72 -5.79 3.28 -1.65
N ARG B 73 -6.82 3.79 -2.36
CA ARG B 73 -8.25 3.54 -2.11
C ARG B 73 -8.62 2.06 -2.23
N GLN B 74 -7.85 1.29 -2.99
CA GLN B 74 -7.98 -0.17 -3.10
C GLN B 74 -7.12 -0.90 -2.04
N ILE B 75 -5.87 -0.48 -1.79
CA ILE B 75 -4.98 -1.10 -0.78
C ILE B 75 -5.64 -1.19 0.60
N ILE B 76 -6.25 -0.12 1.14
CA ILE B 76 -6.89 -0.23 2.47
C ILE B 76 -8.07 -1.20 2.48
N SER B 77 -8.89 -1.24 1.42
CA SER B 77 -10.01 -2.18 1.32
C SER B 77 -9.51 -3.63 1.35
N HIS B 78 -8.39 -3.91 0.66
CA HIS B 78 -7.75 -5.22 0.72
C HIS B 78 -7.27 -5.53 2.15
N TRP B 79 -6.43 -4.65 2.72
CA TRP B 79 -5.84 -4.78 4.06
C TRP B 79 -6.90 -5.02 5.16
N LYS B 80 -8.04 -4.34 5.08
CA LYS B 80 -9.17 -4.47 6.03
C LYS B 80 -9.92 -5.80 5.87
N ASN B 81 -10.07 -6.32 4.64
CA ASN B 81 -10.76 -7.59 4.34
C ASN B 81 -9.90 -8.84 4.59
N CYS B 82 -8.62 -8.83 4.18
CA CYS B 82 -7.67 -9.93 4.30
C CYS B 82 -7.31 -10.19 5.78
N THR B 83 -7.80 -11.31 6.34
CA THR B 83 -7.69 -11.63 7.79
C THR B 83 -7.44 -13.09 8.17
N ARG B 84 -7.39 -14.04 7.22
CA ARG B 84 -7.31 -15.49 7.52
C ARG B 84 -6.50 -16.37 6.56
N HIS B 85 -5.57 -15.79 5.81
CA HIS B 85 -4.70 -16.49 4.85
C HIS B 85 -3.35 -15.78 4.68
N ASP B 86 -2.30 -16.49 4.23
CA ASP B 86 -1.01 -15.87 3.90
C ASP B 86 -1.18 -14.93 2.69
N CYS B 87 -0.50 -13.77 2.70
CA CYS B 87 -0.66 -12.73 1.70
C CYS B 87 0.60 -11.86 1.52
N PRO B 88 1.03 -11.54 0.28
CA PRO B 88 2.17 -10.65 0.01
C PRO B 88 2.09 -9.25 0.66
N VAL B 89 0.90 -8.78 1.01
CA VAL B 89 0.66 -7.47 1.63
C VAL B 89 0.63 -7.58 3.16
N CYS B 90 -0.17 -8.50 3.69
CA CYS B 90 -0.37 -8.64 5.13
C CYS B 90 0.81 -9.31 5.88
N LEU B 91 1.50 -10.27 5.25
CA LEU B 91 2.63 -10.97 5.85
C LEU B 91 3.77 -10.04 6.30
N PRO B 92 4.37 -9.18 5.44
CA PRO B 92 5.43 -8.28 5.88
C PRO B 92 4.95 -7.27 6.93
N LEU B 93 3.74 -6.72 6.78
CA LEU B 93 3.14 -5.78 7.73
C LEU B 93 3.01 -6.40 9.13
N LYS B 94 2.56 -7.67 9.21
CA LYS B 94 2.44 -8.43 10.46
C LYS B 94 3.81 -8.76 11.07
N ASN B 95 4.76 -9.22 10.26
CA ASN B 95 6.11 -9.59 10.70
C ASN B 95 6.92 -8.39 11.24
N ALA B 96 6.75 -7.20 10.62
CA ALA B 96 7.43 -5.97 11.03
C ALA B 96 7.05 -5.48 12.45
N SER B 97 5.88 -5.86 12.96
CA SER B 97 5.37 -5.46 14.29
C SER B 97 6.25 -5.83 15.49
N ASP B 98 7.25 -6.70 15.30
CA ASP B 98 8.23 -7.11 16.33
C ASP B 98 9.03 -5.95 16.96
N LYS B 99 9.05 -4.78 16.31
CA LYS B 99 9.74 -3.55 16.76
C LYS B 99 9.24 -2.96 18.09
N ARG B 100 8.05 -3.36 18.57
CA ARG B 100 7.40 -2.87 19.80
C ARG B 100 6.98 -4.02 20.72
ZN ZN C . 5.78 11.04 7.71
ZN ZN D . -9.21 10.55 -6.61
ZN ZN E . -3.80 -9.53 2.31
N THR A 1 0.41 -5.12 22.96
CA THR A 1 0.51 -4.54 21.60
C THR A 1 -0.39 -5.32 20.65
N ASP A 2 -1.38 -4.65 20.04
CA ASP A 2 -2.40 -5.27 19.16
C ASP A 2 -2.65 -4.50 17.86
N PHE A 3 -1.80 -3.51 17.53
CA PHE A 3 -1.88 -2.70 16.31
C PHE A 3 -0.50 -2.24 15.82
N ILE A 4 -0.43 -1.92 14.53
CA ILE A 4 0.77 -1.41 13.84
C ILE A 4 1.10 -0.01 14.38
N ASP A 5 2.39 0.31 14.54
CA ASP A 5 2.89 1.58 15.07
C ASP A 5 3.84 2.30 14.10
N GLU A 6 3.98 3.63 14.25
CA GLU A 6 4.84 4.46 13.41
C GLU A 6 6.30 3.99 13.34
N GLU A 7 6.93 3.53 14.44
CA GLU A 7 8.31 3.05 14.40
C GLU A 7 8.41 1.70 13.65
N VAL A 8 7.33 0.92 13.64
CA VAL A 8 7.21 -0.32 12.86
C VAL A 8 7.11 0.01 11.37
N LEU A 9 6.33 1.04 10.97
CA LEU A 9 6.31 1.49 9.57
C LEU A 9 7.67 2.06 9.15
N MET A 10 8.32 2.87 9.99
CA MET A 10 9.66 3.41 9.72
C MET A 10 10.70 2.27 9.61
N SER A 11 10.51 1.17 10.35
CA SER A 11 11.35 -0.02 10.21
C SER A 11 11.06 -0.74 8.89
N LEU A 12 9.79 -0.85 8.46
CA LEU A 12 9.41 -1.45 7.17
C LEU A 12 9.92 -0.62 5.97
N VAL A 13 9.95 0.71 6.10
CA VAL A 13 10.53 1.64 5.10
C VAL A 13 11.99 1.25 4.86
N ILE A 14 12.74 1.02 5.93
CA ILE A 14 14.15 0.61 5.92
C ILE A 14 14.30 -0.85 5.43
N GLU A 15 13.40 -1.75 5.85
CA GLU A 15 13.35 -3.16 5.46
C GLU A 15 13.19 -3.32 3.94
N MET A 16 12.30 -2.52 3.33
CA MET A 16 12.02 -2.44 1.89
C MET A 16 13.05 -1.59 1.12
N GLY A 17 13.79 -0.71 1.79
CA GLY A 17 14.77 0.19 1.18
C GLY A 17 14.13 1.39 0.45
N LEU A 18 12.97 1.87 0.92
CA LEU A 18 12.21 2.97 0.30
C LEU A 18 12.96 4.32 0.32
N ASP A 19 14.01 4.45 1.13
CA ASP A 19 14.88 5.64 1.15
C ASP A 19 15.58 5.90 -0.21
N ARG A 20 15.65 4.89 -1.09
CA ARG A 20 16.22 4.96 -2.45
C ARG A 20 15.26 5.50 -3.52
N ILE A 21 13.98 5.72 -3.19
CA ILE A 21 12.98 6.30 -4.11
C ILE A 21 13.41 7.74 -4.48
N LYS A 22 12.93 8.25 -5.63
CA LYS A 22 13.18 9.62 -6.13
C LYS A 22 11.90 10.27 -6.65
N GLU A 23 11.08 9.49 -7.36
CA GLU A 23 9.76 9.84 -7.88
C GLU A 23 8.87 8.58 -7.77
N LEU A 24 7.65 8.73 -7.25
CA LEU A 24 6.73 7.62 -7.05
C LEU A 24 6.17 7.06 -8.39
N PRO A 25 6.31 5.75 -8.69
CA PRO A 25 5.78 5.17 -9.93
C PRO A 25 4.25 5.02 -9.91
N GLU A 26 3.67 4.73 -11.08
CA GLU A 26 2.23 4.56 -11.24
C GLU A 26 1.75 3.10 -11.09
N LEU A 27 0.49 2.98 -10.73
CA LEU A 27 -0.33 1.76 -10.65
C LEU A 27 -1.77 2.17 -11.00
N TRP A 28 -2.56 1.24 -11.53
CA TRP A 28 -3.96 1.48 -11.92
C TRP A 28 -4.90 0.34 -11.47
N LEU A 29 -5.01 0.15 -10.15
CA LEU A 29 -5.91 -0.86 -9.56
C LEU A 29 -7.40 -0.57 -9.88
N GLY A 30 -7.72 0.67 -10.28
CA GLY A 30 -9.05 1.11 -10.69
C GLY A 30 -9.39 0.76 -12.15
N GLN A 31 -8.55 -0.04 -12.82
CA GLN A 31 -8.71 -0.51 -14.21
C GLN A 31 -8.49 -2.02 -14.33
N ASN A 32 -9.09 -2.61 -15.37
CA ASN A 32 -8.99 -4.04 -15.70
C ASN A 32 -7.54 -4.50 -15.91
N GLU A 33 -6.66 -3.59 -16.38
CA GLU A 33 -5.24 -3.81 -16.67
C GLU A 33 -4.39 -4.27 -15.47
N PHE A 34 -4.82 -4.00 -14.22
CA PHE A 34 -4.10 -4.43 -13.02
C PHE A 34 -5.02 -4.86 -11.87
N ASP A 35 -5.61 -6.05 -12.04
CA ASP A 35 -6.40 -6.71 -11.00
C ASP A 35 -5.42 -7.44 -10.06
N PHE A 36 -4.77 -6.65 -9.20
CA PHE A 36 -3.72 -6.97 -8.23
C PHE A 36 -3.79 -8.30 -7.46
N MET A 37 -4.99 -8.87 -7.29
CA MET A 37 -5.23 -10.13 -6.56
C MET A 37 -6.11 -11.12 -7.36
N THR A 38 -6.16 -10.97 -8.70
CA THR A 38 -6.90 -11.84 -9.63
C THR A 38 -6.63 -13.35 -9.50
N ASP A 39 -7.50 -14.16 -10.10
CA ASP A 39 -7.45 -15.63 -10.18
C ASP A 39 -7.62 -16.14 -11.65
N PHE A 40 -7.46 -15.24 -12.63
CA PHE A 40 -7.57 -15.47 -14.08
C PHE A 40 -6.41 -16.27 -14.71
N VAL A 41 -5.62 -16.96 -13.87
CA VAL A 41 -4.43 -17.76 -14.24
C VAL A 41 -4.61 -18.74 -15.40
N CYS A 42 -5.83 -19.21 -15.66
CA CYS A 42 -6.15 -20.12 -16.78
C CYS A 42 -5.76 -19.56 -18.15
N LYS A 43 -5.81 -18.23 -18.34
CA LYS A 43 -5.42 -17.55 -19.61
C LYS A 43 -3.90 -17.38 -19.72
N GLN A 44 -3.20 -17.25 -18.59
CA GLN A 44 -1.74 -17.10 -18.50
C GLN A 44 -1.00 -18.45 -18.41
N GLN A 45 -1.73 -19.57 -18.35
CA GLN A 45 -1.19 -20.94 -18.30
C GLN A 45 -0.24 -21.21 -19.50
N PRO A 46 0.94 -21.82 -19.30
CA PRO A 46 1.89 -22.08 -20.38
C PRO A 46 1.39 -23.11 -21.41
N SER A 47 1.90 -22.97 -22.64
CA SER A 47 1.62 -23.84 -23.81
C SER A 47 2.76 -23.85 -24.85
N ARG A 48 3.52 -22.75 -24.95
CA ARG A 48 4.66 -22.57 -25.88
C ARG A 48 6.03 -22.95 -25.27
N VAL A 49 6.06 -23.25 -23.97
CA VAL A 49 7.28 -23.58 -23.18
C VAL A 49 7.17 -24.88 -22.36
N SER A 50 6.14 -25.69 -22.59
CA SER A 50 5.88 -26.97 -21.92
C SER A 50 5.18 -27.99 -22.84
N ALA B 1 -13.43 -10.88 -18.07
CA ALA B 1 -12.45 -11.33 -17.07
C ALA B 1 -12.08 -10.20 -16.10
N THR B 2 -11.72 -10.53 -14.85
CA THR B 2 -11.33 -9.58 -13.80
C THR B 2 -10.09 -8.74 -14.16
N GLY B 3 -9.07 -9.40 -14.74
CA GLY B 3 -7.82 -8.80 -15.19
C GLY B 3 -6.69 -9.84 -15.31
N PRO B 4 -5.61 -9.55 -16.06
CA PRO B 4 -4.48 -10.46 -16.25
C PRO B 4 -3.71 -10.64 -14.94
N THR B 5 -3.09 -11.81 -14.80
CA THR B 5 -2.31 -12.21 -13.62
C THR B 5 -1.22 -11.20 -13.30
N ALA B 6 -1.47 -10.47 -12.22
CA ALA B 6 -0.71 -9.36 -11.66
C ALA B 6 0.82 -9.53 -11.71
N ASP B 7 1.51 -8.59 -12.36
CA ASP B 7 2.97 -8.57 -12.53
C ASP B 7 3.74 -8.40 -11.20
N PRO B 8 4.84 -9.16 -10.95
CA PRO B 8 5.65 -9.05 -9.74
C PRO B 8 6.11 -7.63 -9.37
N GLU B 9 6.46 -6.76 -10.33
CA GLU B 9 6.90 -5.39 -10.04
C GLU B 9 5.72 -4.52 -9.57
N LYS B 10 4.52 -4.69 -10.15
CA LYS B 10 3.31 -3.99 -9.69
C LYS B 10 2.93 -4.49 -8.29
N ARG B 11 3.04 -5.81 -8.03
CA ARG B 11 2.82 -6.40 -6.69
C ARG B 11 3.88 -5.98 -5.66
N LYS B 12 5.08 -5.61 -6.09
CA LYS B 12 6.15 -5.05 -5.23
C LYS B 12 5.83 -3.57 -4.94
N LEU B 13 5.36 -2.82 -5.94
CA LEU B 13 4.92 -1.43 -5.77
C LEU B 13 3.72 -1.30 -4.83
N ILE B 14 2.73 -2.21 -4.81
CA ILE B 14 1.64 -2.12 -3.82
C ILE B 14 2.17 -2.26 -2.38
N GLN B 15 3.24 -3.03 -2.15
CA GLN B 15 3.87 -3.17 -0.83
C GLN B 15 4.60 -1.87 -0.43
N GLN B 16 5.27 -1.20 -1.38
CA GLN B 16 5.88 0.12 -1.17
C GLN B 16 4.80 1.17 -0.86
N GLN B 17 3.71 1.18 -1.64
CA GLN B 17 2.58 2.10 -1.46
C GLN B 17 1.89 1.86 -0.12
N LEU B 18 1.67 0.59 0.26
CA LEU B 18 1.10 0.15 1.54
C LEU B 18 1.86 0.76 2.71
N VAL B 19 3.18 0.58 2.76
CA VAL B 19 4.07 1.12 3.82
C VAL B 19 3.94 2.65 3.95
N LEU B 20 4.00 3.38 2.83
CA LEU B 20 3.87 4.83 2.83
C LEU B 20 2.46 5.30 3.25
N LEU B 21 1.41 4.61 2.79
CA LEU B 21 0.00 4.86 3.11
C LEU B 21 -0.24 4.70 4.62
N LEU B 22 0.26 3.61 5.21
CA LEU B 22 0.19 3.33 6.64
C LEU B 22 0.95 4.40 7.44
N HIS B 23 2.17 4.76 7.01
CA HIS B 23 2.95 5.82 7.66
C HIS B 23 2.20 7.16 7.62
N ALA B 24 1.66 7.55 6.45
CA ALA B 24 0.90 8.79 6.30
C ALA B 24 -0.31 8.85 7.26
N HIS B 25 -1.00 7.72 7.47
CA HIS B 25 -2.12 7.63 8.42
C HIS B 25 -1.69 7.92 9.88
N LYS B 26 -0.48 7.49 10.26
CA LYS B 26 0.13 7.77 11.58
C LYS B 26 0.58 9.23 11.68
N CYS B 27 1.39 9.66 10.72
CA CYS B 27 2.01 10.98 10.58
C CYS B 27 1.00 12.15 10.57
N GLN B 28 -0.18 11.95 9.96
CA GLN B 28 -1.27 12.94 9.93
C GLN B 28 -1.79 13.30 11.34
N ARG B 29 -1.62 12.43 12.34
CA ARG B 29 -2.01 12.67 13.74
C ARG B 29 -1.05 13.64 14.45
N ARG B 30 0.26 13.50 14.19
CA ARG B 30 1.32 14.33 14.81
C ARG B 30 1.27 15.79 14.39
N GLU B 31 1.16 16.10 13.09
CA GLU B 31 1.15 17.50 12.63
C GLU B 31 0.03 18.33 13.26
N GLN B 32 -1.14 17.73 13.50
CA GLN B 32 -2.29 18.36 14.15
C GLN B 32 -2.10 18.62 15.66
N ALA B 33 -1.10 17.99 16.29
CA ALA B 33 -0.82 18.14 17.72
C ALA B 33 -0.21 19.51 18.10
N ASN B 34 0.34 20.25 17.12
CA ASN B 34 0.93 21.59 17.34
C ASN B 34 0.87 22.51 16.10
N GLY B 35 1.01 21.96 14.88
CA GLY B 35 0.92 22.71 13.61
C GLY B 35 1.91 22.25 12.52
N GLU B 36 3.11 21.80 12.90
CA GLU B 36 4.17 21.42 11.94
C GLU B 36 5.09 20.25 12.39
N VAL B 37 4.65 19.43 13.35
CA VAL B 37 5.43 18.28 13.87
C VAL B 37 5.90 17.32 12.77
N ARG B 38 7.11 16.75 12.92
CA ARG B 38 7.71 15.76 11.99
C ARG B 38 8.18 14.50 12.73
N ALA B 39 8.26 13.38 11.99
CA ALA B 39 8.74 12.07 12.49
C ALA B 39 9.36 11.17 11.39
N CYS B 40 9.17 11.52 10.11
CA CYS B 40 9.61 10.80 8.92
C CYS B 40 11.13 10.53 8.84
N SER B 41 11.49 9.53 8.03
CA SER B 41 12.88 9.16 7.68
C SER B 41 13.19 9.37 6.19
N LEU B 42 12.17 9.75 5.39
CA LEU B 42 12.24 10.03 3.95
C LEU B 42 11.15 11.05 3.54
N PRO B 43 11.36 11.87 2.49
CA PRO B 43 10.38 12.88 2.05
C PRO B 43 9.15 12.28 1.33
N HIS B 44 9.23 11.04 0.83
CA HIS B 44 8.17 10.35 0.09
C HIS B 44 6.85 10.18 0.86
N CYS B 45 6.87 10.32 2.18
CA CYS B 45 5.68 10.35 3.04
C CYS B 45 4.69 11.44 2.56
N ARG B 46 5.22 12.64 2.22
CA ARG B 46 4.45 13.79 1.74
C ARG B 46 3.54 13.48 0.55
N THR B 47 4.00 12.63 -0.36
CA THR B 47 3.22 12.18 -1.53
C THR B 47 1.97 11.43 -1.07
N MET B 48 2.12 10.46 -0.17
CA MET B 48 0.96 9.75 0.42
C MET B 48 0.10 10.69 1.25
N LYS B 49 0.64 11.52 2.15
CA LYS B 49 -0.13 12.52 2.94
C LYS B 49 -1.06 13.37 2.07
N ASN B 50 -0.57 13.85 0.92
CA ASN B 50 -1.35 14.62 -0.04
C ASN B 50 -2.43 13.75 -0.70
N VAL B 51 -2.07 12.55 -1.15
CA VAL B 51 -2.97 11.57 -1.78
C VAL B 51 -4.06 11.09 -0.83
N LEU B 52 -3.79 10.97 0.48
CA LEU B 52 -4.77 10.52 1.47
C LEU B 52 -5.91 11.54 1.58
N ASN B 53 -5.57 12.82 1.72
CA ASN B 53 -6.54 13.92 1.80
C ASN B 53 -7.41 14.00 0.53
N HIS B 54 -6.88 13.56 -0.62
CA HIS B 54 -7.61 13.49 -1.87
C HIS B 54 -8.50 12.23 -1.94
N MET B 55 -7.93 11.02 -1.82
CA MET B 55 -8.66 9.75 -1.96
C MET B 55 -9.75 9.51 -0.90
N THR B 56 -9.64 10.10 0.29
CA THR B 56 -10.68 9.98 1.34
C THR B 56 -11.97 10.72 1.00
N HIS B 57 -11.97 11.57 -0.05
CA HIS B 57 -13.13 12.34 -0.52
C HIS B 57 -13.42 12.15 -2.03
N CYS B 58 -12.45 11.66 -2.81
CA CYS B 58 -12.60 11.42 -4.25
C CYS B 58 -13.70 10.38 -4.57
N GLN B 59 -14.35 10.58 -5.73
CA GLN B 59 -15.45 9.76 -6.24
C GLN B 59 -15.35 9.48 -7.76
N ALA B 60 -14.29 9.97 -8.45
CA ALA B 60 -14.10 9.74 -9.88
C ALA B 60 -13.59 8.33 -10.23
N GLY B 61 -13.01 7.60 -9.26
CA GLY B 61 -12.49 6.24 -9.40
C GLY B 61 -11.68 5.99 -10.68
N LYS B 62 -12.21 5.17 -11.59
CA LYS B 62 -11.59 4.85 -12.90
C LYS B 62 -11.26 6.10 -13.75
N ALA B 63 -12.02 7.18 -13.58
CA ALA B 63 -11.83 8.44 -14.31
C ALA B 63 -10.86 9.43 -13.61
N CYS B 64 -10.45 9.15 -12.37
CA CYS B 64 -9.50 9.98 -11.61
C CYS B 64 -8.09 9.86 -12.21
N GLN B 65 -7.55 10.98 -12.73
CA GLN B 65 -6.21 11.04 -13.32
C GLN B 65 -5.07 10.83 -12.32
N VAL B 66 -5.36 10.93 -11.01
CA VAL B 66 -4.41 10.69 -9.93
C VAL B 66 -4.30 9.17 -9.73
N ALA B 67 -3.35 8.55 -10.43
CA ALA B 67 -3.11 7.11 -10.40
C ALA B 67 -2.97 6.56 -8.96
N HIS B 68 -2.27 7.29 -8.09
CA HIS B 68 -2.03 6.95 -6.69
C HIS B 68 -3.31 6.97 -5.82
N CYS B 69 -4.31 7.80 -6.17
CA CYS B 69 -5.58 7.92 -5.44
C CYS B 69 -6.40 6.63 -5.56
N ALA B 70 -6.80 6.26 -6.78
CA ALA B 70 -7.58 5.04 -7.02
C ALA B 70 -6.83 3.77 -6.54
N SER B 71 -5.50 3.78 -6.63
CA SER B 71 -4.66 2.68 -6.17
C SER B 71 -4.60 2.58 -4.64
N SER B 72 -4.21 3.64 -3.93
CA SER B 72 -4.16 3.67 -2.45
C SER B 72 -5.53 3.37 -1.82
N ARG B 73 -6.61 3.91 -2.41
CA ARG B 73 -8.01 3.68 -2.02
C ARG B 73 -8.39 2.19 -2.03
N GLN B 74 -7.79 1.40 -2.94
CA GLN B 74 -8.01 -0.04 -3.06
C GLN B 74 -7.13 -0.91 -2.12
N ILE B 75 -5.90 -0.50 -1.78
CA ILE B 75 -4.97 -1.31 -0.95
C ILE B 75 -5.57 -1.79 0.38
N ILE B 76 -6.12 -0.88 1.19
CA ILE B 76 -6.71 -1.28 2.49
C ILE B 76 -7.94 -2.18 2.34
N SER B 77 -8.69 -2.07 1.23
CA SER B 77 -9.86 -2.93 0.96
C SER B 77 -9.46 -4.41 0.89
N HIS B 78 -8.29 -4.71 0.31
CA HIS B 78 -7.74 -6.07 0.31
C HIS B 78 -7.36 -6.48 1.75
N TRP B 79 -6.47 -5.71 2.39
CA TRP B 79 -5.93 -6.01 3.72
C TRP B 79 -7.01 -6.24 4.80
N LYS B 80 -8.06 -5.41 4.81
CA LYS B 80 -9.19 -5.52 5.75
C LYS B 80 -10.02 -6.80 5.55
N ASN B 81 -10.20 -7.24 4.30
CA ASN B 81 -10.94 -8.45 3.95
C ASN B 81 -10.13 -9.76 4.10
N CYS B 82 -8.82 -9.72 3.81
CA CYS B 82 -7.92 -10.88 3.83
C CYS B 82 -7.69 -11.50 5.23
N THR B 83 -7.33 -12.78 5.25
CA THR B 83 -7.04 -13.61 6.43
C THR B 83 -5.85 -14.57 6.23
N ARG B 84 -5.25 -14.60 5.02
CA ARG B 84 -4.11 -15.45 4.64
C ARG B 84 -2.81 -14.98 5.31
N HIS B 85 -2.27 -15.83 6.20
CA HIS B 85 -1.08 -15.55 7.02
C HIS B 85 0.23 -15.26 6.25
N ASP B 86 0.34 -15.76 5.01
CA ASP B 86 1.54 -15.62 4.14
C ASP B 86 1.26 -14.82 2.83
N CYS B 87 0.21 -13.99 2.83
CA CYS B 87 -0.19 -13.13 1.72
C CYS B 87 0.86 -12.02 1.41
N PRO B 88 1.16 -11.69 0.14
CA PRO B 88 2.11 -10.65 -0.26
C PRO B 88 1.97 -9.26 0.41
N VAL B 89 0.77 -8.91 0.91
CA VAL B 89 0.51 -7.63 1.60
C VAL B 89 0.48 -7.81 3.11
N CYS B 90 -0.25 -8.81 3.60
CA CYS B 90 -0.43 -9.06 5.03
C CYS B 90 0.83 -9.59 5.73
N LEU B 91 1.59 -10.49 5.08
CA LEU B 91 2.82 -11.09 5.64
C LEU B 91 3.89 -10.07 6.09
N PRO B 92 4.39 -9.14 5.24
CA PRO B 92 5.40 -8.19 5.67
C PRO B 92 4.91 -7.26 6.78
N LEU B 93 3.67 -6.77 6.67
CA LEU B 93 3.06 -5.88 7.67
C LEU B 93 2.91 -6.56 9.04
N LYS B 94 2.45 -7.82 9.06
CA LYS B 94 2.32 -8.64 10.28
C LYS B 94 3.66 -8.90 10.93
N ASN B 95 4.66 -9.30 10.13
CA ASN B 95 6.01 -9.60 10.60
C ASN B 95 6.73 -8.34 11.12
N ALA B 96 6.49 -7.17 10.51
CA ALA B 96 7.08 -5.90 10.92
C ALA B 96 6.73 -5.47 12.35
N SER B 97 5.59 -5.90 12.91
CA SER B 97 5.20 -5.58 14.29
C SER B 97 6.23 -6.02 15.34
N ASP B 98 7.11 -6.97 15.00
CA ASP B 98 8.20 -7.46 15.86
C ASP B 98 9.40 -6.48 15.94
N LYS B 99 9.50 -5.50 15.03
CA LYS B 99 10.62 -4.55 14.95
C LYS B 99 10.79 -3.64 16.17
N ARG B 100 9.70 -3.24 16.83
CA ARG B 100 9.70 -2.42 18.06
C ARG B 100 8.43 -2.64 18.89
ZN ZN C . 5.46 11.15 7.74
ZN ZN D . -8.98 10.90 -6.92
ZN ZN E . -3.84 -10.41 2.12
N THR A 1 1.06 -7.01 19.65
CA THR A 1 0.53 -5.64 19.83
C THR A 1 -0.91 -5.55 19.31
N ASP A 2 -1.78 -4.78 19.98
CA ASP A 2 -3.18 -4.60 19.59
C ASP A 2 -3.36 -4.05 18.15
N PHE A 3 -2.45 -3.17 17.72
CA PHE A 3 -2.40 -2.57 16.37
C PHE A 3 -0.96 -2.12 16.01
N ILE A 4 -0.78 -1.73 14.75
CA ILE A 4 0.46 -1.22 14.14
C ILE A 4 0.88 0.13 14.77
N ASP A 5 2.14 0.51 14.60
CA ASP A 5 2.75 1.76 15.10
C ASP A 5 3.62 2.42 14.01
N GLU A 6 3.70 3.75 13.97
CA GLU A 6 4.51 4.45 12.96
C GLU A 6 6.02 4.10 12.97
N GLU A 7 6.59 3.73 14.13
CA GLU A 7 7.98 3.26 14.17
C GLU A 7 8.12 1.87 13.49
N VAL A 8 7.06 1.06 13.52
CA VAL A 8 6.98 -0.23 12.80
C VAL A 8 6.92 0.05 11.30
N LEU A 9 6.17 1.06 10.84
CA LEU A 9 6.17 1.44 9.42
C LEU A 9 7.53 2.00 8.99
N MET A 10 8.19 2.84 9.80
CA MET A 10 9.55 3.35 9.49
C MET A 10 10.56 2.19 9.42
N SER A 11 10.39 1.15 10.25
CA SER A 11 11.21 -0.07 10.18
C SER A 11 10.95 -0.81 8.86
N LEU A 12 9.69 -0.87 8.39
CA LEU A 12 9.33 -1.48 7.10
C LEU A 12 9.82 -0.64 5.91
N VAL A 13 9.86 0.69 6.01
CA VAL A 13 10.45 1.60 5.00
C VAL A 13 11.92 1.21 4.79
N ILE A 14 12.64 1.02 5.88
CA ILE A 14 14.06 0.61 5.90
C ILE A 14 14.20 -0.83 5.38
N GLU A 15 13.32 -1.76 5.78
CA GLU A 15 13.29 -3.15 5.33
C GLU A 15 13.10 -3.27 3.80
N MET A 16 12.18 -2.49 3.24
CA MET A 16 11.86 -2.43 1.81
C MET A 16 12.89 -1.60 1.00
N GLY A 17 13.70 -0.76 1.65
CA GLY A 17 14.71 0.10 1.00
C GLY A 17 14.13 1.36 0.34
N LEU A 18 13.02 1.89 0.86
CA LEU A 18 12.31 3.06 0.32
C LEU A 18 13.10 4.39 0.41
N ASP A 19 14.25 4.40 1.10
CA ASP A 19 15.16 5.55 1.11
C ASP A 19 15.76 5.82 -0.29
N ARG A 20 15.69 4.82 -1.20
CA ARG A 20 16.15 4.88 -2.61
C ARG A 20 15.16 5.58 -3.56
N ILE A 21 13.92 5.83 -3.14
CA ILE A 21 12.88 6.50 -3.96
C ILE A 21 13.33 7.93 -4.32
N LYS A 22 12.87 8.42 -5.48
CA LYS A 22 13.11 9.78 -6.00
C LYS A 22 11.81 10.40 -6.55
N GLU A 23 10.98 9.59 -7.19
CA GLU A 23 9.66 9.91 -7.74
C GLU A 23 8.75 8.67 -7.58
N LEU A 24 7.54 8.84 -7.05
CA LEU A 24 6.59 7.74 -6.82
C LEU A 24 5.98 7.24 -8.16
N PRO A 25 6.07 5.94 -8.50
CA PRO A 25 5.52 5.39 -9.75
C PRO A 25 3.99 5.22 -9.72
N GLU A 26 3.41 4.91 -10.89
CA GLU A 26 1.97 4.69 -11.07
C GLU A 26 1.56 3.21 -10.91
N LEU A 27 0.29 3.01 -10.54
CA LEU A 27 -0.42 1.73 -10.48
C LEU A 27 -1.90 2.00 -10.84
N TRP A 28 -2.59 1.01 -11.42
CA TRP A 28 -3.99 1.16 -11.86
C TRP A 28 -4.92 0.06 -11.34
N LEU A 29 -4.94 -0.12 -10.02
CA LEU A 29 -5.81 -1.08 -9.31
C LEU A 29 -7.31 -0.73 -9.47
N GLY A 30 -7.62 0.52 -9.84
CA GLY A 30 -8.97 1.01 -10.11
C GLY A 30 -9.46 0.66 -11.53
N GLN A 31 -8.72 -0.16 -12.27
CA GLN A 31 -9.02 -0.62 -13.63
C GLN A 31 -8.60 -2.08 -13.86
N ASN A 32 -9.10 -2.69 -14.93
CA ASN A 32 -8.78 -4.06 -15.32
C ASN A 32 -7.29 -4.26 -15.67
N GLU A 33 -6.55 -3.17 -15.93
CA GLU A 33 -5.13 -3.13 -16.28
C GLU A 33 -4.20 -3.81 -15.25
N PHE A 34 -4.56 -3.80 -13.96
CA PHE A 34 -3.77 -4.43 -12.90
C PHE A 34 -4.65 -5.02 -11.78
N ASP A 35 -5.12 -6.24 -12.02
CA ASP A 35 -5.85 -7.05 -11.02
C ASP A 35 -4.83 -7.67 -10.04
N PHE A 36 -4.32 -6.80 -9.17
CA PHE A 36 -3.29 -6.99 -8.15
C PHE A 36 -3.34 -8.28 -7.32
N MET A 37 -4.52 -8.89 -7.17
CA MET A 37 -4.74 -10.11 -6.38
C MET A 37 -5.54 -11.17 -7.16
N THR A 38 -5.43 -11.17 -8.49
CA THR A 38 -6.04 -12.16 -9.43
C THR A 38 -6.07 -13.59 -8.86
N ASP A 39 -7.24 -14.23 -8.89
CA ASP A 39 -7.46 -15.60 -8.40
C ASP A 39 -6.60 -16.65 -9.13
N PHE A 40 -5.95 -17.54 -8.37
CA PHE A 40 -5.11 -18.63 -8.88
C PHE A 40 -5.11 -19.82 -7.90
N VAL A 41 -5.80 -20.90 -8.27
CA VAL A 41 -5.97 -22.13 -7.46
C VAL A 41 -5.87 -23.42 -8.31
N CYS A 42 -5.25 -23.35 -9.49
CA CYS A 42 -5.11 -24.47 -10.42
C CYS A 42 -3.71 -24.51 -11.08
N LYS A 43 -2.98 -25.61 -10.88
CA LYS A 43 -1.64 -25.87 -11.44
C LYS A 43 -1.35 -27.38 -11.54
N GLN A 44 -0.27 -27.73 -12.26
CA GLN A 44 0.20 -29.10 -12.48
C GLN A 44 1.74 -29.09 -12.70
N GLN A 45 2.38 -30.26 -12.60
CA GLN A 45 3.84 -30.44 -12.78
C GLN A 45 4.14 -31.67 -13.68
N PRO A 46 4.88 -31.51 -14.78
CA PRO A 46 5.23 -32.61 -15.70
C PRO A 46 6.35 -33.51 -15.15
N SER A 47 6.57 -34.65 -15.81
CA SER A 47 7.59 -35.65 -15.45
C SER A 47 8.92 -35.50 -16.22
N ARG A 48 8.86 -35.50 -17.57
CA ARG A 48 10.04 -35.44 -18.47
C ARG A 48 9.78 -34.78 -19.84
N VAL A 49 8.77 -33.90 -19.94
CA VAL A 49 8.37 -33.22 -21.19
C VAL A 49 9.44 -32.31 -21.83
N SER A 50 10.42 -31.84 -21.04
CA SER A 50 11.52 -30.95 -21.45
C SER A 50 12.76 -31.17 -20.59
N ALA B 1 3.20 -17.19 -3.76
CA ALA B 1 3.81 -16.90 -5.08
C ALA B 1 4.11 -15.42 -5.25
N THR B 2 5.22 -15.07 -5.93
CA THR B 2 5.67 -13.70 -6.19
C THR B 2 4.91 -12.96 -7.30
N GLY B 3 4.13 -13.66 -8.12
CA GLY B 3 3.37 -13.07 -9.24
C GLY B 3 2.77 -14.14 -10.17
N PRO B 4 1.72 -14.89 -9.75
CA PRO B 4 1.12 -15.95 -10.55
C PRO B 4 0.41 -15.44 -11.82
N THR B 5 -0.10 -14.21 -11.78
CA THR B 5 -0.75 -13.51 -12.91
C THR B 5 -0.53 -12.00 -12.81
N ALA B 6 -0.66 -11.44 -11.61
CA ALA B 6 -0.39 -10.04 -11.31
C ALA B 6 1.12 -9.73 -11.52
N ASP B 7 1.43 -8.64 -12.23
CA ASP B 7 2.80 -8.22 -12.55
C ASP B 7 3.71 -8.05 -11.30
N PRO B 8 4.84 -8.78 -11.18
CA PRO B 8 5.76 -8.70 -10.05
C PRO B 8 6.25 -7.30 -9.64
N GLU B 9 6.47 -6.39 -10.59
CA GLU B 9 6.92 -5.01 -10.27
C GLU B 9 5.73 -4.17 -9.78
N LYS B 10 4.54 -4.29 -10.37
CA LYS B 10 3.34 -3.63 -9.85
C LYS B 10 2.99 -4.20 -8.46
N ARG B 11 3.19 -5.50 -8.23
CA ARG B 11 3.02 -6.17 -6.91
C ARG B 11 4.04 -5.64 -5.89
N LYS B 12 5.31 -5.50 -6.29
CA LYS B 12 6.37 -4.87 -5.46
C LYS B 12 5.95 -3.45 -5.07
N LEU B 13 5.35 -2.71 -6.01
CA LEU B 13 4.82 -1.37 -5.79
C LEU B 13 3.57 -1.35 -4.88
N ILE B 14 2.67 -2.36 -4.84
CA ILE B 14 1.57 -2.34 -3.85
C ILE B 14 2.13 -2.47 -2.43
N GLN B 15 3.20 -3.25 -2.24
CA GLN B 15 3.90 -3.39 -0.96
C GLN B 15 4.58 -2.07 -0.56
N GLN B 16 5.13 -1.33 -1.54
CA GLN B 16 5.71 0.00 -1.35
C GLN B 16 4.62 1.02 -0.94
N GLN B 17 3.50 1.03 -1.68
CA GLN B 17 2.33 1.89 -1.41
C GLN B 17 1.79 1.65 0.00
N LEU B 18 1.55 0.38 0.36
CA LEU B 18 1.05 -0.09 1.66
C LEU B 18 1.79 0.58 2.82
N VAL B 19 3.12 0.41 2.88
CA VAL B 19 3.99 0.98 3.93
C VAL B 19 3.85 2.50 4.06
N LEU B 20 3.93 3.23 2.95
CA LEU B 20 3.82 4.70 2.94
C LEU B 20 2.41 5.18 3.35
N LEU B 21 1.37 4.50 2.85
CA LEU B 21 -0.04 4.75 3.15
C LEU B 21 -0.33 4.57 4.65
N LEU B 22 0.13 3.45 5.23
CA LEU B 22 0.00 3.16 6.66
C LEU B 22 0.72 4.24 7.50
N HIS B 23 1.93 4.66 7.10
CA HIS B 23 2.66 5.72 7.78
C HIS B 23 1.90 7.06 7.69
N ALA B 24 1.47 7.49 6.50
CA ALA B 24 0.73 8.73 6.30
C ALA B 24 -0.55 8.80 7.16
N HIS B 25 -1.27 7.68 7.32
CA HIS B 25 -2.46 7.62 8.18
C HIS B 25 -2.13 7.89 9.66
N LYS B 26 -0.97 7.41 10.16
CA LYS B 26 -0.48 7.68 11.53
C LYS B 26 0.01 9.12 11.66
N CYS B 27 0.86 9.56 10.72
CA CYS B 27 1.51 10.87 10.61
C CYS B 27 0.55 12.08 10.71
N GLN B 28 -0.74 11.90 10.41
CA GLN B 28 -1.76 12.93 10.60
C GLN B 28 -1.84 13.41 12.06
N ARG B 29 -1.52 12.54 13.05
CA ARG B 29 -1.46 12.91 14.48
C ARG B 29 -0.37 13.96 14.75
N ARG B 30 0.77 13.84 14.06
CA ARG B 30 1.92 14.74 14.14
C ARG B 30 1.72 16.01 13.32
N GLU B 31 1.14 15.94 12.13
CA GLU B 31 0.87 17.15 11.31
C GLU B 31 -0.09 18.13 12.01
N GLN B 32 -1.02 17.62 12.83
CA GLN B 32 -1.93 18.43 13.65
C GLN B 32 -1.25 19.01 14.91
N ALA B 33 -0.37 18.23 15.55
CA ALA B 33 0.39 18.62 16.74
C ALA B 33 1.54 19.61 16.45
N ASN B 34 2.09 19.57 15.24
CA ASN B 34 3.19 20.36 14.66
C ASN B 34 4.24 20.92 15.67
N GLY B 35 4.86 20.04 16.46
CA GLY B 35 5.91 20.40 17.43
C GLY B 35 7.06 19.39 17.59
N GLU B 36 6.93 18.21 16.96
CA GLU B 36 7.84 17.06 17.03
C GLU B 36 8.02 16.33 15.69
N VAL B 37 7.55 16.93 14.58
CA VAL B 37 7.53 16.37 13.21
C VAL B 37 8.92 16.17 12.54
N ARG B 38 9.74 15.28 13.12
CA ARG B 38 11.09 14.89 12.64
C ARG B 38 11.27 13.37 12.49
N ALA B 39 10.28 12.57 12.88
CA ALA B 39 10.31 11.10 12.83
C ALA B 39 10.42 10.52 11.41
N CYS B 40 9.83 11.19 10.41
CA CYS B 40 9.83 10.81 8.99
C CYS B 40 11.26 10.62 8.43
N SER B 41 11.65 9.36 8.18
CA SER B 41 12.97 9.01 7.64
C SER B 41 13.17 9.37 6.16
N LEU B 42 12.09 9.71 5.44
CA LEU B 42 12.10 10.08 4.02
C LEU B 42 11.00 11.11 3.67
N PRO B 43 11.18 11.96 2.65
CA PRO B 43 10.19 12.98 2.27
C PRO B 43 8.94 12.39 1.58
N HIS B 44 9.03 11.18 1.02
CA HIS B 44 7.96 10.49 0.30
C HIS B 44 6.68 10.23 1.14
N CYS B 45 6.78 10.35 2.48
CA CYS B 45 5.65 10.33 3.39
C CYS B 45 4.62 11.42 3.01
N ARG B 46 5.11 12.62 2.65
CA ARG B 46 4.31 13.78 2.22
C ARG B 46 3.45 13.46 0.99
N THR B 47 3.97 12.67 0.05
CA THR B 47 3.23 12.24 -1.16
C THR B 47 1.98 11.47 -0.77
N MET B 48 2.11 10.45 0.10
CA MET B 48 0.94 9.72 0.59
C MET B 48 0.04 10.61 1.44
N LYS B 49 0.57 11.43 2.36
CA LYS B 49 -0.22 12.36 3.19
C LYS B 49 -1.12 13.29 2.35
N ASN B 50 -0.61 13.79 1.23
CA ASN B 50 -1.37 14.61 0.28
C ASN B 50 -2.43 13.76 -0.45
N VAL B 51 -2.07 12.55 -0.90
CA VAL B 51 -2.97 11.60 -1.56
C VAL B 51 -4.09 11.13 -0.61
N LEU B 52 -3.84 10.97 0.69
CA LEU B 52 -4.84 10.54 1.66
C LEU B 52 -6.02 11.52 1.72
N ASN B 53 -5.73 12.82 1.75
CA ASN B 53 -6.74 13.88 1.74
C ASN B 53 -7.63 13.83 0.48
N HIS B 54 -7.08 13.34 -0.65
CA HIS B 54 -7.81 13.14 -1.90
C HIS B 54 -8.62 11.82 -1.90
N MET B 55 -7.98 10.66 -1.70
CA MET B 55 -8.61 9.33 -1.72
C MET B 55 -9.70 9.10 -0.66
N THR B 56 -9.68 9.85 0.46
CA THR B 56 -10.72 9.75 1.51
C THR B 56 -12.07 10.36 1.09
N HIS B 57 -12.11 11.14 0.01
CA HIS B 57 -13.33 11.79 -0.52
C HIS B 57 -13.61 11.45 -2.00
N CYS B 58 -12.58 11.14 -2.79
CA CYS B 58 -12.68 10.76 -4.20
C CYS B 58 -13.34 9.37 -4.40
N GLN B 59 -14.00 9.20 -5.55
CA GLN B 59 -14.65 7.96 -6.00
C GLN B 59 -14.60 7.82 -7.54
N ALA B 60 -13.78 8.63 -8.23
CA ALA B 60 -13.61 8.61 -9.68
C ALA B 60 -12.77 7.42 -10.22
N GLY B 61 -12.27 6.55 -9.34
CA GLY B 61 -11.39 5.36 -9.54
C GLY B 61 -11.17 4.83 -10.97
N LYS B 62 -12.24 4.52 -11.73
CA LYS B 62 -12.14 4.02 -13.12
C LYS B 62 -11.47 4.99 -14.10
N ALA B 63 -11.49 6.28 -13.80
CA ALA B 63 -10.94 7.36 -14.63
C ALA B 63 -10.18 8.44 -13.83
N CYS B 64 -10.03 8.30 -12.50
CA CYS B 64 -9.29 9.23 -11.65
C CYS B 64 -7.82 9.34 -12.12
N GLN B 65 -7.44 10.48 -12.69
CA GLN B 65 -6.10 10.71 -13.24
C GLN B 65 -4.99 10.63 -12.18
N VAL B 66 -5.34 10.75 -10.90
CA VAL B 66 -4.43 10.57 -9.76
C VAL B 66 -4.30 9.07 -9.52
N ALA B 67 -3.36 8.42 -10.22
CA ALA B 67 -3.13 6.98 -10.13
C ALA B 67 -2.88 6.50 -8.69
N HIS B 68 -2.18 7.31 -7.89
CA HIS B 68 -1.90 7.05 -6.47
C HIS B 68 -3.16 6.98 -5.59
N CYS B 69 -4.21 7.77 -5.93
CA CYS B 69 -5.49 7.78 -5.24
C CYS B 69 -6.22 6.45 -5.47
N ALA B 70 -6.44 6.07 -6.73
CA ALA B 70 -7.09 4.80 -7.07
C ALA B 70 -6.31 3.59 -6.51
N SER B 71 -4.98 3.68 -6.49
CA SER B 71 -4.10 2.65 -5.92
C SER B 71 -4.33 2.53 -4.40
N SER B 72 -4.07 3.59 -3.63
CA SER B 72 -4.24 3.61 -2.16
C SER B 72 -5.68 3.25 -1.73
N ARG B 73 -6.70 3.73 -2.46
CA ARG B 73 -8.12 3.41 -2.22
C ARG B 73 -8.46 1.93 -2.41
N GLN B 74 -7.62 1.18 -3.15
CA GLN B 74 -7.74 -0.27 -3.33
C GLN B 74 -6.87 -1.08 -2.33
N ILE B 75 -5.70 -0.58 -1.91
CA ILE B 75 -4.82 -1.29 -0.95
C ILE B 75 -5.56 -1.65 0.35
N ILE B 76 -6.23 -0.68 1.00
CA ILE B 76 -6.96 -0.95 2.25
C ILE B 76 -8.12 -1.94 2.06
N SER B 77 -8.75 -1.96 0.87
CA SER B 77 -9.83 -2.90 0.55
C SER B 77 -9.34 -4.35 0.60
N HIS B 78 -8.09 -4.63 0.16
CA HIS B 78 -7.50 -5.96 0.32
C HIS B 78 -7.19 -6.22 1.80
N TRP B 79 -6.43 -5.33 2.43
CA TRP B 79 -5.96 -5.43 3.82
C TRP B 79 -7.07 -5.70 4.85
N LYS B 80 -8.22 -5.01 4.72
CA LYS B 80 -9.38 -5.18 5.60
C LYS B 80 -10.14 -6.48 5.36
N ASN B 81 -10.17 -6.97 4.13
CA ASN B 81 -10.87 -8.20 3.70
C ASN B 81 -10.09 -9.49 4.00
N CYS B 82 -8.80 -9.53 3.66
CA CYS B 82 -7.89 -10.68 3.84
C CYS B 82 -7.71 -11.08 5.31
N THR B 83 -7.43 -12.37 5.54
CA THR B 83 -7.23 -13.00 6.88
C THR B 83 -6.01 -13.93 6.93
N ARG B 84 -5.26 -14.05 5.82
CA ARG B 84 -4.07 -14.90 5.67
C ARG B 84 -2.88 -14.46 6.53
N HIS B 85 -1.89 -15.35 6.64
CA HIS B 85 -0.62 -15.16 7.37
C HIS B 85 0.60 -15.48 6.47
N ASP B 86 0.39 -15.64 5.16
CA ASP B 86 1.36 -15.97 4.12
C ASP B 86 1.18 -15.11 2.83
N CYS B 87 0.23 -14.18 2.85
CA CYS B 87 -0.13 -13.26 1.77
C CYS B 87 0.92 -12.13 1.61
N PRO B 88 1.34 -11.76 0.37
CA PRO B 88 2.34 -10.72 0.11
C PRO B 88 2.14 -9.36 0.81
N VAL B 89 0.91 -9.00 1.20
CA VAL B 89 0.59 -7.75 1.90
C VAL B 89 0.54 -7.94 3.42
N CYS B 90 -0.16 -8.97 3.88
CA CYS B 90 -0.37 -9.26 5.29
C CYS B 90 0.89 -9.77 6.01
N LEU B 91 1.66 -10.66 5.35
CA LEU B 91 2.89 -11.27 5.88
C LEU B 91 3.95 -10.26 6.36
N PRO B 92 4.45 -9.31 5.53
CA PRO B 92 5.50 -8.39 5.98
C PRO B 92 5.01 -7.44 7.08
N LEU B 93 3.76 -6.96 7.00
CA LEU B 93 3.16 -6.07 8.00
C LEU B 93 3.05 -6.75 9.38
N LYS B 94 2.64 -8.04 9.39
CA LYS B 94 2.56 -8.86 10.62
C LYS B 94 3.95 -9.09 11.22
N ASN B 95 4.96 -9.40 10.39
CA ASN B 95 6.34 -9.61 10.83
C ASN B 95 6.99 -8.32 11.38
N ALA B 96 6.79 -7.18 10.70
CA ALA B 96 7.34 -5.89 11.11
C ALA B 96 6.87 -5.43 12.50
N SER B 97 5.65 -5.81 12.91
CA SER B 97 5.06 -5.47 14.22
C SER B 97 5.92 -5.87 15.42
N ASP B 98 6.86 -6.82 15.24
CA ASP B 98 7.83 -7.25 16.26
C ASP B 98 8.77 -6.11 16.72
N LYS B 99 8.92 -5.03 15.94
CA LYS B 99 9.78 -3.86 16.24
C LYS B 99 9.16 -2.87 17.26
N ARG B 100 7.96 -3.16 17.79
CA ARG B 100 7.24 -2.35 18.80
C ARG B 100 8.04 -2.06 20.08
ZN ZN C . 5.39 10.89 8.24
ZN ZN D . -9.03 10.43 -6.89
ZN ZN E . -3.75 -10.49 2.24
N THR A 1 -4.20 2.56 21.72
CA THR A 1 -4.81 2.09 20.44
C THR A 1 -4.55 0.61 20.23
N ASP A 2 -5.59 -0.18 20.00
CA ASP A 2 -5.53 -1.65 19.82
C ASP A 2 -5.14 -2.09 18.38
N PHE A 3 -4.38 -1.26 17.65
CA PHE A 3 -3.91 -1.52 16.28
C PHE A 3 -2.48 -1.02 16.05
N ILE A 4 -2.04 -1.03 14.77
CA ILE A 4 -0.73 -0.61 14.26
C ILE A 4 -0.28 0.76 14.83
N ASP A 5 1.04 0.99 14.90
CA ASP A 5 1.68 2.18 15.46
C ASP A 5 2.56 2.92 14.43
N GLU A 6 2.77 4.22 14.59
CA GLU A 6 3.68 4.97 13.70
C GLU A 6 5.11 4.39 13.71
N GLU A 7 5.59 3.91 14.87
CA GLU A 7 6.90 3.26 14.98
C GLU A 7 6.96 1.92 14.25
N VAL A 8 5.81 1.22 14.13
CA VAL A 8 5.70 -0.05 13.38
C VAL A 8 5.86 0.23 11.88
N LEU A 9 5.22 1.28 11.34
CA LEU A 9 5.43 1.63 9.93
C LEU A 9 6.85 2.16 9.71
N MET A 10 7.42 2.96 10.62
CA MET A 10 8.81 3.44 10.49
C MET A 10 9.79 2.25 10.47
N SER A 11 9.50 1.20 11.25
CA SER A 11 10.29 -0.04 11.23
C SER A 11 10.15 -0.75 9.88
N LEU A 12 8.95 -0.78 9.28
CA LEU A 12 8.73 -1.35 7.94
C LEU A 12 9.36 -0.51 6.82
N VAL A 13 9.40 0.83 6.97
CA VAL A 13 10.09 1.76 6.05
C VAL A 13 11.58 1.38 5.99
N ILE A 14 12.18 1.13 7.16
CA ILE A 14 13.57 0.70 7.31
C ILE A 14 13.77 -0.73 6.80
N GLU A 15 12.83 -1.65 7.07
CA GLU A 15 12.85 -3.05 6.60
C GLU A 15 12.84 -3.14 5.06
N MET A 16 11.95 -2.38 4.41
CA MET A 16 11.79 -2.31 2.95
C MET A 16 12.81 -1.41 2.23
N GLY A 17 13.40 -0.42 2.93
CA GLY A 17 14.35 0.55 2.36
C GLY A 17 13.67 1.76 1.69
N LEU A 18 12.54 2.23 2.23
CA LEU A 18 11.78 3.37 1.66
C LEU A 18 12.43 4.74 1.90
N ASP A 19 13.48 4.81 2.71
CA ASP A 19 14.28 6.04 2.85
C ASP A 19 15.09 6.31 1.56
N ARG A 20 15.28 5.29 0.72
CA ARG A 20 15.99 5.34 -0.58
C ARG A 20 15.12 5.89 -1.74
N ILE A 21 13.82 6.11 -1.53
CA ILE A 21 12.88 6.67 -2.53
C ILE A 21 13.32 8.09 -2.98
N LYS A 22 12.78 8.55 -4.11
CA LYS A 22 12.98 9.91 -4.66
C LYS A 22 11.67 10.46 -5.24
N GLU A 23 10.95 9.62 -5.99
CA GLU A 23 9.63 9.89 -6.57
C GLU A 23 8.80 8.59 -6.55
N LEU A 24 7.49 8.67 -6.29
CA LEU A 24 6.59 7.51 -6.23
C LEU A 24 6.10 7.11 -7.64
N PRO A 25 6.28 5.83 -8.06
CA PRO A 25 5.82 5.36 -9.38
C PRO A 25 4.29 5.17 -9.45
N GLU A 26 3.77 4.98 -10.67
CA GLU A 26 2.34 4.73 -10.91
C GLU A 26 1.95 3.26 -10.80
N LEU A 27 0.67 3.05 -10.48
CA LEU A 27 -0.04 1.77 -10.42
C LEU A 27 -1.50 2.01 -10.82
N TRP A 28 -2.13 1.05 -11.49
CA TRP A 28 -3.52 1.16 -11.97
C TRP A 28 -4.39 -0.03 -11.56
N LEU A 29 -4.62 -0.16 -10.24
CA LEU A 29 -5.51 -1.15 -9.64
C LEU A 29 -6.99 -0.88 -9.97
N GLY A 30 -7.29 0.29 -10.56
CA GLY A 30 -8.59 0.72 -11.04
C GLY A 30 -8.80 0.40 -12.53
N GLN A 31 -8.00 -0.51 -13.10
CA GLN A 31 -8.05 -0.96 -14.50
C GLN A 31 -7.65 -2.46 -14.59
N ASN A 32 -8.00 -3.11 -15.70
CA ASN A 32 -7.65 -4.52 -15.94
C ASN A 32 -6.13 -4.72 -16.13
N GLU A 33 -5.40 -3.67 -16.51
CA GLU A 33 -3.96 -3.64 -16.75
C GLU A 33 -3.11 -4.13 -15.55
N PHE A 34 -3.60 -3.95 -14.32
CA PHE A 34 -2.97 -4.47 -13.10
C PHE A 34 -4.01 -4.88 -12.06
N ASP A 35 -4.68 -6.00 -12.33
CA ASP A 35 -5.61 -6.64 -11.40
C ASP A 35 -4.79 -7.42 -10.35
N PHE A 36 -4.16 -6.67 -9.45
CA PHE A 36 -3.23 -7.05 -8.38
C PHE A 36 -3.53 -8.35 -7.61
N MET A 37 -4.80 -8.73 -7.48
CA MET A 37 -5.26 -9.92 -6.76
C MET A 37 -6.23 -10.79 -7.60
N THR A 38 -6.10 -10.72 -8.93
CA THR A 38 -6.86 -11.52 -9.92
C THR A 38 -6.86 -13.04 -9.62
N ASP A 39 -7.85 -13.76 -10.13
CA ASP A 39 -8.04 -15.22 -9.98
C ASP A 39 -7.20 -16.07 -10.97
N PHE A 40 -6.03 -15.58 -11.39
CA PHE A 40 -5.14 -16.24 -12.35
C PHE A 40 -4.38 -17.47 -11.79
N VAL A 41 -5.12 -18.55 -11.55
CA VAL A 41 -4.62 -19.84 -11.04
C VAL A 41 -5.10 -21.05 -11.87
N CYS A 42 -5.96 -20.82 -12.87
CA CYS A 42 -6.48 -21.86 -13.77
C CYS A 42 -5.39 -22.32 -14.78
N LYS A 43 -5.51 -23.55 -15.29
CA LYS A 43 -4.59 -24.14 -16.29
C LYS A 43 -4.73 -23.45 -17.66
N GLN A 44 -3.66 -23.50 -18.47
CA GLN A 44 -3.62 -22.92 -19.81
C GLN A 44 -4.65 -23.60 -20.75
N GLN A 45 -5.39 -22.78 -21.52
CA GLN A 45 -6.39 -23.27 -22.48
C GLN A 45 -5.75 -24.02 -23.67
N PRO A 46 -6.40 -25.08 -24.19
CA PRO A 46 -5.90 -25.85 -25.35
C PRO A 46 -5.62 -25.00 -26.60
N SER A 47 -4.69 -25.46 -27.45
CA SER A 47 -4.31 -24.79 -28.71
C SER A 47 -3.83 -25.77 -29.79
N ARG A 48 -2.89 -26.68 -29.46
CA ARG A 48 -2.35 -27.70 -30.38
C ARG A 48 -3.40 -28.70 -30.90
N VAL A 49 -4.50 -28.87 -30.15
CA VAL A 49 -5.63 -29.77 -30.48
C VAL A 49 -6.45 -29.35 -31.71
N SER A 50 -6.40 -28.07 -32.12
CA SER A 50 -7.15 -27.53 -33.27
C SER A 50 -6.72 -28.12 -34.63
N ALA B 1 5.75 -22.78 -8.07
CA ALA B 1 4.64 -22.49 -9.01
C ALA B 1 5.17 -22.22 -10.42
N THR B 2 4.33 -22.41 -11.46
CA THR B 2 4.68 -22.18 -12.87
C THR B 2 4.86 -20.70 -13.23
N GLY B 3 4.25 -19.79 -12.47
CA GLY B 3 4.34 -18.34 -12.62
C GLY B 3 3.52 -17.56 -11.57
N PRO B 4 3.71 -16.24 -11.46
CA PRO B 4 3.01 -15.39 -10.50
C PRO B 4 1.57 -15.08 -10.96
N THR B 5 0.71 -14.69 -10.00
CA THR B 5 -0.70 -14.36 -10.26
C THR B 5 -0.85 -13.03 -11.02
N ALA B 6 0.07 -12.09 -10.80
CA ALA B 6 0.14 -10.76 -11.41
C ALA B 6 1.60 -10.26 -11.47
N ASP B 7 1.84 -9.12 -12.14
CA ASP B 7 3.17 -8.53 -12.35
C ASP B 7 4.00 -8.35 -11.03
N PRO B 8 5.15 -9.04 -10.87
CA PRO B 8 6.00 -8.96 -9.68
C PRO B 8 6.46 -7.55 -9.25
N GLU B 9 6.81 -6.66 -10.20
CA GLU B 9 7.26 -5.30 -9.88
C GLU B 9 6.09 -4.44 -9.41
N LYS B 10 4.92 -4.54 -10.04
CA LYS B 10 3.71 -3.85 -9.55
C LYS B 10 3.31 -4.41 -8.17
N ARG B 11 3.42 -5.74 -7.94
CA ARG B 11 3.20 -6.37 -6.63
C ARG B 11 4.22 -5.95 -5.56
N LYS B 12 5.43 -5.56 -5.95
CA LYS B 12 6.46 -4.99 -5.04
C LYS B 12 6.10 -3.54 -4.72
N LEU B 13 5.65 -2.77 -5.71
CA LEU B 13 5.17 -1.40 -5.55
C LEU B 13 3.92 -1.30 -4.64
N ILE B 14 2.97 -2.25 -4.66
CA ILE B 14 1.84 -2.18 -3.70
C ILE B 14 2.33 -2.33 -2.25
N GLN B 15 3.35 -3.17 -2.00
CA GLN B 15 3.95 -3.33 -0.66
C GLN B 15 4.69 -2.06 -0.24
N GLN B 16 5.37 -1.38 -1.18
CA GLN B 16 6.05 -0.10 -0.95
C GLN B 16 5.02 0.99 -0.60
N GLN B 17 3.97 1.13 -1.41
CA GLN B 17 2.90 2.11 -1.19
C GLN B 17 2.13 1.81 0.10
N LEU B 18 1.82 0.55 0.41
CA LEU B 18 1.13 0.10 1.64
C LEU B 18 1.76 0.72 2.89
N VAL B 19 3.07 0.58 3.04
CA VAL B 19 3.82 1.11 4.19
C VAL B 19 3.69 2.64 4.28
N LEU B 20 3.90 3.35 3.17
CA LEU B 20 3.76 4.81 3.09
C LEU B 20 2.33 5.28 3.40
N LEU B 21 1.32 4.57 2.89
CA LEU B 21 -0.12 4.79 3.05
C LEU B 21 -0.55 4.65 4.51
N LEU B 22 -0.22 3.53 5.15
CA LEU B 22 -0.51 3.29 6.57
C LEU B 22 0.25 4.29 7.45
N HIS B 23 1.47 4.67 7.06
CA HIS B 23 2.23 5.67 7.79
C HIS B 23 1.56 7.05 7.70
N ALA B 24 1.19 7.50 6.48
CA ALA B 24 0.49 8.77 6.25
C ALA B 24 -0.78 8.92 7.11
N HIS B 25 -1.54 7.83 7.33
CA HIS B 25 -2.73 7.84 8.18
C HIS B 25 -2.40 8.22 9.65
N LYS B 26 -1.22 7.83 10.15
CA LYS B 26 -0.69 8.23 11.47
C LYS B 26 -0.07 9.64 11.39
N CYS B 27 0.79 9.85 10.41
CA CYS B 27 1.58 11.07 10.16
C CYS B 27 0.73 12.35 9.97
N GLN B 28 -0.55 12.22 9.62
CA GLN B 28 -1.51 13.33 9.58
C GLN B 28 -1.67 13.99 10.97
N ARG B 29 -1.43 13.23 12.05
CA ARG B 29 -1.44 13.69 13.46
C ARG B 29 -0.07 14.21 13.88
N ARG B 30 1.02 13.56 13.44
CA ARG B 30 2.44 13.89 13.72
C ARG B 30 2.82 15.34 13.39
N GLU B 31 2.20 15.94 12.39
CA GLU B 31 2.44 17.36 12.03
C GLU B 31 1.87 18.34 13.07
N GLN B 32 0.74 17.99 13.71
CA GLN B 32 0.11 18.77 14.77
C GLN B 32 0.82 18.55 16.11
N ALA B 33 1.22 17.30 16.37
CA ALA B 33 1.96 16.85 17.54
C ALA B 33 3.46 17.26 17.55
N ASN B 34 3.96 17.89 16.47
CA ASN B 34 5.34 18.31 16.27
C ASN B 34 6.01 19.07 17.45
N GLY B 35 5.22 19.69 18.33
CA GLY B 35 5.72 20.35 19.55
C GLY B 35 6.43 19.40 20.53
N GLU B 36 6.16 18.09 20.44
CA GLU B 36 6.78 17.04 21.27
C GLU B 36 7.11 15.73 20.51
N VAL B 37 6.58 15.53 19.29
CA VAL B 37 6.84 14.35 18.43
C VAL B 37 7.81 14.70 17.31
N ARG B 38 8.96 14.01 17.27
CA ARG B 38 10.04 14.18 16.26
C ARG B 38 10.60 12.84 15.74
N ALA B 39 9.92 11.73 16.01
CA ALA B 39 10.32 10.38 15.58
C ALA B 39 10.25 10.14 14.05
N CYS B 40 9.52 10.98 13.31
CA CYS B 40 9.36 10.90 11.85
C CYS B 40 10.05 12.09 11.16
N SER B 41 10.87 11.76 10.16
CA SER B 41 11.64 12.68 9.31
C SER B 41 11.63 12.26 7.81
N LEU B 42 10.90 11.19 7.47
CA LEU B 42 10.70 10.66 6.11
C LEU B 42 10.06 11.74 5.22
N PRO B 43 10.73 12.24 4.15
CA PRO B 43 10.16 13.30 3.31
C PRO B 43 9.01 12.81 2.42
N HIS B 44 8.98 11.50 2.12
CA HIS B 44 7.99 10.83 1.27
C HIS B 44 6.57 10.77 1.84
N CYS B 45 6.37 11.06 3.14
CA CYS B 45 5.04 11.09 3.76
C CYS B 45 4.07 12.02 3.00
N ARG B 46 4.57 13.19 2.58
CA ARG B 46 3.81 14.23 1.86
C ARG B 46 2.98 13.68 0.69
N THR B 47 3.56 12.81 -0.13
CA THR B 47 2.88 12.20 -1.28
C THR B 47 1.64 11.42 -0.86
N MET B 48 1.78 10.45 0.06
CA MET B 48 0.64 9.68 0.56
C MET B 48 -0.33 10.56 1.35
N LYS B 49 0.13 11.44 2.25
CA LYS B 49 -0.74 12.36 3.01
C LYS B 49 -1.64 13.22 2.10
N ASN B 50 -1.09 13.75 1.00
CA ASN B 50 -1.86 14.51 0.00
C ASN B 50 -2.90 13.60 -0.68
N VAL B 51 -2.48 12.40 -1.08
CA VAL B 51 -3.34 11.38 -1.71
C VAL B 51 -4.46 10.91 -0.76
N LEU B 52 -4.20 10.78 0.56
CA LEU B 52 -5.22 10.35 1.53
C LEU B 52 -6.37 11.36 1.61
N ASN B 53 -6.03 12.64 1.72
CA ASN B 53 -7.01 13.74 1.75
C ASN B 53 -7.84 13.80 0.45
N HIS B 54 -7.28 13.34 -0.67
CA HIS B 54 -7.98 13.23 -1.95
C HIS B 54 -8.87 11.97 -2.02
N MET B 55 -8.31 10.76 -1.86
CA MET B 55 -9.06 9.48 -1.99
C MET B 55 -10.25 9.33 -1.02
N THR B 56 -10.20 9.98 0.15
CA THR B 56 -11.29 9.99 1.15
C THR B 56 -12.51 10.83 0.74
N HIS B 57 -12.39 11.69 -0.29
CA HIS B 57 -13.47 12.55 -0.79
C HIS B 57 -13.77 12.32 -2.28
N CYS B 58 -12.80 11.88 -3.07
CA CYS B 58 -12.93 11.52 -4.48
C CYS B 58 -13.93 10.36 -4.67
N GLN B 59 -14.64 10.36 -5.80
CA GLN B 59 -15.65 9.35 -6.15
C GLN B 59 -15.62 8.94 -7.65
N ALA B 60 -14.58 9.34 -8.39
CA ALA B 60 -14.43 9.00 -9.82
C ALA B 60 -13.98 7.54 -10.06
N GLY B 61 -13.55 6.81 -9.02
CA GLY B 61 -13.12 5.41 -9.09
C GLY B 61 -12.14 5.12 -10.23
N LYS B 62 -12.51 4.20 -11.13
CA LYS B 62 -11.72 3.79 -12.32
C LYS B 62 -11.37 4.95 -13.28
N ALA B 63 -12.13 6.04 -13.25
CA ALA B 63 -11.94 7.21 -14.10
C ALA B 63 -11.05 8.31 -13.47
N CYS B 64 -10.66 8.19 -12.20
CA CYS B 64 -9.79 9.15 -11.51
C CYS B 64 -8.38 9.13 -12.13
N GLN B 65 -7.96 10.27 -12.71
CA GLN B 65 -6.64 10.44 -13.34
C GLN B 65 -5.47 10.38 -12.34
N VAL B 66 -5.75 10.53 -11.04
CA VAL B 66 -4.76 10.43 -9.96
C VAL B 66 -4.51 8.95 -9.67
N ALA B 67 -3.50 8.36 -10.33
CA ALA B 67 -3.16 6.94 -10.21
C ALA B 67 -3.01 6.48 -8.75
N HIS B 68 -2.33 7.27 -7.91
CA HIS B 68 -2.14 6.98 -6.48
C HIS B 68 -3.45 6.92 -5.68
N CYS B 69 -4.47 7.71 -6.05
CA CYS B 69 -5.78 7.73 -5.41
C CYS B 69 -6.51 6.40 -5.63
N ALA B 70 -6.76 6.03 -6.89
CA ALA B 70 -7.39 4.75 -7.23
C ALA B 70 -6.59 3.54 -6.70
N SER B 71 -5.26 3.64 -6.71
CA SER B 71 -4.36 2.62 -6.18
C SER B 71 -4.53 2.46 -4.66
N SER B 72 -4.26 3.50 -3.86
CA SER B 72 -4.40 3.48 -2.39
C SER B 72 -5.79 3.06 -1.93
N ARG B 73 -6.85 3.51 -2.65
CA ARG B 73 -8.24 3.15 -2.39
C ARG B 73 -8.52 1.65 -2.57
N GLN B 74 -7.76 0.96 -3.42
CA GLN B 74 -7.84 -0.50 -3.59
C GLN B 74 -7.01 -1.27 -2.53
N ILE B 75 -5.83 -0.76 -2.13
CA ILE B 75 -4.94 -1.44 -1.15
C ILE B 75 -5.65 -1.78 0.16
N ILE B 76 -6.27 -0.80 0.86
CA ILE B 76 -6.93 -1.08 2.15
C ILE B 76 -8.14 -2.00 2.00
N SER B 77 -8.90 -1.89 0.90
CA SER B 77 -10.04 -2.76 0.61
C SER B 77 -9.60 -4.22 0.48
N HIS B 78 -8.44 -4.47 -0.17
CA HIS B 78 -7.86 -5.80 -0.23
C HIS B 78 -7.43 -6.27 1.17
N TRP B 79 -6.57 -5.49 1.84
CA TRP B 79 -6.00 -5.82 3.16
C TRP B 79 -7.06 -6.18 4.21
N LYS B 80 -8.07 -5.32 4.39
CA LYS B 80 -9.17 -5.52 5.36
C LYS B 80 -9.91 -6.85 5.16
N ASN B 81 -10.06 -7.30 3.91
CA ASN B 81 -10.69 -8.57 3.53
C ASN B 81 -9.75 -9.80 3.58
N CYS B 82 -8.43 -9.62 3.76
CA CYS B 82 -7.39 -10.66 3.70
C CYS B 82 -6.65 -10.94 5.03
N THR B 83 -6.82 -10.11 6.06
CA THR B 83 -6.17 -10.22 7.40
C THR B 83 -6.18 -11.61 8.03
N ARG B 84 -7.21 -12.43 7.78
CA ARG B 84 -7.40 -13.79 8.34
C ARG B 84 -6.43 -14.85 7.79
N HIS B 85 -5.60 -14.52 6.79
CA HIS B 85 -4.66 -15.43 6.12
C HIS B 85 -3.25 -14.80 5.93
N ASP B 86 -2.39 -15.48 5.17
CA ASP B 86 -1.04 -15.03 4.79
C ASP B 86 -1.07 -14.55 3.32
N CYS B 87 -0.43 -13.40 3.06
CA CYS B 87 -0.44 -12.71 1.76
C CYS B 87 0.78 -11.77 1.64
N PRO B 88 1.37 -11.54 0.44
CA PRO B 88 2.49 -10.61 0.24
C PRO B 88 2.30 -9.20 0.83
N VAL B 89 1.05 -8.73 0.99
CA VAL B 89 0.71 -7.42 1.57
C VAL B 89 0.51 -7.54 3.09
N CYS B 90 -0.35 -8.46 3.52
CA CYS B 90 -0.75 -8.64 4.90
C CYS B 90 0.34 -9.23 5.82
N LEU B 91 1.13 -10.19 5.31
CA LEU B 91 2.19 -10.89 6.06
C LEU B 91 3.27 -9.97 6.66
N PRO B 92 3.97 -9.10 5.88
CA PRO B 92 4.99 -8.24 6.44
C PRO B 92 4.41 -7.23 7.44
N LEU B 93 3.23 -6.66 7.13
CA LEU B 93 2.52 -5.71 7.99
C LEU B 93 2.15 -6.35 9.35
N LYS B 94 1.66 -7.59 9.33
CA LYS B 94 1.32 -8.41 10.51
C LYS B 94 2.56 -8.72 11.38
N ASN B 95 3.70 -9.00 10.74
CA ASN B 95 4.97 -9.27 11.42
C ASN B 95 5.60 -8.00 12.03
N ALA B 96 5.54 -6.87 11.33
CA ALA B 96 6.08 -5.59 11.76
C ALA B 96 5.51 -5.09 13.11
N SER B 97 4.26 -5.45 13.43
CA SER B 97 3.55 -5.08 14.67
C SER B 97 4.30 -5.42 15.96
N ASP B 98 5.26 -6.35 15.92
CA ASP B 98 6.12 -6.73 17.05
C ASP B 98 7.04 -5.58 17.53
N LYS B 99 7.29 -4.57 16.66
CA LYS B 99 8.12 -3.39 16.91
C LYS B 99 7.41 -2.32 17.77
N ARG B 100 6.75 -2.75 18.85
CA ARG B 100 5.97 -1.90 19.78
C ARG B 100 6.13 -2.34 21.24
ZN ZN C . 5.74 10.51 8.48
ZN ZN D . -9.26 10.49 -6.92
ZN ZN E . -3.71 -9.86 1.55
N THR A 1 -0.86 -0.51 23.81
CA THR A 1 -1.22 -0.36 22.37
C THR A 1 -1.64 -1.71 21.78
N ASP A 2 -2.60 -1.68 20.84
CA ASP A 2 -3.18 -2.87 20.17
C ASP A 2 -3.23 -2.69 18.63
N PHE A 3 -2.37 -1.83 18.10
CA PHE A 3 -2.24 -1.48 16.68
C PHE A 3 -0.79 -1.12 16.31
N ILE A 4 -0.55 -0.92 15.00
CA ILE A 4 0.72 -0.52 14.39
C ILE A 4 1.25 0.80 14.98
N ASP A 5 2.57 0.94 14.99
CA ASP A 5 3.31 2.11 15.48
C ASP A 5 4.16 2.75 14.38
N GLU A 6 4.41 4.05 14.48
CA GLU A 6 5.24 4.78 13.51
C GLU A 6 6.65 4.18 13.36
N GLU A 7 7.25 3.68 14.46
CA GLU A 7 8.55 2.97 14.43
C GLU A 7 8.47 1.62 13.69
N VAL A 8 7.31 0.96 13.70
CA VAL A 8 7.06 -0.29 12.95
C VAL A 8 7.04 0.00 11.45
N LEU A 9 6.43 1.10 11.01
CA LEU A 9 6.49 1.48 9.59
C LEU A 9 7.92 1.87 9.19
N MET A 10 8.65 2.62 10.02
CA MET A 10 10.07 2.94 9.73
C MET A 10 10.92 1.67 9.62
N SER A 11 10.64 0.64 10.42
CA SER A 11 11.33 -0.65 10.32
C SER A 11 11.02 -1.33 8.98
N LEU A 12 9.78 -1.26 8.48
CA LEU A 12 9.41 -1.81 7.16
C LEU A 12 9.99 -0.96 5.99
N VAL A 13 10.09 0.36 6.16
CA VAL A 13 10.76 1.28 5.20
C VAL A 13 12.20 0.83 5.01
N ILE A 14 12.90 0.53 6.12
CA ILE A 14 14.28 0.05 6.13
C ILE A 14 14.37 -1.38 5.57
N GLU A 15 13.43 -2.27 5.91
CA GLU A 15 13.35 -3.66 5.41
C GLU A 15 13.22 -3.71 3.87
N MET A 16 12.31 -2.89 3.32
CA MET A 16 12.05 -2.77 1.88
C MET A 16 13.06 -1.88 1.14
N GLY A 17 13.77 -0.99 1.84
CA GLY A 17 14.72 -0.03 1.27
C GLY A 17 14.03 1.19 0.62
N LEU A 18 12.87 1.61 1.13
CA LEU A 18 12.08 2.74 0.59
C LEU A 18 12.75 4.10 0.81
N ASP A 19 13.79 4.17 1.64
CA ASP A 19 14.61 5.36 1.84
C ASP A 19 15.35 5.79 0.55
N ARG A 20 15.45 4.88 -0.43
CA ARG A 20 16.11 5.04 -1.75
C ARG A 20 15.17 5.54 -2.86
N ILE A 21 13.88 5.78 -2.57
CA ILE A 21 12.90 6.32 -3.52
C ILE A 21 13.35 7.72 -4.03
N LYS A 22 12.84 8.15 -5.19
CA LYS A 22 13.11 9.46 -5.81
C LYS A 22 11.83 10.01 -6.47
N GLU A 23 11.09 9.14 -7.17
CA GLU A 23 9.78 9.45 -7.79
C GLU A 23 8.84 8.24 -7.58
N LEU A 24 7.55 8.51 -7.32
CA LEU A 24 6.54 7.48 -7.08
C LEU A 24 5.92 6.98 -8.41
N PRO A 25 6.01 5.68 -8.76
CA PRO A 25 5.43 5.13 -10.00
C PRO A 25 3.89 5.00 -9.94
N GLU A 26 3.28 4.69 -11.09
CA GLU A 26 1.84 4.48 -11.23
C GLU A 26 1.43 3.01 -11.02
N LEU A 27 0.16 2.83 -10.63
CA LEU A 27 -0.54 1.56 -10.48
C LEU A 27 -2.01 1.77 -10.88
N TRP A 28 -2.62 0.78 -11.55
CA TRP A 28 -4.00 0.87 -12.05
C TRP A 28 -4.86 -0.32 -11.61
N LEU A 29 -5.03 -0.44 -10.28
CA LEU A 29 -5.87 -1.46 -9.63
C LEU A 29 -7.35 -1.36 -10.07
N GLY A 30 -7.80 -0.15 -10.44
CA GLY A 30 -9.14 0.15 -10.93
C GLY A 30 -9.35 -0.19 -12.41
N GLN A 31 -8.48 -0.99 -13.02
CA GLN A 31 -8.53 -1.41 -14.42
C GLN A 31 -8.13 -2.88 -14.59
N ASN A 32 -8.51 -3.45 -15.74
CA ASN A 32 -8.23 -4.83 -16.14
C ASN A 32 -6.71 -5.18 -16.13
N GLU A 33 -5.87 -4.19 -16.42
CA GLU A 33 -4.42 -4.28 -16.58
C GLU A 33 -3.63 -4.75 -15.34
N PHE A 34 -4.16 -4.54 -14.12
CA PHE A 34 -3.50 -4.98 -12.89
C PHE A 34 -4.50 -5.37 -11.80
N ASP A 35 -5.03 -6.59 -11.93
CA ASP A 35 -5.87 -7.21 -10.89
C ASP A 35 -4.93 -7.79 -9.81
N PHE A 36 -4.38 -6.87 -9.01
CA PHE A 36 -3.36 -7.03 -7.96
C PHE A 36 -3.37 -8.30 -7.11
N MET A 37 -4.54 -8.89 -6.84
CA MET A 37 -4.69 -10.09 -6.02
C MET A 37 -5.03 -11.36 -6.80
N THR A 38 -5.08 -11.29 -8.14
CA THR A 38 -5.22 -12.46 -9.03
C THR A 38 -3.88 -13.21 -9.10
N ASP A 39 -3.59 -13.94 -8.04
CA ASP A 39 -2.32 -14.68 -7.85
C ASP A 39 -2.22 -15.95 -8.72
N PHE A 40 -0.98 -16.41 -8.91
CA PHE A 40 -0.60 -17.60 -9.68
C PHE A 40 0.56 -18.39 -9.03
N VAL A 41 1.09 -17.96 -7.88
CA VAL A 41 2.19 -18.60 -7.11
C VAL A 41 1.67 -19.87 -6.41
N CYS A 42 1.26 -20.80 -7.26
CA CYS A 42 0.63 -22.09 -7.01
C CYS A 42 1.48 -23.03 -6.13
N LYS A 43 0.88 -23.54 -5.04
CA LYS A 43 1.47 -24.47 -4.06
C LYS A 43 0.38 -25.23 -3.29
N GLN A 44 0.76 -26.34 -2.64
CA GLN A 44 -0.16 -27.18 -1.84
C GLN A 44 0.52 -27.92 -0.67
N GLN A 45 1.80 -28.26 -0.79
CA GLN A 45 2.60 -28.98 0.22
C GLN A 45 4.05 -28.45 0.28
N PRO A 46 4.76 -28.65 1.42
CA PRO A 46 6.16 -28.23 1.62
C PRO A 46 7.14 -28.67 0.53
N SER A 47 8.23 -27.92 0.40
CA SER A 47 9.32 -28.11 -0.57
C SER A 47 10.63 -27.48 -0.04
N ARG A 48 11.64 -27.32 -0.89
CA ARG A 48 12.97 -26.72 -0.60
C ARG A 48 12.95 -25.31 0.03
N VAL A 49 11.79 -24.65 0.08
CA VAL A 49 11.58 -23.32 0.66
C VAL A 49 11.71 -23.33 2.19
N SER A 50 11.35 -24.45 2.83
CA SER A 50 11.41 -24.67 4.29
C SER A 50 12.81 -24.55 4.89
N ALA B 1 1.53 -11.72 -24.14
CA ALA B 1 1.62 -10.67 -23.08
C ALA B 1 3.01 -10.68 -22.43
N THR B 2 3.49 -9.51 -21.97
CA THR B 2 4.81 -9.33 -21.32
C THR B 2 4.85 -9.80 -19.86
N GLY B 3 3.71 -9.99 -19.20
CA GLY B 3 3.61 -10.44 -17.81
C GLY B 3 2.21 -10.97 -17.43
N PRO B 4 2.08 -11.59 -16.24
CA PRO B 4 0.83 -12.18 -15.74
C PRO B 4 -0.20 -11.13 -15.29
N THR B 5 -1.42 -11.59 -15.00
CA THR B 5 -2.58 -10.80 -14.54
C THR B 5 -2.29 -9.94 -13.30
N ALA B 6 -1.36 -10.39 -12.45
CA ALA B 6 -0.89 -9.69 -11.24
C ALA B 6 0.65 -9.65 -11.25
N ASP B 7 1.21 -8.77 -12.08
CA ASP B 7 2.65 -8.61 -12.31
C ASP B 7 3.50 -8.44 -11.03
N PRO B 8 4.61 -9.20 -10.85
CA PRO B 8 5.50 -9.11 -9.68
C PRO B 8 6.01 -7.71 -9.31
N GLU B 9 6.37 -6.85 -10.26
CA GLU B 9 6.84 -5.48 -9.96
C GLU B 9 5.69 -4.59 -9.50
N LYS B 10 4.48 -4.76 -10.06
CA LYS B 10 3.28 -4.06 -9.58
C LYS B 10 2.93 -4.55 -8.17
N ARG B 11 3.07 -5.85 -7.87
CA ARG B 11 2.89 -6.43 -6.51
C ARG B 11 3.95 -5.94 -5.52
N LYS B 12 5.16 -5.64 -5.98
CA LYS B 12 6.24 -5.03 -5.18
C LYS B 12 5.88 -3.56 -4.90
N LEU B 13 5.36 -2.85 -5.89
CA LEU B 13 4.87 -1.47 -5.78
C LEU B 13 3.67 -1.33 -4.83
N ILE B 14 2.71 -2.28 -4.77
CA ILE B 14 1.62 -2.17 -3.76
C ILE B 14 2.18 -2.26 -2.34
N GLN B 15 3.23 -3.07 -2.10
CA GLN B 15 3.89 -3.17 -0.78
C GLN B 15 4.66 -1.89 -0.46
N GLN B 16 5.33 -1.29 -1.44
CA GLN B 16 6.02 -0.01 -1.29
C GLN B 16 5.01 1.11 -0.98
N GLN B 17 3.90 1.20 -1.72
CA GLN B 17 2.85 2.19 -1.46
C GLN B 17 2.17 1.93 -0.12
N LEU B 18 1.87 0.68 0.24
CA LEU B 18 1.27 0.27 1.52
C LEU B 18 2.04 0.87 2.71
N VAL B 19 3.35 0.64 2.76
CA VAL B 19 4.24 1.16 3.82
C VAL B 19 4.21 2.69 3.87
N LEU B 20 4.29 3.38 2.73
CA LEU B 20 4.21 4.84 2.66
C LEU B 20 2.82 5.38 3.08
N LEU B 21 1.74 4.69 2.70
CA LEU B 21 0.34 4.98 3.01
C LEU B 21 0.07 4.87 4.53
N LEU B 22 0.51 3.76 5.14
CA LEU B 22 0.44 3.52 6.58
C LEU B 22 1.24 4.59 7.33
N HIS B 23 2.46 4.89 6.85
CA HIS B 23 3.29 5.93 7.42
C HIS B 23 2.61 7.31 7.31
N ALA B 24 2.11 7.69 6.13
CA ALA B 24 1.42 8.96 5.89
C ALA B 24 0.24 9.16 6.83
N HIS B 25 -0.54 8.10 7.11
CA HIS B 25 -1.65 8.16 8.07
C HIS B 25 -1.14 8.52 9.47
N LYS B 26 -0.08 7.85 9.96
CA LYS B 26 0.59 8.15 11.24
C LYS B 26 1.19 9.57 11.25
N CYS B 27 1.91 9.95 10.20
CA CYS B 27 2.55 11.26 10.02
C CYS B 27 1.52 12.40 10.09
N GLN B 28 0.37 12.23 9.41
CA GLN B 28 -0.75 13.17 9.44
C GLN B 28 -1.36 13.23 10.85
N ARG B 29 -1.60 12.08 11.48
CA ARG B 29 -2.12 11.98 12.85
C ARG B 29 -1.23 12.71 13.86
N ARG B 30 0.10 12.53 13.78
CA ARG B 30 1.09 13.19 14.65
C ARG B 30 1.02 14.72 14.57
N GLU B 31 1.02 15.30 13.36
CA GLU B 31 0.94 16.76 13.23
C GLU B 31 -0.41 17.32 13.73
N GLN B 32 -1.53 16.63 13.49
CA GLN B 32 -2.86 17.05 13.96
C GLN B 32 -3.07 16.88 15.47
N ALA B 33 -2.33 15.96 16.13
CA ALA B 33 -2.42 15.68 17.57
C ALA B 33 -1.96 16.85 18.49
N ASN B 34 -1.16 17.79 17.97
CA ASN B 34 -0.64 18.94 18.72
C ASN B 34 -0.65 20.25 17.91
N GLY B 35 -0.54 20.19 16.58
CA GLY B 35 -0.57 21.33 15.66
C GLY B 35 0.76 21.69 14.98
N GLU B 36 1.89 21.15 15.46
CA GLU B 36 3.24 21.51 14.93
C GLU B 36 4.31 20.38 14.97
N VAL B 37 3.95 19.11 15.17
CA VAL B 37 4.91 17.98 15.18
C VAL B 37 5.61 17.85 13.82
N ARG B 38 6.94 17.85 13.82
CA ARG B 38 7.84 17.81 12.64
C ARG B 38 8.96 16.77 12.77
N ALA B 39 8.69 15.67 13.49
CA ALA B 39 9.63 14.56 13.74
C ALA B 39 10.00 13.69 12.50
N CYS B 40 9.49 14.02 11.31
CA CYS B 40 9.73 13.34 10.03
C CYS B 40 11.22 13.02 9.73
N SER B 41 11.42 11.99 8.92
CA SER B 41 12.72 11.46 8.45
C SER B 41 12.63 10.74 7.09
N LEU B 42 11.48 10.83 6.41
CA LEU B 42 11.16 10.21 5.12
C LEU B 42 10.41 11.23 4.23
N PRO B 43 11.09 12.19 3.59
CA PRO B 43 10.49 13.25 2.76
C PRO B 43 9.42 12.80 1.75
N HIS B 44 9.54 11.57 1.23
CA HIS B 44 8.59 10.97 0.29
C HIS B 44 7.18 10.76 0.87
N CYS B 45 6.99 10.85 2.19
CA CYS B 45 5.68 10.74 2.83
C CYS B 45 4.70 11.82 2.35
N ARG B 46 5.21 13.01 2.00
CA ARG B 46 4.44 14.15 1.48
C ARG B 46 3.54 13.77 0.30
N THR B 47 4.02 12.90 -0.60
CA THR B 47 3.24 12.39 -1.74
C THR B 47 2.00 11.63 -1.26
N MET B 48 2.18 10.65 -0.36
CA MET B 48 1.04 9.92 0.22
C MET B 48 0.16 10.83 1.07
N LYS B 49 0.69 11.69 1.95
CA LYS B 49 -0.08 12.65 2.77
C LYS B 49 -1.01 13.53 1.91
N ASN B 50 -0.55 13.99 0.75
CA ASN B 50 -1.36 14.74 -0.21
C ASN B 50 -2.45 13.84 -0.84
N VAL B 51 -2.07 12.63 -1.27
CA VAL B 51 -3.00 11.63 -1.83
C VAL B 51 -4.06 11.19 -0.82
N LEU B 52 -3.74 11.10 0.48
CA LEU B 52 -4.70 10.71 1.52
C LEU B 52 -5.86 11.70 1.60
N ASN B 53 -5.56 13.00 1.60
CA ASN B 53 -6.56 14.08 1.60
C ASN B 53 -7.50 14.00 0.37
N HIS B 54 -7.01 13.47 -0.75
CA HIS B 54 -7.80 13.25 -1.96
C HIS B 54 -8.64 11.96 -1.86
N MET B 55 -8.00 10.79 -1.67
CA MET B 55 -8.70 9.48 -1.64
C MET B 55 -9.75 9.33 -0.53
N THR B 56 -9.58 10.02 0.61
CA THR B 56 -10.56 9.99 1.73
C THR B 56 -11.90 10.67 1.39
N HIS B 57 -11.97 11.43 0.29
CA HIS B 57 -13.17 12.11 -0.20
C HIS B 57 -13.56 11.68 -1.62
N CYS B 58 -12.60 11.24 -2.43
CA CYS B 58 -12.80 10.73 -3.79
C CYS B 58 -13.55 9.38 -3.78
N GLN B 59 -14.29 9.13 -4.87
CA GLN B 59 -15.07 7.90 -5.10
C GLN B 59 -15.20 7.57 -6.61
N ALA B 60 -14.42 8.22 -7.48
CA ALA B 60 -14.46 8.02 -8.93
C ALA B 60 -13.86 6.67 -9.40
N GLY B 61 -13.07 5.99 -8.57
CA GLY B 61 -12.44 4.68 -8.83
C GLY B 61 -11.80 4.56 -10.22
N LYS B 62 -12.38 3.73 -11.10
CA LYS B 62 -11.92 3.52 -12.49
C LYS B 62 -11.84 4.82 -13.32
N ALA B 63 -12.65 5.83 -12.98
CA ALA B 63 -12.68 7.13 -13.65
C ALA B 63 -11.72 8.17 -13.03
N CYS B 64 -11.13 7.90 -11.87
CA CYS B 64 -10.17 8.79 -11.21
C CYS B 64 -8.83 8.79 -11.98
N GLN B 65 -8.43 9.94 -12.51
CA GLN B 65 -7.16 10.11 -13.25
C GLN B 65 -5.92 10.03 -12.34
N VAL B 66 -6.09 10.19 -11.03
CA VAL B 66 -5.03 10.09 -10.02
C VAL B 66 -4.76 8.61 -9.71
N ALA B 67 -3.81 8.01 -10.42
CA ALA B 67 -3.44 6.60 -10.27
C ALA B 67 -3.12 6.21 -8.80
N HIS B 68 -2.40 7.08 -8.08
CA HIS B 68 -2.03 6.88 -6.67
C HIS B 68 -3.26 6.79 -5.74
N CYS B 69 -4.30 7.58 -6.00
CA CYS B 69 -5.57 7.60 -5.27
C CYS B 69 -6.31 6.28 -5.47
N ALA B 70 -6.60 5.92 -6.73
CA ALA B 70 -7.31 4.68 -7.04
C ALA B 70 -6.58 3.43 -6.51
N SER B 71 -5.24 3.48 -6.42
CA SER B 71 -4.43 2.43 -5.83
C SER B 71 -4.61 2.40 -4.31
N SER B 72 -4.23 3.47 -3.58
CA SER B 72 -4.35 3.55 -2.11
C SER B 72 -5.77 3.28 -1.60
N ARG B 73 -6.80 3.79 -2.28
CA ARG B 73 -8.22 3.57 -1.99
C ARG B 73 -8.62 2.09 -2.01
N GLN B 74 -7.87 1.26 -2.76
CA GLN B 74 -8.05 -0.19 -2.83
C GLN B 74 -7.07 -0.98 -1.95
N ILE B 75 -5.84 -0.47 -1.67
CA ILE B 75 -4.87 -1.16 -0.79
C ILE B 75 -5.48 -1.41 0.61
N ILE B 76 -6.10 -0.41 1.24
CA ILE B 76 -6.73 -0.63 2.56
C ILE B 76 -7.96 -1.54 2.47
N SER B 77 -8.73 -1.48 1.37
CA SER B 77 -9.89 -2.36 1.16
C SER B 77 -9.44 -3.82 1.13
N HIS B 78 -8.33 -4.12 0.46
CA HIS B 78 -7.73 -5.45 0.49
C HIS B 78 -7.34 -5.84 1.93
N TRP B 79 -6.51 -5.01 2.58
CA TRP B 79 -5.98 -5.25 3.92
C TRP B 79 -7.08 -5.53 4.96
N LYS B 80 -8.19 -4.78 4.91
CA LYS B 80 -9.35 -4.93 5.79
C LYS B 80 -10.15 -6.22 5.50
N ASN B 81 -10.30 -6.60 4.22
CA ASN B 81 -11.03 -7.80 3.79
C ASN B 81 -10.25 -9.12 3.93
N CYS B 82 -8.92 -9.11 3.81
CA CYS B 82 -8.05 -10.29 3.84
C CYS B 82 -8.12 -11.08 5.17
N THR B 83 -7.96 -12.41 5.06
CA THR B 83 -8.00 -13.38 6.17
C THR B 83 -6.88 -14.45 6.06
N ARG B 84 -5.98 -14.30 5.09
CA ARG B 84 -4.85 -15.21 4.81
C ARG B 84 -3.69 -15.07 5.81
N HIS B 85 -2.71 -15.97 5.72
CA HIS B 85 -1.52 -16.03 6.57
C HIS B 85 -0.17 -16.01 5.81
N ASP B 86 -0.22 -15.86 4.48
CA ASP B 86 0.94 -15.81 3.56
C ASP B 86 0.80 -14.71 2.48
N CYS B 87 -0.15 -13.78 2.69
CA CYS B 87 -0.49 -12.67 1.82
C CYS B 87 0.67 -11.69 1.54
N PRO B 88 0.93 -11.27 0.28
CA PRO B 88 1.95 -10.28 -0.06
C PRO B 88 1.84 -8.94 0.69
N VAL B 89 0.65 -8.58 1.20
CA VAL B 89 0.40 -7.32 1.92
C VAL B 89 0.36 -7.52 3.43
N CYS B 90 -0.44 -8.47 3.92
CA CYS B 90 -0.64 -8.69 5.34
C CYS B 90 0.55 -9.39 6.05
N LEU B 91 1.26 -10.30 5.37
CA LEU B 91 2.41 -11.02 5.93
C LEU B 91 3.57 -10.09 6.40
N PRO B 92 4.14 -9.23 5.54
CA PRO B 92 5.26 -8.37 5.97
C PRO B 92 4.82 -7.36 7.04
N LEU B 93 3.61 -6.81 6.94
CA LEU B 93 3.08 -5.87 7.93
C LEU B 93 2.95 -6.51 9.32
N LYS B 94 2.43 -7.75 9.39
CA LYS B 94 2.31 -8.52 10.63
C LYS B 94 3.68 -8.84 11.25
N ASN B 95 4.66 -9.21 10.41
CA ASN B 95 6.03 -9.49 10.86
C ASN B 95 6.73 -8.22 11.40
N ALA B 96 6.53 -7.06 10.75
CA ALA B 96 7.10 -5.79 11.17
C ALA B 96 6.64 -5.33 12.57
N SER B 97 5.41 -5.65 12.96
CA SER B 97 4.83 -5.27 14.26
C SER B 97 5.65 -5.71 15.47
N ASP B 98 6.49 -6.75 15.34
CA ASP B 98 7.39 -7.24 16.39
C ASP B 98 8.44 -6.19 16.83
N LYS B 99 8.72 -5.18 15.98
CA LYS B 99 9.68 -4.09 16.24
C LYS B 99 9.19 -3.01 17.23
N ARG B 100 7.92 -3.05 17.64
CA ARG B 100 7.29 -2.10 18.57
C ARG B 100 8.06 -1.89 19.90
ZN ZN C . 6.31 11.43 7.24
ZN ZN D . -9.29 10.18 -6.66
ZN ZN E . -3.94 -9.60 2.57
N THR A 1 0.12 2.46 20.66
CA THR A 1 -1.20 1.98 20.17
C THR A 1 -1.33 0.47 20.27
N ASP A 2 -2.55 -0.06 20.36
CA ASP A 2 -2.86 -1.51 20.43
C ASP A 2 -2.63 -2.27 19.10
N PHE A 3 -2.24 -1.56 18.04
CA PHE A 3 -1.95 -2.06 16.69
C PHE A 3 -0.56 -1.56 16.22
N ILE A 4 -0.27 -1.72 14.93
CA ILE A 4 0.96 -1.30 14.22
C ILE A 4 1.44 0.08 14.69
N ASP A 5 2.76 0.28 14.82
CA ASP A 5 3.36 1.53 15.29
C ASP A 5 4.27 2.20 14.24
N GLU A 6 4.54 3.49 14.37
CA GLU A 6 5.39 4.24 13.43
C GLU A 6 6.78 3.61 13.23
N GLU A 7 7.42 3.11 14.30
CA GLU A 7 8.72 2.45 14.21
C GLU A 7 8.67 1.12 13.43
N VAL A 8 7.50 0.46 13.41
CA VAL A 8 7.26 -0.76 12.63
C VAL A 8 7.21 -0.41 11.13
N LEU A 9 6.55 0.70 10.75
CA LEU A 9 6.59 1.14 9.35
C LEU A 9 7.98 1.64 8.97
N MET A 10 8.68 2.41 9.83
CA MET A 10 10.04 2.87 9.56
C MET A 10 11.00 1.68 9.36
N SER A 11 10.81 0.59 10.13
CA SER A 11 11.58 -0.64 9.94
C SER A 11 11.29 -1.28 8.59
N LEU A 12 10.03 -1.27 8.12
CA LEU A 12 9.65 -1.79 6.80
C LEU A 12 10.15 -0.88 5.66
N VAL A 13 10.18 0.44 5.85
CA VAL A 13 10.76 1.42 4.90
C VAL A 13 12.23 1.05 4.65
N ILE A 14 12.96 0.75 5.73
CA ILE A 14 14.36 0.33 5.69
C ILE A 14 14.49 -1.08 5.08
N GLU A 15 13.62 -2.03 5.45
CA GLU A 15 13.59 -3.41 4.93
C GLU A 15 13.40 -3.45 3.39
N MET A 16 12.45 -2.66 2.88
CA MET A 16 12.13 -2.51 1.46
C MET A 16 13.09 -1.55 0.72
N GLY A 17 13.85 -0.72 1.44
CA GLY A 17 14.77 0.28 0.88
C GLY A 17 14.05 1.47 0.24
N LEU A 18 12.86 1.85 0.74
CA LEU A 18 12.05 2.95 0.19
C LEU A 18 12.72 4.33 0.29
N ASP A 19 13.75 4.48 1.13
CA ASP A 19 14.55 5.70 1.22
C ASP A 19 15.32 5.98 -0.11
N ARG A 20 15.48 4.95 -0.96
CA ARG A 20 16.16 5.01 -2.28
C ARG A 20 15.24 5.49 -3.42
N ILE A 21 13.93 5.67 -3.17
CA ILE A 21 12.97 6.21 -4.17
C ILE A 21 13.44 7.62 -4.60
N LYS A 22 13.02 8.07 -5.79
CA LYS A 22 13.30 9.41 -6.37
C LYS A 22 11.99 10.14 -6.70
N GLU A 23 11.07 9.40 -7.32
CA GLU A 23 9.72 9.82 -7.69
C GLU A 23 8.80 8.60 -7.53
N LEU A 24 7.63 8.78 -6.91
CA LEU A 24 6.67 7.69 -6.67
C LEU A 24 6.08 7.17 -8.00
N PRO A 25 6.16 5.86 -8.31
CA PRO A 25 5.60 5.31 -9.55
C PRO A 25 4.07 5.24 -9.53
N GLU A 26 3.47 4.99 -10.70
CA GLU A 26 2.03 4.87 -10.90
C GLU A 26 1.56 3.41 -10.86
N LEU A 27 0.30 3.21 -10.46
CA LEU A 27 -0.41 1.93 -10.45
C LEU A 27 -1.89 2.18 -10.81
N TRP A 28 -2.55 1.20 -11.44
CA TRP A 28 -3.95 1.31 -11.89
C TRP A 28 -4.83 0.13 -11.46
N LEU A 29 -4.90 -0.07 -10.13
CA LEU A 29 -5.69 -1.13 -9.47
C LEU A 29 -7.19 -1.08 -9.79
N GLY A 30 -7.71 0.10 -10.14
CA GLY A 30 -9.11 0.31 -10.53
C GLY A 30 -9.43 -0.12 -11.97
N GLN A 31 -8.43 -0.57 -12.74
CA GLN A 31 -8.55 -0.98 -14.14
C GLN A 31 -8.11 -2.44 -14.37
N ASN A 32 -8.57 -3.04 -15.48
CA ASN A 32 -8.24 -4.41 -15.88
C ASN A 32 -6.72 -4.62 -16.08
N GLU A 33 -5.97 -3.54 -16.33
CA GLU A 33 -4.52 -3.52 -16.52
C GLU A 33 -3.71 -4.07 -15.34
N PHE A 34 -4.24 -3.97 -14.12
CA PHE A 34 -3.57 -4.49 -12.91
C PHE A 34 -4.56 -4.99 -11.84
N ASP A 35 -5.05 -6.21 -12.02
CA ASP A 35 -5.88 -6.92 -11.04
C ASP A 35 -4.98 -7.49 -9.93
N PHE A 36 -4.48 -6.59 -9.09
CA PHE A 36 -3.50 -6.72 -8.00
C PHE A 36 -3.48 -7.97 -7.11
N MET A 37 -4.55 -8.77 -7.08
CA MET A 37 -4.65 -9.99 -6.28
C MET A 37 -5.16 -11.20 -7.08
N THR A 38 -5.32 -11.07 -8.40
CA THR A 38 -5.74 -12.19 -9.27
C THR A 38 -4.72 -13.33 -9.32
N ASP A 39 -5.16 -14.51 -9.76
CA ASP A 39 -4.36 -15.73 -9.93
C ASP A 39 -5.05 -16.70 -10.92
N PHE A 40 -4.30 -17.19 -11.92
CA PHE A 40 -4.77 -18.12 -12.95
C PHE A 40 -3.77 -19.27 -13.15
N VAL A 41 -4.28 -20.51 -13.07
CA VAL A 41 -3.53 -21.77 -13.20
C VAL A 41 -4.28 -22.83 -14.04
N CYS A 42 -5.25 -22.39 -14.84
CA CYS A 42 -6.12 -23.24 -15.67
C CYS A 42 -5.39 -24.10 -16.72
N LYS A 43 -4.23 -23.64 -17.21
CA LYS A 43 -3.40 -24.35 -18.22
C LYS A 43 -2.86 -25.68 -17.67
N GLN A 44 -3.20 -26.78 -18.34
CA GLN A 44 -2.73 -28.13 -18.02
C GLN A 44 -1.21 -28.26 -18.22
N GLN A 45 -0.55 -29.07 -17.38
CA GLN A 45 0.90 -29.34 -17.41
C GLN A 45 1.18 -30.80 -17.00
N PRO A 46 2.17 -31.49 -17.62
CA PRO A 46 2.55 -32.87 -17.29
C PRO A 46 2.63 -33.17 -15.79
N SER A 47 3.37 -32.34 -15.05
CA SER A 47 3.59 -32.39 -13.59
C SER A 47 2.33 -32.26 -12.73
N ARG A 48 1.17 -31.90 -13.31
CA ARG A 48 -0.14 -31.74 -12.65
C ARG A 48 -1.19 -32.72 -13.18
N VAL A 49 -1.04 -33.17 -14.43
CA VAL A 49 -1.93 -34.14 -15.10
C VAL A 49 -1.60 -35.60 -14.71
N SER A 50 -0.35 -35.89 -14.36
CA SER A 50 0.14 -37.22 -13.94
C SER A 50 -0.58 -37.83 -12.72
N ALA B 1 -5.36 -14.86 -23.15
CA ALA B 1 -4.33 -15.75 -22.57
C ALA B 1 -4.94 -16.71 -21.53
N THR B 2 -4.34 -17.89 -21.34
CA THR B 2 -4.78 -18.93 -20.38
C THR B 2 -4.23 -18.74 -18.95
N GLY B 3 -3.35 -17.76 -18.73
CA GLY B 3 -2.74 -17.44 -17.43
C GLY B 3 -2.33 -15.96 -17.30
N PRO B 4 -3.27 -14.99 -17.41
CA PRO B 4 -3.01 -13.55 -17.36
C PRO B 4 -2.75 -13.00 -15.93
N THR B 5 -2.15 -13.81 -15.04
CA THR B 5 -1.86 -13.46 -13.64
C THR B 5 -1.06 -12.15 -13.53
N ALA B 6 -1.75 -11.12 -13.05
CA ALA B 6 -1.23 -9.76 -12.84
C ALA B 6 -0.23 -9.68 -11.66
N ASP B 7 0.98 -10.21 -11.86
CA ASP B 7 2.07 -10.21 -10.86
C ASP B 7 3.44 -9.68 -11.38
N PRO B 8 3.49 -8.43 -11.88
CA PRO B 8 4.71 -7.78 -12.37
C PRO B 8 5.27 -6.84 -11.28
N GLU B 9 6.09 -5.85 -11.67
CA GLU B 9 6.62 -4.81 -10.75
C GLU B 9 5.50 -4.06 -10.02
N LYS B 10 4.29 -3.96 -10.61
CA LYS B 10 3.11 -3.36 -9.96
C LYS B 10 2.76 -4.05 -8.64
N ARG B 11 2.92 -5.38 -8.50
CA ARG B 11 2.65 -6.09 -7.23
C ARG B 11 3.77 -5.89 -6.20
N LYS B 12 5.00 -5.62 -6.65
CA LYS B 12 6.11 -5.20 -5.78
C LYS B 12 5.87 -3.75 -5.31
N LEU B 13 5.27 -2.92 -6.17
CA LEU B 13 4.86 -1.54 -5.83
C LEU B 13 3.69 -1.50 -4.84
N ILE B 14 2.68 -2.40 -4.85
CA ILE B 14 1.63 -2.34 -3.80
C ILE B 14 2.21 -2.55 -2.40
N GLN B 15 3.28 -3.34 -2.27
CA GLN B 15 4.01 -3.56 -1.01
C GLN B 15 4.69 -2.24 -0.57
N GLN B 16 5.24 -1.47 -1.52
CA GLN B 16 5.79 -0.13 -1.28
C GLN B 16 4.68 0.88 -0.93
N GLN B 17 3.52 0.82 -1.60
CA GLN B 17 2.38 1.71 -1.34
C GLN B 17 1.85 1.49 0.08
N LEU B 18 1.63 0.23 0.47
CA LEU B 18 1.18 -0.21 1.79
C LEU B 18 1.99 0.46 2.92
N VAL B 19 3.31 0.32 2.87
CA VAL B 19 4.25 0.88 3.86
C VAL B 19 4.13 2.40 4.00
N LEU B 20 4.19 3.13 2.89
CA LEU B 20 4.07 4.60 2.90
C LEU B 20 2.68 5.08 3.36
N LEU B 21 1.61 4.40 2.93
CA LEU B 21 0.20 4.67 3.28
C LEU B 21 -0.05 4.51 4.78
N LEU B 22 0.36 3.38 5.36
CA LEU B 22 0.28 3.12 6.80
C LEU B 22 1.11 4.14 7.60
N HIS B 23 2.30 4.50 7.11
CA HIS B 23 3.11 5.53 7.76
C HIS B 23 2.42 6.90 7.68
N ALA B 24 1.92 7.30 6.52
CA ALA B 24 1.19 8.56 6.32
C ALA B 24 0.00 8.69 7.27
N HIS B 25 -0.71 7.59 7.57
CA HIS B 25 -1.81 7.60 8.55
C HIS B 25 -1.33 7.98 9.96
N LYS B 26 -0.16 7.47 10.40
CA LYS B 26 0.46 7.84 11.70
C LYS B 26 0.96 9.29 11.69
N CYS B 27 1.69 9.64 10.62
CA CYS B 27 2.36 10.92 10.39
C CYS B 27 1.40 12.12 10.21
N GLN B 28 0.25 11.92 9.54
CA GLN B 28 -0.79 12.95 9.34
C GLN B 28 -1.43 13.38 10.67
N ARG B 29 -1.60 12.47 11.62
CA ARG B 29 -2.22 12.75 12.93
C ARG B 29 -1.42 13.77 13.77
N ARG B 30 -0.10 13.85 13.60
CA ARG B 30 0.77 14.82 14.31
C ARG B 30 0.45 16.26 13.92
N GLU B 31 0.50 16.59 12.63
CA GLU B 31 0.18 17.95 12.18
C GLU B 31 -1.29 18.31 12.43
N GLN B 32 -2.20 17.33 12.40
CA GLN B 32 -3.62 17.55 12.69
C GLN B 32 -3.90 17.85 14.17
N ALA B 33 -3.09 17.28 15.07
CA ALA B 33 -3.19 17.43 16.52
C ALA B 33 -2.78 18.82 17.06
N ASN B 34 -2.08 19.63 16.28
CA ASN B 34 -1.61 20.97 16.74
C ASN B 34 -1.45 22.03 15.63
N GLY B 35 -1.07 21.65 14.42
CA GLY B 35 -0.93 22.55 13.27
C GLY B 35 0.12 22.14 12.23
N GLU B 36 1.34 21.78 12.67
CA GLU B 36 2.46 21.45 11.76
C GLU B 36 3.49 20.42 12.30
N VAL B 37 3.22 19.68 13.37
CA VAL B 37 4.18 18.71 13.96
C VAL B 37 4.61 17.59 12.98
N ARG B 38 5.87 17.14 13.10
CA ARG B 38 6.49 16.02 12.34
C ARG B 38 7.26 15.10 13.30
N ALA B 39 7.54 13.87 12.87
CA ALA B 39 8.26 12.86 13.65
C ALA B 39 9.28 12.02 12.82
N CYS B 40 9.49 12.36 11.55
CA CYS B 40 10.38 11.65 10.62
C CYS B 40 10.96 12.58 9.52
N SER B 41 11.96 12.07 8.80
CA SER B 41 12.67 12.76 7.71
C SER B 41 12.44 12.14 6.33
N LEU B 42 11.69 11.03 6.23
CA LEU B 42 11.33 10.32 4.98
C LEU B 42 10.55 11.26 4.03
N PRO B 43 11.12 11.71 2.89
CA PRO B 43 10.42 12.63 1.99
C PRO B 43 9.24 11.98 1.26
N HIS B 44 9.29 10.66 1.03
CA HIS B 44 8.27 9.91 0.30
C HIS B 44 6.93 9.77 1.04
N CYS B 45 6.89 9.84 2.38
CA CYS B 45 5.61 9.78 3.09
C CYS B 45 4.76 11.04 2.87
N ARG B 46 5.39 12.20 2.63
CA ARG B 46 4.69 13.46 2.31
C ARG B 46 3.78 13.30 1.08
N THR B 47 4.21 12.51 0.09
CA THR B 47 3.43 12.19 -1.11
C THR B 47 2.16 11.44 -0.71
N MET B 48 2.26 10.37 0.09
CA MET B 48 1.09 9.65 0.58
C MET B 48 0.20 10.54 1.46
N LYS B 49 0.75 11.34 2.38
CA LYS B 49 -0.03 12.29 3.22
C LYS B 49 -0.89 13.23 2.38
N ASN B 50 -0.35 13.78 1.30
CA ASN B 50 -1.09 14.62 0.35
C ASN B 50 -2.20 13.82 -0.35
N VAL B 51 -1.87 12.60 -0.81
CA VAL B 51 -2.81 11.67 -1.46
C VAL B 51 -3.94 11.22 -0.51
N LEU B 52 -3.67 11.05 0.79
CA LEU B 52 -4.70 10.64 1.76
C LEU B 52 -5.85 11.64 1.82
N ASN B 53 -5.52 12.94 1.86
CA ASN B 53 -6.50 14.03 1.86
C ASN B 53 -7.36 14.06 0.59
N HIS B 54 -6.81 13.58 -0.54
CA HIS B 54 -7.54 13.46 -1.80
C HIS B 54 -8.42 12.20 -1.83
N MET B 55 -7.84 10.99 -1.61
CA MET B 55 -8.57 9.71 -1.69
C MET B 55 -9.74 9.57 -0.70
N THR B 56 -9.68 10.25 0.46
CA THR B 56 -10.75 10.27 1.48
C THR B 56 -12.00 11.07 1.08
N HIS B 57 -11.92 11.90 0.03
CA HIS B 57 -13.03 12.73 -0.46
C HIS B 57 -13.36 12.53 -1.96
N CYS B 58 -12.39 12.09 -2.77
CA CYS B 58 -12.55 11.76 -4.17
C CYS B 58 -13.56 10.61 -4.39
N GLN B 59 -14.26 10.63 -5.53
CA GLN B 59 -15.26 9.64 -5.93
C GLN B 59 -15.18 9.28 -7.44
N ALA B 60 -14.13 9.71 -8.15
CA ALA B 60 -13.95 9.42 -9.59
C ALA B 60 -13.52 7.97 -9.89
N GLY B 61 -13.11 7.20 -8.87
CA GLY B 61 -12.72 5.78 -8.97
C GLY B 61 -11.83 5.44 -10.17
N LYS B 62 -12.34 4.57 -11.05
CA LYS B 62 -11.68 4.09 -12.29
C LYS B 62 -11.25 5.20 -13.27
N ALA B 63 -11.87 6.38 -13.18
CA ALA B 63 -11.59 7.54 -14.01
C ALA B 63 -10.74 8.64 -13.32
N CYS B 64 -10.37 8.46 -12.04
CA CYS B 64 -9.52 9.41 -11.32
C CYS B 64 -8.10 9.43 -11.92
N GLN B 65 -7.70 10.58 -12.49
CA GLN B 65 -6.39 10.76 -13.12
C GLN B 65 -5.21 10.64 -12.14
N VAL B 66 -5.46 10.79 -10.83
CA VAL B 66 -4.47 10.62 -9.76
C VAL B 66 -4.29 9.12 -9.49
N ALA B 67 -3.33 8.50 -10.18
CA ALA B 67 -3.04 7.07 -10.06
C ALA B 67 -2.80 6.63 -8.60
N HIS B 68 -2.11 7.46 -7.81
CA HIS B 68 -1.83 7.20 -6.39
C HIS B 68 -3.10 7.14 -5.51
N CYS B 69 -4.13 7.94 -5.85
CA CYS B 69 -5.42 7.98 -5.15
C CYS B 69 -6.16 6.65 -5.34
N ALA B 70 -6.40 6.26 -6.60
CA ALA B 70 -7.06 4.99 -6.91
C ALA B 70 -6.27 3.77 -6.36
N SER B 71 -4.94 3.87 -6.33
CA SER B 71 -4.07 2.83 -5.74
C SER B 71 -4.28 2.73 -4.24
N SER B 72 -3.97 3.79 -3.47
CA SER B 72 -4.13 3.81 -2.00
C SER B 72 -5.55 3.46 -1.55
N ARG B 73 -6.58 3.93 -2.28
CA ARG B 73 -8.00 3.64 -2.05
C ARG B 73 -8.35 2.15 -2.16
N GLN B 74 -7.57 1.37 -2.91
CA GLN B 74 -7.71 -0.08 -3.04
C GLN B 74 -6.84 -0.87 -2.05
N ILE B 75 -5.65 -0.38 -1.66
CA ILE B 75 -4.76 -1.11 -0.73
C ILE B 75 -5.42 -1.39 0.63
N ILE B 76 -6.08 -0.40 1.26
CA ILE B 76 -6.76 -0.64 2.56
C ILE B 76 -7.91 -1.65 2.43
N SER B 77 -8.56 -1.74 1.28
CA SER B 77 -9.63 -2.72 1.03
C SER B 77 -9.10 -4.15 1.15
N HIS B 78 -7.88 -4.43 0.67
CA HIS B 78 -7.26 -5.74 0.87
C HIS B 78 -6.90 -5.94 2.35
N TRP B 79 -6.17 -5.00 2.95
CA TRP B 79 -5.70 -5.04 4.34
C TRP B 79 -6.82 -5.30 5.36
N LYS B 80 -7.98 -4.67 5.19
CA LYS B 80 -9.17 -4.82 6.07
C LYS B 80 -9.94 -6.14 5.83
N ASN B 81 -9.99 -6.62 4.59
CA ASN B 81 -10.71 -7.83 4.19
C ASN B 81 -9.95 -9.15 4.48
N CYS B 82 -8.67 -9.23 4.10
CA CYS B 82 -7.81 -10.41 4.28
C CYS B 82 -7.50 -10.69 5.76
N THR B 83 -7.25 -11.97 6.08
CA THR B 83 -6.96 -12.49 7.44
C THR B 83 -5.76 -13.46 7.48
N ARG B 84 -5.07 -13.62 6.35
CA ARG B 84 -3.91 -14.51 6.13
C ARG B 84 -2.63 -14.05 6.87
N HIS B 85 -1.57 -14.86 6.75
CA HIS B 85 -0.25 -14.60 7.34
C HIS B 85 0.89 -14.78 6.30
N ASP B 86 0.68 -15.54 5.23
CA ASP B 86 1.64 -15.82 4.14
C ASP B 86 1.30 -15.09 2.81
N CYS B 87 0.31 -14.20 2.86
CA CYS B 87 -0.20 -13.40 1.75
C CYS B 87 0.79 -12.28 1.34
N PRO B 88 0.97 -11.96 0.04
CA PRO B 88 1.89 -10.92 -0.45
C PRO B 88 1.83 -9.54 0.24
N VAL B 89 0.71 -9.16 0.86
CA VAL B 89 0.54 -7.89 1.58
C VAL B 89 0.60 -8.09 3.10
N CYS B 90 -0.12 -9.09 3.62
CA CYS B 90 -0.16 -9.37 5.05
C CYS B 90 1.19 -9.85 5.62
N LEU B 91 1.90 -10.74 4.92
CA LEU B 91 3.17 -11.32 5.36
C LEU B 91 4.25 -10.28 5.77
N PRO B 92 4.67 -9.34 4.91
CA PRO B 92 5.70 -8.37 5.28
C PRO B 92 5.25 -7.47 6.45
N LEU B 93 4.02 -6.95 6.41
CA LEU B 93 3.47 -6.08 7.44
C LEU B 93 3.36 -6.77 8.81
N LYS B 94 2.83 -8.01 8.85
CA LYS B 94 2.68 -8.83 10.05
C LYS B 94 4.03 -9.26 10.64
N ASN B 95 5.01 -9.57 9.79
CA ASN B 95 6.37 -9.92 10.23
C ASN B 95 7.10 -8.69 10.80
N ALA B 96 6.95 -7.50 10.19
CA ALA B 96 7.56 -6.26 10.64
C ALA B 96 7.17 -5.85 12.08
N SER B 97 5.96 -6.23 12.53
CA SER B 97 5.46 -5.93 13.89
C SER B 97 6.36 -6.46 15.02
N ASP B 98 7.26 -7.42 14.73
CA ASP B 98 8.26 -7.94 15.68
C ASP B 98 9.20 -6.82 16.21
N LYS B 99 9.36 -5.72 15.45
CA LYS B 99 10.19 -4.55 15.79
C LYS B 99 9.60 -3.66 16.90
N ARG B 100 8.35 -3.90 17.33
CA ARG B 100 7.62 -3.20 18.39
C ARG B 100 8.39 -3.13 19.72
ZN ZN C . 6.28 10.57 7.98
ZN ZN D . -8.90 10.74 -6.70
ZN ZN E . -3.80 -10.59 2.43
N THR A 1 -1.84 -1.90 22.94
CA THR A 1 -2.46 -1.48 21.65
C THR A 1 -2.41 -2.63 20.66
N ASP A 2 -3.57 -3.11 20.19
CA ASP A 2 -3.67 -4.22 19.23
C ASP A 2 -3.27 -3.82 17.80
N PHE A 3 -3.56 -2.57 17.40
CA PHE A 3 -3.24 -2.01 16.08
C PHE A 3 -1.73 -1.71 15.91
N ILE A 4 -1.35 -1.48 14.65
CA ILE A 4 -0.01 -1.11 14.15
C ILE A 4 0.50 0.18 14.81
N ASP A 5 1.82 0.37 14.82
CA ASP A 5 2.52 1.50 15.43
C ASP A 5 3.48 2.21 14.46
N GLU A 6 3.79 3.48 14.72
CA GLU A 6 4.72 4.27 13.91
C GLU A 6 6.12 3.63 13.79
N GLU A 7 6.65 3.01 14.84
CA GLU A 7 7.95 2.32 14.77
C GLU A 7 7.88 1.03 13.94
N VAL A 8 6.70 0.41 13.86
CA VAL A 8 6.46 -0.78 13.02
C VAL A 8 6.52 -0.38 11.54
N LEU A 9 5.90 0.73 11.15
CA LEU A 9 6.02 1.21 9.76
C LEU A 9 7.44 1.67 9.46
N MET A 10 8.12 2.38 10.36
CA MET A 10 9.52 2.78 10.15
C MET A 10 10.44 1.55 9.98
N SER A 11 10.17 0.46 10.70
CA SER A 11 10.90 -0.80 10.54
C SER A 11 10.65 -1.42 9.17
N LEU A 12 9.40 -1.37 8.66
CA LEU A 12 9.06 -1.88 7.31
C LEU A 12 9.63 -0.98 6.20
N VAL A 13 9.70 0.34 6.42
CA VAL A 13 10.35 1.31 5.50
C VAL A 13 11.81 0.90 5.30
N ILE A 14 12.49 0.56 6.40
CA ILE A 14 13.89 0.10 6.42
C ILE A 14 14.01 -1.31 5.81
N GLU A 15 13.08 -2.23 6.09
CA GLU A 15 13.03 -3.59 5.53
C GLU A 15 12.91 -3.56 3.99
N MET A 16 12.03 -2.70 3.46
CA MET A 16 11.80 -2.48 2.03
C MET A 16 12.87 -1.60 1.36
N GLY A 17 13.50 -0.69 2.12
CA GLY A 17 14.50 0.26 1.63
C GLY A 17 13.86 1.48 0.95
N LEU A 18 12.68 1.93 1.40
CA LEU A 18 11.94 3.05 0.81
C LEU A 18 12.63 4.42 0.90
N ASP A 19 13.70 4.53 1.68
CA ASP A 19 14.53 5.74 1.73
C ASP A 19 15.27 6.00 0.39
N ARG A 20 15.39 4.96 -0.47
CA ARG A 20 16.02 5.00 -1.80
C ARG A 20 15.14 5.62 -2.90
N ILE A 21 13.85 5.88 -2.63
CA ILE A 21 12.90 6.51 -3.57
C ILE A 21 13.37 7.93 -3.93
N LYS A 22 12.84 8.49 -5.03
CA LYS A 22 13.07 9.86 -5.51
C LYS A 22 11.77 10.52 -5.96
N GLU A 23 10.94 9.77 -6.68
CA GLU A 23 9.60 10.15 -7.14
C GLU A 23 8.70 8.89 -7.06
N LEU A 24 7.45 9.04 -6.59
CA LEU A 24 6.53 7.90 -6.44
C LEU A 24 6.00 7.43 -7.81
N PRO A 25 6.17 6.15 -8.20
CA PRO A 25 5.69 5.63 -9.50
C PRO A 25 4.16 5.48 -9.55
N GLU A 26 3.63 5.30 -10.76
CA GLU A 26 2.20 5.09 -11.00
C GLU A 26 1.74 3.63 -10.84
N LEU A 27 0.47 3.49 -10.48
CA LEU A 27 -0.32 2.26 -10.37
C LEU A 27 -1.76 2.60 -10.76
N TRP A 28 -2.49 1.64 -11.35
CA TRP A 28 -3.87 1.80 -11.79
C TRP A 28 -4.73 0.58 -11.42
N LEU A 29 -4.86 0.32 -10.12
CA LEU A 29 -5.65 -0.80 -9.57
C LEU A 29 -7.14 -0.79 -9.99
N GLY A 30 -7.66 0.36 -10.43
CA GLY A 30 -9.04 0.51 -10.90
C GLY A 30 -9.24 0.14 -12.37
N GLN A 31 -8.16 -0.03 -13.14
CA GLN A 31 -8.19 -0.36 -14.57
C GLN A 31 -7.74 -1.81 -14.82
N ASN A 32 -8.08 -2.34 -16.01
CA ASN A 32 -7.70 -3.69 -16.44
C ASN A 32 -6.16 -3.88 -16.52
N GLU A 33 -5.41 -2.79 -16.66
CA GLU A 33 -3.94 -2.75 -16.76
C GLU A 33 -3.21 -3.41 -15.58
N PHE A 34 -3.80 -3.37 -14.37
CA PHE A 34 -3.25 -4.00 -13.18
C PHE A 34 -4.33 -4.43 -12.17
N ASP A 35 -4.99 -5.55 -12.46
CA ASP A 35 -5.92 -6.18 -11.53
C ASP A 35 -5.12 -6.96 -10.48
N PHE A 36 -4.53 -6.21 -9.55
CA PHE A 36 -3.60 -6.62 -8.48
C PHE A 36 -3.91 -7.94 -7.75
N MET A 37 -5.19 -8.30 -7.62
CA MET A 37 -5.66 -9.51 -6.93
C MET A 37 -6.62 -10.33 -7.83
N THR A 38 -6.41 -10.23 -9.15
CA THR A 38 -7.07 -10.86 -10.32
C THR A 38 -8.21 -11.86 -10.02
N ASP A 39 -7.91 -12.99 -9.39
CA ASP A 39 -8.86 -14.06 -9.02
C ASP A 39 -8.50 -14.66 -7.65
N PHE A 40 -7.92 -13.84 -6.77
CA PHE A 40 -7.40 -14.20 -5.45
C PHE A 40 -8.31 -13.80 -4.28
N VAL A 41 -9.61 -13.69 -4.60
CA VAL A 41 -10.76 -13.44 -3.70
C VAL A 41 -11.78 -14.58 -3.87
N CYS A 42 -11.23 -15.78 -4.13
CA CYS A 42 -11.81 -17.09 -4.45
C CYS A 42 -12.83 -17.71 -3.44
N LYS A 43 -13.44 -16.90 -2.56
CA LYS A 43 -14.41 -17.29 -1.51
C LYS A 43 -15.78 -17.83 -2.00
N GLN A 44 -16.02 -17.84 -3.33
CA GLN A 44 -17.30 -18.27 -3.94
C GLN A 44 -17.61 -19.76 -3.72
N GLN A 45 -18.86 -20.15 -3.95
CA GLN A 45 -19.38 -21.53 -3.80
C GLN A 45 -20.34 -21.87 -4.95
N PRO A 46 -20.24 -23.06 -5.58
CA PRO A 46 -21.16 -23.47 -6.65
C PRO A 46 -22.59 -23.71 -6.13
N SER A 47 -23.55 -23.70 -7.06
CA SER A 47 -24.99 -23.92 -6.80
C SER A 47 -25.80 -24.38 -8.03
N ARG A 48 -25.35 -24.09 -9.25
CA ARG A 48 -26.03 -24.41 -10.53
C ARG A 48 -25.04 -24.90 -11.61
N VAL A 49 -24.04 -25.69 -11.21
CA VAL A 49 -23.00 -26.25 -12.11
C VAL A 49 -23.49 -27.38 -13.03
N SER A 50 -24.70 -27.90 -12.79
CA SER A 50 -25.36 -28.99 -13.55
C SER A 50 -26.84 -28.68 -13.82
N ALA B 1 4.73 -10.43 -16.58
CA ALA B 1 5.52 -11.63 -16.19
C ALA B 1 4.67 -12.92 -16.35
N THR B 2 4.99 -13.99 -15.62
CA THR B 2 4.29 -15.30 -15.65
C THR B 2 2.90 -15.32 -15.00
N GLY B 3 2.50 -14.26 -14.29
CA GLY B 3 1.19 -14.16 -13.62
C GLY B 3 -0.01 -14.09 -14.61
N PRO B 4 -1.25 -14.31 -14.12
CA PRO B 4 -2.46 -14.31 -14.97
C PRO B 4 -2.86 -12.91 -15.48
N THR B 5 -2.48 -11.85 -14.75
CA THR B 5 -2.72 -10.42 -15.07
C THR B 5 -1.82 -9.53 -14.22
N ALA B 6 -1.74 -9.81 -12.92
CA ALA B 6 -0.85 -9.11 -11.99
C ALA B 6 0.64 -9.31 -12.36
N ASP B 7 1.53 -8.40 -11.93
CA ASP B 7 2.96 -8.43 -12.26
C ASP B 7 3.85 -8.12 -11.03
N PRO B 8 4.99 -8.82 -10.81
CA PRO B 8 5.91 -8.60 -9.70
C PRO B 8 6.35 -7.14 -9.46
N GLU B 9 6.55 -6.32 -10.49
CA GLU B 9 6.96 -4.91 -10.30
C GLU B 9 5.80 -4.07 -9.73
N LYS B 10 4.58 -4.25 -10.25
CA LYS B 10 3.40 -3.57 -9.71
C LYS B 10 3.08 -4.08 -8.30
N ARG B 11 3.26 -5.38 -8.00
CA ARG B 11 3.09 -5.93 -6.64
C ARG B 11 4.19 -5.45 -5.67
N LYS B 12 5.44 -5.33 -6.12
CA LYS B 12 6.53 -4.72 -5.33
C LYS B 12 6.15 -3.27 -4.96
N LEU B 13 5.50 -2.57 -5.89
CA LEU B 13 4.94 -1.25 -5.66
C LEU B 13 3.73 -1.27 -4.70
N ILE B 14 2.77 -2.22 -4.73
CA ILE B 14 1.68 -2.22 -3.72
C ILE B 14 2.23 -2.40 -2.29
N GLN B 15 3.31 -3.17 -2.11
CA GLN B 15 3.99 -3.32 -0.82
C GLN B 15 4.59 -1.99 -0.36
N GLN B 16 5.12 -1.18 -1.28
CA GLN B 16 5.62 0.17 -1.03
C GLN B 16 4.45 1.11 -0.69
N GLN B 17 3.36 1.10 -1.48
CA GLN B 17 2.18 1.92 -1.23
C GLN B 17 1.60 1.63 0.16
N LEU B 18 1.46 0.34 0.53
CA LEU B 18 0.98 -0.13 1.83
C LEU B 18 1.73 0.55 2.98
N VAL B 19 3.06 0.42 3.00
CA VAL B 19 3.93 1.00 4.04
C VAL B 19 3.80 2.52 4.13
N LEU B 20 3.87 3.22 2.98
CA LEU B 20 3.75 4.68 2.94
C LEU B 20 2.36 5.17 3.38
N LEU B 21 1.29 4.48 2.97
CA LEU B 21 -0.11 4.76 3.30
C LEU B 21 -0.36 4.61 4.81
N LEU B 22 0.08 3.49 5.40
CA LEU B 22 0.00 3.25 6.84
C LEU B 22 0.85 4.26 7.62
N HIS B 23 2.04 4.61 7.13
CA HIS B 23 2.88 5.64 7.78
C HIS B 23 2.18 7.01 7.71
N ALA B 24 1.68 7.43 6.54
CA ALA B 24 0.94 8.68 6.36
C ALA B 24 -0.26 8.80 7.32
N HIS B 25 -0.95 7.70 7.60
CA HIS B 25 -2.06 7.68 8.58
C HIS B 25 -1.58 8.03 10.00
N LYS B 26 -0.37 7.61 10.39
CA LYS B 26 0.27 7.99 11.67
C LYS B 26 0.83 9.41 11.61
N CYS B 27 1.53 9.74 10.53
CA CYS B 27 2.23 11.00 10.27
C CYS B 27 1.30 12.22 10.14
N GLN B 28 0.11 12.09 9.54
CA GLN B 28 -0.85 13.19 9.41
C GLN B 28 -1.34 13.71 10.78
N ARG B 29 -1.29 12.87 11.83
CA ARG B 29 -1.64 13.27 13.20
C ARG B 29 -0.54 14.18 13.78
N ARG B 30 0.74 13.86 13.51
CA ARG B 30 1.90 14.70 13.88
C ARG B 30 1.82 16.06 13.17
N GLU B 31 1.54 16.01 11.88
CA GLU B 31 1.42 17.16 10.98
C GLU B 31 0.40 18.20 11.49
N GLN B 32 -0.84 17.75 11.74
CA GLN B 32 -1.94 18.57 12.24
C GLN B 32 -1.70 19.09 13.68
N ALA B 33 -1.02 18.31 14.53
CA ALA B 33 -0.66 18.72 15.90
C ALA B 33 0.38 19.87 15.91
N ASN B 34 1.23 19.91 14.87
CA ASN B 34 2.30 20.87 14.55
C ASN B 34 3.10 21.51 15.72
N GLY B 35 3.31 20.78 16.83
CA GLY B 35 4.08 21.26 17.98
C GLY B 35 5.58 21.40 17.68
N GLU B 36 6.13 20.44 16.92
CA GLU B 36 7.52 20.41 16.43
C GLU B 36 7.70 19.45 15.23
N VAL B 37 6.90 18.38 15.14
CA VAL B 37 6.88 17.38 14.05
C VAL B 37 8.24 16.68 13.83
N ARG B 38 9.11 16.64 14.85
CA ARG B 38 10.44 16.00 14.82
C ARG B 38 10.39 14.52 15.22
N ALA B 39 9.49 13.78 14.56
CA ALA B 39 9.24 12.35 14.74
C ALA B 39 9.13 11.61 13.38
N CYS B 40 9.63 12.21 12.29
CA CYS B 40 9.65 11.68 10.94
C CYS B 40 10.95 12.10 10.21
N SER B 41 11.44 11.20 9.37
CA SER B 41 12.68 11.32 8.58
C SER B 41 12.56 10.75 7.16
N LEU B 42 11.32 10.51 6.70
CA LEU B 42 10.97 9.92 5.40
C LEU B 42 10.18 10.96 4.57
N PRO B 43 10.81 11.69 3.62
CA PRO B 43 10.10 12.70 2.83
C PRO B 43 9.06 12.10 1.89
N HIS B 44 9.18 10.82 1.52
CA HIS B 44 8.27 10.12 0.61
C HIS B 44 6.85 9.89 1.17
N CYS B 45 6.67 9.86 2.51
CA CYS B 45 5.34 9.71 3.10
C CYS B 45 4.46 10.96 2.87
N ARG B 46 5.05 12.12 2.61
CA ARG B 46 4.34 13.39 2.30
C ARG B 46 3.44 13.24 1.08
N THR B 47 3.85 12.44 0.09
CA THR B 47 3.05 12.13 -1.10
C THR B 47 1.78 11.40 -0.69
N MET B 48 1.90 10.32 0.11
CA MET B 48 0.73 9.61 0.64
C MET B 48 -0.11 10.53 1.54
N LYS B 49 0.50 11.32 2.44
CA LYS B 49 -0.17 12.28 3.33
C LYS B 49 -1.12 13.22 2.56
N ASN B 50 -0.66 13.75 1.43
CA ASN B 50 -1.45 14.59 0.53
C ASN B 50 -2.55 13.77 -0.17
N VAL B 51 -2.21 12.58 -0.68
CA VAL B 51 -3.13 11.64 -1.36
C VAL B 51 -4.24 11.14 -0.43
N LEU B 52 -3.98 10.97 0.87
CA LEU B 52 -4.99 10.50 1.84
C LEU B 52 -6.14 11.52 1.94
N ASN B 53 -5.78 12.80 2.08
CA ASN B 53 -6.72 13.92 2.14
C ASN B 53 -7.56 14.05 0.85
N HIS B 54 -7.02 13.58 -0.28
CA HIS B 54 -7.73 13.53 -1.57
C HIS B 54 -8.66 12.29 -1.65
N MET B 55 -8.13 11.08 -1.50
CA MET B 55 -8.90 9.82 -1.65
C MET B 55 -10.01 9.63 -0.61
N THR B 56 -9.92 10.25 0.57
CA THR B 56 -10.99 10.22 1.59
C THR B 56 -12.24 11.02 1.19
N HIS B 57 -12.18 11.82 0.11
CA HIS B 57 -13.28 12.63 -0.40
C HIS B 57 -13.56 12.49 -1.92
N CYS B 58 -12.62 11.96 -2.70
CA CYS B 58 -12.74 11.75 -4.14
C CYS B 58 -13.90 10.81 -4.54
N GLN B 59 -14.45 11.02 -5.74
CA GLN B 59 -15.57 10.25 -6.31
C GLN B 59 -15.33 9.78 -7.76
N ALA B 60 -14.23 10.18 -8.42
CA ALA B 60 -13.94 9.78 -9.79
C ALA B 60 -13.36 8.35 -9.93
N GLY B 61 -12.79 7.79 -8.85
CA GLY B 61 -12.22 6.43 -8.77
C GLY B 61 -11.46 5.96 -10.01
N LYS B 62 -12.04 5.03 -10.78
CA LYS B 62 -11.47 4.47 -12.02
C LYS B 62 -11.08 5.53 -13.08
N ALA B 63 -11.74 6.69 -13.05
CA ALA B 63 -11.50 7.82 -13.95
C ALA B 63 -10.70 8.98 -13.31
N CYS B 64 -10.31 8.86 -12.02
CA CYS B 64 -9.52 9.86 -11.31
C CYS B 64 -8.10 9.90 -11.90
N GLN B 65 -7.67 11.08 -12.38
CA GLN B 65 -6.34 11.30 -12.95
C GLN B 65 -5.20 11.15 -11.93
N VAL B 66 -5.52 11.21 -10.63
CA VAL B 66 -4.57 10.96 -9.53
C VAL B 66 -4.42 9.46 -9.37
N ALA B 67 -3.46 8.86 -10.09
CA ALA B 67 -3.19 7.42 -10.09
C ALA B 67 -3.05 6.84 -8.67
N HIS B 68 -2.40 7.60 -7.77
CA HIS B 68 -2.18 7.23 -6.37
C HIS B 68 -3.46 7.18 -5.52
N CYS B 69 -4.49 7.97 -5.83
CA CYS B 69 -5.75 8.07 -5.09
C CYS B 69 -6.55 6.76 -5.13
N ALA B 70 -6.95 6.31 -6.32
CA ALA B 70 -7.70 5.06 -6.46
C ALA B 70 -6.86 3.86 -5.98
N SER B 71 -5.56 3.85 -6.30
CA SER B 71 -4.64 2.79 -5.89
C SER B 71 -4.50 2.68 -4.37
N SER B 72 -4.18 3.77 -3.66
CA SER B 72 -4.09 3.78 -2.18
C SER B 72 -5.41 3.34 -1.53
N ARG B 73 -6.55 3.83 -2.04
CA ARG B 73 -7.89 3.48 -1.55
C ARG B 73 -8.22 1.99 -1.73
N GLN B 74 -7.61 1.31 -2.72
CA GLN B 74 -7.77 -0.12 -2.97
C GLN B 74 -6.81 -1.03 -2.16
N ILE B 75 -5.63 -0.55 -1.71
CA ILE B 75 -4.67 -1.39 -0.97
C ILE B 75 -5.29 -2.00 0.30
N ILE B 76 -5.91 -1.16 1.16
CA ILE B 76 -6.57 -1.64 2.38
C ILE B 76 -7.84 -2.47 2.07
N SER B 77 -8.49 -2.29 0.92
CA SER B 77 -9.65 -3.12 0.52
C SER B 77 -9.24 -4.59 0.41
N HIS B 78 -8.03 -4.88 -0.07
CA HIS B 78 -7.50 -6.25 -0.07
C HIS B 78 -7.23 -6.70 1.37
N TRP B 79 -6.41 -5.95 2.12
CA TRP B 79 -5.99 -6.29 3.49
C TRP B 79 -7.13 -6.56 4.47
N LYS B 80 -8.20 -5.73 4.42
CA LYS B 80 -9.40 -5.87 5.26
C LYS B 80 -10.22 -7.13 4.92
N ASN B 81 -10.27 -7.48 3.64
CA ASN B 81 -11.00 -8.64 3.10
C ASN B 81 -10.25 -9.98 3.29
N CYS B 82 -8.93 -10.00 3.06
CA CYS B 82 -8.07 -11.17 3.13
C CYS B 82 -8.09 -11.90 4.50
N THR B 83 -7.99 -13.22 4.47
CA THR B 83 -8.00 -14.14 5.62
C THR B 83 -6.88 -15.20 5.56
N ARG B 84 -5.92 -15.04 4.64
CA ARG B 84 -4.77 -15.92 4.40
C ARG B 84 -3.84 -16.09 5.60
N HIS B 85 -3.21 -17.26 5.69
CA HIS B 85 -2.13 -17.57 6.65
C HIS B 85 -0.84 -16.79 6.29
N ASP B 86 -0.58 -16.66 4.99
CA ASP B 86 0.54 -15.93 4.38
C ASP B 86 0.08 -15.34 3.03
N CYS B 87 0.41 -14.08 2.79
CA CYS B 87 0.01 -13.28 1.63
C CYS B 87 1.01 -12.11 1.41
N PRO B 88 1.38 -11.73 0.18
CA PRO B 88 2.33 -10.65 -0.11
C PRO B 88 2.10 -9.29 0.59
N VAL B 89 0.89 -9.00 1.07
CA VAL B 89 0.55 -7.75 1.79
C VAL B 89 0.39 -7.99 3.29
N CYS B 90 -0.35 -9.03 3.67
CA CYS B 90 -0.64 -9.36 5.06
C CYS B 90 0.59 -9.86 5.84
N LEU B 91 1.41 -10.74 5.23
CA LEU B 91 2.60 -11.34 5.84
C LEU B 91 3.65 -10.31 6.31
N PRO B 92 4.18 -9.38 5.47
CA PRO B 92 5.19 -8.44 5.91
C PRO B 92 4.69 -7.49 7.01
N LEU B 93 3.46 -6.98 6.90
CA LEU B 93 2.85 -6.10 7.91
C LEU B 93 2.65 -6.82 9.25
N LYS B 94 2.20 -8.08 9.23
CA LYS B 94 2.04 -8.93 10.42
C LYS B 94 3.39 -9.24 11.08
N ASN B 95 4.42 -9.55 10.29
CA ASN B 95 5.78 -9.81 10.79
C ASN B 95 6.41 -8.55 11.39
N ALA B 96 6.28 -7.39 10.72
CA ALA B 96 6.81 -6.10 11.19
C ALA B 96 6.22 -5.66 12.55
N SER B 97 4.98 -6.07 12.86
CA SER B 97 4.29 -5.73 14.11
C SER B 97 5.04 -6.17 15.39
N ASP B 98 5.99 -7.11 15.29
CA ASP B 98 6.83 -7.57 16.39
C ASP B 98 7.76 -6.47 16.95
N LYS B 99 8.04 -5.42 16.16
CA LYS B 99 8.94 -4.31 16.50
C LYS B 99 8.45 -3.31 17.56
N ARG B 100 7.25 -3.48 18.13
CA ARG B 100 6.69 -2.63 19.20
C ARG B 100 5.93 -3.46 20.26
ZN ZN C . 6.15 10.61 7.95
ZN ZN D . -9.09 11.01 -6.67
ZN ZN E . -3.80 -10.74 1.80
N THR A 1 -1.92 -3.74 23.76
CA THR A 1 -1.84 -3.06 22.45
C THR A 1 -1.36 -4.03 21.38
N ASP A 2 -2.02 -4.05 20.21
CA ASP A 2 -1.70 -4.97 19.09
C ASP A 2 -1.58 -4.26 17.72
N PHE A 3 -1.97 -2.98 17.61
CA PHE A 3 -1.90 -2.20 16.36
C PHE A 3 -0.48 -1.69 16.05
N ILE A 4 -0.31 -1.24 14.82
CA ILE A 4 0.91 -0.66 14.22
C ILE A 4 1.32 0.66 14.91
N ASP A 5 2.59 1.06 14.76
CA ASP A 5 3.19 2.27 15.35
C ASP A 5 3.98 3.07 14.30
N GLU A 6 4.16 4.38 14.49
CA GLU A 6 4.94 5.23 13.57
C GLU A 6 6.38 4.72 13.35
N GLU A 7 7.05 4.19 14.38
CA GLU A 7 8.39 3.60 14.22
C GLU A 7 8.36 2.24 13.51
N VAL A 8 7.23 1.53 13.53
CA VAL A 8 7.05 0.26 12.80
C VAL A 8 7.04 0.54 11.30
N LEU A 9 6.34 1.59 10.84
CA LEU A 9 6.40 1.96 9.42
C LEU A 9 7.79 2.51 9.05
N MET A 10 8.42 3.31 9.90
CA MET A 10 9.80 3.80 9.63
C MET A 10 10.79 2.62 9.53
N SER A 11 10.60 1.57 10.33
CA SER A 11 11.43 0.36 10.25
C SER A 11 11.16 -0.40 8.95
N LEU A 12 9.90 -0.49 8.49
CA LEU A 12 9.56 -1.14 7.21
C LEU A 12 10.05 -0.32 6.00
N VAL A 13 10.07 1.02 6.10
CA VAL A 13 10.64 1.93 5.10
C VAL A 13 12.11 1.55 4.90
N ILE A 14 12.85 1.38 5.99
CA ILE A 14 14.27 1.01 6.00
C ILE A 14 14.47 -0.44 5.53
N GLU A 15 13.56 -1.37 5.89
CA GLU A 15 13.59 -2.78 5.47
C GLU A 15 13.44 -2.90 3.93
N MET A 16 12.47 -2.19 3.35
CA MET A 16 12.18 -2.15 1.91
C MET A 16 13.14 -1.22 1.13
N GLY A 17 13.73 -0.23 1.79
CA GLY A 17 14.61 0.78 1.20
C GLY A 17 13.87 1.96 0.56
N LEU A 18 12.67 2.30 1.05
CA LEU A 18 11.82 3.37 0.50
C LEU A 18 12.40 4.78 0.64
N ASP A 19 13.36 4.98 1.56
CA ASP A 19 14.07 6.25 1.74
C ASP A 19 14.89 6.64 0.49
N ARG A 20 15.12 5.70 -0.44
CA ARG A 20 15.85 5.86 -1.71
C ARG A 20 14.93 6.04 -2.93
N ILE A 21 13.59 6.04 -2.77
CA ILE A 21 12.66 6.34 -3.88
C ILE A 21 12.90 7.80 -4.30
N LYS A 22 13.08 8.06 -5.61
CA LYS A 22 13.32 9.40 -6.16
C LYS A 22 12.03 10.08 -6.59
N GLU A 23 11.18 9.33 -7.30
CA GLU A 23 9.85 9.74 -7.77
C GLU A 23 8.93 8.53 -7.79
N LEU A 24 7.89 8.58 -6.96
CA LEU A 24 6.86 7.55 -6.77
C LEU A 24 6.27 7.02 -8.10
N PRO A 25 6.33 5.71 -8.39
CA PRO A 25 5.77 5.14 -9.63
C PRO A 25 4.24 5.09 -9.63
N GLU A 26 3.65 4.66 -10.75
CA GLU A 26 2.20 4.55 -10.96
C GLU A 26 1.71 3.09 -10.92
N LEU A 27 0.45 2.92 -10.55
CA LEU A 27 -0.30 1.66 -10.53
C LEU A 27 -1.77 1.95 -10.89
N TRP A 28 -2.49 0.98 -11.45
CA TRP A 28 -3.88 1.11 -11.88
C TRP A 28 -4.74 -0.08 -11.42
N LEU A 29 -4.84 -0.25 -10.09
CA LEU A 29 -5.60 -1.32 -9.43
C LEU A 29 -7.10 -1.33 -9.81
N GLY A 30 -7.65 -0.17 -10.17
CA GLY A 30 -9.04 -0.04 -10.60
C GLY A 30 -9.29 -0.64 -11.99
N GLN A 31 -8.31 -0.53 -12.89
CA GLN A 31 -8.36 -1.06 -14.26
C GLN A 31 -8.07 -2.57 -14.34
N ASN A 32 -8.46 -3.21 -15.44
CA ASN A 32 -8.21 -4.63 -15.70
C ASN A 32 -6.70 -4.95 -15.82
N GLU A 33 -5.87 -3.95 -16.13
CA GLU A 33 -4.42 -4.04 -16.31
C GLU A 33 -3.64 -4.65 -15.13
N PHE A 34 -4.12 -4.46 -13.90
CA PHE A 34 -3.45 -4.99 -12.70
C PHE A 34 -4.43 -5.36 -11.58
N ASP A 35 -4.97 -6.58 -11.65
CA ASP A 35 -5.78 -7.17 -10.58
C ASP A 35 -4.83 -7.70 -9.50
N PHE A 36 -4.33 -6.78 -8.67
CA PHE A 36 -3.33 -6.97 -7.60
C PHE A 36 -3.43 -8.23 -6.72
N MET A 37 -4.62 -8.82 -6.58
CA MET A 37 -4.90 -10.01 -5.77
C MET A 37 -5.73 -11.06 -6.53
N THR A 38 -5.64 -11.05 -7.88
CA THR A 38 -6.29 -11.94 -8.87
C THR A 38 -6.90 -13.23 -8.30
N ASP A 39 -8.22 -13.35 -8.37
CA ASP A 39 -8.98 -14.54 -7.94
C ASP A 39 -10.17 -14.75 -8.89
N PHE A 40 -10.33 -15.97 -9.41
CA PHE A 40 -11.33 -16.34 -10.43
C PHE A 40 -12.81 -16.19 -10.04
N VAL A 41 -13.09 -15.87 -8.77
CA VAL A 41 -14.43 -15.50 -8.27
C VAL A 41 -14.90 -14.14 -8.83
N CYS A 42 -13.99 -13.36 -9.43
CA CYS A 42 -14.21 -12.05 -10.05
C CYS A 42 -15.36 -12.03 -11.08
N LYS A 43 -16.06 -10.90 -11.17
CA LYS A 43 -17.22 -10.65 -12.06
C LYS A 43 -17.19 -9.23 -12.64
N GLN A 44 -17.97 -8.99 -13.69
CA GLN A 44 -18.07 -7.67 -14.35
C GLN A 44 -18.66 -6.61 -13.42
N GLN A 45 -18.07 -5.42 -13.37
CA GLN A 45 -18.54 -4.30 -12.54
C GLN A 45 -19.87 -3.72 -13.09
N PRO A 46 -20.87 -3.47 -12.22
CA PRO A 46 -22.15 -2.88 -12.65
C PRO A 46 -22.04 -1.37 -12.92
N SER A 47 -23.07 -0.79 -13.52
CA SER A 47 -23.16 0.66 -13.79
C SER A 47 -23.23 1.53 -12.52
N ARG A 48 -23.61 0.93 -11.37
CA ARG A 48 -23.77 1.56 -10.05
C ARG A 48 -22.48 2.03 -9.36
N VAL A 49 -21.30 1.70 -9.88
CA VAL A 49 -20.00 2.08 -9.28
C VAL A 49 -19.76 3.60 -9.17
N SER A 50 -20.39 4.41 -10.05
CA SER A 50 -20.29 5.88 -10.05
C SER A 50 -21.48 6.54 -10.77
N ALA B 1 8.76 -15.81 -8.87
CA ALA B 1 7.34 -15.93 -8.49
C ALA B 1 6.42 -15.69 -9.70
N THR B 2 5.28 -16.38 -9.76
CA THR B 2 4.27 -16.26 -10.83
C THR B 2 3.51 -14.92 -10.77
N GLY B 3 2.87 -14.53 -11.88
CA GLY B 3 2.09 -13.29 -11.99
C GLY B 3 1.47 -13.08 -13.38
N PRO B 4 0.55 -13.97 -13.84
CA PRO B 4 -0.07 -13.87 -15.17
C PRO B 4 -1.00 -12.65 -15.35
N THR B 5 -1.51 -12.11 -14.24
CA THR B 5 -2.39 -10.92 -14.17
C THR B 5 -1.90 -9.95 -13.08
N ALA B 6 -1.50 -10.50 -11.93
CA ALA B 6 -0.88 -9.77 -10.83
C ALA B 6 0.64 -9.63 -11.08
N ASP B 7 1.02 -8.77 -12.03
CA ASP B 7 2.41 -8.53 -12.48
C ASP B 7 3.40 -8.35 -11.30
N PRO B 8 4.53 -9.11 -11.24
CA PRO B 8 5.52 -9.05 -10.15
C PRO B 8 6.02 -7.65 -9.74
N GLU B 9 6.34 -6.76 -10.68
CA GLU B 9 6.81 -5.39 -10.36
C GLU B 9 5.68 -4.53 -9.80
N LYS B 10 4.45 -4.67 -10.31
CA LYS B 10 3.29 -3.97 -9.76
C LYS B 10 2.96 -4.51 -8.35
N ARG B 11 3.08 -5.83 -8.12
CA ARG B 11 2.89 -6.48 -6.80
C ARG B 11 3.98 -6.06 -5.80
N LYS B 12 5.21 -5.82 -6.25
CA LYS B 12 6.31 -5.25 -5.43
C LYS B 12 5.98 -3.80 -5.08
N LEU B 13 5.46 -3.03 -6.04
CA LEU B 13 5.01 -1.66 -5.82
C LEU B 13 3.84 -1.57 -4.82
N ILE B 14 2.88 -2.52 -4.74
CA ILE B 14 1.83 -2.42 -3.69
C ILE B 14 2.43 -2.56 -2.28
N GLN B 15 3.47 -3.38 -2.09
CA GLN B 15 4.18 -3.49 -0.80
C GLN B 15 4.84 -2.15 -0.45
N GLN B 16 5.42 -1.47 -1.43
CA GLN B 16 5.98 -0.11 -1.26
C GLN B 16 4.86 0.91 -0.97
N GLN B 17 3.74 0.85 -1.68
CA GLN B 17 2.60 1.75 -1.52
C GLN B 17 2.00 1.63 -0.11
N LEU B 18 1.77 0.40 0.34
CA LEU B 18 1.25 0.03 1.66
C LEU B 18 2.02 0.72 2.78
N VAL B 19 3.34 0.59 2.79
CA VAL B 19 4.22 1.19 3.81
C VAL B 19 4.11 2.72 3.84
N LEU B 20 4.13 3.39 2.69
CA LEU B 20 3.99 4.86 2.60
C LEU B 20 2.59 5.32 3.04
N LEU B 21 1.54 4.62 2.59
CA LEU B 21 0.13 4.85 2.90
C LEU B 21 -0.13 4.74 4.41
N LEU B 22 0.34 3.66 5.03
CA LEU B 22 0.25 3.46 6.47
C LEU B 22 1.07 4.51 7.24
N HIS B 23 2.25 4.90 6.75
CA HIS B 23 3.01 5.97 7.38
C HIS B 23 2.19 7.26 7.33
N ALA B 24 1.70 7.68 6.15
CA ALA B 24 0.88 8.87 6.02
C ALA B 24 -0.37 8.84 6.93
N HIS B 25 -1.05 7.70 7.05
CA HIS B 25 -2.21 7.52 7.93
C HIS B 25 -1.85 7.73 9.41
N LYS B 26 -0.74 7.13 9.87
CA LYS B 26 -0.24 7.24 11.25
C LYS B 26 0.32 8.64 11.53
N CYS B 27 1.04 9.21 10.57
CA CYS B 27 1.64 10.55 10.58
C CYS B 27 0.55 11.65 10.62
N GLN B 28 -0.56 11.47 9.91
CA GLN B 28 -1.71 12.40 9.92
C GLN B 28 -2.26 12.65 11.34
N ARG B 29 -2.11 11.67 12.24
CA ARG B 29 -2.51 11.75 13.66
C ARG B 29 -1.48 12.50 14.50
N ARG B 30 -0.17 12.36 14.21
CA ARG B 30 0.92 13.06 14.94
C ARG B 30 1.13 14.51 14.51
N GLU B 31 0.95 14.86 13.22
CA GLU B 31 1.11 16.26 12.76
C GLU B 31 0.15 17.23 13.48
N GLN B 32 -1.10 16.82 13.72
CA GLN B 32 -2.12 17.61 14.41
C GLN B 32 -1.84 17.81 15.91
N ALA B 33 -0.89 17.09 16.50
CA ALA B 33 -0.51 17.22 17.91
C ALA B 33 0.20 18.56 18.22
N ASN B 34 0.86 19.18 17.22
CA ASN B 34 1.57 20.45 17.33
C ASN B 34 1.43 21.38 16.10
N GLY B 35 0.97 20.87 14.95
CA GLY B 35 0.78 21.62 13.70
C GLY B 35 2.02 21.66 12.78
N GLU B 36 3.08 20.90 13.09
CA GLU B 36 4.35 20.91 12.35
C GLU B 36 5.11 19.58 12.25
N VAL B 37 4.58 18.46 12.78
CA VAL B 37 5.24 17.13 12.78
C VAL B 37 5.14 16.41 11.41
N ARG B 38 5.63 17.07 10.35
CA ARG B 38 5.65 16.62 8.95
C ARG B 38 7.07 16.51 8.35
N ALA B 39 8.10 16.90 9.11
CA ALA B 39 9.51 16.93 8.73
C ALA B 39 10.20 15.56 8.56
N CYS B 40 9.44 14.49 8.30
CA CYS B 40 9.91 13.11 8.13
C CYS B 40 11.06 12.98 7.11
N SER B 41 12.07 12.16 7.43
CA SER B 41 13.20 11.86 6.53
C SER B 41 12.77 11.17 5.23
N LEU B 42 11.64 10.46 5.28
CA LEU B 42 10.96 9.78 4.17
C LEU B 42 10.50 10.83 3.13
N PRO B 43 11.06 10.88 1.90
CA PRO B 43 10.73 11.92 0.93
C PRO B 43 9.25 11.98 0.52
N HIS B 44 8.65 10.83 0.21
CA HIS B 44 7.26 10.69 -0.23
C HIS B 44 6.18 10.70 0.87
N CYS B 45 6.53 10.95 2.14
CA CYS B 45 5.53 11.08 3.23
C CYS B 45 4.44 12.12 2.85
N ARG B 46 4.86 13.31 2.40
CA ARG B 46 3.97 14.39 1.95
C ARG B 46 3.15 13.98 0.72
N THR B 47 3.71 13.20 -0.19
CA THR B 47 3.02 12.66 -1.39
C THR B 47 1.84 11.80 -0.97
N MET B 48 2.04 10.80 -0.10
CA MET B 48 0.91 10.00 0.41
C MET B 48 -0.03 10.85 1.26
N LYS B 49 0.46 11.73 2.15
CA LYS B 49 -0.38 12.66 2.95
C LYS B 49 -1.40 13.43 2.09
N ASN B 50 -0.94 13.98 0.97
CA ASN B 50 -1.78 14.70 0.00
C ASN B 50 -2.78 13.75 -0.69
N VAL B 51 -2.31 12.58 -1.15
CA VAL B 51 -3.12 11.54 -1.79
C VAL B 51 -4.22 11.00 -0.86
N LEU B 52 -3.97 10.88 0.45
CA LEU B 52 -4.97 10.41 1.41
C LEU B 52 -6.17 11.36 1.49
N ASN B 53 -5.87 12.66 1.63
CA ASN B 53 -6.88 13.73 1.67
C ASN B 53 -7.72 13.78 0.38
N HIS B 54 -7.15 13.34 -0.75
CA HIS B 54 -7.83 13.23 -2.04
C HIS B 54 -8.70 11.96 -2.12
N MET B 55 -8.11 10.76 -1.97
CA MET B 55 -8.82 9.47 -2.13
C MET B 55 -9.92 9.20 -1.09
N THR B 56 -9.88 9.88 0.07
CA THR B 56 -10.95 9.79 1.10
C THR B 56 -12.24 10.51 0.68
N HIS B 57 -12.21 11.30 -0.40
CA HIS B 57 -13.37 12.04 -0.94
C HIS B 57 -13.59 11.84 -2.46
N CYS B 58 -12.58 11.41 -3.21
CA CYS B 58 -12.63 11.17 -4.65
C CYS B 58 -13.70 10.12 -5.05
N GLN B 59 -14.31 10.32 -6.22
CA GLN B 59 -15.36 9.48 -6.81
C GLN B 59 -15.04 9.05 -8.27
N ALA B 60 -14.01 9.62 -8.90
CA ALA B 60 -13.60 9.22 -10.26
C ALA B 60 -12.86 7.87 -10.29
N GLY B 61 -12.34 7.43 -9.12
CA GLY B 61 -11.60 6.18 -8.85
C GLY B 61 -10.97 5.44 -10.03
N LYS B 62 -11.73 4.54 -10.67
CA LYS B 62 -11.28 3.71 -11.82
C LYS B 62 -10.74 4.51 -13.02
N ALA B 63 -11.14 5.77 -13.14
CA ALA B 63 -10.77 6.70 -14.21
C ALA B 63 -10.14 8.00 -13.68
N CYS B 64 -9.89 8.11 -12.36
CA CYS B 64 -9.22 9.25 -11.73
C CYS B 64 -7.78 9.33 -12.27
N GLN B 65 -7.39 10.46 -12.86
CA GLN B 65 -6.06 10.67 -13.46
C GLN B 65 -4.91 10.58 -12.44
N VAL B 66 -5.23 10.72 -11.14
CA VAL B 66 -4.28 10.56 -10.03
C VAL B 66 -4.12 9.05 -9.76
N ALA B 67 -3.17 8.41 -10.45
CA ALA B 67 -2.90 6.97 -10.32
C ALA B 67 -2.65 6.55 -8.85
N HIS B 68 -1.99 7.41 -8.07
CA HIS B 68 -1.71 7.18 -6.64
C HIS B 68 -3.01 7.08 -5.80
N CYS B 69 -4.04 7.86 -6.14
CA CYS B 69 -5.37 7.82 -5.51
C CYS B 69 -6.02 6.47 -5.83
N ALA B 70 -6.19 6.12 -7.11
CA ALA B 70 -6.77 4.84 -7.50
C ALA B 70 -6.03 3.61 -6.94
N SER B 71 -4.72 3.74 -6.69
CA SER B 71 -3.90 2.71 -6.06
C SER B 71 -4.21 2.63 -4.56
N SER B 72 -3.92 3.67 -3.78
CA SER B 72 -4.16 3.73 -2.33
C SER B 72 -5.60 3.45 -1.92
N ARG B 73 -6.58 3.93 -2.70
CA ARG B 73 -8.04 3.71 -2.53
C ARG B 73 -8.40 2.23 -2.49
N GLN B 74 -7.63 1.39 -3.19
CA GLN B 74 -7.77 -0.08 -3.21
C GLN B 74 -6.91 -0.80 -2.15
N ILE B 75 -5.70 -0.32 -1.82
CA ILE B 75 -4.82 -0.97 -0.83
C ILE B 75 -5.49 -1.16 0.54
N ILE B 76 -6.13 -0.12 1.10
CA ILE B 76 -6.79 -0.25 2.42
C ILE B 76 -7.94 -1.28 2.38
N SER B 77 -8.64 -1.42 1.25
CA SER B 77 -9.72 -2.42 1.09
C SER B 77 -9.17 -3.84 1.24
N HIS B 78 -7.97 -4.13 0.72
CA HIS B 78 -7.32 -5.42 0.93
C HIS B 78 -6.93 -5.57 2.42
N TRP B 79 -6.15 -4.62 2.94
CA TRP B 79 -5.62 -4.62 4.31
C TRP B 79 -6.69 -4.83 5.40
N LYS B 80 -7.85 -4.18 5.27
CA LYS B 80 -8.98 -4.30 6.22
C LYS B 80 -9.72 -5.62 6.11
N ASN B 81 -9.94 -6.12 4.89
CA ASN B 81 -10.70 -7.33 4.58
C ASN B 81 -9.96 -8.67 4.76
N CYS B 82 -8.69 -8.75 4.34
CA CYS B 82 -7.88 -9.98 4.34
C CYS B 82 -7.64 -10.64 5.71
N THR B 83 -7.54 -11.97 5.68
CA THR B 83 -7.25 -12.89 6.79
C THR B 83 -6.31 -14.05 6.38
N ARG B 84 -5.83 -14.05 5.13
CA ARG B 84 -4.94 -15.07 4.54
C ARG B 84 -3.58 -15.13 5.25
N HIS B 85 -3.11 -16.34 5.57
CA HIS B 85 -1.76 -16.54 6.13
C HIS B 85 -0.70 -16.27 5.04
N ASP B 86 0.54 -15.93 5.43
CA ASP B 86 1.68 -15.62 4.55
C ASP B 86 1.43 -14.62 3.38
N CYS B 87 0.34 -13.84 3.45
CA CYS B 87 -0.08 -12.85 2.46
C CYS B 87 0.99 -11.77 2.23
N PRO B 88 1.41 -11.46 0.98
CA PRO B 88 2.43 -10.45 0.67
C PRO B 88 2.24 -9.07 1.32
N VAL B 89 1.01 -8.69 1.67
CA VAL B 89 0.69 -7.40 2.30
C VAL B 89 0.64 -7.52 3.83
N CYS B 90 -0.13 -8.46 4.35
CA CYS B 90 -0.33 -8.66 5.78
C CYS B 90 0.92 -9.18 6.54
N LEU B 91 1.66 -10.11 5.93
CA LEU B 91 2.85 -10.76 6.51
C LEU B 91 3.97 -9.77 6.94
N PRO B 92 4.57 -8.96 6.05
CA PRO B 92 5.65 -8.06 6.45
C PRO B 92 5.19 -6.98 7.43
N LEU B 93 3.99 -6.42 7.21
CA LEU B 93 3.42 -5.38 8.07
C LEU B 93 3.31 -5.84 9.53
N LYS B 94 2.86 -7.08 9.77
CA LYS B 94 2.76 -7.62 11.14
C LYS B 94 4.15 -7.97 11.72
N ASN B 95 5.04 -8.57 10.93
CA ASN B 95 6.42 -8.90 11.38
C ASN B 95 7.22 -7.67 11.81
N ALA B 96 7.03 -6.52 11.16
CA ALA B 96 7.69 -5.26 11.51
C ALA B 96 7.31 -4.73 12.92
N SER B 97 6.22 -5.23 13.52
CA SER B 97 5.73 -4.82 14.87
C SER B 97 6.68 -5.14 16.02
N ASP B 98 7.78 -5.88 15.78
CA ASP B 98 8.83 -6.23 16.76
C ASP B 98 9.44 -5.00 17.48
N LYS B 99 9.25 -3.80 16.90
CA LYS B 99 9.65 -2.48 17.42
C LYS B 99 8.93 -2.07 18.73
N ARG B 100 7.95 -2.86 19.18
CA ARG B 100 7.12 -2.63 20.38
C ARG B 100 6.91 -3.92 21.19
ZN ZN C . 5.40 11.37 8.05
ZN ZN D . -8.89 10.58 -7.16
ZN ZN E . -3.70 -9.95 2.81
N THR A 1 -1.81 1.06 24.49
CA THR A 1 -1.86 0.35 23.20
C THR A 1 -3.12 0.72 22.43
N ASP A 2 -2.97 1.05 21.13
CA ASP A 2 -4.09 1.45 20.26
C ASP A 2 -3.86 1.10 18.77
N PHE A 3 -2.67 1.38 18.23
CA PHE A 3 -2.31 1.16 16.82
C PHE A 3 -0.79 1.01 16.62
N ILE A 4 -0.37 0.91 15.36
CA ILE A 4 1.02 0.88 14.86
C ILE A 4 1.76 2.18 15.28
N ASP A 5 3.09 2.23 15.21
CA ASP A 5 3.92 3.41 15.52
C ASP A 5 4.75 3.89 14.33
N GLU A 6 5.13 5.17 14.29
CA GLU A 6 5.94 5.72 13.19
C GLU A 6 7.30 5.03 13.05
N GLU A 7 7.90 4.59 14.17
CA GLU A 7 9.15 3.83 14.18
C GLU A 7 8.98 2.44 13.53
N VAL A 8 7.77 1.88 13.57
CA VAL A 8 7.42 0.61 12.93
C VAL A 8 7.33 0.80 11.41
N LEU A 9 6.68 1.87 10.92
CA LEU A 9 6.69 2.16 9.48
C LEU A 9 8.10 2.53 9.00
N MET A 10 8.85 3.33 9.76
CA MET A 10 10.25 3.68 9.42
C MET A 10 11.13 2.43 9.34
N SER A 11 10.93 1.46 10.23
CA SER A 11 11.66 0.19 10.18
C SER A 11 11.33 -0.57 8.89
N LEU A 12 10.07 -0.56 8.43
CA LEU A 12 9.67 -1.18 7.16
C LEU A 12 10.19 -0.40 5.94
N VAL A 13 10.24 0.94 6.01
CA VAL A 13 10.84 1.82 4.98
C VAL A 13 12.29 1.40 4.77
N ILE A 14 13.03 1.18 5.86
CA ILE A 14 14.43 0.73 5.87
C ILE A 14 14.54 -0.74 5.39
N GLU A 15 13.63 -1.62 5.83
CA GLU A 15 13.59 -3.04 5.42
C GLU A 15 13.40 -3.19 3.89
N MET A 16 12.47 -2.42 3.31
CA MET A 16 12.17 -2.39 1.88
C MET A 16 13.16 -1.53 1.06
N GLY A 17 13.83 -0.56 1.69
CA GLY A 17 14.73 0.40 1.05
C GLY A 17 13.99 1.55 0.33
N LEU A 18 12.81 1.94 0.82
CA LEU A 18 11.99 3.01 0.22
C LEU A 18 12.65 4.41 0.29
N ASP A 19 13.64 4.58 1.15
CA ASP A 19 14.45 5.80 1.27
C ASP A 19 15.22 6.12 -0.04
N ARG A 20 15.39 5.12 -0.92
CA ARG A 20 16.07 5.19 -2.22
C ARG A 20 15.15 5.55 -3.40
N ILE A 21 13.82 5.64 -3.21
CA ILE A 21 12.87 6.04 -4.26
C ILE A 21 13.22 7.47 -4.72
N LYS A 22 13.30 7.70 -6.04
CA LYS A 22 13.60 9.01 -6.64
C LYS A 22 12.31 9.78 -6.93
N GLU A 23 11.37 9.09 -7.57
CA GLU A 23 10.02 9.54 -7.89
C GLU A 23 9.08 8.33 -7.90
N LEU A 24 8.04 8.40 -7.07
CA LEU A 24 7.00 7.37 -6.88
C LEU A 24 6.40 6.84 -8.21
N PRO A 25 6.45 5.52 -8.49
CA PRO A 25 5.89 4.95 -9.73
C PRO A 25 4.35 4.88 -9.71
N GLU A 26 3.75 4.54 -10.86
CA GLU A 26 2.30 4.41 -11.04
C GLU A 26 1.81 2.96 -10.94
N LEU A 27 0.53 2.83 -10.55
CA LEU A 27 -0.24 1.59 -10.48
C LEU A 27 -1.70 1.90 -10.86
N TRP A 28 -2.41 0.94 -11.46
CA TRP A 28 -3.79 1.10 -11.91
C TRP A 28 -4.69 -0.05 -11.45
N LEU A 29 -4.87 -0.15 -10.12
CA LEU A 29 -5.69 -1.18 -9.45
C LEU A 29 -7.18 -1.17 -9.86
N GLY A 30 -7.67 -0.06 -10.43
CA GLY A 30 -9.05 0.08 -10.91
C GLY A 30 -9.27 -0.51 -12.31
N GLN A 31 -8.20 -0.60 -13.11
CA GLN A 31 -8.21 -1.19 -14.46
C GLN A 31 -7.98 -2.70 -14.41
N ASN A 32 -8.45 -3.41 -15.45
CA ASN A 32 -8.23 -4.86 -15.61
C ASN A 32 -6.73 -5.20 -15.77
N GLU A 33 -5.91 -4.21 -16.16
CA GLU A 33 -4.46 -4.27 -16.34
C GLU A 33 -3.70 -4.72 -15.08
N PHE A 34 -4.25 -4.47 -13.89
CA PHE A 34 -3.68 -4.89 -12.61
C PHE A 34 -4.76 -5.11 -11.54
N ASP A 35 -5.50 -6.21 -11.66
CA ASP A 35 -6.50 -6.65 -10.68
C ASP A 35 -5.78 -7.43 -9.54
N PHE A 36 -4.90 -6.68 -8.87
CA PHE A 36 -3.91 -7.00 -7.85
C PHE A 36 -4.06 -8.31 -7.06
N MET A 37 -5.23 -8.57 -6.46
CA MET A 37 -5.48 -9.75 -5.62
C MET A 37 -6.60 -10.68 -6.13
N THR A 38 -7.13 -10.48 -7.35
CA THR A 38 -8.16 -11.39 -7.90
C THR A 38 -7.61 -12.79 -8.24
N ASP A 39 -8.49 -13.77 -8.44
CA ASP A 39 -8.16 -15.15 -8.84
C ASP A 39 -9.38 -15.86 -9.50
N PHE A 40 -9.15 -17.03 -10.10
CA PHE A 40 -10.19 -17.85 -10.74
C PHE A 40 -11.11 -18.49 -9.70
N VAL A 41 -12.42 -18.22 -9.80
CA VAL A 41 -13.47 -18.65 -8.85
C VAL A 41 -14.76 -19.14 -9.55
N CYS A 42 -14.65 -19.68 -10.77
CA CYS A 42 -15.76 -20.20 -11.58
C CYS A 42 -16.56 -21.33 -10.88
N LYS A 43 -17.84 -21.50 -11.27
CA LYS A 43 -18.78 -22.49 -10.71
C LYS A 43 -18.33 -23.94 -10.93
N GLN A 44 -18.65 -24.81 -9.96
CA GLN A 44 -18.38 -26.25 -10.00
C GLN A 44 -19.08 -26.92 -11.20
N GLN A 45 -18.40 -27.88 -11.85
CA GLN A 45 -18.90 -28.58 -13.04
C GLN A 45 -19.62 -29.91 -12.72
N PRO A 46 -20.43 -30.44 -13.65
CA PRO A 46 -21.22 -31.68 -13.48
C PRO A 46 -20.39 -32.93 -13.19
N SER A 47 -21.06 -33.99 -12.69
CA SER A 47 -20.46 -35.28 -12.33
C SER A 47 -19.60 -35.96 -13.42
N ARG A 48 -19.86 -35.68 -14.71
CA ARG A 48 -19.08 -36.19 -15.86
C ARG A 48 -17.66 -35.60 -15.91
N VAL A 49 -17.47 -34.39 -15.37
CA VAL A 49 -16.20 -33.64 -15.36
C VAL A 49 -15.32 -33.96 -14.14
N SER A 50 -15.93 -34.45 -13.04
CA SER A 50 -15.29 -34.82 -11.75
C SER A 50 -14.41 -33.70 -11.18
N ALA B 1 -2.75 -17.49 -6.78
CA ALA B 1 -1.77 -17.63 -7.89
C ALA B 1 -0.85 -16.41 -7.99
N THR B 2 0.33 -16.58 -8.60
CA THR B 2 1.40 -15.57 -8.76
C THR B 2 1.06 -14.35 -9.62
N GLY B 3 0.12 -14.47 -10.55
CA GLY B 3 -0.29 -13.38 -11.44
C GLY B 3 -1.37 -13.76 -12.47
N PRO B 4 -2.59 -14.16 -12.05
CA PRO B 4 -3.66 -14.57 -12.97
C PRO B 4 -4.21 -13.37 -13.79
N THR B 5 -4.29 -12.20 -13.13
CA THR B 5 -4.75 -10.91 -13.67
C THR B 5 -3.92 -9.76 -13.03
N ALA B 6 -2.68 -10.07 -12.63
CA ALA B 6 -1.75 -9.19 -11.93
C ALA B 6 -0.29 -9.44 -12.38
N ASP B 7 0.67 -8.62 -11.89
CA ASP B 7 2.08 -8.70 -12.25
C ASP B 7 3.02 -8.57 -11.03
N PRO B 8 4.09 -9.39 -10.90
CA PRO B 8 5.04 -9.34 -9.78
C PRO B 8 5.64 -7.96 -9.45
N GLU B 9 5.98 -7.12 -10.44
CA GLU B 9 6.54 -5.78 -10.18
C GLU B 9 5.47 -4.83 -9.65
N LYS B 10 4.22 -4.93 -10.14
CA LYS B 10 3.10 -4.17 -9.61
C LYS B 10 2.76 -4.64 -8.18
N ARG B 11 2.87 -5.95 -7.90
CA ARG B 11 2.71 -6.51 -6.53
C ARG B 11 3.82 -6.01 -5.59
N LYS B 12 5.08 -5.94 -6.06
CA LYS B 12 6.20 -5.33 -5.31
C LYS B 12 5.91 -3.86 -5.02
N LEU B 13 5.35 -3.14 -5.99
CA LEU B 13 4.91 -1.75 -5.80
C LEU B 13 3.75 -1.62 -4.80
N ILE B 14 2.75 -2.52 -4.70
CA ILE B 14 1.72 -2.36 -3.64
C ILE B 14 2.32 -2.50 -2.24
N GLN B 15 3.36 -3.34 -2.05
CA GLN B 15 4.09 -3.44 -0.77
C GLN B 15 4.77 -2.09 -0.44
N GLN B 16 5.30 -1.40 -1.45
CA GLN B 16 5.89 -0.05 -1.33
C GLN B 16 4.79 1.01 -1.08
N GLN B 17 3.62 0.92 -1.74
CA GLN B 17 2.50 1.86 -1.56
C GLN B 17 1.95 1.76 -0.13
N LEU B 18 1.72 0.54 0.35
CA LEU B 18 1.24 0.20 1.70
C LEU B 18 2.01 0.95 2.79
N VAL B 19 3.34 0.79 2.81
CA VAL B 19 4.23 1.40 3.82
C VAL B 19 4.12 2.93 3.83
N LEU B 20 4.16 3.57 2.67
CA LEU B 20 4.03 5.03 2.55
C LEU B 20 2.64 5.53 2.96
N LEU B 21 1.59 4.82 2.54
CA LEU B 21 0.19 5.09 2.85
C LEU B 21 -0.07 5.04 4.36
N LEU B 22 0.35 3.95 5.02
CA LEU B 22 0.23 3.81 6.46
C LEU B 22 1.08 4.86 7.19
N HIS B 23 2.28 5.19 6.69
CA HIS B 23 3.07 6.26 7.28
C HIS B 23 2.33 7.61 7.17
N ALA B 24 1.84 8.00 5.98
CA ALA B 24 1.09 9.24 5.79
C ALA B 24 -0.12 9.35 6.72
N HIS B 25 -0.89 8.26 6.89
CA HIS B 25 -2.03 8.22 7.82
C HIS B 25 -1.57 8.45 9.28
N LYS B 26 -0.51 7.76 9.71
CA LYS B 26 0.12 7.92 11.03
C LYS B 26 0.73 9.33 11.20
N CYS B 27 1.27 9.92 10.14
CA CYS B 27 1.84 11.26 10.11
C CYS B 27 0.74 12.33 10.27
N GLN B 28 -0.45 12.12 9.67
CA GLN B 28 -1.61 12.98 9.90
C GLN B 28 -2.08 12.89 11.36
N ARG B 29 -2.04 11.69 11.97
CA ARG B 29 -2.37 11.47 13.39
C ARG B 29 -1.38 12.25 14.28
N ARG B 30 -0.07 12.13 14.00
CA ARG B 30 1.02 12.81 14.73
C ARG B 30 0.88 14.32 14.70
N GLU B 31 0.75 14.95 13.52
CA GLU B 31 0.62 16.41 13.44
C GLU B 31 -0.63 16.95 14.17
N GLN B 32 -1.74 16.21 14.18
CA GLN B 32 -2.95 16.59 14.92
C GLN B 32 -2.81 16.42 16.45
N ALA B 33 -1.89 15.59 16.93
CA ALA B 33 -1.66 15.33 18.36
C ALA B 33 -1.04 16.52 19.13
N ASN B 34 -0.30 17.41 18.44
CA ASN B 34 0.36 18.58 19.07
C ASN B 34 0.45 19.84 18.18
N GLY B 35 0.05 19.77 16.90
CA GLY B 35 0.06 20.88 15.95
C GLY B 35 1.37 21.07 15.15
N GLU B 36 2.42 20.30 15.41
CA GLU B 36 3.74 20.45 14.76
C GLU B 36 4.55 19.16 14.52
N VAL B 37 4.07 17.98 14.94
CA VAL B 37 4.81 16.71 14.79
C VAL B 37 4.80 16.19 13.34
N ARG B 38 5.76 16.67 12.54
CA ARG B 38 5.99 16.31 11.12
C ARG B 38 7.42 15.81 10.87
N ALA B 39 8.17 15.49 11.92
CA ALA B 39 9.54 15.00 11.86
C ALA B 39 9.65 13.69 11.07
N CYS B 40 10.26 13.76 9.88
CA CYS B 40 10.46 12.67 8.93
C CYS B 40 11.84 12.78 8.22
N SER B 41 12.24 11.70 7.55
CA SER B 41 13.48 11.54 6.78
C SER B 41 13.23 10.80 5.44
N LEU B 42 12.01 10.95 4.92
CA LEU B 42 11.49 10.29 3.71
C LEU B 42 10.64 11.31 2.91
N PRO B 43 11.04 11.71 1.68
CA PRO B 43 10.32 12.73 0.91
C PRO B 43 8.91 12.32 0.48
N HIS B 44 8.73 11.05 0.07
CA HIS B 44 7.42 10.54 -0.37
C HIS B 44 6.34 10.41 0.72
N CYS B 45 6.70 10.62 2.00
CA CYS B 45 5.72 10.74 3.09
C CYS B 45 4.71 11.86 2.73
N ARG B 46 5.23 13.00 2.26
CA ARG B 46 4.46 14.16 1.80
C ARG B 46 3.61 13.84 0.56
N THR B 47 4.13 13.05 -0.37
CA THR B 47 3.41 12.58 -1.58
C THR B 47 2.18 11.80 -1.18
N MET B 48 2.32 10.78 -0.32
CA MET B 48 1.15 10.03 0.16
C MET B 48 0.23 10.92 1.01
N LYS B 49 0.75 11.78 1.90
CA LYS B 49 -0.10 12.68 2.71
C LYS B 49 -1.00 13.58 1.85
N ASN B 50 -0.48 14.09 0.73
CA ASN B 50 -1.26 14.86 -0.25
C ASN B 50 -2.32 13.98 -0.94
N VAL B 51 -1.93 12.77 -1.37
CA VAL B 51 -2.81 11.78 -2.00
C VAL B 51 -3.92 11.31 -1.05
N LEU B 52 -3.66 11.18 0.26
CA LEU B 52 -4.66 10.74 1.24
C LEU B 52 -5.81 11.74 1.32
N ASN B 53 -5.47 13.04 1.42
CA ASN B 53 -6.45 14.13 1.44
C ASN B 53 -7.34 14.15 0.18
N HIS B 54 -6.83 13.66 -0.95
CA HIS B 54 -7.57 13.52 -2.20
C HIS B 54 -8.45 12.25 -2.18
N MET B 55 -7.85 11.06 -2.04
CA MET B 55 -8.56 9.77 -2.11
C MET B 55 -9.64 9.56 -1.05
N THR B 56 -9.53 10.19 0.13
CA THR B 56 -10.54 10.11 1.20
C THR B 56 -11.86 10.80 0.85
N HIS B 57 -11.90 11.62 -0.21
CA HIS B 57 -13.09 12.35 -0.67
C HIS B 57 -13.39 12.14 -2.17
N CYS B 58 -12.44 11.60 -2.96
CA CYS B 58 -12.60 11.31 -4.38
C CYS B 58 -13.70 10.26 -4.66
N GLN B 59 -14.32 10.35 -5.83
CA GLN B 59 -15.39 9.46 -6.31
C GLN B 59 -15.25 9.11 -7.81
N ALA B 60 -14.19 9.58 -8.49
CA ALA B 60 -13.95 9.30 -9.91
C ALA B 60 -13.27 7.93 -10.17
N GLY B 61 -12.66 7.32 -9.14
CA GLY B 61 -11.95 6.03 -9.10
C GLY B 61 -11.46 5.45 -10.44
N LYS B 62 -12.30 4.69 -11.15
CA LYS B 62 -12.03 4.04 -12.45
C LYS B 62 -11.52 5.00 -13.54
N ALA B 63 -11.92 6.27 -13.47
CA ALA B 63 -11.58 7.34 -14.40
C ALA B 63 -10.74 8.47 -13.76
N CYS B 64 -10.39 8.36 -12.47
CA CYS B 64 -9.56 9.33 -11.76
C CYS B 64 -8.13 9.29 -12.33
N GLN B 65 -7.68 10.39 -12.94
CA GLN B 65 -6.35 10.52 -13.56
C GLN B 65 -5.19 10.42 -12.55
N VAL B 66 -5.48 10.60 -11.26
CA VAL B 66 -4.51 10.47 -10.15
C VAL B 66 -4.33 8.98 -9.83
N ALA B 67 -3.37 8.33 -10.50
CA ALA B 67 -3.08 6.91 -10.34
C ALA B 67 -2.84 6.52 -8.87
N HIS B 68 -2.13 7.37 -8.12
CA HIS B 68 -1.84 7.18 -6.69
C HIS B 68 -3.11 7.13 -5.80
N CYS B 69 -4.15 7.90 -6.16
CA CYS B 69 -5.44 7.93 -5.46
C CYS B 69 -6.15 6.59 -5.62
N ALA B 70 -6.41 6.15 -6.86
CA ALA B 70 -7.06 4.85 -7.11
C ALA B 70 -6.26 3.68 -6.49
N SER B 71 -4.93 3.75 -6.52
CA SER B 71 -4.04 2.77 -5.90
C SER B 71 -4.24 2.72 -4.38
N SER B 72 -3.91 3.81 -3.67
CA SER B 72 -4.04 3.91 -2.21
C SER B 72 -5.45 3.60 -1.69
N ARG B 73 -6.49 4.06 -2.40
CA ARG B 73 -7.91 3.82 -2.11
C ARG B 73 -8.27 2.33 -2.07
N GLN B 74 -7.56 1.48 -2.83
CA GLN B 74 -7.77 0.03 -2.90
C GLN B 74 -6.87 -0.81 -1.97
N ILE B 75 -5.68 -0.33 -1.57
CA ILE B 75 -4.76 -1.12 -0.72
C ILE B 75 -5.41 -1.49 0.64
N ILE B 76 -6.02 -0.54 1.35
CA ILE B 76 -6.68 -0.83 2.64
C ILE B 76 -7.89 -1.75 2.49
N SER B 77 -8.60 -1.70 1.35
CA SER B 77 -9.75 -2.58 1.08
C SER B 77 -9.32 -4.05 1.10
N HIS B 78 -8.15 -4.36 0.56
CA HIS B 78 -7.56 -5.70 0.65
C HIS B 78 -7.17 -6.00 2.10
N TRP B 79 -6.33 -5.17 2.72
CA TRP B 79 -5.81 -5.35 4.08
C TRP B 79 -6.89 -5.62 5.14
N LYS B 80 -8.00 -4.87 5.10
CA LYS B 80 -9.14 -5.02 6.02
C LYS B 80 -9.88 -6.36 5.85
N ASN B 81 -10.05 -6.82 4.61
CA ASN B 81 -10.71 -8.09 4.27
C ASN B 81 -9.80 -9.34 4.43
N CYS B 82 -8.49 -9.19 4.27
CA CYS B 82 -7.51 -10.28 4.37
C CYS B 82 -7.50 -10.93 5.76
N THR B 83 -7.06 -12.19 5.82
CA THR B 83 -6.97 -13.01 7.05
C THR B 83 -5.61 -12.89 7.77
N ARG B 84 -4.77 -11.94 7.33
CA ARG B 84 -3.44 -11.54 7.83
C ARG B 84 -2.65 -12.55 8.69
N HIS B 85 -2.22 -13.64 8.04
CA HIS B 85 -1.37 -14.69 8.63
C HIS B 85 -0.08 -15.00 7.83
N ASP B 86 -0.09 -14.88 6.50
CA ASP B 86 1.09 -15.12 5.63
C ASP B 86 1.05 -14.35 4.28
N CYS B 87 0.13 -13.39 4.13
CA CYS B 87 -0.09 -12.59 2.94
C CYS B 87 1.11 -11.66 2.62
N PRO B 88 1.56 -11.53 1.35
CA PRO B 88 2.65 -10.62 0.94
C PRO B 88 2.50 -9.16 1.40
N VAL B 89 1.28 -8.69 1.69
CA VAL B 89 1.01 -7.32 2.17
C VAL B 89 0.96 -7.29 3.69
N CYS B 90 0.12 -8.14 4.30
CA CYS B 90 -0.11 -8.13 5.73
C CYS B 90 1.05 -8.69 6.57
N LEU B 91 1.73 -9.74 6.12
CA LEU B 91 2.83 -10.38 6.83
C LEU B 91 3.99 -9.43 7.20
N PRO B 92 4.61 -8.68 6.24
CA PRO B 92 5.69 -7.77 6.59
C PRO B 92 5.22 -6.64 7.53
N LEU B 93 4.02 -6.11 7.32
CA LEU B 93 3.44 -5.06 8.16
C LEU B 93 3.23 -5.55 9.61
N LYS B 94 2.70 -6.76 9.78
CA LYS B 94 2.48 -7.43 11.07
C LYS B 94 3.81 -7.73 11.78
N ASN B 95 4.83 -8.19 11.03
CA ASN B 95 6.16 -8.49 11.55
C ASN B 95 6.93 -7.22 11.98
N ALA B 96 6.81 -6.11 11.24
CA ALA B 96 7.47 -4.83 11.55
C ALA B 96 7.11 -4.28 12.94
N SER B 97 5.89 -4.56 13.43
CA SER B 97 5.38 -4.14 14.75
C SER B 97 6.18 -4.65 15.95
N ASP B 98 7.10 -5.60 15.75
CA ASP B 98 7.99 -6.14 16.79
C ASP B 98 8.98 -5.09 17.34
N LYS B 99 9.16 -3.95 16.64
CA LYS B 99 10.04 -2.84 17.02
C LYS B 99 9.67 -2.16 18.35
N ARG B 100 8.40 -2.21 18.74
CA ARG B 100 7.81 -1.62 19.96
C ARG B 100 8.47 -2.11 21.26
ZN ZN C . 5.70 11.50 7.92
ZN ZN D . -8.99 10.62 -7.10
ZN ZN E . -3.39 -9.56 2.85
N THR A 1 -0.82 -0.81 23.21
CA THR A 1 -1.69 -0.64 22.03
C THR A 1 -1.69 -1.88 21.17
N ASP A 2 -2.86 -2.48 20.93
CA ASP A 2 -3.01 -3.70 20.11
C ASP A 2 -2.73 -3.47 18.61
N PHE A 3 -3.07 -2.28 18.10
CA PHE A 3 -2.86 -1.86 16.72
C PHE A 3 -1.43 -1.34 16.45
N ILE A 4 -1.15 -1.11 15.17
CA ILE A 4 0.10 -0.56 14.60
C ILE A 4 0.44 0.82 15.18
N ASP A 5 1.72 1.20 15.14
CA ASP A 5 2.27 2.47 15.63
C ASP A 5 3.24 3.12 14.62
N GLU A 6 3.53 4.41 14.75
CA GLU A 6 4.41 5.14 13.82
C GLU A 6 5.80 4.49 13.66
N GLU A 7 6.41 4.00 14.75
CA GLU A 7 7.73 3.35 14.66
C GLU A 7 7.65 1.98 13.97
N VAL A 8 6.48 1.33 13.98
CA VAL A 8 6.25 0.05 13.28
C VAL A 8 6.26 0.30 11.77
N LEU A 9 5.63 1.39 11.28
CA LEU A 9 5.72 1.75 9.86
C LEU A 9 7.14 2.21 9.52
N MET A 10 7.80 3.02 10.36
CA MET A 10 9.19 3.45 10.12
C MET A 10 10.15 2.25 10.06
N SER A 11 9.89 1.19 10.82
CA SER A 11 10.67 -0.06 10.77
C SER A 11 10.46 -0.78 9.43
N LEU A 12 9.21 -0.83 8.92
CA LEU A 12 8.92 -1.43 7.60
C LEU A 12 9.47 -0.59 6.44
N VAL A 13 9.51 0.75 6.58
CA VAL A 13 10.13 1.68 5.62
C VAL A 13 11.60 1.31 5.45
N ILE A 14 12.30 1.09 6.58
CA ILE A 14 13.70 0.68 6.63
C ILE A 14 13.87 -0.76 6.09
N GLU A 15 12.98 -1.69 6.44
CA GLU A 15 12.98 -3.08 5.96
C GLU A 15 12.87 -3.16 4.41
N MET A 16 11.96 -2.37 3.83
CA MET A 16 11.72 -2.27 2.38
C MET A 16 12.75 -1.36 1.66
N GLY A 17 13.44 -0.48 2.39
CA GLY A 17 14.40 0.48 1.84
C GLY A 17 13.75 1.67 1.13
N LEU A 18 12.55 2.09 1.56
CA LEU A 18 11.78 3.19 0.94
C LEU A 18 12.45 4.56 1.04
N ASP A 19 13.48 4.70 1.89
CA ASP A 19 14.29 5.92 1.98
C ASP A 19 15.08 6.20 0.67
N ARG A 20 15.23 5.17 -0.19
CA ARG A 20 15.91 5.25 -1.50
C ARG A 20 15.02 5.76 -2.64
N ILE A 21 13.72 5.97 -2.41
CA ILE A 21 12.76 6.51 -3.40
C ILE A 21 13.21 7.93 -3.85
N LYS A 22 12.76 8.37 -5.02
CA LYS A 22 13.03 9.71 -5.60
C LYS A 22 11.74 10.34 -6.14
N GLU A 23 10.93 9.54 -6.84
CA GLU A 23 9.60 9.88 -7.37
C GLU A 23 8.71 8.63 -7.27
N LEU A 24 7.46 8.81 -6.86
CA LEU A 24 6.51 7.70 -6.67
C LEU A 24 5.99 7.18 -8.03
N PRO A 25 6.14 5.88 -8.38
CA PRO A 25 5.67 5.33 -9.65
C PRO A 25 4.14 5.14 -9.70
N GLU A 26 3.62 4.87 -10.89
CA GLU A 26 2.19 4.63 -11.14
C GLU A 26 1.78 3.16 -10.95
N LEU A 27 0.51 2.97 -10.60
CA LEU A 27 -0.20 1.70 -10.51
C LEU A 27 -1.66 1.93 -10.93
N TRP A 28 -2.27 0.95 -11.59
CA TRP A 28 -3.65 1.05 -12.11
C TRP A 28 -4.52 -0.14 -11.67
N LEU A 29 -4.69 -0.28 -10.36
CA LEU A 29 -5.51 -1.31 -9.71
C LEU A 29 -6.98 -1.29 -10.15
N GLY A 30 -7.46 -0.15 -10.65
CA GLY A 30 -8.82 0.05 -11.14
C GLY A 30 -9.01 -0.37 -12.61
N GLN A 31 -8.00 -0.97 -13.25
CA GLN A 31 -8.02 -1.39 -14.66
C GLN A 31 -7.53 -2.83 -14.83
N ASN A 32 -7.92 -3.46 -15.94
CA ASN A 32 -7.58 -4.85 -16.29
C ASN A 32 -6.05 -5.11 -16.35
N GLU A 33 -5.26 -4.07 -16.62
CA GLU A 33 -3.80 -4.10 -16.69
C GLU A 33 -3.10 -4.60 -15.41
N PHE A 34 -3.70 -4.38 -14.24
CA PHE A 34 -3.14 -4.83 -12.96
C PHE A 34 -4.23 -5.20 -11.93
N ASP A 35 -4.78 -6.41 -12.07
CA ASP A 35 -5.74 -7.00 -11.13
C ASP A 35 -4.97 -7.65 -9.95
N PHE A 36 -4.24 -6.78 -9.25
CA PHE A 36 -3.26 -6.93 -8.17
C PHE A 36 -3.28 -8.17 -7.26
N MET A 37 -4.46 -8.66 -6.87
CA MET A 37 -4.60 -9.83 -6.00
C MET A 37 -5.74 -10.77 -6.46
N THR A 38 -6.08 -10.74 -7.76
CA THR A 38 -7.12 -11.60 -8.36
C THR A 38 -6.84 -13.11 -8.22
N ASP A 39 -7.83 -13.93 -8.56
CA ASP A 39 -7.78 -15.41 -8.58
C ASP A 39 -6.94 -15.93 -9.76
N PHE A 40 -5.64 -15.64 -9.72
CA PHE A 40 -4.63 -15.99 -10.74
C PHE A 40 -4.55 -17.51 -11.00
N VAL A 41 -4.65 -17.90 -12.29
CA VAL A 41 -4.64 -19.31 -12.75
C VAL A 41 -3.73 -19.54 -13.97
N CYS A 42 -2.84 -18.60 -14.30
CA CYS A 42 -1.89 -18.67 -15.41
C CYS A 42 -0.74 -19.67 -15.12
N LYS A 43 -1.06 -20.97 -15.12
CA LYS A 43 -0.17 -22.12 -14.83
C LYS A 43 1.09 -22.26 -15.72
N GLN A 44 1.17 -21.49 -16.80
CA GLN A 44 2.30 -21.46 -17.76
C GLN A 44 2.56 -20.03 -18.25
N GLN A 45 3.81 -19.74 -18.63
CA GLN A 45 4.27 -18.43 -19.10
C GLN A 45 5.51 -18.56 -20.01
N PRO A 46 5.81 -17.56 -20.87
CA PRO A 46 6.96 -17.56 -21.78
C PRO A 46 8.31 -17.84 -21.12
N SER A 47 9.25 -18.37 -21.92
CA SER A 47 10.62 -18.72 -21.51
C SER A 47 11.47 -17.54 -20.99
N ARG A 48 11.05 -16.30 -21.26
CA ARG A 48 11.70 -15.05 -20.83
C ARG A 48 11.93 -14.94 -19.32
N VAL A 49 11.22 -15.73 -18.50
CA VAL A 49 11.38 -15.76 -17.04
C VAL A 49 12.72 -16.31 -16.54
N SER A 50 13.51 -16.99 -17.40
CA SER A 50 14.82 -17.58 -17.06
C SER A 50 15.79 -17.53 -18.25
N ALA B 1 7.41 -6.38 -16.07
CA ALA B 1 8.39 -7.39 -16.56
C ALA B 1 7.71 -8.41 -17.49
N THR B 2 7.20 -9.53 -16.97
CA THR B 2 6.62 -10.66 -17.72
C THR B 2 5.23 -11.13 -17.25
N GLY B 3 4.64 -10.54 -16.20
CA GLY B 3 3.35 -10.95 -15.66
C GLY B 3 2.16 -10.54 -16.56
N PRO B 4 1.23 -11.47 -16.89
CA PRO B 4 0.08 -11.19 -17.75
C PRO B 4 -1.06 -10.40 -17.07
N THR B 5 -1.15 -10.44 -15.73
CA THR B 5 -2.23 -9.80 -14.95
C THR B 5 -1.80 -9.25 -13.58
N ALA B 6 -0.77 -9.84 -12.96
CA ALA B 6 -0.24 -9.45 -11.64
C ALA B 6 1.30 -9.51 -11.63
N ASP B 7 1.93 -8.60 -12.38
CA ASP B 7 3.38 -8.50 -12.54
C ASP B 7 4.17 -8.27 -11.23
N PRO B 8 5.33 -8.94 -11.02
CA PRO B 8 6.17 -8.78 -9.83
C PRO B 8 6.56 -7.34 -9.49
N GLU B 9 6.81 -6.46 -10.47
CA GLU B 9 7.17 -5.05 -10.21
C GLU B 9 5.99 -4.30 -9.59
N LYS B 10 4.78 -4.51 -10.12
CA LYS B 10 3.54 -3.91 -9.59
C LYS B 10 3.23 -4.47 -8.19
N ARG B 11 3.43 -5.79 -7.97
CA ARG B 11 3.25 -6.41 -6.63
C ARG B 11 4.28 -5.93 -5.60
N LYS B 12 5.52 -5.61 -6.03
CA LYS B 12 6.55 -5.00 -5.18
C LYS B 12 6.14 -3.56 -4.83
N LEU B 13 5.58 -2.83 -5.80
CA LEU B 13 5.05 -1.48 -5.59
C LEU B 13 3.84 -1.44 -4.63
N ILE B 14 2.86 -2.35 -4.66
CA ILE B 14 1.75 -2.30 -3.68
C ILE B 14 2.24 -2.42 -2.23
N GLN B 15 3.33 -3.17 -1.99
CA GLN B 15 3.97 -3.29 -0.68
C GLN B 15 4.60 -1.95 -0.24
N GLN B 16 5.14 -1.17 -1.19
CA GLN B 16 5.66 0.18 -0.97
C GLN B 16 4.49 1.17 -0.73
N GLN B 17 3.42 1.09 -1.53
CA GLN B 17 2.22 1.92 -1.40
C GLN B 17 1.60 1.74 -0.01
N LEU B 18 1.41 0.49 0.41
CA LEU B 18 0.88 0.08 1.72
C LEU B 18 1.60 0.79 2.88
N VAL B 19 2.92 0.66 2.95
CA VAL B 19 3.76 1.23 4.02
C VAL B 19 3.65 2.76 4.07
N LEU B 20 3.73 3.44 2.93
CA LEU B 20 3.60 4.91 2.86
C LEU B 20 2.17 5.37 3.23
N LEU B 21 1.14 4.66 2.78
CA LEU B 21 -0.28 4.89 3.05
C LEU B 21 -0.59 4.76 4.56
N LEU B 22 -0.18 3.66 5.17
CA LEU B 22 -0.33 3.43 6.61
C LEU B 22 0.45 4.48 7.42
N HIS B 23 1.66 4.84 7.00
CA HIS B 23 2.41 5.92 7.67
C HIS B 23 1.62 7.23 7.55
N ALA B 24 1.23 7.64 6.34
CA ALA B 24 0.46 8.87 6.11
C ALA B 24 -0.80 8.98 6.99
N HIS B 25 -1.51 7.88 7.21
CA HIS B 25 -2.68 7.84 8.10
C HIS B 25 -2.28 8.08 9.57
N LYS B 26 -1.21 7.43 10.05
CA LYS B 26 -0.65 7.58 11.41
C LYS B 26 0.09 8.92 11.63
N CYS B 27 0.56 9.53 10.55
CA CYS B 27 1.28 10.80 10.45
C CYS B 27 0.36 12.02 10.59
N GLN B 28 -0.98 11.84 10.52
CA GLN B 28 -1.96 12.90 10.80
C GLN B 28 -1.81 13.43 12.24
N ARG B 29 -1.24 12.60 13.13
CA ARG B 29 -0.91 12.92 14.53
C ARG B 29 0.37 13.78 14.61
N ARG B 30 1.41 13.42 13.85
CA ARG B 30 2.71 14.11 13.81
C ARG B 30 2.59 15.57 13.39
N GLU B 31 1.79 15.87 12.37
CA GLU B 31 1.59 17.26 11.89
C GLU B 31 0.90 18.17 12.93
N GLN B 32 0.03 17.62 13.79
CA GLN B 32 -0.60 18.38 14.88
C GLN B 32 0.39 18.60 16.03
N ALA B 33 1.26 17.60 16.28
CA ALA B 33 2.34 17.60 17.27
C ALA B 33 3.62 18.34 16.81
N ASN B 34 3.61 18.96 15.61
CA ASN B 34 4.74 19.67 14.97
C ASN B 34 5.52 20.66 15.87
N GLY B 35 4.94 21.13 16.98
CA GLY B 35 5.64 21.97 17.97
C GLY B 35 6.86 21.28 18.59
N GLU B 36 6.90 19.94 18.58
CA GLU B 36 8.02 19.12 19.09
C GLU B 36 8.34 17.87 18.22
N VAL B 37 7.40 17.38 17.40
CA VAL B 37 7.58 16.21 16.53
C VAL B 37 8.14 16.61 15.15
N ARG B 38 9.33 16.10 14.83
CA ARG B 38 10.06 16.30 13.54
C ARG B 38 10.70 14.98 13.03
N ALA B 39 10.18 13.84 13.50
CA ALA B 39 10.67 12.47 13.20
C ALA B 39 10.38 11.95 11.76
N CYS B 40 9.82 12.77 10.86
CA CYS B 40 9.54 12.41 9.47
C CYS B 40 10.80 12.44 8.58
N SER B 41 11.69 11.47 8.79
CA SER B 41 12.92 11.23 8.02
C SER B 41 12.66 10.64 6.60
N LEU B 42 11.38 10.60 6.19
CA LEU B 42 10.86 10.06 4.94
C LEU B 42 9.95 11.09 4.23
N PRO B 43 10.52 12.02 3.43
CA PRO B 43 9.73 13.02 2.69
C PRO B 43 8.60 12.42 1.83
N HIS B 44 8.78 11.18 1.36
CA HIS B 44 7.81 10.44 0.54
C HIS B 44 6.45 10.21 1.23
N CYS B 45 6.35 10.25 2.57
CA CYS B 45 5.06 10.12 3.24
C CYS B 45 4.13 11.32 2.97
N ARG B 46 4.70 12.49 2.65
CA ARG B 46 3.95 13.71 2.28
C ARG B 46 3.15 13.50 0.99
N THR B 47 3.65 12.69 0.06
CA THR B 47 2.95 12.33 -1.18
C THR B 47 1.67 11.57 -0.83
N MET B 48 1.77 10.52 0.00
CA MET B 48 0.58 9.80 0.46
C MET B 48 -0.34 10.70 1.29
N LYS B 49 0.18 11.55 2.20
CA LYS B 49 -0.64 12.49 2.98
C LYS B 49 -1.51 13.39 2.09
N ASN B 50 -0.96 13.91 0.99
CA ASN B 50 -1.69 14.70 -0.01
C ASN B 50 -2.75 13.83 -0.72
N VAL B 51 -2.37 12.62 -1.14
CA VAL B 51 -3.27 11.65 -1.79
C VAL B 51 -4.41 11.19 -0.87
N LEU B 52 -4.19 11.04 0.43
CA LEU B 52 -5.22 10.61 1.39
C LEU B 52 -6.40 11.59 1.41
N ASN B 53 -6.09 12.89 1.45
CA ASN B 53 -7.08 13.97 1.42
C ASN B 53 -7.93 13.94 0.12
N HIS B 54 -7.36 13.44 -0.98
CA HIS B 54 -8.05 13.25 -2.26
C HIS B 54 -8.90 11.96 -2.27
N MET B 55 -8.28 10.79 -2.06
CA MET B 55 -8.95 9.48 -2.12
C MET B 55 -10.10 9.29 -1.12
N THR B 56 -10.06 9.95 0.05
CA THR B 56 -11.13 9.89 1.07
C THR B 56 -12.45 10.54 0.62
N HIS B 57 -12.44 11.32 -0.47
CA HIS B 57 -13.61 11.98 -1.04
C HIS B 57 -13.86 11.63 -2.52
N CYS B 58 -12.82 11.23 -3.26
CA CYS B 58 -12.89 10.80 -4.66
C CYS B 58 -13.67 9.48 -4.83
N GLN B 59 -14.28 9.31 -6.01
CA GLN B 59 -15.06 8.13 -6.43
C GLN B 59 -14.86 7.81 -7.94
N ALA B 60 -13.96 8.52 -8.64
CA ALA B 60 -13.69 8.35 -10.08
C ALA B 60 -12.76 7.17 -10.42
N GLY B 61 -12.19 6.48 -9.42
CA GLY B 61 -11.22 5.36 -9.47
C GLY B 61 -10.82 4.76 -10.83
N LYS B 62 -11.76 4.17 -11.59
CA LYS B 62 -11.54 3.55 -12.92
C LYS B 62 -10.93 4.51 -13.95
N ALA B 63 -11.27 5.80 -13.85
CA ALA B 63 -10.84 6.88 -14.74
C ALA B 63 -10.15 8.06 -14.03
N CYS B 64 -10.02 8.03 -12.69
CA CYS B 64 -9.33 9.06 -11.91
C CYS B 64 -7.87 9.16 -12.37
N GLN B 65 -7.47 10.31 -12.92
CA GLN B 65 -6.13 10.54 -13.47
C GLN B 65 -5.01 10.45 -12.43
N VAL B 66 -5.35 10.57 -11.13
CA VAL B 66 -4.42 10.41 -10.02
C VAL B 66 -4.25 8.91 -9.76
N ALA B 67 -3.25 8.28 -10.40
CA ALA B 67 -2.99 6.85 -10.26
C ALA B 67 -2.81 6.41 -8.79
N HIS B 68 -2.15 7.24 -7.98
CA HIS B 68 -1.93 7.02 -6.55
C HIS B 68 -3.24 6.96 -5.74
N CYS B 69 -4.28 7.72 -6.14
CA CYS B 69 -5.59 7.74 -5.51
C CYS B 69 -6.27 6.37 -5.72
N ALA B 70 -6.47 5.97 -6.97
CA ALA B 70 -7.08 4.67 -7.29
C ALA B 70 -6.31 3.50 -6.67
N SER B 71 -4.97 3.58 -6.63
CA SER B 71 -4.11 2.60 -5.98
C SER B 71 -4.40 2.51 -4.48
N SER B 72 -4.13 3.58 -3.72
CA SER B 72 -4.36 3.64 -2.26
C SER B 72 -5.80 3.28 -1.85
N ARG B 73 -6.80 3.72 -2.63
CA ARG B 73 -8.23 3.44 -2.43
C ARG B 73 -8.56 1.95 -2.51
N GLN B 74 -7.73 1.14 -3.19
CA GLN B 74 -7.87 -0.31 -3.29
C GLN B 74 -6.95 -1.10 -2.33
N ILE B 75 -5.78 -0.57 -1.94
CA ILE B 75 -4.87 -1.29 -1.00
C ILE B 75 -5.58 -1.62 0.31
N ILE B 76 -6.29 -0.66 0.93
CA ILE B 76 -7.02 -0.94 2.19
C ILE B 76 -8.15 -1.95 2.00
N SER B 77 -8.86 -1.91 0.86
CA SER B 77 -9.94 -2.86 0.54
C SER B 77 -9.43 -4.30 0.53
N HIS B 78 -8.20 -4.51 0.02
CA HIS B 78 -7.54 -5.81 0.08
C HIS B 78 -7.17 -6.16 1.54
N TRP B 79 -6.38 -5.29 2.19
CA TRP B 79 -5.88 -5.49 3.56
C TRP B 79 -6.97 -5.81 4.59
N LYS B 80 -8.12 -5.13 4.51
CA LYS B 80 -9.27 -5.33 5.41
C LYS B 80 -9.89 -6.73 5.29
N ASN B 81 -10.13 -7.23 4.07
CA ASN B 81 -10.74 -8.54 3.83
C ASN B 81 -9.77 -9.76 3.95
N CYS B 82 -8.47 -9.55 3.68
CA CYS B 82 -7.44 -10.59 3.71
C CYS B 82 -7.05 -10.99 5.16
N THR B 83 -7.74 -12.01 5.71
CA THR B 83 -7.56 -12.50 7.10
C THR B 83 -7.53 -14.03 7.24
N ARG B 84 -7.81 -14.80 6.17
CA ARG B 84 -7.88 -16.28 6.18
C ARG B 84 -6.52 -16.99 6.22
N HIS B 85 -5.45 -16.36 5.70
CA HIS B 85 -4.10 -16.91 5.60
C HIS B 85 -3.05 -15.80 5.38
N ASP B 86 -1.76 -16.17 5.32
CA ASP B 86 -0.66 -15.24 5.02
C ASP B 86 -0.77 -14.65 3.59
N CYS B 87 -0.14 -13.49 3.37
CA CYS B 87 -0.20 -12.73 2.12
C CYS B 87 1.01 -11.79 1.95
N PRO B 88 1.56 -11.57 0.73
CA PRO B 88 2.67 -10.65 0.48
C PRO B 88 2.50 -9.23 1.04
N VAL B 89 1.26 -8.79 1.30
CA VAL B 89 0.93 -7.46 1.86
C VAL B 89 0.76 -7.55 3.38
N CYS B 90 -0.08 -8.46 3.85
CA CYS B 90 -0.45 -8.59 5.25
C CYS B 90 0.65 -9.21 6.15
N LEU B 91 1.40 -10.20 5.64
CA LEU B 91 2.47 -10.88 6.39
C LEU B 91 3.57 -9.95 6.91
N PRO B 92 4.24 -9.12 6.09
CA PRO B 92 5.28 -8.23 6.59
C PRO B 92 4.71 -7.16 7.54
N LEU B 93 3.52 -6.63 7.26
CA LEU B 93 2.85 -5.64 8.12
C LEU B 93 2.57 -6.19 9.53
N LYS B 94 2.12 -7.45 9.61
CA LYS B 94 1.90 -8.17 10.89
C LYS B 94 3.22 -8.40 11.64
N ASN B 95 4.29 -8.80 10.92
CA ASN B 95 5.61 -9.04 11.51
C ASN B 95 6.29 -7.76 12.02
N ALA B 96 6.09 -6.62 11.34
CA ALA B 96 6.65 -5.32 11.73
C ALA B 96 6.23 -4.87 13.15
N SER B 97 5.04 -5.29 13.60
CA SER B 97 4.48 -4.98 14.93
C SER B 97 5.31 -5.47 16.13
N ASP B 98 6.33 -6.31 15.91
CA ASP B 98 7.24 -6.83 16.95
C ASP B 98 8.01 -5.72 17.71
N LYS B 99 8.00 -4.48 17.20
CA LYS B 99 8.64 -3.29 17.79
C LYS B 99 8.02 -2.82 19.13
N ARG B 100 6.98 -3.49 19.62
CA ARG B 100 6.28 -3.25 20.89
C ARG B 100 5.98 -4.57 21.62
ZN ZN C . 5.18 11.11 8.14
ZN ZN D . -9.13 10.36 -7.21
ZN ZN E . -3.49 -9.85 2.00
N THR A 1 -0.16 -5.54 22.09
CA THR A 1 -0.19 -4.95 20.73
C THR A 1 -1.50 -5.31 20.02
N ASP A 2 -2.23 -4.29 19.55
CA ASP A 2 -3.54 -4.47 18.88
C ASP A 2 -3.65 -3.68 17.55
N PHE A 3 -2.68 -2.81 17.24
CA PHE A 3 -2.60 -2.02 16.00
C PHE A 3 -1.15 -1.61 15.69
N ILE A 4 -0.94 -1.11 14.47
CA ILE A 4 0.34 -0.61 13.94
C ILE A 4 0.80 0.67 14.67
N ASP A 5 2.10 0.99 14.58
CA ASP A 5 2.74 2.18 15.15
C ASP A 5 3.65 2.87 14.13
N GLU A 6 3.92 4.18 14.25
CA GLU A 6 4.80 4.88 13.31
C GLU A 6 6.21 4.26 13.23
N GLU A 7 6.76 3.74 14.33
CA GLU A 7 8.08 3.07 14.33
C GLU A 7 8.02 1.72 13.58
N VAL A 8 6.85 1.08 13.51
CA VAL A 8 6.64 -0.17 12.74
C VAL A 8 6.71 0.13 11.24
N LEU A 9 6.08 1.21 10.77
CA LEU A 9 6.21 1.59 9.35
C LEU A 9 7.63 2.07 9.04
N MET A 10 8.27 2.85 9.93
CA MET A 10 9.67 3.26 9.72
C MET A 10 10.60 2.05 9.63
N SER A 11 10.34 1.00 10.42
CA SER A 11 11.09 -0.26 10.33
C SER A 11 10.85 -0.95 8.98
N LEU A 12 9.62 -0.95 8.46
CA LEU A 12 9.30 -1.50 7.12
C LEU A 12 9.89 -0.66 5.97
N VAL A 13 9.95 0.67 6.12
CA VAL A 13 10.59 1.60 5.17
C VAL A 13 12.07 1.21 5.02
N ILE A 14 12.73 0.93 6.15
CA ILE A 14 14.13 0.50 6.23
C ILE A 14 14.28 -0.95 5.70
N GLU A 15 13.33 -1.85 6.01
CA GLU A 15 13.32 -3.25 5.54
C GLU A 15 13.22 -3.33 4.00
N MET A 16 12.31 -2.54 3.41
CA MET A 16 12.07 -2.45 1.96
C MET A 16 13.09 -1.58 1.21
N GLY A 17 13.69 -0.59 1.88
CA GLY A 17 14.62 0.38 1.29
C GLY A 17 13.89 1.50 0.52
N LEU A 18 12.73 1.94 1.01
CA LEU A 18 11.89 2.96 0.35
C LEU A 18 12.54 4.35 0.26
N ASP A 19 13.63 4.59 0.99
CA ASP A 19 14.41 5.83 0.90
C ASP A 19 15.06 6.04 -0.48
N ARG A 20 15.13 4.98 -1.31
CA ARG A 20 15.65 5.00 -2.69
C ARG A 20 14.65 5.54 -3.73
N ILE A 21 13.35 5.66 -3.41
CA ILE A 21 12.34 6.18 -4.35
C ILE A 21 12.70 7.65 -4.71
N LYS A 22 12.84 7.93 -6.01
CA LYS A 22 13.18 9.27 -6.55
C LYS A 22 11.92 10.03 -6.96
N GLU A 23 10.97 9.31 -7.56
CA GLU A 23 9.65 9.76 -7.98
C GLU A 23 8.71 8.56 -7.91
N LEU A 24 7.67 8.65 -7.07
CA LEU A 24 6.68 7.61 -6.82
C LEU A 24 6.06 7.06 -8.13
N PRO A 25 6.14 5.74 -8.41
CA PRO A 25 5.59 5.15 -9.63
C PRO A 25 4.05 5.07 -9.64
N GLU A 26 3.48 4.75 -10.80
CA GLU A 26 2.03 4.63 -11.00
C GLU A 26 1.55 3.17 -10.92
N LEU A 27 0.30 3.00 -10.49
CA LEU A 27 -0.43 1.73 -10.40
C LEU A 27 -1.91 1.98 -10.73
N TRP A 28 -2.62 0.97 -11.25
CA TRP A 28 -4.02 1.06 -11.66
C TRP A 28 -4.89 -0.11 -11.16
N LEU A 29 -4.95 -0.25 -9.83
CA LEU A 29 -5.72 -1.28 -9.10
C LEU A 29 -7.24 -1.26 -9.37
N GLY A 30 -7.76 -0.18 -9.97
CA GLY A 30 -9.17 -0.03 -10.34
C GLY A 30 -9.48 -0.54 -11.75
N GLN A 31 -8.47 -0.75 -12.60
CA GLN A 31 -8.60 -1.20 -13.98
C GLN A 31 -8.12 -2.65 -14.21
N ASN A 32 -8.56 -3.25 -15.31
CA ASN A 32 -8.21 -4.63 -15.69
C ASN A 32 -6.69 -4.83 -15.87
N GLU A 33 -5.97 -3.77 -16.24
CA GLU A 33 -4.51 -3.73 -16.45
C GLU A 33 -3.69 -4.22 -15.24
N PHE A 34 -4.20 -4.05 -14.02
CA PHE A 34 -3.55 -4.54 -12.80
C PHE A 34 -4.56 -4.98 -11.74
N ASP A 35 -5.10 -6.19 -11.91
CA ASP A 35 -5.94 -6.83 -10.90
C ASP A 35 -4.99 -7.47 -9.86
N PHE A 36 -4.47 -6.64 -8.98
CA PHE A 36 -3.49 -6.91 -7.93
C PHE A 36 -3.67 -8.22 -7.15
N MET A 37 -4.91 -8.66 -6.93
CA MET A 37 -5.26 -9.90 -6.21
C MET A 37 -6.15 -10.82 -7.08
N THR A 38 -5.91 -10.75 -8.39
CA THR A 38 -6.49 -11.46 -9.55
C THR A 38 -7.70 -12.36 -9.26
N ASP A 39 -8.90 -11.79 -9.41
CA ASP A 39 -10.18 -12.49 -9.20
C ASP A 39 -10.54 -13.45 -10.34
N PHE A 40 -9.93 -13.29 -11.53
CA PHE A 40 -10.16 -14.14 -12.70
C PHE A 40 -9.61 -15.57 -12.52
N VAL A 41 -10.50 -16.51 -12.16
CA VAL A 41 -10.19 -17.94 -11.93
C VAL A 41 -11.27 -18.88 -12.50
N CYS A 42 -12.14 -18.36 -13.37
CA CYS A 42 -13.30 -19.01 -14.01
C CYS A 42 -13.01 -20.42 -14.57
N LYS A 43 -14.00 -21.33 -14.47
CA LYS A 43 -13.92 -22.73 -14.92
C LYS A 43 -15.22 -23.22 -15.57
N GLN A 44 -15.16 -24.37 -16.24
CA GLN A 44 -16.30 -25.04 -16.88
C GLN A 44 -17.21 -25.75 -15.84
N GLN A 45 -18.36 -26.29 -16.30
CA GLN A 45 -19.35 -26.99 -15.46
C GLN A 45 -19.82 -28.29 -16.17
N PRO A 46 -19.91 -29.44 -15.45
CA PRO A 46 -20.32 -30.73 -16.02
C PRO A 46 -21.83 -30.79 -16.37
N SER A 47 -22.21 -31.85 -17.10
CA SER A 47 -23.58 -32.11 -17.58
C SER A 47 -24.12 -33.51 -17.20
N ARG A 48 -23.48 -34.19 -16.24
CA ARG A 48 -23.84 -35.55 -15.75
C ARG A 48 -23.96 -35.70 -14.22
N VAL A 49 -23.62 -34.66 -13.45
CA VAL A 49 -23.69 -34.65 -11.98
C VAL A 49 -25.14 -34.44 -11.49
N SER A 50 -25.93 -33.66 -12.24
CA SER A 50 -27.34 -33.33 -11.98
C SER A 50 -28.13 -33.00 -13.25
N ALA B 1 3.79 -7.53 -19.20
CA ALA B 1 3.63 -8.20 -17.88
C ALA B 1 3.92 -9.70 -17.98
N THR B 2 4.45 -10.30 -16.91
CA THR B 2 4.75 -11.76 -16.87
C THR B 2 3.49 -12.64 -16.74
N GLY B 3 2.34 -12.06 -16.36
CA GLY B 3 1.05 -12.74 -16.21
C GLY B 3 -0.08 -12.07 -17.01
N PRO B 4 -1.25 -12.72 -17.12
CA PRO B 4 -2.39 -12.24 -17.91
C PRO B 4 -3.15 -11.04 -17.32
N THR B 5 -3.03 -10.79 -16.01
CA THR B 5 -3.78 -9.71 -15.31
C THR B 5 -2.98 -9.03 -14.18
N ALA B 6 -1.75 -9.48 -13.89
CA ALA B 6 -0.89 -8.95 -12.83
C ALA B 6 0.61 -9.08 -13.17
N ASP B 7 1.48 -8.39 -12.43
CA ASP B 7 2.94 -8.39 -12.63
C ASP B 7 3.74 -8.23 -11.31
N PRO B 8 4.85 -8.97 -11.10
CA PRO B 8 5.71 -8.88 -9.92
C PRO B 8 6.16 -7.46 -9.52
N GLU B 9 6.48 -6.58 -10.47
CA GLU B 9 6.92 -5.21 -10.14
C GLU B 9 5.74 -4.37 -9.61
N LYS B 10 4.53 -4.56 -10.16
CA LYS B 10 3.33 -3.91 -9.63
C LYS B 10 2.99 -4.46 -8.24
N ARG B 11 3.15 -5.77 -8.00
CA ARG B 11 2.96 -6.39 -6.67
C ARG B 11 4.01 -5.92 -5.66
N LYS B 12 5.27 -5.71 -6.08
CA LYS B 12 6.32 -5.10 -5.23
C LYS B 12 5.94 -3.66 -4.89
N LEU B 13 5.39 -2.91 -5.86
CA LEU B 13 4.90 -1.56 -5.65
C LEU B 13 3.69 -1.50 -4.71
N ILE B 14 2.74 -2.46 -4.67
CA ILE B 14 1.66 -2.39 -3.66
C ILE B 14 2.21 -2.54 -2.23
N GLN B 15 3.29 -3.31 -2.04
CA GLN B 15 3.96 -3.44 -0.74
C GLN B 15 4.60 -2.09 -0.35
N GLN B 16 5.18 -1.36 -1.31
CA GLN B 16 5.69 0.00 -1.12
C GLN B 16 4.54 0.98 -0.81
N GLN B 17 3.42 0.90 -1.54
CA GLN B 17 2.25 1.77 -1.34
C GLN B 17 1.68 1.58 0.05
N LEU B 18 1.48 0.33 0.48
CA LEU B 18 1.00 -0.08 1.81
C LEU B 18 1.80 0.64 2.92
N VAL B 19 3.13 0.48 2.91
CA VAL B 19 4.03 1.08 3.90
C VAL B 19 3.92 2.61 3.95
N LEU B 20 3.97 3.29 2.80
CA LEU B 20 3.84 4.75 2.76
C LEU B 20 2.46 5.25 3.20
N LEU B 21 1.39 4.57 2.78
CA LEU B 21 -0.01 4.86 3.12
C LEU B 21 -0.27 4.76 4.63
N LEU B 22 0.17 3.65 5.24
CA LEU B 22 0.08 3.44 6.70
C LEU B 22 0.95 4.46 7.46
N HIS B 23 2.13 4.84 6.93
CA HIS B 23 2.96 5.88 7.55
C HIS B 23 2.24 7.24 7.48
N ALA B 24 1.74 7.63 6.30
CA ALA B 24 1.03 8.89 6.08
C ALA B 24 -0.19 9.01 7.00
N HIS B 25 -0.90 7.92 7.29
CA HIS B 25 -2.03 7.92 8.23
C HIS B 25 -1.58 8.35 9.65
N LYS B 26 -0.47 7.80 10.15
CA LYS B 26 0.12 8.18 11.45
C LYS B 26 0.68 9.62 11.42
N CYS B 27 1.44 9.94 10.37
CA CYS B 27 2.10 11.22 10.15
C CYS B 27 1.11 12.40 9.99
N GLN B 28 -0.08 12.16 9.44
CA GLN B 28 -1.16 13.14 9.33
C GLN B 28 -1.77 13.46 10.70
N ARG B 29 -1.81 12.49 11.63
CA ARG B 29 -2.31 12.65 13.00
C ARG B 29 -1.29 13.31 13.94
N ARG B 30 -0.01 12.93 13.87
CA ARG B 30 1.04 13.49 14.75
C ARG B 30 1.22 15.01 14.61
N GLU B 31 1.12 15.57 13.40
CA GLU B 31 1.23 17.03 13.21
C GLU B 31 0.12 17.81 13.93
N GLN B 32 -1.09 17.24 14.03
CA GLN B 32 -2.24 17.82 14.71
C GLN B 32 -2.15 17.75 16.24
N ALA B 33 -1.20 16.99 16.81
CA ALA B 33 -1.00 16.87 18.26
C ALA B 33 -0.61 18.22 18.94
N ASN B 34 0.00 19.14 18.19
CA ASN B 34 0.38 20.49 18.64
C ASN B 34 0.23 21.58 17.57
N GLY B 35 0.06 21.22 16.28
CA GLY B 35 -0.14 22.15 15.16
C GLY B 35 1.12 22.45 14.32
N GLU B 36 2.29 21.90 14.69
CA GLU B 36 3.57 22.15 14.00
C GLU B 36 4.52 20.94 13.89
N VAL B 37 4.12 19.73 14.35
CA VAL B 37 4.96 18.50 14.31
C VAL B 37 4.98 17.85 12.91
N ARG B 38 5.30 18.67 11.90
CA ARG B 38 5.33 18.30 10.46
C ARG B 38 6.67 17.72 9.98
N ALA B 39 7.75 17.92 10.73
CA ALA B 39 9.09 17.43 10.40
C ALA B 39 9.11 15.89 10.24
N CYS B 40 9.64 15.41 9.12
CA CYS B 40 9.71 13.99 8.74
C CYS B 40 11.10 13.64 8.15
N SER B 41 11.34 12.37 7.82
CA SER B 41 12.63 11.83 7.32
C SER B 41 12.50 10.91 6.10
N LEU B 42 11.37 10.96 5.39
CA LEU B 42 11.05 10.13 4.22
C LEU B 42 10.48 11.03 3.10
N PRO B 43 11.26 11.37 2.05
CA PRO B 43 10.85 12.29 0.97
C PRO B 43 9.44 12.10 0.39
N HIS B 44 9.04 10.86 0.09
CA HIS B 44 7.72 10.53 -0.48
C HIS B 44 6.55 10.43 0.52
N CYS B 45 6.79 10.55 1.83
CA CYS B 45 5.72 10.59 2.83
C CYS B 45 4.68 11.69 2.48
N ARG B 46 5.19 12.86 2.10
CA ARG B 46 4.42 14.04 1.66
C ARG B 46 3.46 13.70 0.51
N THR B 47 3.91 12.88 -0.45
CA THR B 47 3.10 12.42 -1.60
C THR B 47 1.89 11.65 -1.10
N MET B 48 2.07 10.66 -0.22
CA MET B 48 0.94 9.93 0.36
C MET B 48 0.06 10.84 1.22
N LYS B 49 0.60 11.68 2.12
CA LYS B 49 -0.20 12.63 2.94
C LYS B 49 -1.11 13.53 2.09
N ASN B 50 -0.62 14.03 0.95
CA ASN B 50 -1.42 14.83 0.01
C ASN B 50 -2.49 13.95 -0.67
N VAL B 51 -2.12 12.76 -1.13
CA VAL B 51 -3.03 11.78 -1.75
C VAL B 51 -4.11 11.30 -0.78
N LEU B 52 -3.83 11.16 0.52
CA LEU B 52 -4.80 10.73 1.53
C LEU B 52 -5.99 11.69 1.58
N ASN B 53 -5.73 13.00 1.59
CA ASN B 53 -6.75 14.05 1.58
C ASN B 53 -7.63 14.00 0.31
N HIS B 54 -7.08 13.50 -0.81
CA HIS B 54 -7.80 13.32 -2.06
C HIS B 54 -8.64 12.02 -2.05
N MET B 55 -8.01 10.85 -1.81
CA MET B 55 -8.68 9.53 -1.84
C MET B 55 -9.83 9.36 -0.83
N THR B 56 -9.86 10.11 0.28
CA THR B 56 -10.97 10.07 1.27
C THR B 56 -12.24 10.77 0.79
N HIS B 57 -12.19 11.57 -0.29
CA HIS B 57 -13.33 12.33 -0.83
C HIS B 57 -13.60 12.09 -2.33
N CYS B 58 -12.62 11.58 -3.08
CA CYS B 58 -12.74 11.28 -4.50
C CYS B 58 -13.80 10.18 -4.79
N GLN B 59 -14.43 10.28 -5.96
CA GLN B 59 -15.47 9.34 -6.44
C GLN B 59 -15.35 9.03 -7.96
N ALA B 60 -14.31 9.52 -8.64
CA ALA B 60 -14.10 9.27 -10.08
C ALA B 60 -13.61 7.83 -10.38
N GLY B 61 -13.11 7.10 -9.38
CA GLY B 61 -12.64 5.72 -9.46
C GLY B 61 -11.76 5.41 -10.67
N LYS B 62 -12.23 4.57 -11.58
CA LYS B 62 -11.54 4.17 -12.82
C LYS B 62 -11.16 5.34 -13.75
N ALA B 63 -11.87 6.47 -13.64
CA ALA B 63 -11.64 7.68 -14.43
C ALA B 63 -10.75 8.72 -13.71
N CYS B 64 -10.39 8.51 -12.44
CA CYS B 64 -9.52 9.40 -11.68
C CYS B 64 -8.08 9.33 -12.23
N GLN B 65 -7.60 10.43 -12.83
CA GLN B 65 -6.25 10.52 -13.42
C GLN B 65 -5.12 10.40 -12.39
N VAL B 66 -5.42 10.58 -11.09
CA VAL B 66 -4.47 10.45 -9.99
C VAL B 66 -4.30 8.95 -9.69
N ALA B 67 -3.32 8.31 -10.35
CA ALA B 67 -3.04 6.89 -10.19
C ALA B 67 -2.82 6.49 -8.70
N HIS B 68 -2.15 7.36 -7.94
CA HIS B 68 -1.89 7.17 -6.51
C HIS B 68 -3.18 7.13 -5.65
N CYS B 69 -4.22 7.88 -6.03
CA CYS B 69 -5.53 7.90 -5.38
C CYS B 69 -6.22 6.54 -5.57
N ALA B 70 -6.43 6.13 -6.83
CA ALA B 70 -7.04 4.85 -7.14
C ALA B 70 -6.27 3.67 -6.53
N SER B 71 -4.94 3.77 -6.48
CA SER B 71 -4.06 2.78 -5.85
C SER B 71 -4.29 2.70 -4.35
N SER B 72 -4.02 3.78 -3.59
CA SER B 72 -4.20 3.84 -2.13
C SER B 72 -5.62 3.46 -1.68
N ARG B 73 -6.64 3.88 -2.43
CA ARG B 73 -8.06 3.56 -2.20
C ARG B 73 -8.33 2.05 -2.21
N GLN B 74 -7.61 1.29 -3.04
CA GLN B 74 -7.71 -0.17 -3.15
C GLN B 74 -6.86 -0.96 -2.14
N ILE B 75 -5.67 -0.48 -1.73
CA ILE B 75 -4.76 -1.20 -0.80
C ILE B 75 -5.45 -1.64 0.50
N ILE B 76 -6.05 -0.72 1.25
CA ILE B 76 -6.70 -1.07 2.53
C ILE B 76 -7.92 -1.98 2.36
N SER B 77 -8.65 -1.86 1.24
CA SER B 77 -9.82 -2.70 0.94
C SER B 77 -9.42 -4.18 0.85
N HIS B 78 -8.24 -4.50 0.32
CA HIS B 78 -7.70 -5.86 0.32
C HIS B 78 -7.35 -6.26 1.77
N TRP B 79 -6.44 -5.51 2.40
CA TRP B 79 -5.89 -5.81 3.72
C TRP B 79 -6.95 -6.06 4.80
N LYS B 80 -7.94 -5.17 4.93
CA LYS B 80 -9.02 -5.25 5.92
C LYS B 80 -9.85 -6.54 5.82
N ASN B 81 -10.19 -6.97 4.60
CA ASN B 81 -10.98 -8.20 4.38
C ASN B 81 -10.13 -9.50 4.44
N CYS B 82 -8.87 -9.45 3.99
CA CYS B 82 -7.96 -10.59 3.90
C CYS B 82 -7.39 -11.05 5.27
N THR B 83 -6.73 -10.12 5.99
CA THR B 83 -6.02 -10.31 7.27
C THR B 83 -5.32 -11.68 7.47
N ARG B 84 -4.73 -12.23 6.38
CA ARG B 84 -4.00 -13.52 6.38
C ARG B 84 -2.69 -13.48 7.15
N HIS B 85 -2.14 -14.66 7.43
CA HIS B 85 -0.88 -14.87 8.15
C HIS B 85 0.28 -15.27 7.21
N ASP B 86 0.06 -15.23 5.89
CA ASP B 86 1.00 -15.64 4.83
C ASP B 86 0.90 -14.86 3.50
N CYS B 87 -0.07 -13.93 3.38
CA CYS B 87 -0.34 -13.12 2.20
C CYS B 87 0.75 -12.06 1.91
N PRO B 88 1.15 -11.80 0.64
CA PRO B 88 2.16 -10.79 0.28
C PRO B 88 2.00 -9.39 0.88
N VAL B 89 0.79 -8.98 1.28
CA VAL B 89 0.51 -7.67 1.91
C VAL B 89 0.42 -7.79 3.43
N CYS B 90 -0.38 -8.74 3.92
CA CYS B 90 -0.64 -8.94 5.33
C CYS B 90 0.61 -9.45 6.11
N LEU B 91 1.36 -10.39 5.54
CA LEU B 91 2.56 -10.99 6.14
C LEU B 91 3.68 -9.99 6.53
N PRO B 92 4.21 -9.13 5.63
CA PRO B 92 5.28 -8.19 6.01
C PRO B 92 4.80 -7.20 7.07
N LEU B 93 3.57 -6.70 6.98
CA LEU B 93 2.99 -5.78 7.96
C LEU B 93 2.86 -6.45 9.35
N LYS B 94 2.40 -7.71 9.39
CA LYS B 94 2.30 -8.53 10.60
C LYS B 94 3.67 -8.81 11.22
N ASN B 95 4.69 -9.12 10.40
CA ASN B 95 6.05 -9.37 10.85
C ASN B 95 6.71 -8.09 11.40
N ALA B 96 6.53 -6.95 10.73
CA ALA B 96 7.05 -5.65 11.16
C ALA B 96 6.44 -5.17 12.48
N SER B 97 5.15 -5.46 12.71
CA SER B 97 4.39 -5.09 13.93
C SER B 97 5.04 -5.52 15.24
N ASP B 98 5.93 -6.52 15.20
CA ASP B 98 6.70 -6.99 16.36
C ASP B 98 7.59 -5.88 16.97
N LYS B 99 7.91 -4.81 16.20
CA LYS B 99 8.71 -3.66 16.65
C LYS B 99 7.91 -2.65 17.51
N ARG B 100 6.59 -2.79 17.64
CA ARG B 100 5.71 -1.89 18.43
C ARG B 100 6.14 -1.78 19.90
ZN ZN C . 5.88 11.11 7.61
ZN ZN D . -9.05 10.55 -7.02
ZN ZN E . -3.84 -10.16 2.25
N THR A 1 -0.11 -3.43 21.97
CA THR A 1 -1.23 -2.54 21.56
C THR A 1 -2.19 -3.27 20.61
N ASP A 2 -3.43 -2.77 20.47
CA ASP A 2 -4.47 -3.36 19.62
C ASP A 2 -4.25 -3.18 18.10
N PHE A 3 -3.32 -2.30 17.68
CA PHE A 3 -3.03 -1.98 16.28
C PHE A 3 -1.53 -1.69 16.03
N ILE A 4 -1.19 -1.53 14.75
CA ILE A 4 0.14 -1.18 14.21
C ILE A 4 0.68 0.11 14.86
N ASP A 5 2.00 0.29 14.87
CA ASP A 5 2.70 1.44 15.45
C ASP A 5 3.64 2.11 14.44
N GLU A 6 4.02 3.37 14.66
CA GLU A 6 4.97 4.07 13.78
C GLU A 6 6.31 3.32 13.64
N GLU A 7 6.83 2.73 14.72
CA GLU A 7 8.08 1.94 14.67
C GLU A 7 7.92 0.65 13.86
N VAL A 8 6.69 0.13 13.74
CA VAL A 8 6.39 -1.05 12.90
C VAL A 8 6.52 -0.67 11.43
N LEU A 9 5.96 0.47 11.00
CA LEU A 9 6.14 0.91 9.62
C LEU A 9 7.60 1.27 9.35
N MET A 10 8.30 1.95 10.27
CA MET A 10 9.72 2.31 10.04
C MET A 10 10.60 1.05 9.96
N SER A 11 10.27 0.00 10.73
CA SER A 11 10.95 -1.29 10.63
C SER A 11 10.69 -1.94 9.26
N LEU A 12 9.47 -1.84 8.72
CA LEU A 12 9.13 -2.35 7.38
C LEU A 12 9.77 -1.50 6.26
N VAL A 13 9.92 -0.18 6.46
CA VAL A 13 10.64 0.72 5.55
C VAL A 13 12.07 0.22 5.40
N ILE A 14 12.72 -0.10 6.53
CA ILE A 14 14.09 -0.62 6.59
C ILE A 14 14.15 -2.05 6.00
N GLU A 15 13.15 -2.90 6.28
CA GLU A 15 13.04 -4.28 5.76
C GLU A 15 12.95 -4.31 4.22
N MET A 16 12.12 -3.44 3.63
CA MET A 16 11.91 -3.31 2.18
C MET A 16 13.01 -2.47 1.48
N GLY A 17 13.69 -1.58 2.21
CA GLY A 17 14.73 -0.68 1.69
C GLY A 17 14.19 0.67 1.18
N LEU A 18 13.03 1.11 1.68
CA LEU A 18 12.33 2.35 1.29
C LEU A 18 13.07 3.64 1.72
N ASP A 19 14.10 3.54 2.56
CA ASP A 19 14.95 4.68 2.95
C ASP A 19 15.71 5.33 1.76
N ARG A 20 15.70 4.66 0.59
CA ARG A 20 16.32 5.07 -0.68
C ARG A 20 15.31 5.50 -1.77
N ILE A 21 14.02 5.63 -1.43
CA ILE A 21 12.94 6.01 -2.36
C ILE A 21 13.19 7.37 -3.06
N LYS A 22 12.70 7.44 -4.31
CA LYS A 22 12.71 8.59 -5.22
C LYS A 22 11.41 8.57 -6.05
N GLU A 23 10.98 9.75 -6.52
CA GLU A 23 9.74 10.07 -7.26
C GLU A 23 8.80 8.89 -7.55
N LEU A 24 7.77 8.80 -6.72
CA LEU A 24 6.76 7.74 -6.65
C LEU A 24 6.18 7.33 -8.04
N PRO A 25 6.23 6.04 -8.43
CA PRO A 25 5.67 5.56 -9.70
C PRO A 25 4.13 5.45 -9.67
N GLU A 26 3.53 5.23 -10.84
CA GLU A 26 2.08 5.03 -11.00
C GLU A 26 1.66 3.57 -10.87
N LEU A 27 0.39 3.37 -10.50
CA LEU A 27 -0.34 2.11 -10.45
C LEU A 27 -1.81 2.38 -10.83
N TRP A 28 -2.45 1.44 -11.50
CA TRP A 28 -3.85 1.57 -11.97
C TRP A 28 -4.69 0.34 -11.62
N LEU A 29 -4.83 0.08 -10.31
CA LEU A 29 -5.61 -1.04 -9.76
C LEU A 29 -7.09 -1.03 -10.19
N GLY A 30 -7.64 0.15 -10.49
CA GLY A 30 -9.01 0.33 -10.96
C GLY A 30 -9.21 -0.05 -12.44
N GLN A 31 -8.12 -0.25 -13.19
CA GLN A 31 -8.13 -0.61 -14.62
C GLN A 31 -7.74 -2.09 -14.83
N ASN A 32 -8.15 -2.66 -15.98
CA ASN A 32 -7.87 -4.05 -16.35
C ASN A 32 -6.36 -4.35 -16.50
N GLU A 33 -5.53 -3.32 -16.72
CA GLU A 33 -4.07 -3.41 -16.88
C GLU A 33 -3.33 -3.98 -15.66
N PHE A 34 -3.88 -3.86 -14.45
CA PHE A 34 -3.29 -4.40 -13.22
C PHE A 34 -4.37 -4.79 -12.20
N ASP A 35 -5.03 -5.93 -12.46
CA ASP A 35 -6.00 -6.54 -11.54
C ASP A 35 -5.25 -7.31 -10.42
N PHE A 36 -4.53 -6.53 -9.62
CA PHE A 36 -3.59 -6.83 -8.53
C PHE A 36 -3.80 -8.09 -7.68
N MET A 37 -5.06 -8.49 -7.45
CA MET A 37 -5.43 -9.63 -6.61
C MET A 37 -6.49 -10.54 -7.26
N THR A 38 -6.62 -10.49 -8.59
CA THR A 38 -7.54 -11.37 -9.36
C THR A 38 -7.26 -12.86 -9.12
N ASP A 39 -8.27 -13.71 -9.34
CA ASP A 39 -8.18 -15.17 -9.19
C ASP A 39 -7.10 -15.80 -10.09
N PHE A 40 -6.25 -16.66 -9.52
CA PHE A 40 -5.15 -17.33 -10.22
C PHE A 40 -4.89 -18.75 -9.65
N VAL A 41 -5.52 -19.75 -10.28
CA VAL A 41 -5.44 -21.18 -9.91
C VAL A 41 -5.22 -22.10 -11.14
N CYS A 42 -4.69 -21.54 -12.23
CA CYS A 42 -4.42 -22.25 -13.50
C CYS A 42 -3.39 -23.40 -13.40
N LYS A 43 -2.62 -23.48 -12.31
CA LYS A 43 -1.61 -24.52 -12.01
C LYS A 43 -2.26 -25.86 -11.56
N GLN A 44 -3.31 -26.28 -12.26
CA GLN A 44 -4.11 -27.50 -11.99
C GLN A 44 -3.34 -28.82 -12.12
N GLN A 45 -2.19 -28.83 -12.83
CA GLN A 45 -1.34 -30.00 -13.04
C GLN A 45 0.16 -29.62 -12.96
N PRO A 46 1.05 -30.57 -12.62
CA PRO A 46 2.50 -30.36 -12.50
C PRO A 46 3.16 -29.77 -13.76
N SER A 47 4.27 -29.05 -13.55
CA SER A 47 5.11 -28.44 -14.61
C SER A 47 6.54 -28.18 -14.15
N ARG A 48 6.73 -27.59 -12.95
CA ARG A 48 8.05 -27.25 -12.36
C ARG A 48 8.13 -27.37 -10.83
N VAL A 49 7.05 -27.81 -10.16
CA VAL A 49 6.96 -27.97 -8.69
C VAL A 49 7.89 -29.05 -8.12
N SER A 50 8.21 -30.08 -8.92
CA SER A 50 9.09 -31.23 -8.58
C SER A 50 9.74 -31.83 -9.82
N ALA B 1 3.08 -19.51 -20.25
CA ALA B 1 3.22 -18.04 -20.42
C ALA B 1 4.56 -17.54 -19.87
N THR B 2 4.99 -16.34 -20.30
CA THR B 2 6.25 -15.69 -19.87
C THR B 2 6.21 -15.09 -18.44
N GLY B 3 5.04 -15.04 -17.80
CA GLY B 3 4.84 -14.51 -16.44
C GLY B 3 3.50 -14.93 -15.81
N PRO B 4 3.29 -14.64 -14.51
CA PRO B 4 2.09 -14.98 -13.76
C PRO B 4 0.90 -14.09 -14.11
N THR B 5 -0.29 -14.47 -13.63
CA THR B 5 -1.50 -13.65 -13.77
C THR B 5 -1.40 -12.45 -12.83
N ALA B 6 -1.18 -11.27 -13.43
CA ALA B 6 -1.02 -9.96 -12.78
C ALA B 6 -0.25 -9.92 -11.44
N ASP B 7 1.00 -10.43 -11.42
CA ASP B 7 1.90 -10.36 -10.26
C ASP B 7 3.34 -9.91 -10.64
N PRO B 8 3.52 -8.71 -11.26
CA PRO B 8 4.81 -8.17 -11.71
C PRO B 8 5.34 -7.11 -10.72
N GLU B 9 6.23 -6.21 -11.19
CA GLU B 9 6.77 -5.08 -10.40
C GLU B 9 5.65 -4.17 -9.86
N LYS B 10 4.46 -4.14 -10.49
CA LYS B 10 3.29 -3.41 -9.96
C LYS B 10 2.86 -3.94 -8.59
N ARG B 11 3.01 -5.24 -8.31
CA ARG B 11 2.75 -5.83 -6.98
C ARG B 11 3.87 -5.48 -6.00
N LYS B 12 5.14 -5.46 -6.45
CA LYS B 12 6.26 -4.97 -5.63
C LYS B 12 5.97 -3.51 -5.19
N LEU B 13 5.39 -2.72 -6.09
CA LEU B 13 4.91 -1.37 -5.82
C LEU B 13 3.70 -1.33 -4.88
N ILE B 14 2.74 -2.27 -4.86
CA ILE B 14 1.66 -2.22 -3.83
C ILE B 14 2.25 -2.47 -2.43
N GLN B 15 3.27 -3.34 -2.31
CA GLN B 15 3.97 -3.59 -1.05
C GLN B 15 4.71 -2.32 -0.58
N GLN B 16 5.25 -1.53 -1.52
CA GLN B 16 5.90 -0.24 -1.27
C GLN B 16 4.86 0.83 -0.85
N GLN B 17 3.75 0.93 -1.60
CA GLN B 17 2.62 1.83 -1.35
C GLN B 17 2.06 1.63 0.06
N LEU B 18 1.78 0.37 0.43
CA LEU B 18 1.26 -0.07 1.73
C LEU B 18 2.01 0.58 2.91
N VAL B 19 3.33 0.40 2.95
CA VAL B 19 4.21 0.92 4.01
C VAL B 19 4.13 2.45 4.14
N LEU B 20 4.22 3.17 3.02
CA LEU B 20 4.14 4.63 2.98
C LEU B 20 2.73 5.13 3.38
N LEU B 21 1.68 4.48 2.89
CA LEU B 21 0.27 4.75 3.17
C LEU B 21 -0.05 4.61 4.67
N LEU B 22 0.36 3.49 5.29
CA LEU B 22 0.21 3.25 6.72
C LEU B 22 1.02 4.28 7.56
N HIS B 23 2.22 4.68 7.10
CA HIS B 23 2.97 5.74 7.79
C HIS B 23 2.20 7.07 7.71
N ALA B 24 1.76 7.48 6.52
CA ALA B 24 1.01 8.71 6.31
C ALA B 24 -0.27 8.75 7.17
N HIS B 25 -0.94 7.61 7.39
CA HIS B 25 -2.12 7.54 8.26
C HIS B 25 -1.76 7.90 9.72
N LYS B 26 -0.65 7.39 10.26
CA LYS B 26 -0.15 7.78 11.60
C LYS B 26 0.23 9.27 11.60
N CYS B 27 0.96 9.70 10.58
CA CYS B 27 1.49 11.05 10.41
C CYS B 27 0.41 12.14 10.17
N GLN B 28 -0.82 11.76 9.79
CA GLN B 28 -1.97 12.68 9.67
C GLN B 28 -2.37 13.28 11.02
N ARG B 29 -2.05 12.58 12.12
CA ARG B 29 -2.31 13.04 13.50
C ARG B 29 -1.25 14.07 13.94
N ARG B 30 -0.03 13.98 13.38
CA ARG B 30 1.09 14.89 13.65
C ARG B 30 0.99 16.21 12.89
N GLU B 31 0.47 16.22 11.65
CA GLU B 31 0.26 17.49 10.91
C GLU B 31 -0.72 18.42 11.65
N GLN B 32 -1.65 17.86 12.42
CA GLN B 32 -2.60 18.60 13.26
C GLN B 32 -1.97 19.07 14.59
N ALA B 33 -1.11 18.23 15.18
CA ALA B 33 -0.43 18.47 16.46
C ALA B 33 0.77 19.43 16.40
N ASN B 34 1.40 19.58 15.23
CA ASN B 34 2.61 20.38 15.03
C ASN B 34 2.57 21.30 13.80
N GLY B 35 2.17 20.77 12.64
CA GLY B 35 2.03 21.54 11.38
C GLY B 35 3.02 21.19 10.26
N GLU B 36 4.23 20.70 10.59
CA GLU B 36 5.27 20.36 9.59
C GLU B 36 6.03 19.04 9.84
N VAL B 37 5.85 18.43 11.02
CA VAL B 37 6.38 17.13 11.48
C VAL B 37 7.87 16.87 11.19
N ARG B 38 8.74 17.70 11.79
CA ARG B 38 10.21 17.61 11.68
C ARG B 38 10.81 16.26 12.12
N ALA B 39 10.05 15.46 12.86
CA ALA B 39 10.45 14.13 13.35
C ALA B 39 10.71 13.09 12.24
N CYS B 40 10.12 13.25 11.05
CA CYS B 40 10.29 12.33 9.91
C CYS B 40 11.71 12.30 9.34
N SER B 41 12.02 11.19 8.66
CA SER B 41 13.30 10.88 7.99
C SER B 41 13.10 10.15 6.65
N LEU B 42 11.89 10.26 6.08
CA LEU B 42 11.42 9.59 4.86
C LEU B 42 10.58 10.59 4.03
N PRO B 43 11.20 11.43 3.16
CA PRO B 43 10.52 12.49 2.39
C PRO B 43 9.19 12.14 1.71
N HIS B 44 9.06 10.94 1.14
CA HIS B 44 7.83 10.48 0.47
C HIS B 44 6.60 10.33 1.39
N CYS B 45 6.77 10.44 2.71
CA CYS B 45 5.69 10.53 3.69
C CYS B 45 4.67 11.60 3.27
N ARG B 46 5.16 12.77 2.81
CA ARG B 46 4.34 13.90 2.34
C ARG B 46 3.55 13.58 1.08
N THR B 47 4.11 12.78 0.16
CA THR B 47 3.41 12.33 -1.06
C THR B 47 2.17 11.53 -0.69
N MET B 48 2.31 10.52 0.17
CA MET B 48 1.16 9.75 0.65
C MET B 48 0.23 10.62 1.50
N LYS B 49 0.73 11.46 2.41
CA LYS B 49 -0.13 12.35 3.23
C LYS B 49 -1.02 13.28 2.39
N ASN B 50 -0.49 13.84 1.30
CA ASN B 50 -1.26 14.65 0.36
C ASN B 50 -2.34 13.81 -0.34
N VAL B 51 -1.97 12.60 -0.77
CA VAL B 51 -2.87 11.62 -1.40
C VAL B 51 -3.96 11.14 -0.43
N LEU B 52 -3.67 10.97 0.87
CA LEU B 52 -4.66 10.53 1.86
C LEU B 52 -5.81 11.54 1.98
N ASN B 53 -5.47 12.82 2.12
CA ASN B 53 -6.44 13.92 2.19
C ASN B 53 -7.34 13.97 0.95
N HIS B 54 -6.84 13.53 -0.21
CA HIS B 54 -7.59 13.43 -1.46
C HIS B 54 -8.47 12.15 -1.50
N MET B 55 -7.88 10.95 -1.39
CA MET B 55 -8.60 9.67 -1.52
C MET B 55 -9.68 9.43 -0.46
N THR B 56 -9.54 10.01 0.75
CA THR B 56 -10.55 9.90 1.83
C THR B 56 -11.87 10.64 1.51
N HIS B 57 -11.89 11.49 0.48
CA HIS B 57 -13.06 12.23 0.01
C HIS B 57 -13.40 11.95 -1.47
N CYS B 58 -12.42 11.57 -2.29
CA CYS B 58 -12.59 11.22 -3.70
C CYS B 58 -13.44 9.94 -3.88
N GLN B 59 -14.14 9.87 -5.02
CA GLN B 59 -15.01 8.76 -5.42
C GLN B 59 -14.95 8.45 -6.93
N ALA B 60 -14.07 9.12 -7.70
CA ALA B 60 -13.93 8.88 -9.14
C ALA B 60 -13.21 7.55 -9.48
N GLY B 61 -12.48 6.96 -8.54
CA GLY B 61 -11.77 5.67 -8.63
C GLY B 61 -11.10 5.40 -9.98
N LYS B 62 -11.69 4.50 -10.79
CA LYS B 62 -11.22 4.11 -12.13
C LYS B 62 -11.01 5.29 -13.10
N ALA B 63 -11.73 6.39 -12.90
CA ALA B 63 -11.67 7.61 -13.70
C ALA B 63 -10.84 8.75 -13.06
N CYS B 64 -10.37 8.59 -11.81
CA CYS B 64 -9.54 9.57 -11.12
C CYS B 64 -8.14 9.64 -11.75
N GLN B 65 -7.77 10.81 -12.28
CA GLN B 65 -6.46 11.04 -12.93
C GLN B 65 -5.27 10.89 -11.97
N VAL B 66 -5.51 10.98 -10.65
CA VAL B 66 -4.51 10.79 -9.60
C VAL B 66 -4.31 9.28 -9.39
N ALA B 67 -3.35 8.69 -10.10
CA ALA B 67 -3.07 7.25 -10.03
C ALA B 67 -2.83 6.75 -8.58
N HIS B 68 -2.12 7.55 -7.78
CA HIS B 68 -1.83 7.26 -6.36
C HIS B 68 -3.10 7.17 -5.49
N CYS B 69 -4.13 7.96 -5.79
CA CYS B 69 -5.42 7.96 -5.09
C CYS B 69 -6.14 6.63 -5.34
N ALA B 70 -6.42 6.28 -6.59
CA ALA B 70 -7.08 5.02 -6.94
C ALA B 70 -6.31 3.78 -6.41
N SER B 71 -4.97 3.86 -6.40
CA SER B 71 -4.10 2.82 -5.85
C SER B 71 -4.29 2.68 -4.33
N SER B 72 -3.94 3.72 -3.56
CA SER B 72 -4.05 3.73 -2.09
C SER B 72 -5.46 3.40 -1.57
N ARG B 73 -6.51 3.91 -2.24
CA ARG B 73 -7.92 3.66 -1.92
C ARG B 73 -8.30 2.18 -1.98
N GLN B 74 -7.63 1.40 -2.84
CA GLN B 74 -7.84 -0.04 -3.00
C GLN B 74 -6.99 -0.92 -2.07
N ILE B 75 -5.73 -0.55 -1.76
CA ILE B 75 -4.81 -1.39 -0.95
C ILE B 75 -5.41 -1.82 0.39
N ILE B 76 -5.96 -0.89 1.19
CA ILE B 76 -6.54 -1.24 2.50
C ILE B 76 -7.79 -2.11 2.38
N SER B 77 -8.63 -1.91 1.36
CA SER B 77 -9.84 -2.72 1.12
C SER B 77 -9.48 -4.18 0.90
N HIS B 78 -8.39 -4.45 0.17
CA HIS B 78 -7.87 -5.80 0.00
C HIS B 78 -7.38 -6.36 1.34
N TRP B 79 -6.44 -5.65 1.99
CA TRP B 79 -5.80 -6.06 3.24
C TRP B 79 -6.80 -6.42 4.35
N LYS B 80 -7.77 -5.54 4.62
CA LYS B 80 -8.81 -5.71 5.65
C LYS B 80 -9.61 -7.01 5.48
N ASN B 81 -9.90 -7.42 4.24
CA ASN B 81 -10.61 -8.67 3.92
C ASN B 81 -9.69 -9.93 3.96
N CYS B 82 -8.44 -9.80 3.51
CA CYS B 82 -7.46 -10.89 3.35
C CYS B 82 -6.81 -11.41 4.67
N THR B 83 -6.90 -10.67 5.78
CA THR B 83 -6.29 -10.98 7.10
C THR B 83 -6.35 -12.44 7.58
N ARG B 84 -7.36 -13.21 7.19
CA ARG B 84 -7.55 -14.63 7.57
C ARG B 84 -6.46 -15.58 7.03
N HIS B 85 -5.71 -15.20 5.99
CA HIS B 85 -4.68 -16.02 5.34
C HIS B 85 -3.38 -15.25 5.03
N ASP B 86 -2.31 -15.98 4.66
CA ASP B 86 -1.04 -15.39 4.25
C ASP B 86 -1.14 -14.77 2.83
N CYS B 87 -0.46 -13.65 2.62
CA CYS B 87 -0.47 -12.86 1.38
C CYS B 87 0.74 -11.90 1.30
N PRO B 88 1.32 -11.62 0.12
CA PRO B 88 2.43 -10.68 -0.06
C PRO B 88 2.26 -9.29 0.60
N VAL B 89 1.04 -8.85 0.88
CA VAL B 89 0.73 -7.56 1.52
C VAL B 89 0.52 -7.76 3.03
N CYS B 90 -0.34 -8.69 3.40
CA CYS B 90 -0.76 -8.95 4.78
C CYS B 90 0.34 -9.61 5.64
N LEU B 91 1.08 -10.58 5.09
CA LEU B 91 2.15 -11.31 5.77
C LEU B 91 3.28 -10.41 6.31
N PRO B 92 3.97 -9.57 5.49
CA PRO B 92 5.05 -8.74 6.01
C PRO B 92 4.56 -7.72 7.04
N LEU B 93 3.36 -7.14 6.86
CA LEU B 93 2.78 -6.19 7.82
C LEU B 93 2.47 -6.87 9.17
N LYS B 94 1.92 -8.09 9.14
CA LYS B 94 1.65 -8.90 10.35
C LYS B 94 2.95 -9.29 11.06
N ASN B 95 3.99 -9.69 10.30
CA ASN B 95 5.30 -10.04 10.84
C ASN B 95 6.03 -8.81 11.43
N ALA B 96 5.97 -7.66 10.75
CA ALA B 96 6.56 -6.39 11.20
C ALA B 96 5.93 -5.90 12.52
N SER B 97 4.67 -6.24 12.80
CA SER B 97 3.95 -5.88 14.03
C SER B 97 4.61 -6.39 15.32
N ASP B 98 5.59 -7.29 15.23
CA ASP B 98 6.37 -7.78 16.38
C ASP B 98 7.26 -6.68 17.01
N LYS B 99 7.58 -5.62 16.25
CA LYS B 99 8.43 -4.48 16.62
C LYS B 99 7.73 -3.46 17.55
N ARG B 100 7.10 -3.94 18.63
CA ARG B 100 6.37 -3.18 19.64
C ARG B 100 6.70 -3.64 21.07
ZN ZN C . 5.63 11.14 8.48
ZN ZN D . -8.98 10.77 -6.48
ZN ZN E . -3.74 -9.99 1.31
#